data_9CDB
#
_entry.id   9CDB
#
_cell.length_a   1.00
_cell.length_b   1.00
_cell.length_c   1.00
_cell.angle_alpha   90.00
_cell.angle_beta   90.00
_cell.angle_gamma   90.00
#
_symmetry.space_group_name_H-M   'P 1'
#
loop_
_entity.id
_entity.type
_entity.pdbx_description
1 polymer 'Adenosine deaminase domain-containing protein'
2 polymer "RNA (5'-R(P*AP*AP*AP*AP*AP*A)-3')"
3 non-polymer "ADENOSINE-5'-TRIPHOSPHATE"
4 non-polymer 'MAGNESIUM ION'
#
loop_
_entity_poly.entity_id
_entity_poly.type
_entity_poly.pdbx_seq_one_letter_code
_entity_poly.pdbx_strand_id
1 'polypeptide(L)'
;MSRVLLCSAGHSSMVVPEAFHAVPEGFEEVHVFTTDSEKFNPVVLNDFFHSLPNVRFSITKCHGLADILNERDFEFYQEM
LWQWYLTKMPDNELPYVCLSGGIKSMSASLQKAATLFGAQSVFHVLADNNPRNIEEMFDALQKGQIHFIEMGYEPGWAAL
RRLKKILPINEGCSRDNFKPLISKSIEEILSNVKIMASDTGKSNQLPFPSLAILPPIAQQWLQLPLSANDGAWIQNLPKV
DLHCHLGGFATSGSLLDQVRGAASEPDLIDRTFSPQEIAGWPRSHKSISLDKYMELGNANGSKLLKDKGCLIRQVELLYQ
SLVNDNVAYAEIRCSPNNYADKNKNRSAWVVLQDINDTFTRLITEAKQKNQFYCHVNLLVIASRKFSGDLSDISKHLALA
ITAMQQGEGVCRIVGVDLAGFENKETRASYYEHDFKAVHRCGLAVTAHAGENDDPEGIWQAVYSLHARRLGHALNLLEAP
DLMRTVIERKIGVEMCPYANYQIKGFAPMPNFSALYPLKKYLEAGILVSVNTDNIGISGANLSENLLILADLCPGISRMD
VLTIIRNSIETAFISHDFRMELLKFFDRKIYDVCLISIKN
;
A,B,C,D,E,F
2 'polyribonucleotide' AAAAAA H,I,J
#
loop_
_chem_comp.id
_chem_comp.type
_chem_comp.name
_chem_comp.formula
A RNA linking ADENOSINE-5'-MONOPHOSPHATE 'C10 H14 N5 O7 P'
ATP non-polymer ADENOSINE-5'-TRIPHOSPHATE 'C10 H16 N5 O13 P3'
MG non-polymer 'MAGNESIUM ION' 'Mg 2'
#
# COMPACT_ATOMS: atom_id res chain seq x y z
N SER A 2 -21.12 -16.78 74.75
CA SER A 2 -20.56 -15.56 75.35
C SER A 2 -21.62 -14.82 76.16
N ARG A 3 -22.43 -14.02 75.48
CA ARG A 3 -23.52 -13.27 76.09
C ARG A 3 -23.00 -12.37 77.21
N VAL A 4 -22.15 -11.43 76.82
CA VAL A 4 -21.49 -10.52 77.75
C VAL A 4 -22.21 -9.17 77.72
N LEU A 5 -22.54 -8.64 78.88
CA LEU A 5 -23.19 -7.34 79.00
C LEU A 5 -22.19 -6.30 79.49
N LEU A 6 -22.23 -5.12 78.88
CA LEU A 6 -21.40 -4.01 79.28
C LEU A 6 -22.27 -2.81 79.64
N CYS A 7 -22.00 -2.22 80.80
CA CYS A 7 -22.74 -1.06 81.29
C CYS A 7 -21.78 -0.06 81.89
N SER A 8 -22.18 1.21 81.88
CA SER A 8 -21.46 2.28 82.53
C SER A 8 -22.25 2.76 83.72
N ALA A 9 -21.65 2.69 84.90
CA ALA A 9 -22.33 3.02 86.15
C ALA A 9 -21.81 4.34 86.69
N GLY A 10 -22.72 5.27 86.94
CA GLY A 10 -22.36 6.53 87.56
C GLY A 10 -22.90 6.62 88.98
N HIS A 11 -23.63 7.69 89.28
CA HIS A 11 -24.27 7.81 90.59
C HIS A 11 -25.29 6.70 90.81
N SER A 12 -26.10 6.42 89.78
CA SER A 12 -27.08 5.34 89.88
C SER A 12 -26.40 3.99 89.82
N SER A 13 -26.99 3.02 90.53
CA SER A 13 -26.47 1.66 90.56
C SER A 13 -27.51 0.59 90.26
N MET A 14 -28.81 0.90 90.32
CA MET A 14 -29.85 -0.09 90.09
C MET A 14 -30.12 -0.34 88.62
N VAL A 15 -29.46 0.38 87.72
CA VAL A 15 -29.64 0.15 86.29
C VAL A 15 -29.08 -1.20 85.88
N VAL A 16 -27.99 -1.64 86.52
CA VAL A 16 -27.37 -2.91 86.15
C VAL A 16 -28.31 -4.10 86.34
N PRO A 17 -29.03 -4.24 87.46
CA PRO A 17 -30.00 -5.35 87.53
C PRO A 17 -31.06 -5.31 86.45
N GLU A 18 -31.55 -4.12 86.09
CA GLU A 18 -32.54 -4.04 85.02
C GLU A 18 -31.95 -4.45 83.68
N ALA A 19 -30.71 -4.03 83.41
CA ALA A 19 -30.05 -4.48 82.19
C ALA A 19 -29.83 -5.98 82.20
N PHE A 20 -29.55 -6.56 83.37
CA PHE A 20 -29.44 -8.01 83.47
C PHE A 20 -30.77 -8.68 83.15
N HIS A 21 -31.87 -8.11 83.64
CA HIS A 21 -33.20 -8.66 83.38
C HIS A 21 -33.73 -8.30 82.00
N ALA A 22 -33.01 -7.49 81.22
CA ALA A 22 -33.48 -7.13 79.90
C ALA A 22 -33.65 -8.35 79.00
N VAL A 23 -32.69 -9.27 79.04
CA VAL A 23 -32.80 -10.52 78.30
C VAL A 23 -33.84 -11.41 78.97
N PRO A 24 -34.51 -12.30 78.25
CA PRO A 24 -35.53 -13.17 78.87
C PRO A 24 -34.99 -14.48 79.41
N GLU A 25 -33.67 -14.70 79.42
CA GLU A 25 -33.12 -15.94 79.95
C GLU A 25 -31.86 -15.70 80.79
N GLY A 26 -31.64 -14.47 81.26
CA GLY A 26 -30.50 -14.18 82.10
C GLY A 26 -29.20 -14.07 81.34
N PHE A 27 -28.26 -13.31 81.86
CA PHE A 27 -26.96 -13.14 81.23
C PHE A 27 -25.97 -14.19 81.74
N GLU A 28 -24.75 -14.13 81.24
CA GLU A 28 -23.70 -15.07 81.61
C GLU A 28 -22.45 -14.39 82.12
N GLU A 29 -22.09 -13.23 81.57
CA GLU A 29 -20.96 -12.45 82.06
C GLU A 29 -21.34 -10.97 82.05
N VAL A 30 -21.04 -10.28 83.14
CA VAL A 30 -21.36 -8.85 83.28
C VAL A 30 -20.10 -8.11 83.71
N HIS A 31 -19.73 -7.10 82.95
CA HIS A 31 -18.60 -6.24 83.29
C HIS A 31 -19.06 -4.79 83.22
N VAL A 32 -18.78 -4.04 84.29
CA VAL A 32 -19.25 -2.66 84.41
C VAL A 32 -18.03 -1.75 84.53
N PHE A 33 -17.97 -0.74 83.66
CA PHE A 33 -16.94 0.28 83.71
C PHE A 33 -17.51 1.52 84.39
N THR A 34 -16.90 1.91 85.51
CA THR A 34 -17.37 3.05 86.28
C THR A 34 -16.22 4.00 86.55
N THR A 35 -16.54 5.28 86.68
CA THR A 35 -15.53 6.29 86.95
C THR A 35 -15.04 6.18 88.39
N ASP A 36 -13.96 6.91 88.68
CA ASP A 36 -13.32 6.86 89.98
C ASP A 36 -14.10 7.63 91.06
N SER A 37 -15.23 8.22 90.72
CA SER A 37 -16.01 8.95 91.70
C SER A 37 -16.54 8.01 92.78
N GLU A 38 -16.60 8.49 94.00
CA GLU A 38 -17.04 7.70 95.14
C GLU A 38 -18.56 7.63 95.26
N LYS A 39 -19.30 8.35 94.41
CA LYS A 39 -20.75 8.31 94.47
C LYS A 39 -21.28 6.93 94.13
N PHE A 40 -20.67 6.26 93.15
CA PHE A 40 -21.07 4.92 92.79
C PHE A 40 -20.82 3.96 93.96
N ASN A 41 -21.81 3.12 94.26
CA ASN A 41 -21.72 2.20 95.38
C ASN A 41 -21.56 0.78 94.86
N PRO A 42 -20.37 0.18 94.98
CA PRO A 42 -20.20 -1.21 94.53
C PRO A 42 -20.86 -2.23 95.44
N VAL A 43 -21.28 -1.85 96.64
CA VAL A 43 -21.86 -2.80 97.58
C VAL A 43 -23.16 -3.37 97.03
N VAL A 44 -24.01 -2.52 96.46
CA VAL A 44 -25.29 -2.98 95.94
C VAL A 44 -25.08 -3.99 94.81
N LEU A 45 -24.18 -3.67 93.88
CA LEU A 45 -23.89 -4.58 92.78
C LEU A 45 -23.30 -5.89 93.31
N ASN A 46 -22.40 -5.80 94.29
CA ASN A 46 -21.77 -7.00 94.83
C ASN A 46 -22.80 -7.91 95.48
N ASP A 47 -23.70 -7.34 96.28
CA ASP A 47 -24.70 -8.19 96.95
C ASP A 47 -25.74 -8.71 95.97
N PHE A 48 -26.02 -7.95 94.90
CA PHE A 48 -26.96 -8.45 93.90
C PHE A 48 -26.37 -9.60 93.10
N PHE A 49 -25.08 -9.51 92.74
CA PHE A 49 -24.45 -10.53 91.91
C PHE A 49 -23.87 -11.68 92.72
N HIS A 50 -23.80 -11.57 94.06
CA HIS A 50 -23.40 -12.70 94.87
C HIS A 50 -24.47 -13.78 94.93
N SER A 51 -25.71 -13.47 94.55
CA SER A 51 -26.78 -14.46 94.55
C SER A 51 -26.65 -15.46 93.40
N LEU A 52 -25.89 -15.12 92.37
CA LEU A 52 -25.67 -16.02 91.22
C LEU A 52 -24.18 -16.15 90.96
N PRO A 53 -23.49 -17.03 91.71
CA PRO A 53 -22.07 -17.27 91.43
C PRO A 53 -21.77 -17.66 89.99
N ASN A 54 -22.72 -18.28 89.27
CA ASN A 54 -22.43 -18.78 87.93
C ASN A 54 -22.03 -17.65 86.99
N VAL A 55 -22.72 -16.52 87.06
CA VAL A 55 -22.33 -15.39 86.22
C VAL A 55 -21.04 -14.77 86.72
N ARG A 56 -20.37 -14.05 85.83
CA ARG A 56 -19.10 -13.40 86.13
C ARG A 56 -19.31 -11.90 86.23
N PHE A 57 -18.77 -11.30 87.29
CA PHE A 57 -18.90 -9.87 87.52
C PHE A 57 -17.52 -9.26 87.74
N SER A 58 -17.38 -8.00 87.33
CA SER A 58 -16.13 -7.27 87.49
C SER A 58 -16.42 -5.78 87.55
N ILE A 59 -15.46 -5.04 88.10
CA ILE A 59 -15.56 -3.59 88.23
C ILE A 59 -14.23 -2.99 87.81
N THR A 60 -14.28 -1.98 86.95
CA THR A 60 -13.09 -1.27 86.48
C THR A 60 -13.25 0.21 86.78
N LYS A 61 -12.21 0.80 87.38
CA LYS A 61 -12.20 2.21 87.73
C LYS A 61 -11.05 2.89 87.03
N CYS A 62 -11.33 4.05 86.42
CA CYS A 62 -10.29 4.80 85.72
C CYS A 62 -9.54 5.68 86.72
N HIS A 63 -8.25 5.40 86.88
CA HIS A 63 -7.44 6.13 87.85
C HIS A 63 -7.21 7.56 87.38
N GLY A 64 -7.35 8.51 88.31
CA GLY A 64 -7.05 9.90 88.01
C GLY A 64 -8.10 10.63 87.20
N LEU A 65 -9.36 10.19 87.26
CA LEU A 65 -10.45 10.85 86.55
C LEU A 65 -11.63 11.06 87.48
N ALA A 66 -12.27 12.22 87.35
CA ALA A 66 -13.42 12.55 88.21
C ALA A 66 -14.23 13.64 87.52
N ASP A 67 -15.50 13.34 87.25
CA ASP A 67 -16.52 14.25 86.71
C ASP A 67 -16.26 14.65 85.26
N ILE A 68 -15.13 14.23 84.67
CA ILE A 68 -14.79 14.41 83.26
C ILE A 68 -15.20 15.79 82.74
N LEU A 69 -14.64 16.84 83.35
CA LEU A 69 -15.00 18.22 83.03
C LEU A 69 -13.93 18.95 82.22
N ASN A 70 -12.92 18.25 81.70
CA ASN A 70 -11.84 18.88 80.97
C ASN A 70 -11.55 18.12 79.69
N GLU A 71 -10.96 18.82 78.72
CA GLU A 71 -10.62 18.20 77.44
C GLU A 71 -9.62 17.05 77.63
N ARG A 72 -8.59 17.28 78.43
CA ARG A 72 -7.66 16.19 78.75
C ARG A 72 -8.37 15.08 79.50
N ASP A 73 -9.23 15.44 80.45
CA ASP A 73 -10.01 14.44 81.16
C ASP A 73 -10.92 13.66 80.20
N PHE A 74 -11.57 14.37 79.27
CA PHE A 74 -12.44 13.70 78.32
C PHE A 74 -11.66 12.73 77.44
N GLU A 75 -10.51 13.17 76.93
CA GLU A 75 -9.74 12.29 76.05
C GLU A 75 -9.18 11.08 76.81
N PHE A 76 -8.75 11.29 78.05
CA PHE A 76 -8.26 10.16 78.85
C PHE A 76 -9.38 9.18 79.15
N TYR A 77 -10.57 9.69 79.49
CA TYR A 77 -11.70 8.81 79.76
C TYR A 77 -12.10 8.05 78.50
N GLN A 78 -12.10 8.73 77.35
CA GLN A 78 -12.44 8.06 76.10
C GLN A 78 -11.45 6.94 75.80
N GLU A 79 -10.15 7.22 75.96
CA GLU A 79 -9.15 6.20 75.70
C GLU A 79 -9.28 5.02 76.65
N MET A 80 -9.48 5.29 77.95
CA MET A 80 -9.60 4.22 78.92
C MET A 80 -10.86 3.38 78.67
N LEU A 81 -11.98 4.04 78.34
CA LEU A 81 -13.20 3.32 78.06
C LEU A 81 -13.06 2.45 76.82
N TRP A 82 -12.40 2.98 75.79
CA TRP A 82 -12.19 2.18 74.58
C TRP A 82 -11.29 0.98 74.87
N GLN A 83 -10.25 1.17 75.67
CA GLN A 83 -9.40 0.03 76.04
C GLN A 83 -10.17 -1.00 76.84
N TRP A 84 -11.00 -0.56 77.79
CA TRP A 84 -11.80 -1.49 78.57
C TRP A 84 -12.79 -2.23 77.69
N TYR A 85 -13.40 -1.53 76.73
CA TYR A 85 -14.31 -2.18 75.79
C TYR A 85 -13.59 -3.23 74.97
N LEU A 86 -12.38 -2.92 74.50
CA LEU A 86 -11.61 -3.89 73.73
C LEU A 86 -11.24 -5.11 74.55
N THR A 87 -10.89 -4.90 75.83
CA THR A 87 -10.44 -6.01 76.66
C THR A 87 -11.54 -7.04 76.87
N LYS A 88 -12.78 -6.59 77.00
CA LYS A 88 -13.89 -7.48 77.36
C LYS A 88 -14.70 -7.92 76.14
N MET A 89 -14.16 -7.73 74.94
CA MET A 89 -14.84 -8.25 73.74
C MET A 89 -14.81 -9.77 73.76
N PRO A 90 -15.96 -10.44 73.64
CA PRO A 90 -15.95 -11.89 73.43
C PRO A 90 -15.28 -12.23 72.10
N ASP A 91 -14.69 -13.43 72.06
CA ASP A 91 -13.87 -13.80 70.91
C ASP A 91 -14.68 -13.84 69.62
N ASN A 92 -15.90 -14.35 69.67
CA ASN A 92 -16.70 -14.56 68.47
C ASN A 92 -17.97 -13.72 68.42
N GLU A 93 -18.70 -13.62 69.52
CA GLU A 93 -20.02 -13.00 69.52
C GLU A 93 -19.95 -11.58 70.09
N LEU A 94 -20.65 -10.66 69.43
CA LEU A 94 -20.67 -9.27 69.87
C LEU A 94 -21.40 -9.16 71.20
N PRO A 95 -20.99 -8.24 72.07
CA PRO A 95 -21.61 -8.12 73.40
C PRO A 95 -22.75 -7.11 73.44
N TYR A 96 -23.69 -7.39 74.33
CA TYR A 96 -24.76 -6.46 74.64
C TYR A 96 -24.22 -5.26 75.42
N VAL A 97 -24.85 -4.11 75.24
CA VAL A 97 -24.42 -2.91 75.96
C VAL A 97 -25.61 -2.05 76.34
N CYS A 98 -25.66 -1.65 77.61
CA CYS A 98 -26.65 -0.70 78.11
C CYS A 98 -25.92 0.53 78.64
N LEU A 99 -26.34 1.71 78.19
CA LEU A 99 -25.67 2.96 78.52
C LEU A 99 -26.60 3.93 79.23
N SER A 100 -27.61 3.41 79.94
CA SER A 100 -28.52 4.28 80.67
C SER A 100 -27.79 5.01 81.80
N GLY A 101 -26.91 4.33 82.51
CA GLY A 101 -26.21 4.95 83.62
C GLY A 101 -25.19 5.97 83.16
N GLY A 102 -24.90 6.91 84.05
CA GLY A 102 -23.92 7.95 83.79
C GLY A 102 -24.52 9.16 83.11
N ILE A 103 -23.73 10.24 83.09
CA ILE A 103 -24.12 11.49 82.44
C ILE A 103 -24.00 11.33 80.93
N LYS A 104 -24.48 12.32 80.18
CA LYS A 104 -24.49 12.22 78.72
C LYS A 104 -23.09 11.99 78.15
N SER A 105 -22.04 12.41 78.87
CA SER A 105 -20.69 12.29 78.36
C SER A 105 -20.30 10.83 78.14
N MET A 106 -20.25 10.05 79.23
CA MET A 106 -19.85 8.65 79.09
C MET A 106 -20.90 7.84 78.33
N SER A 107 -22.16 8.26 78.37
CA SER A 107 -23.19 7.59 77.58
C SER A 107 -22.89 7.72 76.10
N ALA A 108 -22.61 8.94 75.64
CA ALA A 108 -22.27 9.14 74.23
C ALA A 108 -20.96 8.43 73.87
N SER A 109 -19.99 8.46 74.78
CA SER A 109 -18.73 7.77 74.51
C SER A 109 -18.94 6.26 74.36
N LEU A 110 -19.78 5.68 75.22
CA LEU A 110 -20.06 4.26 75.13
C LEU A 110 -20.83 3.93 73.86
N GLN A 111 -21.77 4.80 73.45
CA GLN A 111 -22.47 4.55 72.20
C GLN A 111 -21.52 4.60 71.00
N LYS A 112 -20.60 5.57 70.99
CA LYS A 112 -19.62 5.63 69.92
C LYS A 112 -18.73 4.40 69.92
N ALA A 113 -18.33 3.93 71.11
CA ALA A 113 -17.53 2.72 71.20
C ALA A 113 -18.30 1.51 70.67
N ALA A 114 -19.60 1.43 70.99
CA ALA A 114 -20.41 0.33 70.50
C ALA A 114 -20.51 0.36 68.97
N THR A 115 -20.66 1.57 68.40
CA THR A 115 -20.66 1.68 66.94
C THR A 115 -19.33 1.25 66.36
N LEU A 116 -18.23 1.60 67.03
CA LEU A 116 -16.90 1.37 66.47
C LEU A 116 -16.46 -0.08 66.58
N PHE A 117 -16.86 -0.77 67.65
CA PHE A 117 -16.34 -2.12 67.90
C PHE A 117 -17.44 -3.18 67.92
N GLY A 118 -18.63 -2.88 67.43
CA GLY A 118 -19.68 -3.87 67.37
C GLY A 118 -20.44 -4.02 68.68
N ALA A 119 -21.74 -4.27 68.58
CA ALA A 119 -22.56 -4.45 69.77
C ALA A 119 -23.83 -5.19 69.37
N GLN A 120 -24.03 -6.39 69.89
CA GLN A 120 -25.16 -7.21 69.48
C GLN A 120 -26.49 -6.53 69.82
N SER A 121 -26.51 -5.71 70.86
CA SER A 121 -27.74 -4.98 71.20
C SER A 121 -27.36 -3.77 72.04
N VAL A 122 -27.56 -2.58 71.49
CA VAL A 122 -27.42 -1.33 72.23
C VAL A 122 -28.81 -0.98 72.77
N PHE A 123 -28.98 -1.03 74.10
CA PHE A 123 -30.30 -0.83 74.67
C PHE A 123 -30.25 0.07 75.89
N HIS A 124 -31.39 0.71 76.15
CA HIS A 124 -31.60 1.57 77.31
C HIS A 124 -32.64 0.93 78.22
N VAL A 125 -32.59 1.29 79.50
CA VAL A 125 -33.57 0.82 80.48
C VAL A 125 -34.18 2.05 81.14
N LEU A 126 -35.50 2.05 81.27
CA LEU A 126 -36.14 3.17 81.96
C LEU A 126 -37.41 2.70 82.64
N ALA A 127 -37.84 3.48 83.63
CA ALA A 127 -39.05 3.15 84.39
C ALA A 127 -39.77 4.44 84.76
N ASP A 128 -41.06 4.32 85.03
CA ASP A 128 -41.88 5.49 85.30
C ASP A 128 -41.52 6.13 86.63
N ASN A 129 -41.39 5.32 87.69
CA ASN A 129 -41.15 5.84 89.03
C ASN A 129 -39.69 5.94 89.40
N ASN A 130 -38.77 5.54 88.52
CA ASN A 130 -37.34 5.55 88.77
C ASN A 130 -37.01 4.81 90.06
N PRO A 131 -37.11 3.49 90.08
CA PRO A 131 -36.89 2.74 91.32
C PRO A 131 -35.45 2.87 91.81
N ARG A 132 -35.30 2.74 93.13
CA ARG A 132 -33.99 2.81 93.79
C ARG A 132 -33.59 1.47 94.39
N ASN A 133 -34.44 0.90 95.24
CA ASN A 133 -34.12 -0.34 95.93
C ASN A 133 -34.41 -1.55 95.04
N ILE A 134 -33.88 -2.70 95.46
CA ILE A 134 -34.08 -3.93 94.72
C ILE A 134 -35.56 -4.32 94.71
N GLU A 135 -36.24 -4.15 95.83
CA GLU A 135 -37.67 -4.46 95.89
C GLU A 135 -38.46 -3.58 94.94
N GLU A 136 -38.08 -2.31 94.83
CA GLU A 136 -38.83 -1.39 93.97
C GLU A 136 -38.79 -1.84 92.52
N MET A 137 -37.60 -2.09 91.98
CA MET A 137 -37.51 -2.51 90.59
C MET A 137 -37.95 -3.95 90.37
N PHE A 138 -37.87 -4.80 91.41
CA PHE A 138 -38.48 -6.11 91.34
C PHE A 138 -39.99 -6.00 91.11
N ASP A 139 -40.65 -5.15 91.92
CA ASP A 139 -42.08 -4.95 91.73
C ASP A 139 -42.38 -4.28 90.41
N ALA A 140 -41.51 -3.37 89.95
CA ALA A 140 -41.71 -2.71 88.67
C ALA A 140 -41.68 -3.71 87.51
N LEU A 141 -40.71 -4.64 87.54
CA LEU A 141 -40.65 -5.65 86.49
C LEU A 141 -41.77 -6.67 86.62
N GLN A 142 -42.20 -6.97 87.85
CA GLN A 142 -43.33 -7.87 88.03
C GLN A 142 -44.61 -7.27 87.44
N LYS A 143 -44.83 -5.96 87.66
CA LYS A 143 -45.98 -5.29 87.08
C LYS A 143 -45.78 -5.03 85.60
N GLY A 144 -44.54 -4.89 85.14
CA GLY A 144 -44.26 -4.56 83.77
C GLY A 144 -43.99 -3.09 83.51
N GLN A 145 -43.82 -2.29 84.56
CA GLN A 145 -43.58 -0.86 84.37
C GLN A 145 -42.24 -0.61 83.68
N ILE A 146 -41.23 -1.42 83.99
CA ILE A 146 -39.91 -1.23 83.42
C ILE A 146 -39.95 -1.47 81.91
N HIS A 147 -39.43 -0.52 81.15
CA HIS A 147 -39.37 -0.60 79.70
C HIS A 147 -37.93 -0.72 79.24
N PHE A 148 -37.69 -1.63 78.29
CA PHE A 148 -36.38 -1.87 77.72
C PHE A 148 -36.36 -1.28 76.32
N ILE A 149 -35.90 -0.04 76.22
CA ILE A 149 -35.79 0.64 74.93
C ILE A 149 -34.70 -0.06 74.11
N GLU A 150 -35.03 -0.42 72.87
CA GLU A 150 -34.06 -1.02 71.97
C GLU A 150 -34.04 -0.24 70.67
N MET A 151 -32.86 0.22 70.27
CA MET A 151 -32.69 0.95 69.02
C MET A 151 -32.26 0.06 67.86
N GLY A 152 -32.20 -1.25 68.07
CA GLY A 152 -31.90 -2.18 67.00
C GLY A 152 -30.49 -2.74 67.11
N TYR A 153 -30.30 -3.88 66.45
CA TYR A 153 -28.99 -4.52 66.40
C TYR A 153 -28.00 -3.62 65.65
N GLU A 154 -26.74 -3.69 66.06
CA GLU A 154 -25.69 -2.86 65.47
C GLU A 154 -24.51 -3.76 65.13
N PRO A 155 -24.25 -4.03 63.86
CA PRO A 155 -23.13 -4.92 63.52
C PRO A 155 -21.78 -4.35 63.86
N GLY A 156 -21.67 -3.03 63.99
CA GLY A 156 -20.39 -2.43 64.20
C GLY A 156 -19.48 -2.70 63.00
N TRP A 157 -18.22 -2.36 63.17
CA TRP A 157 -17.21 -2.62 62.16
C TRP A 157 -16.41 -3.83 62.64
N ALA A 158 -16.62 -4.97 61.96
CA ALA A 158 -16.25 -6.26 62.51
C ALA A 158 -14.75 -6.42 62.73
N ALA A 159 -13.93 -5.59 62.11
CA ALA A 159 -12.48 -5.72 62.21
C ALA A 159 -11.90 -4.49 62.91
N LEU A 160 -11.87 -4.54 64.24
CA LEU A 160 -11.07 -3.58 65.00
C LEU A 160 -10.44 -4.22 66.23
N ARG A 161 -10.58 -5.53 66.42
CA ARG A 161 -10.10 -6.19 67.63
C ARG A 161 -8.63 -6.61 67.55
N ARG A 162 -8.03 -6.58 66.35
CA ARG A 162 -6.59 -6.85 66.27
C ARG A 162 -5.77 -5.78 66.99
N LEU A 163 -6.35 -4.60 67.21
CA LEU A 163 -5.73 -3.63 68.09
C LEU A 163 -5.42 -4.25 69.45
N LYS A 164 -6.33 -5.07 69.96
CA LYS A 164 -6.09 -5.77 71.21
C LYS A 164 -4.85 -6.65 71.12
N LYS A 165 -4.64 -7.30 69.97
CA LYS A 165 -3.45 -8.11 69.80
C LYS A 165 -2.21 -7.25 69.64
N ILE A 166 -2.37 -6.00 69.21
CA ILE A 166 -1.22 -5.12 69.04
C ILE A 166 -1.06 -4.14 70.19
N LEU A 167 -2.10 -3.89 70.97
CA LEU A 167 -2.02 -3.05 72.16
C LEU A 167 -2.03 -3.93 73.40
N PRO A 168 -1.01 -3.88 74.25
CA PRO A 168 -1.01 -4.74 75.44
C PRO A 168 -2.10 -4.35 76.43
N ILE A 169 -2.16 -5.06 77.56
CA ILE A 169 -3.21 -4.81 78.55
C ILE A 169 -3.11 -3.39 79.08
N ASN A 170 -1.89 -2.93 79.39
CA ASN A 170 -1.65 -1.58 79.88
C ASN A 170 -2.49 -1.29 81.12
N GLU A 171 -2.50 -2.24 82.05
CA GLU A 171 -3.25 -2.05 83.30
C GLU A 171 -2.70 -0.86 84.08
N GLY A 172 -1.38 -0.74 84.15
CA GLY A 172 -0.75 0.44 84.73
C GLY A 172 -0.16 1.32 83.64
N CYS A 173 -0.83 2.42 83.33
CA CYS A 173 -0.42 3.30 82.24
C CYS A 173 -0.58 4.75 82.70
N SER A 174 -0.42 5.67 81.75
CA SER A 174 -0.55 7.10 82.05
C SER A 174 -1.20 7.77 80.84
N ARG A 175 -1.15 9.10 80.82
CA ARG A 175 -1.82 9.87 79.77
C ARG A 175 -1.08 9.81 78.45
N ASP A 176 0.20 9.45 78.46
CA ASP A 176 0.97 9.38 77.22
C ASP A 176 0.46 8.27 76.30
N ASN A 177 0.08 7.14 76.88
CA ASN A 177 -0.32 5.97 76.11
C ASN A 177 -1.71 6.18 75.55
N PHE A 178 -1.77 6.78 74.35
CA PHE A 178 -3.01 7.01 73.63
C PHE A 178 -2.94 6.31 72.28
N LYS A 179 -4.11 5.98 71.74
CA LYS A 179 -4.23 5.35 70.43
C LYS A 179 -5.24 6.11 69.56
N PRO A 180 -4.85 7.31 69.09
CA PRO A 180 -5.72 8.08 68.19
C PRO A 180 -5.59 7.65 66.73
N LEU A 181 -5.59 6.33 66.51
CA LEU A 181 -5.47 5.77 65.17
C LEU A 181 -6.78 5.81 64.39
N ILE A 182 -7.90 6.08 65.06
CA ILE A 182 -9.18 6.22 64.40
C ILE A 182 -9.55 7.68 64.22
N SER A 183 -9.18 8.54 65.17
CA SER A 183 -9.46 9.96 65.06
C SER A 183 -8.67 10.60 63.92
N LYS A 184 -7.52 10.01 63.55
CA LYS A 184 -6.74 10.57 62.46
C LYS A 184 -7.49 10.46 61.13
N SER A 185 -8.10 9.30 60.87
CA SER A 185 -8.92 9.16 59.66
C SER A 185 -10.14 10.07 59.72
N ILE A 186 -10.74 10.18 60.92
CA ILE A 186 -11.92 11.03 61.09
C ILE A 186 -11.58 12.49 60.78
N GLU A 187 -10.37 12.92 61.14
CA GLU A 187 -9.91 14.23 60.71
C GLU A 187 -9.63 14.25 59.21
N GLU A 188 -9.09 13.17 58.68
CA GLU A 188 -8.69 13.06 57.28
C GLU A 188 -9.84 12.71 56.36
N ILE A 189 -11.10 12.87 56.81
CA ILE A 189 -12.25 12.67 55.92
C ILE A 189 -12.09 13.49 54.66
N LEU A 190 -12.04 14.81 54.81
CA LEU A 190 -12.05 15.74 53.68
C LEU A 190 -10.91 16.75 53.78
N SER A 191 -9.99 16.56 54.72
CA SER A 191 -8.88 17.51 54.89
C SER A 191 -7.99 17.58 53.66
N ASN A 192 -8.02 16.57 52.79
CA ASN A 192 -7.27 16.59 51.55
C ASN A 192 -7.84 17.61 50.58
N THR A 200 -13.51 14.77 43.07
CA THR A 200 -14.57 14.78 42.06
C THR A 200 -15.15 13.37 41.90
N GLY A 201 -14.56 12.60 40.99
CA GLY A 201 -14.98 11.26 40.69
C GLY A 201 -14.28 10.17 41.47
N LYS A 202 -13.47 10.52 42.48
CA LYS A 202 -12.76 9.52 43.26
C LYS A 202 -13.73 8.61 44.01
N SER A 203 -14.84 9.15 44.50
CA SER A 203 -15.86 8.30 45.10
C SER A 203 -16.44 7.35 44.05
N ASN A 204 -16.61 7.83 42.82
CA ASN A 204 -17.16 7.00 41.76
C ASN A 204 -16.14 6.06 41.13
N GLN A 205 -14.84 6.23 41.41
CA GLN A 205 -13.96 5.14 40.96
C GLN A 205 -14.18 3.86 41.74
N LEU A 206 -15.21 3.82 42.61
CA LEU A 206 -15.58 2.69 43.43
C LEU A 206 -15.79 1.44 42.59
N PRO A 207 -14.88 0.48 42.65
CA PRO A 207 -15.10 -0.80 41.97
C PRO A 207 -15.70 -1.81 42.94
N PHE A 208 -16.16 -2.92 42.38
CA PHE A 208 -16.72 -4.01 43.17
C PHE A 208 -17.83 -3.48 44.08
N PRO A 209 -19.03 -3.21 43.51
CA PRO A 209 -20.04 -2.42 44.22
C PRO A 209 -20.34 -2.81 45.66
N SER A 210 -19.99 -4.03 46.07
CA SER A 210 -20.20 -4.40 47.46
C SER A 210 -19.38 -3.57 48.43
N LEU A 211 -18.38 -2.84 47.94
CA LEU A 211 -17.66 -1.89 48.78
C LEU A 211 -18.60 -0.82 49.33
N ALA A 212 -19.71 -0.57 48.65
CA ALA A 212 -20.70 0.37 49.18
C ALA A 212 -21.36 -0.16 50.44
N ILE A 213 -21.43 -1.49 50.58
CA ILE A 213 -22.02 -2.09 51.77
C ILE A 213 -21.10 -1.92 52.97
N LEU A 214 -19.81 -1.67 52.73
CA LEU A 214 -18.80 -1.57 53.78
C LEU A 214 -19.15 -0.51 54.81
N PRO A 215 -18.59 -0.61 56.02
CA PRO A 215 -18.84 0.42 57.02
C PRO A 215 -18.30 1.77 56.55
N PRO A 216 -18.91 2.88 57.00
CA PRO A 216 -18.41 4.20 56.60
C PRO A 216 -16.96 4.42 57.00
N ILE A 217 -16.56 3.93 58.18
CA ILE A 217 -15.17 4.07 58.60
C ILE A 217 -14.25 3.27 57.68
N ALA A 218 -14.68 2.07 57.27
CA ALA A 218 -13.89 1.28 56.35
C ALA A 218 -13.82 1.93 54.97
N GLN A 219 -14.95 2.46 54.49
CA GLN A 219 -14.95 3.20 53.23
C GLN A 219 -13.99 4.37 53.30
N GLN A 220 -13.91 5.03 54.46
CA GLN A 220 -12.98 6.13 54.66
C GLN A 220 -11.53 5.64 54.63
N TRP A 221 -11.25 4.60 55.41
CA TRP A 221 -9.89 4.05 55.48
C TRP A 221 -9.42 3.59 54.12
N LEU A 222 -10.36 3.22 53.24
CA LEU A 222 -10.01 2.97 51.84
C LEU A 222 -9.49 4.23 51.17
N GLN A 223 -10.04 5.40 51.51
CA GLN A 223 -9.67 6.65 50.86
C GLN A 223 -8.38 7.24 51.41
N LEU A 224 -7.87 6.76 52.54
CA LEU A 224 -6.65 7.30 53.10
C LEU A 224 -5.45 6.91 52.22
N PRO A 225 -4.38 7.70 52.26
CA PRO A 225 -3.20 7.37 51.43
C PRO A 225 -2.61 6.02 51.81
N LEU A 226 -2.11 5.32 50.80
CA LEU A 226 -1.47 4.03 51.02
C LEU A 226 -0.18 4.20 51.82
N SER A 227 0.08 3.27 52.72
CA SER A 227 1.25 3.31 53.57
C SER A 227 2.01 2.00 53.47
N ALA A 228 3.31 2.05 53.79
CA ALA A 228 4.16 0.88 53.73
C ALA A 228 3.82 -0.16 54.77
N ASN A 229 2.98 0.17 55.75
CA ASN A 229 2.60 -0.76 56.80
C ASN A 229 1.45 -1.67 56.41
N ASP A 230 0.95 -1.57 55.17
CA ASP A 230 -0.18 -2.35 54.70
C ASP A 230 0.24 -3.59 53.94
N GLY A 231 1.36 -4.21 54.33
CA GLY A 231 1.79 -5.42 53.66
C GLY A 231 0.81 -6.57 53.79
N ALA A 232 0.25 -6.74 55.00
CA ALA A 232 -0.73 -7.81 55.22
C ALA A 232 -1.98 -7.59 54.38
N TRP A 233 -2.46 -6.35 54.33
CA TRP A 233 -3.66 -6.05 53.54
C TRP A 233 -3.42 -6.32 52.06
N ILE A 234 -2.26 -5.91 51.54
CA ILE A 234 -1.95 -6.15 50.13
C ILE A 234 -1.84 -7.64 49.86
N GLN A 235 -1.15 -8.37 50.74
CA GLN A 235 -0.98 -9.81 50.53
C GLN A 235 -2.32 -10.54 50.56
N ASN A 236 -3.20 -10.17 51.49
CA ASN A 236 -4.49 -10.84 51.59
C ASN A 236 -5.42 -10.49 50.43
N LEU A 237 -5.22 -9.34 49.80
CA LEU A 237 -6.07 -8.95 48.69
C LEU A 237 -5.86 -9.89 47.50
N PRO A 238 -6.92 -10.43 46.90
CA PRO A 238 -6.75 -11.15 45.64
C PRO A 238 -6.31 -10.19 44.56
N LYS A 239 -5.36 -10.64 43.72
CA LYS A 239 -4.75 -9.79 42.73
C LYS A 239 -4.78 -10.46 41.36
N VAL A 240 -4.56 -9.65 40.33
CA VAL A 240 -4.49 -10.11 38.95
C VAL A 240 -3.14 -9.71 38.39
N ASP A 241 -2.43 -10.66 37.78
CA ASP A 241 -1.15 -10.43 37.14
C ASP A 241 -1.31 -10.70 35.65
N LEU A 242 -0.86 -9.76 34.82
CA LEU A 242 -0.95 -9.90 33.38
C LEU A 242 0.39 -9.85 32.66
N HIS A 243 1.45 -9.42 33.32
CA HIS A 243 2.79 -9.34 32.75
C HIS A 243 3.73 -10.10 33.69
N CYS A 244 3.86 -11.41 33.47
CA CYS A 244 4.73 -12.26 34.27
C CYS A 244 5.38 -13.26 33.33
N HIS A 245 6.63 -13.00 32.94
CA HIS A 245 7.33 -13.90 32.05
C HIS A 245 7.64 -15.20 32.76
N LEU A 246 7.46 -16.32 32.05
CA LEU A 246 7.74 -17.63 32.62
C LEU A 246 9.23 -17.86 32.79
N GLY A 247 10.03 -17.40 31.84
CA GLY A 247 11.46 -17.69 31.82
C GLY A 247 12.27 -16.94 32.85
N GLY A 248 11.66 -16.08 33.65
CA GLY A 248 12.41 -15.31 34.62
C GLY A 248 11.90 -15.42 36.04
N PHE A 249 11.45 -16.61 36.43
CA PHE A 249 10.94 -16.83 37.78
C PHE A 249 11.97 -17.50 38.69
N ALA A 250 12.51 -18.64 38.28
CA ALA A 250 13.50 -19.37 39.07
C ALA A 250 14.91 -19.01 38.62
N THR A 251 15.22 -17.71 38.70
CA THR A 251 16.53 -17.24 38.26
C THR A 251 17.63 -17.67 39.22
N SER A 252 17.45 -17.45 40.52
CA SER A 252 18.49 -17.73 41.49
C SER A 252 17.86 -18.01 42.84
N GLY A 253 18.64 -18.65 43.71
CA GLY A 253 18.19 -19.02 45.03
C GLY A 253 17.87 -20.50 45.13
N SER A 254 17.08 -20.83 46.16
CA SER A 254 16.71 -22.22 46.38
C SER A 254 15.83 -22.76 45.25
N LEU A 255 14.96 -21.90 44.71
CA LEU A 255 14.07 -22.35 43.63
C LEU A 255 14.86 -22.79 42.41
N LEU A 256 15.88 -22.01 42.02
CA LEU A 256 16.71 -22.39 40.88
C LEU A 256 17.46 -23.68 41.17
N ASP A 257 17.95 -23.84 42.40
CA ASP A 257 18.69 -25.05 42.77
C ASP A 257 17.81 -26.29 42.68
N GLN A 258 16.58 -26.21 43.19
CA GLN A 258 15.70 -27.37 43.13
C GLN A 258 15.17 -27.61 41.72
N VAL A 259 15.05 -26.56 40.91
CA VAL A 259 14.71 -26.75 39.50
C VAL A 259 15.83 -27.50 38.80
N ARG A 260 17.08 -27.10 39.05
CA ARG A 260 18.22 -27.81 38.46
C ARG A 260 18.28 -29.26 38.93
N GLY A 261 18.03 -29.48 40.22
CA GLY A 261 18.08 -30.84 40.75
C GLY A 261 17.03 -31.75 40.16
N ALA A 262 15.85 -31.22 39.87
CA ALA A 262 14.75 -32.01 39.34
C ALA A 262 14.83 -32.23 37.84
N ALA A 263 15.97 -31.93 37.22
CA ALA A 263 16.12 -32.17 35.79
C ALA A 263 16.15 -33.66 35.50
N SER A 264 15.54 -34.04 34.37
CA SER A 264 15.55 -35.45 33.97
C SER A 264 16.96 -35.93 33.66
N GLU A 265 17.75 -35.10 32.97
CA GLU A 265 19.15 -35.41 32.66
C GLU A 265 20.00 -34.25 33.15
N PRO A 266 20.45 -34.30 34.41
CA PRO A 266 21.23 -33.19 34.96
C PRO A 266 22.68 -33.17 34.49
N ASP A 267 23.13 -34.18 33.75
CA ASP A 267 24.49 -34.18 33.25
C ASP A 267 24.74 -33.05 32.25
N LEU A 268 23.77 -32.79 31.38
CA LEU A 268 23.92 -31.78 30.33
C LEU A 268 23.72 -30.36 30.84
N ILE A 269 23.15 -30.17 32.02
CA ILE A 269 22.91 -28.82 32.51
C ILE A 269 24.22 -28.18 32.94
N ASP A 270 24.23 -26.84 32.96
CA ASP A 270 25.40 -26.05 33.31
C ASP A 270 25.13 -25.40 34.67
N ARG A 271 25.55 -26.08 35.73
CA ARG A 271 25.39 -25.58 37.09
C ARG A 271 26.51 -24.64 37.52
N THR A 272 27.59 -24.55 36.73
CA THR A 272 28.70 -23.68 37.11
C THR A 272 28.36 -22.21 36.89
N PHE A 273 27.56 -21.89 35.88
CA PHE A 273 27.23 -20.51 35.59
C PHE A 273 26.34 -19.93 36.68
N SER A 274 26.69 -18.74 37.16
CA SER A 274 25.92 -18.01 38.14
C SER A 274 25.79 -16.56 37.73
N PRO A 275 24.65 -15.92 38.03
CA PRO A 275 24.48 -14.52 37.65
C PRO A 275 25.09 -13.58 38.68
N GLN A 276 25.71 -12.52 38.18
CA GLN A 276 26.33 -11.53 39.06
C GLN A 276 25.27 -10.82 39.89
N GLU A 277 25.57 -10.62 41.17
CA GLU A 277 24.63 -10.00 42.10
C GLU A 277 24.87 -8.50 42.14
N ILE A 278 23.80 -7.73 41.97
CA ILE A 278 23.87 -6.27 42.03
C ILE A 278 23.57 -5.83 43.45
N ALA A 279 24.44 -4.99 44.01
CA ALA A 279 24.29 -4.56 45.40
C ALA A 279 23.01 -3.75 45.58
N GLY A 280 22.38 -3.92 46.74
CA GLY A 280 21.15 -3.23 47.04
C GLY A 280 19.89 -3.85 46.48
N TRP A 281 19.98 -5.05 45.92
CA TRP A 281 18.83 -5.68 45.29
C TRP A 281 17.74 -5.93 46.35
N PRO A 282 16.46 -5.73 46.01
CA PRO A 282 15.93 -5.30 44.71
C PRO A 282 15.94 -3.79 44.54
N ARG A 283 16.02 -3.02 45.63
CA ARG A 283 16.02 -1.57 45.55
C ARG A 283 17.40 -1.05 45.19
N SER A 284 17.87 -1.37 43.99
CA SER A 284 19.19 -0.96 43.56
C SER A 284 19.27 0.56 43.47
N HIS A 285 20.44 1.10 43.83
CA HIS A 285 20.67 2.53 43.81
C HIS A 285 21.20 3.03 42.47
N LYS A 286 21.43 2.14 41.51
CA LYS A 286 21.93 2.51 40.20
C LYS A 286 21.00 2.00 39.12
N SER A 287 20.96 2.71 38.01
CA SER A 287 20.17 2.28 36.86
C SER A 287 20.82 1.06 36.21
N ILE A 288 19.98 0.20 35.62
CA ILE A 288 20.42 -1.03 34.99
C ILE A 288 19.94 -1.04 33.55
N SER A 289 20.84 -1.34 32.62
CA SER A 289 20.48 -1.40 31.22
C SER A 289 19.61 -2.62 30.92
N LEU A 290 18.87 -2.53 29.82
CA LEU A 290 17.98 -3.63 29.43
C LEU A 290 18.79 -4.88 29.08
N ASP A 291 19.93 -4.71 28.41
CA ASP A 291 20.75 -5.86 28.05
C ASP A 291 21.29 -6.56 29.29
N LYS A 292 21.76 -5.79 30.28
CA LYS A 292 22.23 -6.39 31.51
C LYS A 292 21.10 -7.09 32.26
N TYR A 293 19.90 -6.48 32.25
CA TYR A 293 18.75 -7.11 32.89
C TYR A 293 18.40 -8.44 32.23
N MET A 294 18.44 -8.49 30.90
CA MET A 294 18.19 -9.75 30.20
C MET A 294 19.28 -10.78 30.50
N GLU A 295 20.55 -10.34 30.53
CA GLU A 295 21.64 -11.25 30.82
C GLU A 295 21.57 -11.79 32.25
N LEU A 296 20.98 -11.01 33.16
CA LEU A 296 20.89 -11.44 34.56
C LEU A 296 20.07 -12.70 34.73
N GLY A 297 19.17 -13.00 33.79
CA GLY A 297 18.36 -14.19 33.89
C GLY A 297 18.89 -15.35 33.07
N ASN A 298 20.16 -15.28 32.67
CA ASN A 298 20.74 -16.33 31.84
C ASN A 298 20.88 -17.65 32.58
N ALA A 299 20.81 -17.64 33.91
CA ALA A 299 20.83 -18.89 34.66
C ALA A 299 19.62 -19.76 34.30
N ASN A 300 18.47 -19.14 34.13
CA ASN A 300 17.26 -19.80 33.66
C ASN A 300 17.05 -19.49 32.18
N GLY A 301 15.92 -19.94 31.64
CA GLY A 301 15.58 -19.60 30.27
C GLY A 301 15.80 -20.72 29.27
N SER A 302 16.23 -20.35 28.06
CA SER A 302 16.36 -21.33 26.98
C SER A 302 17.43 -22.37 27.28
N LYS A 303 18.57 -21.94 27.84
CA LYS A 303 19.70 -22.83 28.02
C LYS A 303 19.48 -23.87 29.11
N LEU A 304 18.48 -23.71 29.97
CA LEU A 304 18.25 -24.61 31.09
C LEU A 304 16.99 -25.44 30.95
N LEU A 305 15.90 -24.86 30.48
CA LEU A 305 14.61 -25.55 30.44
C LEU A 305 14.42 -26.42 29.21
N LYS A 306 15.51 -26.81 28.54
CA LYS A 306 15.38 -27.71 27.39
C LYS A 306 14.82 -29.06 27.81
N ASP A 307 15.29 -29.60 28.92
CA ASP A 307 14.79 -30.88 29.40
C ASP A 307 13.39 -30.73 29.98
N LYS A 308 12.62 -31.81 29.89
CA LYS A 308 11.22 -31.77 30.36
C LYS A 308 11.15 -31.54 31.86
N GLY A 309 12.00 -32.21 32.64
CA GLY A 309 11.90 -32.12 34.08
C GLY A 309 12.09 -30.71 34.61
N CYS A 310 13.09 -30.01 34.09
CA CYS A 310 13.32 -28.63 34.53
C CYS A 310 12.13 -27.74 34.21
N LEU A 311 11.57 -27.88 33.02
CA LEU A 311 10.42 -27.06 32.63
C LEU A 311 9.22 -27.34 33.52
N ILE A 312 8.93 -28.62 33.78
CA ILE A 312 7.79 -28.96 34.62
C ILE A 312 7.99 -28.45 36.04
N ARG A 313 9.20 -28.61 36.59
CA ARG A 313 9.46 -28.12 37.93
C ARG A 313 9.34 -26.61 38.01
N GLN A 314 9.85 -25.90 36.99
CA GLN A 314 9.75 -24.45 36.97
C GLN A 314 8.30 -23.99 36.91
N VAL A 315 7.49 -24.64 36.07
CA VAL A 315 6.08 -24.26 35.98
C VAL A 315 5.36 -24.53 37.29
N GLU A 316 5.64 -25.68 37.90
CA GLU A 316 4.99 -26.00 39.18
C GLU A 316 5.39 -25.00 40.26
N LEU A 317 6.67 -24.63 40.31
CA LEU A 317 7.12 -23.66 41.29
C LEU A 317 6.50 -22.28 41.05
N LEU A 318 6.38 -21.89 39.78
CA LEU A 318 5.74 -20.61 39.46
C LEU A 318 4.28 -20.60 39.90
N TYR A 319 3.57 -21.70 39.64
CA TYR A 319 2.18 -21.78 40.08
C TYR A 319 2.09 -21.76 41.60
N GLN A 320 3.02 -22.43 42.28
CA GLN A 320 3.03 -22.42 43.73
C GLN A 320 3.23 -21.02 44.28
N SER A 321 4.17 -20.26 43.69
CA SER A 321 4.37 -18.88 44.11
C SER A 321 3.14 -18.03 43.81
N LEU A 322 2.50 -18.25 42.66
CA LEU A 322 1.30 -17.49 42.31
C LEU A 322 0.19 -17.72 43.33
N VAL A 323 -0.05 -18.98 43.69
CA VAL A 323 -1.11 -19.27 44.66
C VAL A 323 -0.69 -18.86 46.07
N ASN A 324 0.61 -18.77 46.34
CA ASN A 324 1.06 -18.26 47.62
C ASN A 324 0.93 -16.75 47.73
N ASP A 325 0.93 -16.04 46.61
CA ASP A 325 0.78 -14.59 46.60
C ASP A 325 -0.67 -14.15 46.45
N ASN A 326 -1.63 -15.07 46.60
CA ASN A 326 -3.06 -14.82 46.54
C ASN A 326 -3.52 -14.32 45.18
N VAL A 327 -2.68 -14.41 44.15
CA VAL A 327 -3.09 -14.01 42.81
C VAL A 327 -4.15 -14.97 42.31
N ALA A 328 -5.34 -14.45 42.03
CA ALA A 328 -6.45 -15.29 41.61
C ALA A 328 -6.57 -15.43 40.10
N TYR A 329 -5.75 -14.74 39.32
CA TYR A 329 -5.76 -14.87 37.87
C TYR A 329 -4.46 -14.30 37.34
N ALA A 330 -3.76 -15.09 36.52
CA ALA A 330 -2.48 -14.67 35.98
C ALA A 330 -2.37 -15.10 34.53
N GLU A 331 -1.75 -14.24 33.71
CA GLU A 331 -1.45 -14.54 32.32
C GLU A 331 0.07 -14.61 32.18
N ILE A 332 0.58 -15.80 31.92
CA ILE A 332 2.01 -16.07 31.87
C ILE A 332 2.45 -16.16 30.41
N ARG A 333 3.49 -15.41 30.06
CA ARG A 333 4.08 -15.51 28.73
C ARG A 333 5.18 -16.57 28.73
N CYS A 334 5.12 -17.47 27.75
CA CYS A 334 6.12 -18.50 27.54
C CYS A 334 6.57 -18.48 26.08
N SER A 335 7.85 -18.75 25.86
CA SER A 335 8.39 -18.85 24.50
C SER A 335 8.76 -20.29 24.23
N PRO A 336 7.88 -21.07 23.58
CA PRO A 336 8.19 -22.49 23.36
C PRO A 336 9.45 -22.73 22.55
N ASN A 337 9.71 -21.88 21.55
CA ASN A 337 10.87 -22.07 20.69
C ASN A 337 12.18 -21.98 21.45
N ASN A 338 12.20 -21.28 22.58
CA ASN A 338 13.42 -21.23 23.39
C ASN A 338 13.66 -22.53 24.13
N TYR A 339 12.59 -23.27 24.46
CA TYR A 339 12.70 -24.51 25.22
C TYR A 339 12.54 -25.75 24.34
N ALA A 340 12.59 -25.59 23.03
CA ALA A 340 12.37 -26.69 22.09
C ALA A 340 13.67 -27.07 21.40
N ASP A 341 13.96 -28.36 21.35
CA ASP A 341 15.11 -28.88 20.64
C ASP A 341 14.73 -30.17 19.93
N LYS A 342 15.23 -30.34 18.71
CA LYS A 342 14.90 -31.51 17.91
C LYS A 342 15.76 -32.72 18.24
N ASN A 343 16.74 -32.59 19.13
CA ASN A 343 17.59 -33.71 19.49
C ASN A 343 16.78 -34.82 20.17
N LYS A 344 15.87 -34.44 21.07
CA LYS A 344 15.02 -35.40 21.78
C LYS A 344 13.57 -35.31 21.33
N ASN A 345 13.35 -34.90 20.08
CA ASN A 345 12.00 -34.77 19.52
C ASN A 345 11.12 -33.87 20.39
N ARG A 346 11.69 -32.76 20.85
CA ARG A 346 10.99 -31.80 21.68
C ARG A 346 10.74 -30.54 20.84
N SER A 347 9.65 -30.54 20.10
CA SER A 347 9.29 -29.40 19.27
C SER A 347 8.65 -28.30 20.12
N ALA A 348 8.43 -27.14 19.48
CA ALA A 348 7.76 -26.05 20.18
C ALA A 348 6.33 -26.44 20.57
N TRP A 349 5.62 -27.14 19.69
CA TRP A 349 4.25 -27.53 19.98
C TRP A 349 4.20 -28.46 21.19
N VAL A 350 5.11 -29.42 21.27
CA VAL A 350 5.10 -30.34 22.41
C VAL A 350 5.48 -29.63 23.69
N VAL A 351 6.35 -28.62 23.62
CA VAL A 351 6.70 -27.85 24.81
C VAL A 351 5.50 -27.07 25.31
N LEU A 352 4.81 -26.39 24.39
CA LEU A 352 3.62 -25.65 24.78
C LEU A 352 2.54 -26.58 25.31
N GLN A 353 2.40 -27.76 24.71
CA GLN A 353 1.43 -28.74 25.19
C GLN A 353 1.78 -29.22 26.58
N ASP A 354 3.07 -29.45 26.86
CA ASP A 354 3.49 -29.85 28.20
C ASP A 354 3.18 -28.77 29.22
N ILE A 355 3.48 -27.51 28.87
CA ILE A 355 3.21 -26.41 29.80
C ILE A 355 1.72 -26.30 30.07
N ASN A 356 0.90 -26.36 29.01
CA ASN A 356 -0.55 -26.25 29.17
C ASN A 356 -1.10 -27.41 29.99
N ASP A 357 -0.62 -28.63 29.74
CA ASP A 357 -1.10 -29.78 30.47
C ASP A 357 -0.73 -29.69 31.94
N THR A 358 0.49 -29.26 32.24
CA THR A 358 0.89 -29.09 33.64
C THR A 358 0.04 -28.04 34.33
N PHE A 359 -0.18 -26.91 33.67
CA PHE A 359 -0.98 -25.85 34.28
C PHE A 359 -2.41 -26.30 34.53
N THR A 360 -3.02 -26.97 33.54
CA THR A 360 -4.41 -27.40 33.72
C THR A 360 -4.52 -28.51 34.76
N ARG A 361 -3.53 -29.40 34.82
CA ARG A 361 -3.54 -30.44 35.85
C ARG A 361 -3.43 -29.82 37.24
N LEU A 362 -2.52 -28.87 37.41
CA LEU A 362 -2.39 -28.21 38.70
C LEU A 362 -3.67 -27.46 39.08
N ILE A 363 -4.27 -26.76 38.11
CA ILE A 363 -5.48 -26.01 38.39
C ILE A 363 -6.62 -26.94 38.80
N THR A 364 -6.80 -28.03 38.05
CA THR A 364 -7.87 -28.97 38.37
C THR A 364 -7.63 -29.64 39.71
N GLU A 365 -6.38 -30.00 40.02
CA GLU A 365 -6.08 -30.62 41.30
C GLU A 365 -6.35 -29.68 42.45
N ALA A 366 -5.96 -28.41 42.31
CA ALA A 366 -6.23 -27.43 43.36
C ALA A 366 -7.72 -27.20 43.52
N LYS A 367 -8.46 -27.11 42.41
CA LYS A 367 -9.89 -26.85 42.49
C LYS A 367 -10.65 -28.03 43.08
N GLN A 368 -10.20 -29.25 42.80
CA GLN A 368 -10.89 -30.43 43.34
C GLN A 368 -10.84 -30.46 44.86
N LYS A 369 -9.71 -30.07 45.44
CA LYS A 369 -9.56 -30.03 46.88
C LYS A 369 -10.29 -28.86 47.53
N ASN A 370 -11.00 -28.05 46.74
CA ASN A 370 -11.79 -26.93 47.25
C ASN A 370 -10.92 -25.95 48.04
N GLN A 371 -9.79 -25.59 47.45
CA GLN A 371 -8.89 -24.60 48.01
C GLN A 371 -8.80 -23.41 47.06
N PHE A 372 -8.08 -22.38 47.50
CA PHE A 372 -7.86 -21.22 46.64
C PHE A 372 -6.96 -21.60 45.48
N TYR A 373 -7.38 -21.24 44.26
CA TYR A 373 -6.66 -21.60 43.06
C TYR A 373 -6.51 -20.39 42.16
N CYS A 374 -5.47 -20.42 41.33
CA CYS A 374 -5.13 -19.31 40.44
C CYS A 374 -5.35 -19.77 39.00
N HIS A 375 -6.47 -19.33 38.41
CA HIS A 375 -6.69 -19.58 37.00
C HIS A 375 -5.61 -18.91 36.17
N VAL A 376 -5.02 -19.66 35.25
CA VAL A 376 -3.85 -19.21 34.50
C VAL A 376 -4.11 -19.38 33.01
N ASN A 377 -3.89 -18.31 32.25
CA ASN A 377 -3.90 -18.36 30.80
C ASN A 377 -2.50 -18.04 30.30
N LEU A 378 -2.25 -18.34 29.02
CA LEU A 378 -0.90 -18.24 28.46
C LEU A 378 -0.88 -17.32 27.25
N LEU A 379 0.20 -16.54 27.16
CA LEU A 379 0.48 -15.70 26.01
C LEU A 379 1.73 -16.24 25.31
N VAL A 380 1.64 -16.43 24.00
CA VAL A 380 2.76 -16.91 23.21
C VAL A 380 3.55 -15.68 22.77
N ILE A 381 4.70 -15.44 23.41
CA ILE A 381 5.51 -14.27 23.12
C ILE A 381 6.24 -14.50 21.81
N ALA A 382 5.96 -13.65 20.81
CA ALA A 382 6.59 -13.75 19.50
C ALA A 382 7.63 -12.64 19.37
N SER A 383 8.84 -12.93 19.87
CA SER A 383 9.93 -11.97 19.79
C SER A 383 10.43 -11.88 18.35
N ARG A 384 10.33 -10.69 17.77
CA ARG A 384 10.64 -10.50 16.35
C ARG A 384 12.07 -10.01 16.16
N LYS A 385 13.03 -10.78 16.69
CA LYS A 385 14.43 -10.53 16.40
C LYS A 385 15.07 -11.67 15.63
N PHE A 386 15.09 -12.88 16.20
CA PHE A 386 15.72 -14.07 15.61
C PHE A 386 17.12 -13.68 15.13
N SER A 387 17.64 -14.38 14.12
CA SER A 387 18.85 -13.96 13.41
C SER A 387 18.50 -13.18 12.15
N GLY A 388 17.65 -12.16 12.30
CA GLY A 388 17.25 -11.34 11.17
C GLY A 388 16.28 -11.98 10.21
N ASP A 389 15.72 -13.14 10.56
CA ASP A 389 14.80 -13.87 9.68
C ASP A 389 13.42 -13.91 10.34
N LEU A 390 12.38 -13.69 9.55
CA LEU A 390 11.02 -13.57 10.05
C LEU A 390 10.27 -14.88 10.10
N SER A 391 10.88 -16.00 9.71
CA SER A 391 10.19 -17.28 9.78
C SER A 391 9.86 -17.66 11.22
N ASP A 392 10.66 -17.18 12.18
CA ASP A 392 10.38 -17.44 13.58
C ASP A 392 9.05 -16.81 13.99
N ILE A 393 8.78 -15.59 13.54
CA ILE A 393 7.53 -14.92 13.88
C ILE A 393 6.34 -15.68 13.29
N SER A 394 6.44 -16.09 12.03
CA SER A 394 5.36 -16.86 11.42
C SER A 394 5.14 -18.18 12.14
N LYS A 395 6.22 -18.86 12.52
CA LYS A 395 6.10 -20.11 13.25
C LYS A 395 5.39 -19.90 14.59
N HIS A 396 5.77 -18.85 15.31
CA HIS A 396 5.12 -18.58 16.59
C HIS A 396 3.65 -18.26 16.42
N LEU A 397 3.32 -17.44 15.42
CA LEU A 397 1.92 -17.09 15.19
C LEU A 397 1.09 -18.31 14.83
N ALA A 398 1.63 -19.17 13.95
CA ALA A 398 0.92 -20.39 13.58
C ALA A 398 0.76 -21.32 14.78
N LEU A 399 1.80 -21.41 15.61
CA LEU A 399 1.72 -22.26 16.80
C LEU A 399 0.62 -21.77 17.74
N ALA A 400 0.54 -20.45 17.95
CA ALA A 400 -0.51 -19.92 18.82
C ALA A 400 -1.89 -20.15 18.22
N ILE A 401 -2.04 -19.93 16.92
CA ILE A 401 -3.33 -20.11 16.27
C ILE A 401 -3.79 -21.56 16.40
N THR A 402 -2.88 -22.51 16.20
CA THR A 402 -3.24 -23.91 16.34
C THR A 402 -3.47 -24.30 17.80
N ALA A 403 -2.76 -23.67 18.73
CA ALA A 403 -2.92 -23.99 20.14
C ALA A 403 -4.27 -23.50 20.66
N MET A 404 -4.83 -22.45 20.06
CA MET A 404 -6.20 -22.07 20.42
C MET A 404 -7.18 -23.20 20.16
N GLN A 405 -7.02 -23.90 19.03
CA GLN A 405 -7.98 -24.91 18.60
C GLN A 405 -8.04 -26.12 19.51
N GLN A 406 -7.26 -26.16 20.60
CA GLN A 406 -7.42 -27.23 21.57
C GLN A 406 -8.82 -27.21 22.18
N GLY A 407 -9.30 -26.03 22.54
CA GLY A 407 -10.67 -25.87 23.01
C GLY A 407 -10.90 -26.38 24.42
N GLU A 408 -10.86 -27.70 24.60
CA GLU A 408 -11.10 -28.30 25.89
C GLU A 408 -9.89 -28.11 26.79
N GLY A 409 -10.13 -27.64 28.01
CA GLY A 409 -9.08 -27.39 28.97
C GLY A 409 -9.30 -26.07 29.68
N VAL A 410 -8.83 -26.00 30.93
CA VAL A 410 -8.98 -24.77 31.70
C VAL A 410 -8.01 -23.70 31.21
N CYS A 411 -6.72 -23.99 31.29
CA CYS A 411 -5.70 -23.07 30.80
C CYS A 411 -5.62 -23.15 29.28
N ARG A 412 -5.63 -21.99 28.63
CA ARG A 412 -5.60 -21.95 27.17
C ARG A 412 -4.88 -20.70 26.72
N ILE A 413 -4.39 -20.74 25.47
CA ILE A 413 -3.74 -19.57 24.89
C ILE A 413 -4.77 -18.47 24.69
N VAL A 414 -4.41 -17.26 25.10
CA VAL A 414 -5.37 -16.15 25.00
C VAL A 414 -4.90 -15.10 24.00
N GLY A 415 -3.59 -14.97 23.84
CA GLY A 415 -3.09 -13.96 22.94
C GLY A 415 -1.61 -14.14 22.67
N VAL A 416 -1.07 -13.26 21.84
CA VAL A 416 0.33 -13.26 21.49
C VAL A 416 0.98 -12.01 22.04
N ASP A 417 2.31 -12.03 22.09
CA ASP A 417 3.08 -10.88 22.51
C ASP A 417 4.16 -10.57 21.50
N LEU A 418 4.46 -9.28 21.35
CA LEU A 418 5.50 -8.80 20.45
C LEU A 418 6.57 -8.11 21.30
N ALA A 419 7.81 -8.55 21.15
CA ALA A 419 8.92 -8.01 21.93
C ALA A 419 10.22 -8.28 21.16
N GLY A 420 11.34 -7.95 21.78
CA GLY A 420 12.64 -8.17 21.18
C GLY A 420 12.82 -7.43 19.87
N PHE A 421 12.38 -6.16 19.83
CA PHE A 421 12.42 -5.37 18.62
C PHE A 421 12.92 -3.97 18.95
N GLU A 422 13.66 -3.37 18.01
CA GLU A 422 14.15 -2.02 18.19
C GLU A 422 13.55 -1.05 17.18
N ASN A 423 13.73 -1.28 15.88
CA ASN A 423 13.24 -0.38 14.84
C ASN A 423 13.52 -1.01 13.48
N LYS A 424 13.09 -0.31 12.42
CA LYS A 424 13.37 -0.68 11.04
C LYS A 424 12.92 -2.11 10.73
N GLU A 425 13.88 -3.03 10.61
CA GLU A 425 13.55 -4.41 10.33
C GLU A 425 12.74 -5.05 11.44
N THR A 426 12.72 -4.44 12.63
CA THR A 426 12.02 -4.98 13.78
C THR A 426 10.78 -4.20 14.17
N ARG A 427 10.53 -3.04 13.56
CA ARG A 427 9.35 -2.26 13.91
C ARG A 427 8.08 -2.97 13.48
N ALA A 428 7.04 -2.83 14.31
CA ALA A 428 5.78 -3.52 14.08
C ALA A 428 4.98 -2.95 12.91
N SER A 429 5.41 -1.82 12.34
CA SER A 429 4.71 -1.16 11.25
C SER A 429 4.80 -1.93 9.93
N TYR A 430 5.37 -3.15 9.88
CA TYR A 430 5.49 -3.89 8.64
C TYR A 430 5.15 -5.37 8.82
N TYR A 431 4.16 -5.67 9.67
CA TYR A 431 3.71 -7.05 9.85
C TYR A 431 2.20 -7.22 9.80
N GLU A 432 1.43 -6.16 9.55
CA GLU A 432 -0.03 -6.28 9.65
C GLU A 432 -0.58 -7.31 8.68
N HIS A 433 0.09 -7.54 7.55
CA HIS A 433 -0.35 -8.56 6.61
C HIS A 433 -0.34 -9.94 7.27
N ASP A 434 0.70 -10.23 8.04
CA ASP A 434 0.72 -11.45 8.83
C ASP A 434 -0.36 -11.43 9.90
N PHE A 435 -0.58 -10.26 10.52
CA PHE A 435 -1.48 -10.17 11.66
C PHE A 435 -2.95 -10.24 11.26
N LYS A 436 -3.28 -10.11 9.98
CA LYS A 436 -4.66 -10.33 9.56
C LYS A 436 -5.14 -11.72 9.99
N ALA A 437 -4.29 -12.73 9.83
CA ALA A 437 -4.68 -14.08 10.18
C ALA A 437 -4.92 -14.24 11.68
N VAL A 438 -4.03 -13.69 12.51
CA VAL A 438 -4.18 -13.86 13.95
C VAL A 438 -5.40 -13.08 14.44
N HIS A 439 -5.67 -11.91 13.85
CA HIS A 439 -6.86 -11.16 14.24
C HIS A 439 -8.14 -11.87 13.81
N ARG A 440 -8.13 -12.46 12.62
CA ARG A 440 -9.32 -13.20 12.17
C ARG A 440 -9.54 -14.44 13.04
N CYS A 441 -8.47 -15.10 13.47
CA CYS A 441 -8.62 -16.30 14.29
C CYS A 441 -9.27 -15.99 15.62
N GLY A 442 -8.84 -14.90 16.28
CA GLY A 442 -9.46 -14.49 17.52
C GLY A 442 -8.50 -14.26 18.67
N LEU A 443 -7.21 -14.36 18.40
CA LEU A 443 -6.22 -14.10 19.45
C LEU A 443 -6.14 -12.61 19.76
N ALA A 444 -5.63 -12.32 20.95
CA ALA A 444 -5.35 -10.96 21.36
C ALA A 444 -3.89 -10.62 21.04
N VAL A 445 -3.58 -9.33 21.06
CA VAL A 445 -2.24 -8.84 20.74
C VAL A 445 -1.78 -7.90 21.84
N THR A 446 -0.59 -8.15 22.37
CA THR A 446 0.03 -7.30 23.37
C THR A 446 1.40 -6.87 22.86
N ALA A 447 1.75 -5.61 23.13
CA ALA A 447 2.99 -5.02 22.63
C ALA A 447 3.92 -4.68 23.79
N HIS A 448 5.22 -4.90 23.57
CA HIS A 448 6.27 -4.47 24.49
C HIS A 448 6.84 -3.10 24.13
N ALA A 449 6.00 -2.20 23.60
CA ALA A 449 6.50 -0.95 23.04
C ALA A 449 6.99 -0.01 24.14
N GLY A 450 8.14 -0.33 24.73
CA GLY A 450 8.80 0.55 25.67
C GLY A 450 10.10 1.07 25.10
N GLU A 451 11.21 0.83 25.81
CA GLU A 451 12.57 1.15 25.39
C GLU A 451 12.68 2.53 24.73
N ASN A 452 11.91 3.50 25.24
CA ASN A 452 11.89 4.86 24.71
C ASN A 452 11.56 4.87 23.22
N ASP A 453 10.59 4.05 22.82
CA ASP A 453 10.15 4.03 21.43
C ASP A 453 9.41 5.33 21.10
N ASP A 454 9.48 5.71 19.83
CA ASP A 454 8.83 6.94 19.40
C ASP A 454 7.30 6.81 19.49
N PRO A 455 6.60 7.92 19.71
CA PRO A 455 5.14 7.85 19.80
C PRO A 455 4.49 7.29 18.54
N GLU A 456 5.12 7.45 17.38
CA GLU A 456 4.57 6.87 16.17
C GLU A 456 4.52 5.35 16.25
N GLY A 457 5.51 4.75 16.91
CA GLY A 457 5.47 3.31 17.13
C GLY A 457 4.30 2.88 17.98
N ILE A 458 4.03 3.64 19.05
CA ILE A 458 2.87 3.34 19.89
C ILE A 458 1.58 3.50 19.09
N TRP A 459 1.52 4.53 18.25
CA TRP A 459 0.34 4.73 17.41
C TRP A 459 0.13 3.55 16.47
N GLN A 460 1.21 3.08 15.84
CA GLN A 460 1.10 1.93 14.94
C GLN A 460 0.67 0.69 15.70
N ALA A 461 1.21 0.49 16.90
CA ALA A 461 0.79 -0.66 17.70
C ALA A 461 -0.68 -0.58 18.06
N VAL A 462 -1.16 0.62 18.39
CA VAL A 462 -2.56 0.78 18.79
C VAL A 462 -3.49 0.57 17.61
N TYR A 463 -3.15 1.14 16.45
CA TYR A 463 -4.06 1.16 15.31
C TYR A 463 -3.77 0.08 14.28
N SER A 464 -2.52 0.00 13.78
CA SER A 464 -2.21 -0.95 12.72
C SER A 464 -2.38 -2.39 13.20
N LEU A 465 -1.89 -2.70 14.39
CA LEU A 465 -2.01 -4.04 14.94
C LEU A 465 -3.27 -4.24 15.77
N HIS A 466 -4.02 -3.18 16.06
CA HIS A 466 -5.21 -3.26 16.90
C HIS A 466 -4.89 -3.92 18.25
N ALA A 467 -3.74 -3.57 18.81
CA ALA A 467 -3.33 -4.14 20.08
C ALA A 467 -4.28 -3.71 21.19
N ARG A 468 -4.53 -4.61 22.15
CA ARG A 468 -5.43 -4.33 23.25
C ARG A 468 -4.71 -4.01 24.54
N ARG A 469 -3.41 -4.25 24.62
CA ARG A 469 -2.63 -3.93 25.82
C ARG A 469 -1.22 -3.52 25.39
N LEU A 470 -0.70 -2.49 26.04
CA LEU A 470 0.62 -1.96 25.76
C LEU A 470 1.51 -2.17 26.97
N GLY A 471 2.70 -2.74 26.75
CA GLY A 471 3.63 -2.98 27.84
C GLY A 471 4.39 -1.73 28.20
N HIS A 472 4.50 -1.46 29.50
CA HIS A 472 5.24 -0.31 30.02
C HIS A 472 4.74 0.99 29.40
N ALA A 473 5.50 1.53 28.44
CA ALA A 473 5.14 2.77 27.74
C ALA A 473 4.94 3.91 28.74
N LEU A 474 6.02 4.27 29.43
CA LEU A 474 5.97 5.29 30.46
C LEU A 474 6.07 6.71 29.91
N ASN A 475 6.24 6.86 28.60
CA ASN A 475 6.40 8.17 27.98
C ASN A 475 5.10 8.70 27.38
N LEU A 476 3.95 8.35 27.98
CA LEU A 476 2.68 8.83 27.46
C LEU A 476 2.45 10.31 27.74
N LEU A 477 3.17 10.88 28.70
CA LEU A 477 2.99 12.29 29.03
C LEU A 477 3.38 13.19 27.87
N GLU A 478 4.46 12.83 27.15
CA GLU A 478 4.97 13.68 26.10
C GLU A 478 4.10 13.70 24.85
N ALA A 479 3.08 12.83 24.77
CA ALA A 479 2.21 12.75 23.60
C ALA A 479 0.76 12.83 24.06
N PRO A 480 0.21 14.04 24.19
CA PRO A 480 -1.19 14.17 24.63
C PRO A 480 -2.17 13.47 23.70
N ASP A 481 -1.90 13.46 22.38
CA ASP A 481 -2.76 12.75 21.46
C ASP A 481 -2.75 11.25 21.74
N LEU A 482 -1.58 10.71 22.08
CA LEU A 482 -1.49 9.30 22.43
C LEU A 482 -2.31 8.97 23.67
N MET A 483 -2.24 9.83 24.69
CA MET A 483 -3.06 9.63 25.88
C MET A 483 -4.55 9.71 25.54
N ARG A 484 -4.93 10.68 24.71
CA ARG A 484 -6.33 10.80 24.34
C ARG A 484 -6.82 9.54 23.63
N THR A 485 -6.04 9.03 22.69
CA THR A 485 -6.43 7.81 21.97
C THR A 485 -6.48 6.62 22.92
N VAL A 486 -5.48 6.47 23.80
CA VAL A 486 -5.44 5.33 24.70
C VAL A 486 -6.63 5.34 25.65
N ILE A 487 -6.94 6.50 26.21
CA ILE A 487 -8.06 6.60 27.15
C ILE A 487 -9.37 6.37 26.42
N GLU A 488 -9.55 7.00 25.26
CA GLU A 488 -10.83 6.92 24.57
C GLU A 488 -11.06 5.54 23.97
N ARG A 489 -10.01 4.85 23.55
CA ARG A 489 -10.14 3.52 23.00
C ARG A 489 -10.15 2.43 24.06
N LYS A 490 -10.04 2.81 25.33
CA LYS A 490 -10.06 1.86 26.46
C LYS A 490 -9.00 0.79 26.29
N ILE A 491 -7.81 1.19 25.85
CA ILE A 491 -6.70 0.27 25.65
C ILE A 491 -5.91 0.19 26.95
N GLY A 492 -5.76 -1.02 27.48
CA GLY A 492 -5.09 -1.19 28.75
C GLY A 492 -3.60 -0.97 28.65
N VAL A 493 -3.01 -0.58 29.78
CA VAL A 493 -1.58 -0.36 29.90
C VAL A 493 -1.07 -1.16 31.09
N GLU A 494 -0.04 -1.96 30.87
CA GLU A 494 0.57 -2.77 31.92
C GLU A 494 1.96 -2.24 32.24
N MET A 495 2.22 -1.97 33.51
CA MET A 495 3.53 -1.51 33.94
C MET A 495 3.99 -2.33 35.13
N CYS A 496 5.30 -2.51 35.22
CA CYS A 496 5.92 -3.20 36.35
C CYS A 496 6.70 -2.18 37.17
N PRO A 497 6.18 -1.74 38.32
CA PRO A 497 6.89 -0.71 39.09
C PRO A 497 8.31 -1.08 39.46
N TYR A 498 8.57 -2.33 39.85
CA TYR A 498 9.93 -2.70 40.24
C TYR A 498 10.85 -2.77 39.03
N ALA A 499 10.41 -3.43 37.96
CA ALA A 499 11.25 -3.59 36.78
C ALA A 499 11.54 -2.23 36.14
N ASN A 500 10.49 -1.44 35.88
CA ASN A 500 10.68 -0.13 35.28
C ASN A 500 11.33 0.85 36.25
N TYR A 501 11.26 0.58 37.55
CA TYR A 501 11.92 1.43 38.54
C TYR A 501 13.43 1.19 38.55
N GLN A 502 13.85 -0.08 38.46
CA GLN A 502 15.27 -0.38 38.40
C GLN A 502 15.87 -0.04 37.04
N ILE A 503 15.17 -0.37 35.96
CA ILE A 503 15.73 -0.21 34.62
C ILE A 503 15.86 1.28 34.27
N LYS A 504 14.79 2.04 34.49
CA LYS A 504 14.79 3.45 34.09
C LYS A 504 15.26 4.38 35.20
N GLY A 505 14.67 4.25 36.39
CA GLY A 505 15.04 5.10 37.50
C GLY A 505 14.03 6.20 37.78
N PHE A 506 13.27 6.03 38.86
CA PHE A 506 12.28 7.02 39.28
C PHE A 506 12.40 7.24 40.77
N ALA A 507 11.96 8.41 41.23
CA ALA A 507 12.03 8.81 42.63
C ALA A 507 11.52 7.69 43.53
N PRO A 508 12.19 7.42 44.66
CA PRO A 508 13.33 8.14 45.23
C PRO A 508 14.70 7.65 44.76
N MET A 509 14.90 7.41 43.48
CA MET A 509 16.24 7.14 42.97
C MET A 509 17.14 8.34 43.21
N PRO A 510 18.31 8.15 43.83
CA PRO A 510 19.27 9.25 43.90
C PRO A 510 19.75 9.66 42.52
N ASN A 511 20.15 10.92 42.41
CA ASN A 511 20.56 11.56 41.14
C ASN A 511 19.55 11.26 40.04
N PHE A 512 18.27 11.25 40.40
CA PHE A 512 17.18 11.05 39.45
C PHE A 512 15.98 11.88 39.90
N SER A 513 15.39 12.63 38.97
CA SER A 513 14.27 13.50 39.28
C SER A 513 12.97 13.08 38.60
N ALA A 514 13.01 12.14 37.67
CA ALA A 514 11.80 11.68 37.02
C ALA A 514 10.89 10.95 38.02
N LEU A 515 9.60 11.18 37.90
CA LEU A 515 8.60 10.59 38.79
C LEU A 515 7.78 9.56 38.04
N TYR A 516 7.37 8.52 38.76
CA TYR A 516 6.57 7.46 38.16
C TYR A 516 5.21 8.01 37.74
N PRO A 517 4.78 7.79 36.50
CA PRO A 517 3.53 8.42 36.03
C PRO A 517 2.29 7.60 36.35
N LEU A 518 2.40 6.64 37.27
CA LEU A 518 1.25 5.79 37.58
C LEU A 518 0.10 6.61 38.17
N LYS A 519 0.42 7.52 39.10
CA LYS A 519 -0.63 8.36 39.67
C LYS A 519 -1.27 9.25 38.61
N LYS A 520 -0.46 9.84 37.75
CA LYS A 520 -1.00 10.68 36.69
C LYS A 520 -1.80 9.84 35.68
N TYR A 521 -1.35 8.63 35.40
CA TYR A 521 -2.11 7.75 34.51
C TYR A 521 -3.46 7.41 35.10
N LEU A 522 -3.50 7.10 36.40
CA LEU A 522 -4.77 6.79 37.05
C LEU A 522 -5.69 8.00 37.06
N GLU A 523 -5.13 9.19 37.32
CA GLU A 523 -5.95 10.41 37.30
C GLU A 523 -6.52 10.67 35.91
N ALA A 524 -5.70 10.44 34.87
CA ALA A 524 -6.17 10.67 33.51
C ALA A 524 -7.18 9.61 33.05
N GLY A 525 -7.22 8.46 33.72
CA GLY A 525 -8.15 7.42 33.36
C GLY A 525 -7.60 6.27 32.53
N ILE A 526 -6.28 6.20 32.36
CA ILE A 526 -5.70 5.10 31.61
C ILE A 526 -5.98 3.79 32.33
N LEU A 527 -6.32 2.75 31.57
CA LEU A 527 -6.58 1.44 32.15
C LEU A 527 -5.27 0.81 32.60
N VAL A 528 -4.67 1.36 33.64
CA VAL A 528 -3.33 0.97 34.08
C VAL A 528 -3.42 -0.23 35.00
N SER A 529 -2.50 -1.17 34.84
CA SER A 529 -2.41 -2.37 35.65
C SER A 529 -0.98 -2.53 36.17
N VAL A 530 -0.85 -3.18 37.32
CA VAL A 530 0.43 -3.40 37.98
C VAL A 530 0.78 -4.87 37.85
N ASN A 531 2.04 -5.16 37.52
CA ASN A 531 2.48 -6.52 37.24
C ASN A 531 3.87 -6.72 37.84
N THR A 532 4.52 -7.81 37.44
CA THR A 532 5.80 -8.22 38.03
C THR A 532 6.92 -8.41 37.02
N ASP A 533 6.64 -8.33 35.72
CA ASP A 533 7.63 -8.63 34.68
C ASP A 533 8.24 -10.01 34.88
N ASN A 534 9.42 -10.06 35.49
CA ASN A 534 10.07 -11.33 35.83
C ASN A 534 10.18 -11.41 37.35
N ILE A 535 9.66 -12.49 37.93
CA ILE A 535 9.65 -12.60 39.38
C ILE A 535 11.07 -12.81 39.92
N GLY A 536 11.87 -13.62 39.23
CA GLY A 536 13.18 -13.99 39.74
C GLY A 536 14.20 -12.88 39.81
N ILE A 537 14.62 -12.35 38.64
CA ILE A 537 15.65 -11.32 38.62
C ILE A 537 15.21 -10.08 39.39
N SER A 538 13.96 -9.66 39.20
CA SER A 538 13.46 -8.51 39.97
C SER A 538 13.41 -8.84 41.46
N GLY A 539 13.24 -10.11 41.80
CA GLY A 539 13.23 -10.52 43.20
C GLY A 539 12.10 -9.92 44.01
N ALA A 540 10.92 -9.78 43.41
CA ALA A 540 9.78 -9.21 44.11
C ALA A 540 8.50 -9.72 43.45
N ASN A 541 7.61 -10.31 44.24
CA ASN A 541 6.35 -10.81 43.73
C ASN A 541 5.36 -9.64 43.66
N LEU A 542 4.08 -9.96 43.42
CA LEU A 542 3.09 -8.90 43.22
C LEU A 542 2.85 -8.08 44.48
N SER A 543 3.02 -8.69 45.66
CA SER A 543 2.71 -7.99 46.90
C SER A 543 3.62 -6.79 47.10
N GLU A 544 4.94 -7.00 47.11
CA GLU A 544 5.85 -5.87 47.24
C GLU A 544 5.82 -4.98 46.01
N ASN A 545 5.49 -5.56 44.85
CA ASN A 545 5.40 -4.76 43.63
C ASN A 545 4.30 -3.72 43.74
N LEU A 546 3.18 -4.08 44.37
CA LEU A 546 2.13 -3.10 44.65
C LEU A 546 2.49 -2.22 45.83
N LEU A 547 3.18 -2.76 46.84
CA LEU A 547 3.50 -1.98 48.03
C LEU A 547 4.47 -0.85 47.74
N ILE A 548 5.37 -1.05 46.77
CA ILE A 548 6.36 -0.03 46.45
C ILE A 548 5.74 1.24 45.88
N LEU A 549 4.50 1.17 45.41
CA LEU A 549 3.83 2.35 44.90
C LEU A 549 3.63 3.42 45.97
N ALA A 550 3.69 3.04 47.25
CA ALA A 550 3.59 4.04 48.32
C ALA A 550 4.77 5.00 48.29
N ASP A 551 5.91 4.56 47.78
CA ASP A 551 7.09 5.40 47.65
C ASP A 551 7.32 5.89 46.23
N LEU A 552 7.07 5.05 45.23
CA LEU A 552 7.25 5.47 43.85
C LEU A 552 6.26 6.56 43.46
N CYS A 553 5.02 6.44 43.94
CA CYS A 553 3.96 7.41 43.65
C CYS A 553 3.35 7.85 44.97
N PRO A 554 3.99 8.77 45.68
CA PRO A 554 3.45 9.25 46.95
C PRO A 554 2.09 9.90 46.76
N GLY A 555 1.23 9.75 47.78
CA GLY A 555 -0.11 10.26 47.71
C GLY A 555 -1.15 9.31 47.16
N ILE A 556 -0.74 8.12 46.71
CA ILE A 556 -1.71 7.16 46.19
C ILE A 556 -2.56 6.62 47.34
N SER A 557 -3.75 6.16 47.00
CA SER A 557 -4.73 5.70 47.99
C SER A 557 -5.04 4.22 47.77
N ARG A 558 -5.59 3.61 48.82
CA ARG A 558 -6.00 2.21 48.72
C ARG A 558 -7.08 2.03 47.67
N MET A 559 -7.98 3.02 47.55
CA MET A 559 -9.00 2.98 46.51
C MET A 559 -8.35 2.94 45.13
N ASP A 560 -7.20 3.59 44.98
CA ASP A 560 -6.47 3.50 43.72
C ASP A 560 -5.94 2.09 43.49
N VAL A 561 -5.52 1.40 44.56
CA VAL A 561 -5.07 0.02 44.42
C VAL A 561 -6.23 -0.87 43.96
N LEU A 562 -7.41 -0.69 44.55
CA LEU A 562 -8.55 -1.46 44.12
C LEU A 562 -8.94 -1.12 42.68
N THR A 563 -8.79 0.14 42.29
CA THR A 563 -9.01 0.51 40.89
C THR A 563 -7.99 -0.18 39.98
N ILE A 564 -6.75 -0.33 40.45
CA ILE A 564 -5.74 -1.06 39.69
C ILE A 564 -6.18 -2.49 39.47
N ILE A 565 -6.68 -3.13 40.53
CA ILE A 565 -7.15 -4.51 40.43
C ILE A 565 -8.32 -4.60 39.46
N ARG A 566 -9.26 -3.66 39.56
CA ARG A 566 -10.41 -3.66 38.66
C ARG A 566 -10.00 -3.48 37.21
N ASN A 567 -9.04 -2.59 36.94
CA ASN A 567 -8.55 -2.40 35.59
C ASN A 567 -7.86 -3.65 35.08
N SER A 568 -7.09 -4.31 35.95
CA SER A 568 -6.45 -5.56 35.55
C SER A 568 -7.49 -6.61 35.17
N ILE A 569 -8.57 -6.69 35.93
CA ILE A 569 -9.64 -7.62 35.59
C ILE A 569 -10.28 -7.24 34.26
N GLU A 570 -10.54 -5.95 34.06
CA GLU A 570 -11.27 -5.50 32.87
C GLU A 570 -10.45 -5.72 31.60
N THR A 571 -9.15 -5.46 31.65
CA THR A 571 -8.32 -5.51 30.45
C THR A 571 -7.78 -6.90 30.15
N ALA A 572 -8.11 -7.90 30.96
CA ALA A 572 -7.63 -9.26 30.71
C ALA A 572 -8.34 -9.86 29.50
N PHE A 573 -7.61 -10.67 28.75
CA PHE A 573 -8.14 -11.35 27.57
C PHE A 573 -8.90 -12.59 28.01
N ILE A 574 -10.16 -12.39 28.37
CA ILE A 574 -11.01 -13.47 28.86
C ILE A 574 -12.40 -13.35 28.23
N SER A 575 -13.11 -14.46 28.21
CA SER A 575 -14.49 -14.47 27.73
C SER A 575 -15.38 -13.73 28.72
N HIS A 576 -16.50 -13.22 28.21
CA HIS A 576 -17.35 -12.36 29.02
C HIS A 576 -17.93 -13.12 30.22
N ASP A 577 -18.37 -14.37 30.01
CA ASP A 577 -18.92 -15.13 31.12
C ASP A 577 -17.87 -15.37 32.20
N PHE A 578 -16.67 -15.77 31.79
CA PHE A 578 -15.59 -15.97 32.75
C PHE A 578 -15.20 -14.66 33.41
N ARG A 579 -15.21 -13.56 32.66
CA ARG A 579 -14.90 -12.26 33.24
C ARG A 579 -15.92 -11.88 34.31
N MET A 580 -17.20 -12.13 34.03
CA MET A 580 -18.25 -11.82 35.01
C MET A 580 -18.09 -12.68 36.26
N GLU A 581 -17.83 -13.97 36.09
CA GLU A 581 -17.64 -14.84 37.26
C GLU A 581 -16.42 -14.40 38.06
N LEU A 582 -15.33 -14.08 37.38
CA LEU A 582 -14.13 -13.61 38.07
C LEU A 582 -14.39 -12.31 38.82
N LEU A 583 -15.14 -11.39 38.19
CA LEU A 583 -15.46 -10.14 38.86
C LEU A 583 -16.28 -10.37 40.11
N LYS A 584 -17.26 -11.27 40.02
CA LYS A 584 -18.09 -11.57 41.20
C LYS A 584 -17.25 -12.15 42.33
N PHE A 585 -16.43 -13.14 42.01
CA PHE A 585 -15.58 -13.75 43.04
C PHE A 585 -14.60 -12.75 43.63
N PHE A 586 -14.00 -11.93 42.77
CA PHE A 586 -13.05 -10.92 43.25
C PHE A 586 -13.73 -9.92 44.16
N ASP A 587 -14.94 -9.48 43.80
CA ASP A 587 -15.62 -8.50 44.63
C ASP A 587 -15.94 -9.11 45.99
N ARG A 588 -16.42 -10.36 46.01
CA ARG A 588 -16.72 -10.99 47.29
C ARG A 588 -15.47 -11.13 48.15
N LYS A 589 -14.37 -11.59 47.56
CA LYS A 589 -13.14 -11.75 48.32
C LYS A 589 -12.61 -10.41 48.83
N ILE A 590 -12.69 -9.37 47.99
CA ILE A 590 -12.22 -8.05 48.38
C ILE A 590 -13.04 -7.51 49.53
N TYR A 591 -14.37 -7.65 49.45
CA TYR A 591 -15.22 -7.21 50.55
C TYR A 591 -14.88 -7.96 51.83
N ASP A 592 -14.69 -9.28 51.73
CA ASP A 592 -14.38 -10.06 52.94
C ASP A 592 -13.05 -9.61 53.56
N VAL A 593 -12.00 -9.49 52.74
CA VAL A 593 -10.71 -9.12 53.29
C VAL A 593 -10.75 -7.72 53.89
N CYS A 594 -11.36 -6.76 53.17
CA CYS A 594 -11.44 -5.41 53.70
C CYS A 594 -12.27 -5.36 54.97
N LEU A 595 -13.26 -6.24 55.09
CA LEU A 595 -14.03 -6.30 56.32
C LEU A 595 -13.28 -7.01 57.45
N ILE A 596 -12.24 -7.77 57.13
CA ILE A 596 -11.44 -8.42 58.18
C ILE A 596 -9.96 -8.09 58.02
N SER A 597 -9.65 -6.90 57.50
CA SER A 597 -8.27 -6.42 57.49
C SER A 597 -8.11 -5.00 58.04
N ILE A 598 -9.19 -4.26 58.27
CA ILE A 598 -9.10 -3.00 59.01
C ILE A 598 -8.96 -3.26 60.50
N LYS A 599 -8.85 -4.52 60.91
CA LYS A 599 -8.64 -4.86 62.31
C LYS A 599 -7.33 -4.28 62.83
N ASN A 600 -6.27 -4.36 62.05
CA ASN A 600 -4.97 -3.81 62.45
C ASN A 600 -4.82 -2.37 62.01
N MET B 1 -22.89 27.92 50.91
CA MET B 1 -22.08 27.88 52.12
C MET B 1 -22.99 28.09 53.32
N SER B 2 -23.03 27.11 54.21
CA SER B 2 -23.86 27.18 55.40
C SER B 2 -23.39 26.13 56.39
N ARG B 3 -23.20 26.53 57.64
CA ARG B 3 -22.81 25.64 58.72
C ARG B 3 -24.00 25.53 59.67
N VAL B 4 -24.91 24.59 59.37
CA VAL B 4 -26.10 24.43 60.18
C VAL B 4 -25.74 23.81 61.53
N LEU B 5 -26.51 24.17 62.55
CA LEU B 5 -26.36 23.62 63.89
C LEU B 5 -27.68 22.97 64.30
N LEU B 6 -27.60 21.75 64.80
CA LEU B 6 -28.77 21.02 65.27
C LEU B 6 -28.56 20.62 66.72
N CYS B 7 -29.60 20.76 67.53
CA CYS B 7 -29.53 20.43 68.94
C CYS B 7 -30.92 20.09 69.45
N SER B 8 -30.96 19.41 70.60
CA SER B 8 -32.21 19.01 71.24
C SER B 8 -32.35 19.69 72.59
N ALA B 9 -33.56 20.11 72.92
CA ALA B 9 -33.85 20.77 74.19
C ALA B 9 -35.22 20.32 74.67
N GLY B 10 -35.25 19.51 75.72
CA GLY B 10 -36.50 19.03 76.27
C GLY B 10 -37.16 20.01 77.22
N HIS B 11 -36.46 20.37 78.30
CA HIS B 11 -37.01 21.31 79.28
C HIS B 11 -36.02 22.41 79.59
N SER B 12 -34.72 22.12 79.44
CA SER B 12 -33.66 23.06 79.74
C SER B 12 -33.17 23.69 78.44
N SER B 13 -33.25 25.02 78.38
CA SER B 13 -32.95 25.77 77.17
C SER B 13 -31.60 26.47 77.22
N MET B 14 -30.71 26.03 78.10
CA MET B 14 -29.47 26.75 78.35
C MET B 14 -28.26 26.17 77.62
N VAL B 15 -28.47 25.33 76.60
CA VAL B 15 -27.34 24.67 75.95
C VAL B 15 -27.20 25.14 74.50
N VAL B 16 -28.32 25.54 73.89
CA VAL B 16 -28.27 25.99 72.49
C VAL B 16 -27.36 27.19 72.30
N PRO B 17 -27.44 28.25 73.12
CA PRO B 17 -26.45 29.33 72.97
C PRO B 17 -25.02 28.88 73.19
N GLU B 18 -24.79 27.88 74.04
CA GLU B 18 -23.44 27.35 74.18
C GLU B 18 -22.96 26.74 72.87
N ALA B 19 -23.83 26.01 72.17
CA ALA B 19 -23.48 25.46 70.87
C ALA B 19 -23.24 26.58 69.86
N PHE B 20 -24.04 27.65 69.92
CA PHE B 20 -23.82 28.78 69.02
C PHE B 20 -22.45 29.41 69.26
N HIS B 21 -22.06 29.55 70.53
CA HIS B 21 -20.76 30.12 70.87
C HIS B 21 -19.62 29.12 70.73
N ALA B 22 -19.92 27.84 70.46
CA ALA B 22 -18.86 26.85 70.33
C ALA B 22 -17.91 27.19 69.19
N VAL B 23 -18.44 27.61 68.05
CA VAL B 23 -17.63 28.01 66.90
C VAL B 23 -17.58 29.54 66.87
N PRO B 24 -16.42 30.16 67.06
CA PRO B 24 -16.36 31.62 67.03
C PRO B 24 -16.75 32.22 65.69
N GLU B 25 -16.60 31.47 64.61
CA GLU B 25 -16.92 31.97 63.27
C GLU B 25 -18.42 32.17 63.06
N GLY B 26 -19.26 31.66 63.95
CA GLY B 26 -20.70 31.83 63.81
C GLY B 26 -21.34 30.74 62.97
N PHE B 27 -22.66 30.80 62.92
CA PHE B 27 -23.46 29.82 62.21
C PHE B 27 -24.48 30.54 61.32
N GLU B 28 -24.79 29.91 60.19
CA GLU B 28 -25.75 30.50 59.25
C GLU B 28 -27.20 30.21 59.62
N GLU B 29 -27.46 29.06 60.24
CA GLU B 29 -28.81 28.73 60.68
C GLU B 29 -28.72 27.70 61.78
N VAL B 30 -29.61 27.83 62.77
CA VAL B 30 -29.65 26.93 63.92
C VAL B 30 -31.08 26.41 64.06
N HIS B 31 -31.22 25.08 64.12
CA HIS B 31 -32.51 24.44 64.29
C HIS B 31 -32.47 23.60 65.56
N VAL B 32 -33.52 23.70 66.37
CA VAL B 32 -33.60 22.99 67.65
C VAL B 32 -34.86 22.15 67.65
N PHE B 33 -34.71 20.88 68.02
CA PHE B 33 -35.84 19.96 68.10
C PHE B 33 -36.34 19.88 69.54
N THR B 34 -37.66 19.87 69.70
CA THR B 34 -38.27 19.82 71.02
C THR B 34 -39.63 19.14 70.93
N THR B 35 -40.10 18.67 72.07
CA THR B 35 -41.42 18.07 72.17
C THR B 35 -42.46 19.15 72.48
N ASP B 36 -43.73 18.76 72.43
CA ASP B 36 -44.83 19.67 72.70
C ASP B 36 -45.10 19.84 74.19
N SER B 37 -44.19 19.39 75.05
CA SER B 37 -44.39 19.52 76.49
C SER B 37 -44.34 20.99 76.91
N GLU B 38 -45.20 21.35 77.87
CA GLU B 38 -45.25 22.71 78.36
C GLU B 38 -43.97 23.12 79.09
N LYS B 39 -43.24 22.15 79.64
CA LYS B 39 -42.06 22.46 80.44
C LYS B 39 -40.98 23.18 79.63
N PHE B 40 -41.05 23.12 78.30
CA PHE B 40 -40.11 23.87 77.47
C PHE B 40 -40.31 25.36 77.68
N ASN B 41 -39.21 26.11 77.68
CA ASN B 41 -39.25 27.57 77.80
C ASN B 41 -38.46 28.17 76.64
N PRO B 42 -39.08 28.27 75.47
CA PRO B 42 -38.38 28.81 74.29
C PRO B 42 -38.42 30.33 74.16
N VAL B 43 -39.08 31.03 75.08
CA VAL B 43 -39.17 32.48 74.98
C VAL B 43 -37.80 33.13 75.15
N VAL B 44 -37.00 32.62 76.09
CA VAL B 44 -35.66 33.17 76.31
C VAL B 44 -34.79 32.99 75.08
N LEU B 45 -34.83 31.79 74.50
CA LEU B 45 -34.07 31.55 73.27
C LEU B 45 -34.55 32.42 72.14
N ASN B 46 -35.86 32.60 72.01
CA ASN B 46 -36.41 33.44 70.95
C ASN B 46 -35.93 34.87 71.08
N ASP B 47 -36.06 35.45 72.28
CA ASP B 47 -35.65 36.85 72.45
C ASP B 47 -34.13 37.00 72.34
N PHE B 48 -33.37 35.98 72.72
CA PHE B 48 -31.93 36.03 72.49
C PHE B 48 -31.60 36.03 71.01
N PHE B 49 -32.30 35.23 70.22
CA PHE B 49 -32.02 35.14 68.79
C PHE B 49 -32.57 36.33 68.00
N HIS B 50 -33.57 37.04 68.54
CA HIS B 50 -34.04 38.25 67.87
C HIS B 50 -32.95 39.32 67.83
N SER B 51 -32.04 39.30 68.81
CA SER B 51 -30.91 40.23 68.79
C SER B 51 -29.95 39.94 67.64
N LEU B 52 -30.02 38.75 67.04
CA LEU B 52 -29.17 38.36 65.92
C LEU B 52 -30.06 37.88 64.79
N PRO B 53 -30.74 38.80 64.09
CA PRO B 53 -31.63 38.38 63.00
C PRO B 53 -30.91 37.93 61.75
N ASN B 54 -29.60 38.12 61.66
CA ASN B 54 -28.84 37.69 60.50
C ASN B 54 -28.70 36.18 60.43
N VAL B 55 -29.07 35.45 61.47
CA VAL B 55 -28.94 34.00 61.52
C VAL B 55 -30.34 33.41 61.57
N ARG B 56 -30.66 32.55 60.62
CA ARG B 56 -31.97 31.91 60.58
C ARG B 56 -32.11 30.96 61.76
N PHE B 57 -33.33 30.90 62.32
CA PHE B 57 -33.59 30.05 63.46
C PHE B 57 -35.03 29.58 63.41
N SER B 58 -35.26 28.34 63.85
CA SER B 58 -36.60 27.78 63.86
C SER B 58 -36.70 26.77 65.01
N ILE B 59 -37.93 26.53 65.45
CA ILE B 59 -38.23 25.57 66.50
C ILE B 59 -39.18 24.52 65.93
N THR B 60 -38.82 23.26 66.06
CA THR B 60 -39.64 22.15 65.61
C THR B 60 -40.25 21.46 66.82
N LYS B 61 -41.58 21.38 66.85
CA LYS B 61 -42.31 20.82 67.98
C LYS B 61 -42.82 19.43 67.62
N CYS B 62 -42.51 18.46 68.48
CA CYS B 62 -42.98 17.09 68.28
C CYS B 62 -44.40 16.99 68.82
N HIS B 63 -45.38 16.98 67.92
CA HIS B 63 -46.77 17.02 68.32
C HIS B 63 -47.21 15.70 68.93
N GLY B 64 -48.00 15.79 70.00
CA GLY B 64 -48.58 14.62 70.62
C GLY B 64 -47.59 13.67 71.27
N LEU B 65 -46.51 14.20 71.84
CA LEU B 65 -45.54 13.36 72.53
C LEU B 65 -44.89 14.21 73.62
N ALA B 66 -45.41 14.12 74.85
CA ALA B 66 -44.85 14.89 75.95
C ALA B 66 -43.53 14.31 76.44
N ASP B 67 -43.46 12.98 76.57
CA ASP B 67 -42.27 12.33 77.09
C ASP B 67 -42.26 10.88 76.61
N ILE B 68 -41.12 10.24 76.79
CA ILE B 68 -40.91 8.85 76.36
C ILE B 68 -41.21 7.93 77.53
N LEU B 69 -42.16 7.02 77.34
CA LEU B 69 -42.54 6.09 78.41
C LEU B 69 -42.51 4.64 77.94
N ASN B 70 -42.88 4.40 76.69
CA ASN B 70 -43.06 3.05 76.17
C ASN B 70 -42.34 2.91 74.83
N GLU B 71 -42.45 1.72 74.25
CA GLU B 71 -41.83 1.44 72.95
C GLU B 71 -42.41 2.34 71.87
N ARG B 72 -43.73 2.48 71.84
CA ARG B 72 -44.37 3.27 70.78
C ARG B 72 -43.95 4.72 70.84
N ASP B 73 -43.92 5.30 72.04
CA ASP B 73 -43.51 6.70 72.18
C ASP B 73 -42.06 6.88 71.74
N PHE B 74 -41.17 5.98 72.15
CA PHE B 74 -39.77 6.12 71.77
C PHE B 74 -39.60 6.00 70.27
N GLU B 75 -40.26 5.02 69.64
CA GLU B 75 -40.09 4.85 68.20
C GLU B 75 -40.70 6.02 67.43
N PHE B 76 -41.83 6.55 67.89
CA PHE B 76 -42.40 7.73 67.24
C PHE B 76 -41.46 8.93 67.37
N TYR B 77 -40.88 9.13 68.55
CA TYR B 77 -39.95 10.24 68.70
C TYR B 77 -38.74 10.05 67.80
N GLN B 78 -38.21 8.83 67.72
CA GLN B 78 -37.05 8.57 66.89
C GLN B 78 -37.37 8.86 65.42
N GLU B 79 -38.54 8.42 64.96
CA GLU B 79 -38.94 8.66 63.59
C GLU B 79 -39.06 10.17 63.33
N MET B 80 -39.68 10.90 64.25
CA MET B 80 -39.83 12.34 64.08
C MET B 80 -38.49 13.05 64.10
N LEU B 81 -37.59 12.64 64.99
CA LEU B 81 -36.27 13.26 65.09
C LEU B 81 -35.46 13.00 63.83
N TRP B 82 -35.51 11.79 63.30
CA TRP B 82 -34.79 11.50 62.06
C TRP B 82 -35.39 12.26 60.89
N GLN B 83 -36.70 12.38 60.84
CA GLN B 83 -37.32 13.18 59.79
C GLN B 83 -36.88 14.64 59.88
N TRP B 84 -36.86 15.19 61.09
CA TRP B 84 -36.42 16.58 61.28
C TRP B 84 -34.96 16.75 60.89
N TYR B 85 -34.12 15.77 61.25
CA TYR B 85 -32.72 15.83 60.86
C TYR B 85 -32.58 15.83 59.35
N LEU B 86 -33.33 14.97 58.67
CA LEU B 86 -33.24 14.88 57.22
C LEU B 86 -33.70 16.17 56.55
N THR B 87 -34.82 16.74 57.02
CA THR B 87 -35.34 17.94 56.37
C THR B 87 -34.52 19.18 56.69
N LYS B 88 -33.75 19.17 57.78
CA LYS B 88 -32.89 20.28 58.13
C LYS B 88 -31.44 20.05 57.70
N MET B 89 -31.17 18.97 56.98
CA MET B 89 -29.83 18.71 56.49
C MET B 89 -29.42 19.77 55.48
N PRO B 90 -28.14 20.16 55.45
CA PRO B 90 -27.67 21.01 54.36
C PRO B 90 -27.79 20.29 53.03
N ASP B 91 -28.02 21.06 51.97
CA ASP B 91 -28.24 20.47 50.65
C ASP B 91 -27.00 19.72 50.17
N ASN B 92 -25.81 20.30 50.35
CA ASN B 92 -24.58 19.70 49.84
C ASN B 92 -23.47 19.66 50.88
N GLU B 93 -23.77 19.91 52.15
CA GLU B 93 -22.76 19.93 53.20
C GLU B 93 -23.23 19.07 54.36
N LEU B 94 -22.40 19.00 55.41
CA LEU B 94 -22.72 18.25 56.60
C LEU B 94 -22.93 19.18 57.78
N PRO B 95 -23.94 18.95 58.60
CA PRO B 95 -24.26 19.86 59.71
C PRO B 95 -23.48 19.51 60.98
N TYR B 96 -23.48 20.47 61.90
CA TYR B 96 -22.96 20.26 63.23
C TYR B 96 -24.07 19.79 64.16
N VAL B 97 -23.68 19.21 65.29
CA VAL B 97 -24.65 18.64 66.22
C VAL B 97 -24.06 18.68 67.63
N CYS B 98 -24.92 18.99 68.61
CA CYS B 98 -24.56 18.97 70.01
C CYS B 98 -25.49 18.04 70.78
N LEU B 99 -24.98 17.42 71.83
CA LEU B 99 -25.74 16.42 72.56
C LEU B 99 -25.85 16.77 74.05
N SER B 100 -26.11 18.04 74.36
CA SER B 100 -26.16 18.50 75.74
C SER B 100 -27.58 18.82 76.18
N GLY B 101 -28.57 18.13 75.60
CA GLY B 101 -29.95 18.39 75.95
C GLY B 101 -30.76 17.10 75.99
N GLY B 102 -31.75 17.10 76.88
CA GLY B 102 -32.72 16.03 76.95
C GLY B 102 -32.25 14.83 77.76
N ILE B 103 -33.20 13.91 77.96
CA ILE B 103 -32.95 12.67 78.69
C ILE B 103 -31.98 11.82 77.88
N LYS B 104 -31.39 10.81 78.51
CA LYS B 104 -30.34 10.02 77.87
C LYS B 104 -30.82 9.39 76.57
N SER B 105 -32.11 9.04 76.50
CA SER B 105 -32.65 8.44 75.29
C SER B 105 -32.57 9.39 74.10
N MET B 106 -32.92 10.66 74.30
CA MET B 106 -32.88 11.60 73.20
C MET B 106 -31.45 11.87 72.75
N SER B 107 -30.51 11.95 73.70
CA SER B 107 -29.11 12.11 73.34
C SER B 107 -28.60 10.91 72.54
N ALA B 108 -28.98 9.69 72.96
CA ALA B 108 -28.57 8.50 72.23
C ALA B 108 -29.14 8.50 70.82
N SER B 109 -30.41 8.88 70.69
CA SER B 109 -31.04 8.92 69.38
C SER B 109 -30.37 9.97 68.49
N LEU B 110 -30.03 11.12 69.05
CA LEU B 110 -29.36 12.16 68.27
C LEU B 110 -27.98 11.71 67.82
N GLN B 111 -27.24 11.01 68.69
CA GLN B 111 -25.94 10.51 68.28
C GLN B 111 -26.07 9.44 67.21
N LYS B 112 -27.08 8.57 67.32
CA LYS B 112 -27.32 7.59 66.27
C LYS B 112 -27.65 8.27 64.95
N ALA B 113 -28.46 9.32 64.99
CA ALA B 113 -28.77 10.07 63.77
C ALA B 113 -27.52 10.71 63.18
N ALA B 114 -26.67 11.28 64.03
CA ALA B 114 -25.44 11.89 63.54
C ALA B 114 -24.53 10.85 62.90
N THR B 115 -24.44 9.67 63.51
CA THR B 115 -23.60 8.61 62.93
C THR B 115 -24.17 8.12 61.60
N LEU B 116 -25.49 7.99 61.52
CA LEU B 116 -26.12 7.44 60.31
C LEU B 116 -26.07 8.46 59.17
N PHE B 117 -26.67 9.63 59.38
CA PHE B 117 -26.80 10.63 58.34
C PHE B 117 -25.56 11.51 58.19
N GLY B 118 -24.53 11.27 58.97
CA GLY B 118 -23.31 12.07 58.86
C GLY B 118 -23.42 13.41 59.56
N ALA B 119 -22.35 13.81 60.23
CA ALA B 119 -22.32 15.09 60.93
C ALA B 119 -20.91 15.64 60.83
N GLN B 120 -20.80 16.90 60.40
CA GLN B 120 -19.49 17.49 60.16
C GLN B 120 -18.63 17.55 61.41
N SER B 121 -19.26 17.80 62.57
CA SER B 121 -18.53 17.80 63.83
C SER B 121 -19.52 17.57 64.96
N VAL B 122 -19.20 16.65 65.85
CA VAL B 122 -20.02 16.31 67.01
C VAL B 122 -19.27 16.78 68.24
N PHE B 123 -19.90 17.64 69.04
CA PHE B 123 -19.21 18.24 70.18
C PHE B 123 -20.12 18.27 71.40
N HIS B 124 -19.48 18.36 72.56
CA HIS B 124 -20.17 18.51 73.84
C HIS B 124 -19.80 19.85 74.47
N VAL B 125 -20.76 20.48 75.11
CA VAL B 125 -20.53 21.73 75.85
C VAL B 125 -20.75 21.46 77.33
N LEU B 126 -19.76 21.83 78.13
CA LEU B 126 -19.79 21.61 79.58
C LEU B 126 -19.44 22.89 80.30
N ALA B 127 -20.21 23.22 81.33
CA ALA B 127 -19.98 24.40 82.15
C ALA B 127 -20.04 24.02 83.62
N ASP B 128 -19.30 24.77 84.43
CA ASP B 128 -19.21 24.50 85.86
C ASP B 128 -20.23 25.28 86.69
N ASN B 129 -21.09 26.06 86.04
CA ASN B 129 -22.09 26.86 86.74
C ASN B 129 -23.52 26.62 86.31
N ASN B 130 -23.75 25.97 85.16
CA ASN B 130 -25.09 25.77 84.59
C ASN B 130 -25.85 27.09 84.54
N PRO B 131 -25.50 28.00 83.65
CA PRO B 131 -26.16 29.32 83.63
C PRO B 131 -27.63 29.20 83.25
N ARG B 132 -28.42 30.13 83.75
CA ARG B 132 -29.86 30.18 83.49
C ARG B 132 -30.26 31.36 82.62
N ASN B 133 -29.90 32.58 83.02
CA ASN B 133 -30.25 33.79 82.29
C ASN B 133 -29.11 34.19 81.35
N ILE B 134 -29.38 35.19 80.52
CA ILE B 134 -28.44 35.57 79.47
C ILE B 134 -27.18 36.20 80.06
N GLU B 135 -27.33 36.98 81.13
CA GLU B 135 -26.18 37.71 81.67
C GLU B 135 -25.13 36.75 82.25
N GLU B 136 -25.58 35.73 83.00
CA GLU B 136 -24.63 34.75 83.50
C GLU B 136 -24.03 33.93 82.36
N MET B 137 -24.82 33.67 81.33
CA MET B 137 -24.27 33.05 80.12
C MET B 137 -23.10 33.85 79.57
N PHE B 138 -23.30 35.15 79.40
CA PHE B 138 -22.29 35.99 78.78
C PHE B 138 -21.05 36.11 79.67
N ASP B 139 -21.23 36.28 80.98
CA ASP B 139 -20.06 36.42 81.84
C ASP B 139 -19.30 35.10 81.97
N ALA B 140 -20.02 33.96 81.95
CA ALA B 140 -19.33 32.67 81.92
C ALA B 140 -18.56 32.49 80.63
N LEU B 141 -19.15 32.90 79.50
CA LEU B 141 -18.47 32.79 78.22
C LEU B 141 -17.20 33.65 78.20
N GLN B 142 -17.28 34.86 78.74
CA GLN B 142 -16.08 35.70 78.85
C GLN B 142 -15.05 35.05 79.78
N LYS B 143 -15.50 34.51 80.91
CA LYS B 143 -14.59 33.85 81.84
C LYS B 143 -13.96 32.61 81.23
N GLY B 144 -14.75 31.81 80.52
CA GLY B 144 -14.28 30.57 79.97
C GLY B 144 -14.74 29.31 80.68
N GLN B 145 -15.82 29.39 81.48
CA GLN B 145 -16.31 28.21 82.18
C GLN B 145 -16.83 27.16 81.22
N ILE B 146 -17.30 27.58 80.06
CA ILE B 146 -17.83 26.64 79.07
C ILE B 146 -16.67 25.95 78.36
N HIS B 147 -16.71 24.63 78.30
CA HIS B 147 -15.70 23.83 77.62
C HIS B 147 -16.33 23.12 76.43
N PHE B 148 -15.70 23.27 75.26
CA PHE B 148 -16.23 22.70 74.02
C PHE B 148 -15.52 21.37 73.79
N ILE B 149 -16.11 20.30 74.32
CA ILE B 149 -15.56 18.96 74.15
C ILE B 149 -15.81 18.52 72.72
N GLU B 150 -14.74 18.24 71.99
CA GLU B 150 -14.85 17.79 70.61
C GLU B 150 -14.77 16.28 70.56
N MET B 151 -15.76 15.66 69.91
CA MET B 151 -15.83 14.20 69.82
C MET B 151 -15.26 13.69 68.52
N GLY B 152 -15.78 14.15 67.38
CA GLY B 152 -15.30 13.66 66.11
C GLY B 152 -16.13 14.17 64.95
N TYR B 153 -16.05 13.44 63.84
CA TYR B 153 -16.67 13.86 62.58
C TYR B 153 -17.14 12.57 61.90
N GLU B 154 -18.42 12.25 62.07
CA GLU B 154 -18.97 11.03 61.50
C GLU B 154 -19.34 11.26 60.04
N PRO B 155 -18.78 10.49 59.11
CA PRO B 155 -19.12 10.73 57.70
C PRO B 155 -20.51 10.24 57.32
N GLY B 156 -21.02 9.21 57.99
CA GLY B 156 -22.33 8.70 57.68
C GLY B 156 -22.35 7.92 56.37
N TRP B 157 -23.55 7.49 56.00
CA TRP B 157 -23.78 6.75 54.78
C TRP B 157 -24.35 7.68 53.72
N ALA B 158 -23.82 7.56 52.49
CA ALA B 158 -24.33 8.37 51.39
C ALA B 158 -25.79 8.04 51.10
N ALA B 159 -26.14 6.75 51.14
CA ALA B 159 -27.51 6.34 50.89
C ALA B 159 -28.46 6.89 51.94
N LEU B 160 -28.03 6.91 53.20
CA LEU B 160 -28.89 7.39 54.27
C LEU B 160 -29.18 8.89 54.11
N ARG B 161 -28.18 9.68 53.74
CA ARG B 161 -28.43 11.08 53.43
C ARG B 161 -29.33 11.22 52.22
N ARG B 162 -29.10 10.39 51.20
CA ARG B 162 -29.82 10.52 49.95
C ARG B 162 -31.29 10.10 50.07
N LEU B 163 -31.63 9.27 51.05
CA LEU B 163 -33.02 8.85 51.14
C LEU B 163 -33.97 9.97 51.61
N LYS B 164 -33.51 11.21 51.74
CA LYS B 164 -34.39 12.30 52.15
C LYS B 164 -35.48 12.60 51.13
N LYS B 165 -35.40 12.02 49.95
CA LYS B 165 -36.40 12.31 48.89
C LYS B 165 -37.75 11.70 49.27
N ILE B 166 -37.74 10.69 50.14
CA ILE B 166 -38.99 10.04 50.55
C ILE B 166 -39.66 10.79 51.70
N LEU B 167 -39.09 11.89 52.17
CA LEU B 167 -39.69 12.65 53.26
C LEU B 167 -41.09 13.17 52.94
N PRO B 168 -41.33 13.88 51.83
CA PRO B 168 -42.65 14.51 51.66
C PRO B 168 -43.74 13.51 51.29
N ILE B 169 -44.93 14.04 50.96
CA ILE B 169 -46.11 13.23 50.64
C ILE B 169 -46.47 12.38 51.86
N ASN B 170 -46.75 13.03 52.99
CA ASN B 170 -47.18 12.34 54.20
C ASN B 170 -48.30 13.05 54.92
N GLU B 171 -48.92 14.06 54.31
CA GLU B 171 -50.02 14.85 54.90
C GLU B 171 -49.69 15.29 56.33
N GLY B 172 -48.42 15.55 56.60
CA GLY B 172 -47.97 15.93 57.93
C GLY B 172 -47.62 14.77 58.85
N CYS B 173 -47.65 13.54 58.35
CA CYS B 173 -47.26 12.32 59.09
C CYS B 173 -47.91 12.29 60.47
N SER B 174 -49.22 12.55 60.50
CA SER B 174 -49.96 12.52 61.75
C SER B 174 -50.03 11.09 62.30
N ARG B 175 -50.18 10.99 63.62
CA ARG B 175 -50.13 9.70 64.31
C ARG B 175 -51.22 8.74 63.85
N ASP B 176 -52.30 9.25 63.25
CA ASP B 176 -53.42 8.39 62.89
C ASP B 176 -53.00 7.35 61.84
N ASN B 177 -52.23 7.77 60.83
CA ASN B 177 -51.80 6.84 59.79
C ASN B 177 -50.33 7.02 59.45
N PHE B 178 -49.51 7.37 60.44
CA PHE B 178 -48.09 7.55 60.20
C PHE B 178 -47.42 6.20 59.93
N LYS B 179 -46.37 6.25 59.11
CA LYS B 179 -45.54 5.08 58.83
C LYS B 179 -44.09 5.43 59.14
N PRO B 180 -43.41 4.68 60.01
CA PRO B 180 -42.02 4.99 60.32
C PRO B 180 -41.09 4.67 59.15
N LEU B 181 -41.15 5.50 58.11
CA LEU B 181 -40.41 5.22 56.88
C LEU B 181 -38.90 5.27 57.12
N ILE B 182 -38.43 6.26 57.88
CA ILE B 182 -36.99 6.38 58.11
C ILE B 182 -36.48 5.20 58.91
N SER B 183 -37.20 4.79 59.95
CA SER B 183 -36.83 3.59 60.69
C SER B 183 -36.87 2.36 59.81
N LYS B 184 -37.84 2.31 58.89
CA LYS B 184 -37.90 1.20 57.95
C LYS B 184 -36.65 1.15 57.08
N SER B 185 -36.19 2.30 56.59
CA SER B 185 -34.98 2.32 55.77
C SER B 185 -33.74 1.99 56.59
N ILE B 186 -33.71 2.39 57.86
CA ILE B 186 -32.56 2.05 58.69
C ILE B 186 -32.49 0.55 58.93
N GLU B 187 -33.62 -0.05 59.29
CA GLU B 187 -33.67 -1.52 59.40
C GLU B 187 -33.39 -2.17 58.05
N GLU B 188 -33.71 -1.49 56.96
CA GLU B 188 -33.39 -1.98 55.63
C GLU B 188 -31.89 -2.10 55.42
N ILE B 189 -31.14 -1.04 55.72
CA ILE B 189 -29.69 -1.13 55.56
C ILE B 189 -29.11 -2.15 56.54
N LEU B 190 -29.71 -2.27 57.73
CA LEU B 190 -29.31 -3.32 58.66
C LEU B 190 -29.46 -4.69 58.02
N SER B 191 -30.61 -4.93 57.39
CA SER B 191 -30.85 -6.21 56.74
C SER B 191 -29.90 -6.43 55.58
N ASN B 192 -29.56 -5.36 54.86
CA ASN B 192 -28.61 -5.49 53.76
C ASN B 192 -27.25 -5.94 54.26
N VAL B 193 -26.77 -5.31 55.34
CA VAL B 193 -25.48 -5.70 55.91
C VAL B 193 -25.54 -7.13 56.43
N LYS B 194 -26.65 -7.50 57.08
CA LYS B 194 -26.79 -8.86 57.60
C LYS B 194 -26.79 -9.88 56.47
N ILE B 195 -27.48 -9.59 55.37
CA ILE B 195 -27.50 -10.50 54.23
C ILE B 195 -26.10 -10.62 53.64
N MET B 196 -25.38 -9.50 53.55
CA MET B 196 -24.01 -9.56 53.04
C MET B 196 -23.14 -10.43 53.93
N ALA B 197 -23.30 -10.33 55.25
CA ALA B 197 -22.48 -11.09 56.17
C ALA B 197 -22.97 -12.51 56.42
N SER B 198 -24.14 -12.87 55.89
CA SER B 198 -24.71 -14.19 56.15
C SER B 198 -24.68 -15.12 54.96
N ASP B 199 -24.53 -14.62 53.74
CA ASP B 199 -24.56 -15.42 52.54
C ASP B 199 -23.27 -15.24 51.73
N THR B 200 -23.03 -16.18 50.85
CA THR B 200 -21.91 -16.12 49.92
C THR B 200 -22.33 -16.37 48.48
N GLY B 201 -23.33 -17.20 48.25
CA GLY B 201 -23.77 -17.54 46.90
C GLY B 201 -24.39 -16.39 46.14
N LYS B 202 -25.47 -15.82 46.67
CA LYS B 202 -26.10 -14.67 46.02
C LYS B 202 -25.35 -13.38 46.34
N SER B 203 -24.65 -13.33 47.47
CA SER B 203 -24.07 -12.13 48.05
C SER B 203 -22.86 -11.60 47.28
N ASN B 204 -22.57 -12.04 46.06
CA ASN B 204 -21.33 -11.65 45.40
C ASN B 204 -21.43 -10.27 44.75
N GLN B 205 -22.29 -10.12 43.75
CA GLN B 205 -22.34 -8.92 42.92
C GLN B 205 -23.49 -9.05 41.94
N LEU B 206 -23.72 -7.97 41.17
CA LEU B 206 -24.70 -7.79 40.10
C LEU B 206 -24.88 -6.32 39.73
N PRO B 207 -25.01 -5.38 40.67
CA PRO B 207 -25.24 -3.98 40.29
C PRO B 207 -24.14 -3.44 39.39
N PHE B 208 -24.55 -2.86 38.26
CA PHE B 208 -23.64 -2.28 37.29
C PHE B 208 -23.24 -0.84 37.64
N PRO B 209 -24.19 0.07 37.96
CA PRO B 209 -23.77 1.42 38.37
C PRO B 209 -23.53 1.55 39.87
N SER B 210 -23.32 0.41 40.53
CA SER B 210 -22.92 0.36 41.94
C SER B 210 -24.00 0.96 42.84
N LEU B 211 -25.23 0.49 42.65
CA LEU B 211 -26.34 0.91 43.53
C LEU B 211 -26.32 0.11 44.83
N ALA B 212 -26.64 -1.18 44.76
CA ALA B 212 -26.18 -2.19 45.72
C ALA B 212 -26.56 -1.96 47.18
N ILE B 213 -27.31 -0.90 47.49
CA ILE B 213 -27.65 -0.60 48.87
C ILE B 213 -29.15 -0.56 49.13
N LEU B 214 -29.98 -0.47 48.10
CA LEU B 214 -31.43 -0.37 48.21
C LEU B 214 -32.03 -1.53 48.99
N PRO B 215 -33.29 -1.42 49.40
CA PRO B 215 -33.93 -2.52 50.15
C PRO B 215 -33.87 -3.83 49.37
N PRO B 216 -33.75 -4.95 50.07
CA PRO B 216 -33.78 -6.24 49.38
C PRO B 216 -35.04 -6.45 48.56
N ILE B 217 -36.17 -5.91 49.00
CA ILE B 217 -37.38 -5.95 48.19
C ILE B 217 -37.17 -5.17 46.90
N ALA B 218 -36.48 -4.04 46.98
CA ALA B 218 -36.19 -3.26 45.77
C ALA B 218 -35.29 -4.04 44.83
N GLN B 219 -34.28 -4.72 45.36
CA GLN B 219 -33.41 -5.53 44.50
C GLN B 219 -34.18 -6.67 43.85
N GLN B 220 -35.05 -7.33 44.61
CA GLN B 220 -35.86 -8.41 44.04
C GLN B 220 -36.80 -7.87 42.96
N TRP B 221 -37.39 -6.70 43.19
CA TRP B 221 -38.25 -6.10 42.19
C TRP B 221 -37.46 -5.77 40.92
N LEU B 222 -36.23 -5.29 41.08
CA LEU B 222 -35.38 -5.07 39.92
C LEU B 222 -35.07 -6.38 39.21
N GLN B 223 -34.93 -7.47 39.95
CA GLN B 223 -34.65 -8.75 39.33
C GLN B 223 -35.82 -9.24 38.49
N LEU B 224 -37.04 -8.95 38.91
CA LEU B 224 -38.22 -9.41 38.18
C LEU B 224 -38.31 -8.73 36.81
N PRO B 225 -38.83 -9.42 35.81
CA PRO B 225 -38.96 -8.81 34.49
C PRO B 225 -39.94 -7.65 34.50
N LEU B 226 -39.69 -6.68 33.63
CA LEU B 226 -40.55 -5.50 33.54
C LEU B 226 -41.74 -5.78 32.63
N SER B 227 -42.83 -5.08 32.89
CA SER B 227 -44.06 -5.20 32.12
C SER B 227 -44.38 -3.85 31.47
N ALA B 228 -45.44 -3.85 30.66
CA ALA B 228 -45.83 -2.64 29.93
C ALA B 228 -46.37 -1.54 30.84
N ASN B 229 -46.68 -1.85 32.10
CA ASN B 229 -47.20 -0.87 33.03
C ASN B 229 -46.11 -0.17 33.83
N ASP B 230 -44.85 -0.41 33.51
CA ASP B 230 -43.71 0.22 34.18
C ASP B 230 -43.31 1.54 33.53
N GLY B 231 -44.26 2.21 32.85
CA GLY B 231 -43.92 3.44 32.16
C GLY B 231 -43.45 4.55 33.07
N ALA B 232 -44.04 4.65 34.26
CA ALA B 232 -43.67 5.72 35.19
C ALA B 232 -42.22 5.58 35.65
N TRP B 233 -41.82 4.35 36.01
CA TRP B 233 -40.45 4.14 36.46
C TRP B 233 -39.45 4.42 35.34
N ILE B 234 -39.75 3.96 34.12
CA ILE B 234 -38.85 4.21 33.00
C ILE B 234 -38.75 5.71 32.71
N GLN B 235 -39.88 6.40 32.75
CA GLN B 235 -39.87 7.85 32.49
C GLN B 235 -39.05 8.58 33.55
N ASN B 236 -39.20 8.21 34.82
CA ASN B 236 -38.40 8.83 35.86
C ASN B 236 -36.93 8.42 35.79
N LEU B 237 -36.63 7.31 35.14
CA LEU B 237 -35.26 6.82 35.05
C LEU B 237 -34.45 7.68 34.09
N PRO B 238 -33.32 8.25 34.51
CA PRO B 238 -32.47 8.97 33.56
C PRO B 238 -31.94 8.03 32.49
N LYS B 239 -31.87 8.52 31.25
CA LYS B 239 -31.53 7.69 30.11
C LYS B 239 -30.48 8.39 29.26
N VAL B 240 -29.85 7.60 28.39
CA VAL B 240 -28.88 8.10 27.42
C VAL B 240 -29.32 7.67 26.03
N ASP B 241 -29.25 8.61 25.08
CA ASP B 241 -29.62 8.37 23.69
C ASP B 241 -28.38 8.64 22.85
N LEU B 242 -28.03 7.70 21.98
CA LEU B 242 -26.85 7.83 21.14
C LEU B 242 -27.14 7.97 19.66
N HIS B 243 -28.19 7.31 19.16
CA HIS B 243 -28.58 7.36 17.75
C HIS B 243 -29.82 8.24 17.65
N CYS B 244 -29.62 9.50 17.25
CA CYS B 244 -30.74 10.44 17.15
C CYS B 244 -30.40 11.45 16.06
N HIS B 245 -30.94 11.23 14.86
CA HIS B 245 -30.76 12.19 13.78
C HIS B 245 -31.52 13.47 14.09
N LEU B 246 -30.91 14.61 13.73
CA LEU B 246 -31.51 15.90 14.07
C LEU B 246 -32.77 16.17 13.25
N GLY B 247 -32.72 15.92 11.94
CA GLY B 247 -33.84 16.26 11.08
C GLY B 247 -35.03 15.33 11.19
N GLY B 248 -34.87 14.19 11.85
CA GLY B 248 -35.98 13.26 11.99
C GLY B 248 -36.70 13.40 13.32
N PHE B 249 -36.88 14.65 13.76
CA PHE B 249 -37.53 14.92 15.04
C PHE B 249 -38.97 15.40 14.90
N ALA B 250 -39.21 16.35 14.00
CA ALA B 250 -40.55 16.92 13.80
C ALA B 250 -40.96 16.64 12.36
N THR B 251 -41.56 15.47 12.13
CA THR B 251 -42.00 15.06 10.80
C THR B 251 -43.52 15.05 10.66
N SER B 252 -44.25 15.38 11.72
CA SER B 252 -45.71 15.40 11.66
C SER B 252 -46.24 16.12 12.90
N GLY B 253 -47.50 16.54 12.81
CA GLY B 253 -48.21 17.07 13.95
C GLY B 253 -47.86 18.51 14.29
N SER B 254 -48.17 18.87 15.54
CA SER B 254 -47.97 20.24 16.00
C SER B 254 -46.50 20.61 15.98
N LEU B 255 -45.60 19.65 16.16
CA LEU B 255 -44.17 19.93 16.06
C LEU B 255 -43.83 20.43 14.66
N LEU B 256 -44.32 19.74 13.64
CA LEU B 256 -44.09 20.19 12.26
C LEU B 256 -44.77 21.53 12.01
N ASP B 257 -45.97 21.72 12.57
CA ASP B 257 -46.69 22.97 12.36
C ASP B 257 -45.91 24.15 12.93
N GLN B 258 -45.39 24.01 14.15
CA GLN B 258 -44.63 25.10 14.76
C GLN B 258 -43.24 25.24 14.14
N VAL B 259 -42.68 24.15 13.59
CA VAL B 259 -41.44 24.28 12.84
C VAL B 259 -41.66 25.13 11.59
N ARG B 260 -42.75 24.89 10.87
CA ARG B 260 -43.09 25.73 9.73
C ARG B 260 -43.45 27.15 10.16
N GLY B 261 -43.99 27.31 11.37
CA GLY B 261 -44.36 28.61 11.86
C GLY B 261 -43.20 29.58 11.98
N ALA B 262 -42.25 29.28 12.86
CA ALA B 262 -41.07 30.12 13.04
C ALA B 262 -39.99 29.70 12.05
N ALA B 263 -40.27 29.95 10.78
CA ALA B 263 -39.39 29.59 9.68
C ALA B 263 -38.92 30.81 8.90
N SER B 264 -38.67 31.90 9.62
CA SER B 264 -38.19 33.15 9.02
C SER B 264 -39.09 33.59 7.88
N GLU B 265 -38.69 33.28 6.64
CA GLU B 265 -39.49 33.60 5.48
C GLU B 265 -40.43 32.44 5.16
N PRO B 266 -41.75 32.62 5.25
CA PRO B 266 -42.68 31.54 4.92
C PRO B 266 -42.99 31.40 3.44
N ASP B 267 -42.19 32.00 2.57
CA ASP B 267 -42.47 31.93 1.13
C ASP B 267 -42.11 30.56 0.58
N LEU B 268 -40.99 29.99 1.02
CA LEU B 268 -40.49 28.73 0.45
C LEU B 268 -41.17 27.50 1.04
N ILE B 269 -41.86 27.63 2.17
CA ILE B 269 -42.50 26.48 2.80
C ILE B 269 -43.74 26.09 2.00
N ASP B 270 -43.96 24.79 1.85
CA ASP B 270 -45.08 24.28 1.09
C ASP B 270 -45.54 22.96 1.69
N ARG B 271 -46.80 22.62 1.44
CA ARG B 271 -47.39 21.37 1.92
C ARG B 271 -46.90 20.24 1.05
N THR B 272 -45.82 19.59 1.48
CA THR B 272 -45.22 18.49 0.75
C THR B 272 -45.26 17.23 1.61
N PHE B 273 -45.46 16.09 0.94
CA PHE B 273 -45.56 14.78 1.58
C PHE B 273 -46.76 14.70 2.51
N SER B 274 -47.01 13.52 3.06
CA SER B 274 -48.14 13.30 3.96
C SER B 274 -47.92 11.99 4.70
N PRO B 275 -48.41 11.88 5.93
CA PRO B 275 -48.32 10.59 6.64
C PRO B 275 -49.06 9.50 5.88
N GLN B 276 -48.49 8.30 5.90
CA GLN B 276 -49.08 7.17 5.19
C GLN B 276 -50.32 6.68 5.92
N GLU B 277 -51.35 6.32 5.15
CA GLU B 277 -52.58 5.77 5.70
C GLU B 277 -52.36 4.29 6.04
N ILE B 278 -53.41 3.68 6.63
CA ILE B 278 -53.44 2.26 6.96
C ILE B 278 -52.43 1.92 8.06
N ALA B 279 -51.21 2.45 7.93
CA ALA B 279 -50.16 2.19 8.90
C ALA B 279 -50.56 2.66 10.30
N GLY B 280 -50.73 1.72 11.22
CA GLY B 280 -51.11 2.06 12.58
C GLY B 280 -49.91 2.45 13.43
N TRP B 281 -49.41 3.66 13.22
CA TRP B 281 -48.23 4.11 13.92
C TRP B 281 -48.54 4.27 15.42
N PRO B 282 -47.54 4.05 16.29
CA PRO B 282 -46.17 3.64 15.99
C PRO B 282 -45.99 2.13 15.96
N ARG B 283 -47.03 1.36 16.30
CA ARG B 283 -46.95 -0.10 16.27
C ARG B 283 -47.55 -0.62 14.97
N SER B 284 -46.78 -0.43 13.90
CA SER B 284 -47.23 -0.85 12.58
C SER B 284 -47.16 -2.36 12.45
N HIS B 285 -48.22 -2.96 11.92
CA HIS B 285 -48.28 -4.39 11.67
C HIS B 285 -47.86 -4.77 10.25
N LYS B 286 -47.43 -3.79 9.45
CA LYS B 286 -47.00 -4.02 8.08
C LYS B 286 -45.54 -3.60 7.93
N SER B 287 -44.74 -4.44 7.28
CA SER B 287 -43.34 -4.15 7.09
C SER B 287 -43.16 -2.91 6.21
N ILE B 288 -42.22 -2.04 6.60
CA ILE B 288 -41.94 -0.81 5.90
C ILE B 288 -40.54 -0.89 5.30
N SER B 289 -40.43 -0.63 4.01
CA SER B 289 -39.13 -0.64 3.35
C SER B 289 -38.38 0.67 3.63
N LEU B 290 -37.08 0.65 3.32
CA LEU B 290 -36.24 1.81 3.60
C LEU B 290 -36.68 3.03 2.79
N ASP B 291 -37.02 2.82 1.51
CA ASP B 291 -37.43 3.94 0.67
C ASP B 291 -38.73 4.56 1.17
N LYS B 292 -39.67 3.72 1.63
CA LYS B 292 -40.90 4.23 2.20
C LYS B 292 -40.63 5.04 3.47
N TYR B 293 -39.71 4.56 4.30
CA TYR B 293 -39.34 5.31 5.50
C TYR B 293 -38.73 6.65 5.15
N MET B 294 -37.86 6.69 4.15
CA MET B 294 -37.26 7.95 3.71
C MET B 294 -38.32 8.89 3.14
N GLU B 295 -39.27 8.36 2.38
CA GLU B 295 -40.35 9.18 1.85
C GLU B 295 -41.19 9.76 2.99
N LEU B 296 -41.46 8.96 4.02
CA LEU B 296 -42.20 9.46 5.18
C LEU B 296 -41.41 10.55 5.89
N GLY B 297 -40.09 10.38 6.01
CA GLY B 297 -39.25 11.39 6.63
C GLY B 297 -39.06 12.64 5.80
N ASN B 298 -39.33 12.57 4.50
CA ASN B 298 -39.17 13.71 3.60
C ASN B 298 -40.16 14.84 3.89
N ALA B 299 -41.00 14.72 4.93
CA ALA B 299 -41.91 15.82 5.28
C ALA B 299 -41.12 17.06 5.69
N ASN B 300 -40.05 16.88 6.45
CA ASN B 300 -39.17 17.99 6.83
C ASN B 300 -37.73 17.50 6.75
N GLY B 301 -36.81 18.45 6.72
CA GLY B 301 -35.40 18.12 6.64
C GLY B 301 -34.62 19.03 5.71
N SER B 302 -33.97 18.45 4.70
CA SER B 302 -33.11 19.23 3.82
C SER B 302 -33.89 20.32 3.09
N LYS B 303 -35.09 20.00 2.61
CA LYS B 303 -35.87 20.95 1.84
C LYS B 303 -36.55 22.01 2.70
N LEU B 304 -36.53 21.86 4.03
CA LEU B 304 -37.23 22.78 4.91
C LEU B 304 -36.31 23.52 5.87
N LEU B 305 -35.29 22.86 6.41
CA LEU B 305 -34.43 23.44 7.44
C LEU B 305 -33.35 24.35 6.89
N LYS B 306 -33.48 24.80 5.64
CA LYS B 306 -32.46 25.69 5.08
C LYS B 306 -32.42 27.03 5.81
N ASP B 307 -33.59 27.58 6.13
CA ASP B 307 -33.66 28.87 6.80
C ASP B 307 -33.16 28.78 8.24
N LYS B 308 -32.54 29.86 8.71
CA LYS B 308 -31.96 29.87 10.05
C LYS B 308 -33.03 29.74 11.13
N GLY B 309 -34.14 30.47 10.99
CA GLY B 309 -35.16 30.46 12.03
C GLY B 309 -35.80 29.11 12.22
N CYS B 310 -36.12 28.43 11.11
CA CYS B 310 -36.70 27.09 11.22
C CYS B 310 -35.75 26.12 11.88
N LEU B 311 -34.46 26.19 11.52
CA LEU B 311 -33.47 25.31 12.13
C LEU B 311 -33.35 25.56 13.63
N ILE B 312 -33.32 26.84 14.03
CA ILE B 312 -33.21 27.17 15.45
C ILE B 312 -34.43 26.68 16.20
N ARG B 313 -35.63 26.88 15.64
CA ARG B 313 -36.83 26.40 16.30
C ARG B 313 -36.83 24.89 16.42
N GLN B 314 -36.39 24.19 15.36
CA GLN B 314 -36.37 22.73 15.39
C GLN B 314 -35.40 22.21 16.44
N VAL B 315 -34.20 22.80 16.53
CA VAL B 315 -33.23 22.32 17.50
C VAL B 315 -33.68 22.66 18.92
N GLU B 316 -34.31 23.81 19.12
CA GLU B 316 -34.85 24.15 20.43
C GLU B 316 -35.93 23.17 20.85
N LEU B 317 -36.83 22.82 19.92
CA LEU B 317 -37.87 21.85 20.23
C LEU B 317 -37.27 20.48 20.53
N LEU B 318 -36.23 20.09 19.78
CA LEU B 318 -35.57 18.82 20.04
C LEU B 318 -34.97 18.78 21.43
N TYR B 319 -34.29 19.87 21.83
CA TYR B 319 -33.71 19.91 23.18
C TYR B 319 -34.80 19.90 24.25
N GLN B 320 -35.90 20.61 24.02
CA GLN B 320 -36.99 20.61 24.98
C GLN B 320 -37.59 19.22 25.13
N SER B 321 -37.79 18.51 24.03
CA SER B 321 -38.30 17.15 24.10
C SER B 321 -37.31 16.22 24.80
N LEU B 322 -36.02 16.41 24.55
CA LEU B 322 -35.01 15.59 25.23
C LEU B 322 -35.04 15.81 26.73
N VAL B 323 -35.13 17.07 27.16
CA VAL B 323 -35.17 17.37 28.59
C VAL B 323 -36.45 16.81 29.21
N ASN B 324 -37.58 16.98 28.54
CA ASN B 324 -38.85 16.50 29.07
C ASN B 324 -38.92 14.98 29.14
N ASP B 325 -38.05 14.29 28.43
CA ASP B 325 -37.99 12.83 28.47
C ASP B 325 -36.99 12.32 29.49
N ASN B 326 -36.45 13.20 30.34
CA ASN B 326 -35.51 12.83 31.40
C ASN B 326 -34.24 12.20 30.84
N VAL B 327 -33.85 12.59 29.63
CA VAL B 327 -32.58 12.15 29.06
C VAL B 327 -31.47 13.02 29.62
N ALA B 328 -30.41 12.38 30.12
CA ALA B 328 -29.30 13.11 30.72
C ALA B 328 -28.16 13.38 29.76
N TYR B 329 -27.97 12.53 28.75
CA TYR B 329 -26.91 12.72 27.76
C TYR B 329 -27.42 12.26 26.41
N ALA B 330 -27.00 12.96 25.35
CA ALA B 330 -27.42 12.63 24.01
C ALA B 330 -26.32 13.00 23.03
N GLU B 331 -26.34 12.35 21.87
CA GLU B 331 -25.41 12.62 20.79
C GLU B 331 -26.21 12.83 19.51
N ILE B 332 -26.48 14.08 19.17
CA ILE B 332 -27.34 14.41 18.04
C ILE B 332 -26.53 14.28 16.75
N ARG B 333 -27.08 13.53 15.79
CA ARG B 333 -26.47 13.40 14.47
C ARG B 333 -27.10 14.41 13.53
N CYS B 334 -26.26 15.16 12.83
CA CYS B 334 -26.72 16.20 11.93
C CYS B 334 -25.94 16.12 10.62
N SER B 335 -26.56 16.61 9.55
CA SER B 335 -25.93 16.69 8.24
C SER B 335 -25.86 18.15 7.81
N PRO B 336 -24.73 18.82 8.04
CA PRO B 336 -24.65 20.25 7.71
C PRO B 336 -24.88 20.57 6.25
N ASN B 337 -24.45 19.70 5.33
CA ASN B 337 -24.60 19.99 3.91
C ASN B 337 -26.05 19.94 3.47
N ASN B 338 -26.88 19.20 4.21
CA ASN B 338 -28.32 19.04 3.82
C ASN B 338 -29.11 20.28 4.22
N TYR B 339 -28.51 21.21 4.96
CA TYR B 339 -29.17 22.44 5.35
C TYR B 339 -28.47 23.69 4.87
N ALA B 340 -27.33 23.56 4.20
CA ALA B 340 -26.62 24.71 3.67
C ALA B 340 -27.31 25.26 2.44
N ASP B 341 -27.11 26.55 2.19
CA ASP B 341 -27.66 27.20 1.01
C ASP B 341 -26.74 28.36 0.63
N LYS B 342 -26.04 28.22 -0.50
CA LYS B 342 -25.10 29.25 -0.93
C LYS B 342 -25.81 30.52 -1.38
N ASN B 343 -27.08 30.44 -1.78
CA ASN B 343 -27.78 31.61 -2.28
C ASN B 343 -27.95 32.67 -1.20
N LYS B 344 -28.07 32.26 0.07
CA LYS B 344 -28.25 33.18 1.18
C LYS B 344 -26.99 33.29 2.04
N ASN B 345 -25.83 32.91 1.50
CA ASN B 345 -24.57 32.92 2.23
C ASN B 345 -24.66 32.09 3.52
N ARG B 346 -25.30 30.93 3.41
CA ARG B 346 -25.47 30.01 4.54
C ARG B 346 -24.77 28.70 4.17
N SER B 347 -23.49 28.61 4.48
CA SER B 347 -22.72 27.41 4.19
C SER B 347 -22.94 26.35 5.26
N ALA B 348 -22.38 25.16 5.02
CA ALA B 348 -22.51 24.07 5.98
C ALA B 348 -21.84 24.43 7.30
N TRP B 349 -20.67 25.09 7.23
CA TRP B 349 -19.98 25.48 8.45
C TRP B 349 -20.82 26.45 9.27
N VAL B 350 -21.49 27.39 8.60
CA VAL B 350 -22.35 28.34 9.33
C VAL B 350 -23.51 27.62 10.00
N VAL B 351 -24.11 26.65 9.30
CA VAL B 351 -25.22 25.89 9.88
C VAL B 351 -24.75 25.12 11.10
N LEU B 352 -23.60 24.46 10.99
CA LEU B 352 -23.08 23.70 12.12
C LEU B 352 -22.73 24.61 13.29
N GLN B 353 -22.16 25.78 12.99
CA GLN B 353 -21.83 26.74 14.05
C GLN B 353 -23.09 27.23 14.75
N ASP B 354 -24.15 27.48 13.98
CA ASP B 354 -25.41 27.90 14.58
C ASP B 354 -25.98 26.81 15.48
N ILE B 355 -25.92 25.56 15.02
CA ILE B 355 -26.44 24.45 15.83
C ILE B 355 -25.64 24.34 17.13
N ASN B 356 -24.31 24.40 17.03
CA ASN B 356 -23.48 24.30 18.22
C ASN B 356 -23.75 25.45 19.18
N ASP B 357 -23.87 26.67 18.64
CA ASP B 357 -24.10 27.83 19.50
C ASP B 357 -25.45 27.75 20.21
N THR B 358 -26.50 27.35 19.49
CA THR B 358 -27.81 27.27 20.14
C THR B 358 -27.85 26.15 21.17
N PHE B 359 -27.19 25.02 20.89
CA PHE B 359 -27.13 23.96 21.89
C PHE B 359 -26.38 24.42 23.13
N THR B 360 -25.25 25.11 22.95
CA THR B 360 -24.50 25.61 24.09
C THR B 360 -25.31 26.62 24.89
N ARG B 361 -26.02 27.52 24.20
CA ARG B 361 -26.85 28.50 24.90
C ARG B 361 -27.95 27.82 25.69
N LEU B 362 -28.62 26.82 25.10
CA LEU B 362 -29.68 26.12 25.80
C LEU B 362 -29.14 25.40 27.03
N ILE B 363 -28.01 24.71 26.88
CA ILE B 363 -27.45 23.98 28.01
C ILE B 363 -27.04 24.94 29.12
N THR B 364 -26.40 26.06 28.77
CA THR B 364 -25.98 27.02 29.78
C THR B 364 -27.19 27.63 30.49
N GLU B 365 -28.24 27.97 29.75
CA GLU B 365 -29.42 28.56 30.39
C GLU B 365 -30.15 27.55 31.25
N ALA B 366 -30.06 26.26 30.90
CA ALA B 366 -30.68 25.24 31.75
C ALA B 366 -29.84 25.01 33.01
N LYS B 367 -28.52 25.08 32.89
CA LYS B 367 -27.66 24.91 34.05
C LYS B 367 -27.75 26.09 35.01
N GLN B 368 -27.98 27.29 34.48
CA GLN B 368 -27.99 28.49 35.33
C GLN B 368 -29.11 28.43 36.35
N LYS B 369 -30.28 27.94 35.96
CA LYS B 369 -31.41 27.85 36.87
C LYS B 369 -31.36 26.61 37.76
N ASN B 370 -30.32 25.79 37.64
CA ASN B 370 -30.10 24.64 38.50
C ASN B 370 -31.27 23.65 38.44
N GLN B 371 -31.49 23.12 37.25
CA GLN B 371 -32.53 22.12 37.02
C GLN B 371 -31.93 20.97 36.19
N PHE B 372 -32.77 19.98 35.91
CA PHE B 372 -32.34 18.87 35.07
C PHE B 372 -32.11 19.35 33.65
N TYR B 373 -30.95 18.99 33.12
CA TYR B 373 -30.67 19.36 31.72
C TYR B 373 -30.11 18.13 31.01
N CYS B 374 -30.04 18.21 29.70
CA CYS B 374 -29.53 17.12 28.88
C CYS B 374 -28.30 17.62 28.14
N HIS B 375 -27.12 17.22 28.61
CA HIS B 375 -25.90 17.52 27.89
C HIS B 375 -25.91 16.80 26.54
N VAL B 376 -25.55 17.53 25.48
CA VAL B 376 -25.59 16.97 24.14
C VAL B 376 -24.23 17.15 23.47
N ASN B 377 -23.96 16.25 22.52
CA ASN B 377 -22.77 16.33 21.69
C ASN B 377 -23.18 16.09 20.25
N LEU B 378 -22.31 16.48 19.33
CA LEU B 378 -22.63 16.47 17.91
C LEU B 378 -21.88 15.35 17.19
N LEU B 379 -22.51 14.81 16.15
CA LEU B 379 -21.90 13.88 15.22
C LEU B 379 -22.13 14.39 13.81
N VAL B 380 -21.08 14.43 13.00
CA VAL B 380 -21.17 14.86 11.62
C VAL B 380 -21.39 13.64 10.75
N ILE B 381 -22.49 13.61 10.02
CA ILE B 381 -22.83 12.46 9.19
C ILE B 381 -22.09 12.58 7.86
N ALA B 382 -21.15 11.66 7.63
CA ALA B 382 -20.42 11.61 6.36
C ALA B 382 -21.08 10.58 5.44
N SER B 383 -22.29 10.92 5.01
CA SER B 383 -23.09 10.01 4.22
C SER B 383 -22.57 9.91 2.80
N ARG B 384 -23.23 9.08 2.00
CA ARG B 384 -22.85 8.83 0.62
C ARG B 384 -23.99 9.22 -0.32
N LYS B 385 -23.65 9.92 -1.39
CA LYS B 385 -24.63 10.40 -2.35
C LYS B 385 -24.56 9.70 -3.69
N PHE B 386 -23.37 9.65 -4.31
CA PHE B 386 -23.11 8.99 -5.59
C PHE B 386 -23.85 9.64 -6.75
N SER B 387 -24.53 10.76 -6.53
CA SER B 387 -25.13 11.54 -7.61
C SER B 387 -24.23 12.68 -8.05
N GLY B 388 -22.92 12.49 -7.95
CA GLY B 388 -21.94 13.54 -8.16
C GLY B 388 -21.30 13.95 -6.84
N ASP B 389 -20.36 14.90 -6.97
CA ASP B 389 -19.60 15.45 -5.85
C ASP B 389 -19.19 14.37 -4.85
N LEU B 390 -18.40 13.41 -5.36
CA LEU B 390 -17.92 12.32 -4.52
C LEU B 390 -17.00 12.81 -3.41
N SER B 391 -16.48 14.02 -3.53
CA SER B 391 -15.64 14.63 -2.49
C SER B 391 -16.41 14.98 -1.23
N ASP B 392 -17.75 14.90 -1.29
CA ASP B 392 -18.56 15.33 -0.17
C ASP B 392 -18.09 14.71 1.14
N ILE B 393 -17.91 13.38 1.14
CA ILE B 393 -17.41 12.68 2.33
C ILE B 393 -16.19 13.40 2.86
N SER B 394 -15.15 13.53 2.03
CA SER B 394 -13.94 14.23 2.47
C SER B 394 -14.28 15.59 3.04
N LYS B 395 -15.08 16.39 2.30
CA LYS B 395 -15.45 17.70 2.80
C LYS B 395 -16.05 17.59 4.19
N HIS B 396 -17.04 16.72 4.36
CA HIS B 396 -17.65 16.55 5.67
C HIS B 396 -16.58 16.26 6.72
N LEU B 397 -15.72 15.28 6.43
CA LEU B 397 -14.66 14.96 7.39
C LEU B 397 -13.87 16.20 7.73
N ALA B 398 -13.39 16.93 6.71
CA ALA B 398 -12.62 18.14 6.96
C ALA B 398 -13.40 19.07 7.88
N LEU B 399 -14.68 19.31 7.56
CA LEU B 399 -15.48 20.19 8.38
C LEU B 399 -15.43 19.76 9.83
N ALA B 400 -15.73 18.48 10.09
CA ALA B 400 -15.74 17.99 11.46
C ALA B 400 -14.42 18.31 12.14
N ILE B 401 -13.31 17.99 11.49
CA ILE B 401 -12.00 18.20 12.11
C ILE B 401 -11.85 19.67 12.49
N THR B 402 -12.16 20.57 11.55
CA THR B 402 -11.97 21.98 11.82
C THR B 402 -12.82 22.41 13.00
N ALA B 403 -14.04 21.89 13.09
CA ALA B 403 -14.91 22.32 14.18
C ALA B 403 -14.44 21.80 15.52
N MET B 404 -13.68 20.70 15.56
CA MET B 404 -13.11 20.28 16.84
C MET B 404 -12.18 21.32 17.40
N GLN B 405 -11.65 22.20 16.55
CA GLN B 405 -10.78 23.22 17.09
C GLN B 405 -11.54 24.34 17.76
N GLN B 406 -12.85 24.20 17.97
CA GLN B 406 -13.58 25.18 18.77
C GLN B 406 -13.04 25.24 20.19
N GLY B 407 -12.76 24.08 20.79
CA GLY B 407 -12.17 24.03 22.11
C GLY B 407 -13.15 24.26 23.24
N GLU B 408 -13.71 25.47 23.29
CA GLU B 408 -14.63 25.84 24.36
C GLU B 408 -16.01 25.26 24.08
N GLY B 409 -16.99 25.64 24.91
CA GLY B 409 -18.36 25.23 24.71
C GLY B 409 -18.68 23.89 25.35
N VAL B 410 -19.81 23.84 26.05
CA VAL B 410 -20.26 22.58 26.63
C VAL B 410 -20.67 21.58 25.56
N CYS B 411 -21.03 22.05 24.38
CA CYS B 411 -21.41 21.19 23.27
C CYS B 411 -20.31 21.20 22.22
N ARG B 412 -19.84 20.02 21.84
CA ARG B 412 -18.80 19.89 20.84
C ARG B 412 -18.99 18.58 20.09
N ILE B 413 -18.51 18.55 18.86
CA ILE B 413 -18.61 17.35 18.04
C ILE B 413 -17.59 16.32 18.50
N VAL B 414 -18.03 15.08 18.64
CA VAL B 414 -17.18 14.03 19.18
C VAL B 414 -16.94 12.88 18.20
N GLY B 415 -17.66 12.82 17.10
CA GLY B 415 -17.46 11.72 16.18
C GLY B 415 -18.17 11.96 14.87
N VAL B 416 -18.02 11.00 13.96
CA VAL B 416 -18.64 11.06 12.65
C VAL B 416 -19.46 9.79 12.44
N ASP B 417 -20.44 9.89 11.55
CA ASP B 417 -21.36 8.79 11.25
C ASP B 417 -21.21 8.39 9.79
N LEU B 418 -21.10 7.10 9.55
CA LEU B 418 -20.96 6.58 8.18
C LEU B 418 -22.29 6.08 7.64
N ALA B 419 -23.22 7.03 7.49
CA ALA B 419 -24.58 6.71 7.05
C ALA B 419 -24.59 6.50 5.54
N GLY B 420 -25.79 6.43 4.97
CA GLY B 420 -25.95 6.18 3.55
C GLY B 420 -26.13 4.71 3.23
N PHE B 421 -26.29 4.44 1.94
CA PHE B 421 -26.42 3.06 1.48
C PHE B 421 -25.13 2.29 1.76
N GLU B 422 -25.30 1.03 2.19
CA GLU B 422 -24.17 0.21 2.63
C GLU B 422 -23.96 -0.99 1.71
N ASN B 423 -24.04 -0.75 0.40
CA ASN B 423 -23.78 -1.82 -0.56
C ASN B 423 -22.29 -2.11 -0.63
N LYS B 424 -21.95 -3.20 -1.34
CA LYS B 424 -20.56 -3.62 -1.45
C LYS B 424 -19.72 -2.57 -2.17
N GLU B 425 -20.29 -1.93 -3.21
CA GLU B 425 -19.51 -0.99 -4.01
C GLU B 425 -19.05 0.21 -3.19
N THR B 426 -19.80 0.58 -2.15
CA THR B 426 -19.43 1.70 -1.29
C THR B 426 -19.13 1.24 0.14
N ARG B 427 -18.62 0.03 0.29
CA ARG B 427 -18.29 -0.50 1.60
C ARG B 427 -17.08 0.25 2.17
N ALA B 428 -16.65 -0.16 3.37
CA ALA B 428 -15.57 0.50 4.07
C ALA B 428 -14.19 0.01 3.62
N SER B 429 -14.08 -0.58 2.43
CA SER B 429 -12.84 -1.15 1.94
C SER B 429 -12.10 -0.23 0.98
N TYR B 430 -12.40 1.07 1.00
CA TYR B 430 -11.70 2.02 0.13
C TYR B 430 -11.25 3.28 0.85
N TYR B 431 -11.86 3.59 2.00
CA TYR B 431 -11.71 4.89 2.62
C TYR B 431 -10.74 4.90 3.81
N GLU B 432 -9.84 3.93 3.91
CA GLU B 432 -8.87 3.94 4.99
C GLU B 432 -7.95 5.15 4.92
N HIS B 433 -7.52 5.51 3.71
CA HIS B 433 -6.61 6.64 3.55
C HIS B 433 -7.26 7.94 4.00
N ASP B 434 -8.54 8.14 3.66
CA ASP B 434 -9.24 9.33 4.11
C ASP B 434 -9.42 9.33 5.63
N PHE B 435 -9.72 8.17 6.21
CA PHE B 435 -10.03 8.10 7.63
C PHE B 435 -8.80 8.06 8.52
N LYS B 436 -7.62 7.89 7.96
CA LYS B 436 -6.41 7.97 8.77
C LYS B 436 -6.31 9.34 9.44
N ALA B 437 -6.60 10.41 8.70
CA ALA B 437 -6.52 11.75 9.26
C ALA B 437 -7.52 11.96 10.38
N VAL B 438 -8.76 11.51 10.19
CA VAL B 438 -9.78 11.72 11.22
C VAL B 438 -9.45 10.89 12.46
N HIS B 439 -8.87 9.70 12.29
CA HIS B 439 -8.41 8.94 13.45
C HIS B 439 -7.29 9.67 14.17
N ARG B 440 -6.34 10.24 13.40
CA ARG B 440 -5.21 10.93 14.01
C ARG B 440 -5.67 12.15 14.80
N CYS B 441 -6.65 12.88 14.27
CA CYS B 441 -7.10 14.12 14.94
C CYS B 441 -7.71 13.83 16.30
N GLY B 442 -8.51 12.76 16.41
CA GLY B 442 -9.10 12.41 17.68
C GLY B 442 -10.62 12.33 17.65
N LEU B 443 -11.19 12.11 16.48
CA LEU B 443 -12.63 11.91 16.33
C LEU B 443 -12.95 10.43 16.36
N ALA B 444 -13.98 10.07 17.11
CA ALA B 444 -14.46 8.70 17.07
C ALA B 444 -15.21 8.45 15.77
N VAL B 445 -15.34 7.18 15.41
CA VAL B 445 -15.99 6.79 14.17
C VAL B 445 -17.12 5.82 14.49
N THR B 446 -18.31 6.12 13.99
CA THR B 446 -19.48 5.27 14.16
C THR B 446 -19.91 4.75 12.79
N ALA B 447 -20.05 3.44 12.68
CA ALA B 447 -20.42 2.78 11.43
C ALA B 447 -21.91 2.50 11.42
N HIS B 448 -22.59 2.88 10.33
CA HIS B 448 -24.02 2.67 10.18
C HIS B 448 -24.34 1.39 9.42
N ALA B 449 -23.46 0.39 9.49
CA ALA B 449 -23.65 -0.84 8.72
C ALA B 449 -24.75 -1.70 9.34
N GLY B 450 -26.00 -1.43 8.98
CA GLY B 450 -27.12 -2.19 9.48
C GLY B 450 -27.94 -2.84 8.39
N GLU B 451 -27.85 -2.30 7.17
CA GLU B 451 -28.60 -2.80 6.03
C GLU B 451 -27.67 -3.53 5.08
N ASN B 452 -28.13 -4.69 4.60
CA ASN B 452 -27.34 -5.60 3.76
C ASN B 452 -25.90 -5.70 4.26
N ASP B 453 -25.77 -5.90 5.57
CA ASP B 453 -24.48 -5.88 6.26
C ASP B 453 -23.86 -7.26 6.20
N ASP B 454 -23.00 -7.48 5.21
CA ASP B 454 -22.22 -8.70 5.15
C ASP B 454 -21.19 -8.71 6.28
N PRO B 455 -20.87 -9.89 6.81
CA PRO B 455 -19.89 -9.94 7.91
C PRO B 455 -18.53 -9.36 7.54
N GLU B 456 -18.13 -9.49 6.28
CA GLU B 456 -16.86 -8.91 5.86
C GLU B 456 -16.88 -7.38 5.99
N GLY B 457 -17.99 -6.76 5.61
CA GLY B 457 -18.10 -5.32 5.75
C GLY B 457 -18.05 -4.86 7.19
N ILE B 458 -18.74 -5.58 8.07
CA ILE B 458 -18.71 -5.25 9.49
C ILE B 458 -17.31 -5.41 10.04
N TRP B 459 -16.62 -6.49 9.64
CA TRP B 459 -15.24 -6.69 10.10
C TRP B 459 -14.33 -5.57 9.62
N GLN B 460 -14.50 -5.13 8.36
CA GLN B 460 -13.71 -4.02 7.85
C GLN B 460 -14.00 -2.75 8.64
N ALA B 461 -15.27 -2.50 8.97
CA ALA B 461 -15.61 -1.33 9.76
C ALA B 461 -14.97 -1.41 11.15
N VAL B 462 -14.94 -2.60 11.74
CA VAL B 462 -14.37 -2.76 13.07
C VAL B 462 -12.86 -2.53 13.04
N TYR B 463 -12.17 -3.09 12.05
CA TYR B 463 -10.72 -3.07 12.01
C TYR B 463 -10.16 -1.98 11.10
N SER B 464 -10.55 -1.99 9.82
CA SER B 464 -10.02 -0.99 8.89
C SER B 464 -10.46 0.42 9.26
N LEU B 465 -11.74 0.57 9.62
CA LEU B 465 -12.28 1.88 9.98
C LEU B 465 -12.13 2.20 11.46
N HIS B 466 -11.70 1.24 12.28
CA HIS B 466 -11.51 1.46 13.71
C HIS B 466 -12.77 2.04 14.37
N ALA B 467 -13.93 1.53 13.96
CA ALA B 467 -15.19 2.04 14.46
C ALA B 467 -15.34 1.72 15.94
N ARG B 468 -15.65 2.74 16.73
CA ARG B 468 -15.83 2.57 18.17
C ARG B 468 -17.26 2.22 18.55
N ARG B 469 -18.19 2.25 17.60
CA ARG B 469 -19.59 1.94 17.90
C ARG B 469 -20.30 1.66 16.59
N LEU B 470 -20.97 0.50 16.52
CA LEU B 470 -21.67 0.10 15.32
C LEU B 470 -23.12 0.56 15.34
N GLY B 471 -23.71 0.67 14.15
CA GLY B 471 -25.09 1.07 14.00
C GLY B 471 -25.94 -0.12 13.60
N HIS B 472 -27.00 -0.35 14.39
CA HIS B 472 -27.91 -1.47 14.17
C HIS B 472 -27.15 -2.80 14.17
N ALA B 473 -26.86 -3.33 12.99
CA ALA B 473 -26.14 -4.59 12.83
C ALA B 473 -26.80 -5.69 13.64
N LEU B 474 -28.04 -6.00 13.27
CA LEU B 474 -28.86 -6.98 13.98
C LEU B 474 -28.57 -8.41 13.57
N ASN B 475 -27.67 -8.63 12.60
CA ASN B 475 -27.38 -9.97 12.08
C ASN B 475 -26.08 -10.53 12.66
N LEU B 476 -25.76 -10.22 13.91
CA LEU B 476 -24.57 -10.77 14.54
C LEU B 476 -24.78 -12.17 15.10
N LEU B 477 -26.04 -12.62 15.20
CA LEU B 477 -26.30 -13.95 15.74
C LEU B 477 -25.70 -15.04 14.86
N GLU B 478 -25.80 -14.88 13.54
CA GLU B 478 -25.35 -15.94 12.64
C GLU B 478 -23.84 -16.09 12.63
N ALA B 479 -23.10 -14.99 12.84
CA ALA B 479 -21.64 -15.05 12.79
C ALA B 479 -21.09 -15.14 14.20
N PRO B 480 -20.52 -16.28 14.61
CA PRO B 480 -20.00 -16.38 15.97
C PRO B 480 -18.66 -15.70 16.15
N ASP B 481 -17.79 -15.79 15.14
CA ASP B 481 -16.49 -15.15 15.22
C ASP B 481 -16.63 -13.63 15.27
N LEU B 482 -17.54 -13.08 14.46
CA LEU B 482 -17.76 -11.64 14.47
C LEU B 482 -18.28 -11.17 15.83
N MET B 483 -19.22 -11.92 16.41
CA MET B 483 -19.73 -11.56 17.72
C MET B 483 -18.65 -11.65 18.79
N ARG B 484 -17.80 -12.69 18.69
CA ARG B 484 -16.71 -12.82 19.65
C ARG B 484 -15.75 -11.64 19.55
N THR B 485 -15.41 -11.23 18.33
CA THR B 485 -14.53 -10.08 18.15
C THR B 485 -15.17 -8.81 18.70
N VAL B 486 -16.46 -8.61 18.42
CA VAL B 486 -17.14 -7.41 18.90
C VAL B 486 -17.17 -7.40 20.43
N ILE B 487 -17.45 -8.54 21.05
CA ILE B 487 -17.49 -8.61 22.50
C ILE B 487 -16.11 -8.33 23.09
N GLU B 488 -15.08 -8.96 22.54
CA GLU B 488 -13.74 -8.81 23.08
C GLU B 488 -13.23 -7.38 22.94
N ARG B 489 -13.46 -6.75 21.79
CA ARG B 489 -12.94 -5.41 21.55
C ARG B 489 -13.69 -4.34 22.31
N LYS B 490 -14.82 -4.67 22.94
CA LYS B 490 -15.62 -3.73 23.71
C LYS B 490 -16.08 -2.55 22.84
N ILE B 491 -16.69 -2.87 21.71
CA ILE B 491 -17.26 -1.88 20.81
C ILE B 491 -18.78 -1.96 20.93
N GLY B 492 -19.41 -0.79 20.97
CA GLY B 492 -20.84 -0.75 21.20
C GLY B 492 -21.65 -0.98 19.94
N VAL B 493 -22.90 -1.40 20.14
CA VAL B 493 -23.88 -1.53 19.07
C VAL B 493 -25.13 -0.77 19.48
N GLU B 494 -25.59 0.12 18.61
CA GLU B 494 -26.78 0.94 18.85
C GLU B 494 -27.92 0.31 18.09
N MET B 495 -28.97 -0.10 18.82
CA MET B 495 -30.17 -0.64 18.17
C MET B 495 -31.39 0.12 18.66
N CYS B 496 -32.19 0.59 17.72
CA CYS B 496 -33.44 1.28 18.05
C CYS B 496 -34.58 0.30 17.90
N PRO B 497 -35.21 -0.13 19.00
CA PRO B 497 -36.24 -1.17 18.89
C PRO B 497 -37.40 -0.80 17.98
N TYR B 498 -37.86 0.45 18.02
CA TYR B 498 -39.04 0.82 17.24
C TYR B 498 -38.73 0.87 15.75
N ALA B 499 -37.60 1.48 15.37
CA ALA B 499 -37.25 1.58 13.95
C ALA B 499 -37.01 0.20 13.36
N ASN B 500 -36.27 -0.65 14.07
CA ASN B 500 -36.00 -1.99 13.56
C ASN B 500 -37.25 -2.84 13.55
N TYR B 501 -38.13 -2.65 14.53
CA TYR B 501 -39.39 -3.39 14.54
C TYR B 501 -40.28 -2.99 13.38
N GLN B 502 -40.30 -1.69 13.04
CA GLN B 502 -41.13 -1.24 11.93
C GLN B 502 -40.55 -1.65 10.59
N ILE B 503 -39.22 -1.61 10.46
CA ILE B 503 -38.58 -1.88 9.17
C ILE B 503 -38.37 -3.37 8.99
N LYS B 504 -37.56 -3.99 9.86
CA LYS B 504 -37.23 -5.39 9.68
C LYS B 504 -38.40 -6.29 10.07
N GLY B 505 -39.06 -5.99 11.17
CA GLY B 505 -40.17 -6.80 11.63
C GLY B 505 -39.75 -7.92 12.57
N PHE B 506 -40.29 -7.91 13.78
CA PHE B 506 -39.99 -8.94 14.77
C PHE B 506 -41.23 -9.21 15.61
N ALA B 507 -41.26 -10.37 16.24
CA ALA B 507 -42.42 -10.78 17.00
C ALA B 507 -42.74 -9.74 18.08
N PRO B 508 -44.02 -9.47 18.35
CA PRO B 508 -45.23 -10.12 17.83
C PRO B 508 -45.75 -9.52 16.52
N MET B 509 -44.88 -9.22 15.57
CA MET B 509 -45.35 -8.79 14.25
C MET B 509 -46.09 -9.92 13.57
N PRO B 510 -47.28 -9.68 13.03
CA PRO B 510 -48.00 -10.74 12.32
C PRO B 510 -47.19 -11.26 11.14
N ASN B 511 -47.24 -12.58 10.95
CA ASN B 511 -46.49 -13.26 9.88
C ASN B 511 -45.00 -12.94 9.97
N PHE B 512 -44.49 -12.87 11.21
CA PHE B 512 -43.08 -12.58 11.44
C PHE B 512 -42.68 -13.22 12.76
N SER B 513 -42.04 -14.39 12.66
CA SER B 513 -41.61 -15.13 13.84
C SER B 513 -40.16 -14.84 14.23
N ALA B 514 -39.50 -13.91 13.55
CA ALA B 514 -38.12 -13.58 13.89
C ALA B 514 -38.06 -12.96 15.28
N LEU B 515 -37.08 -13.40 16.06
CA LEU B 515 -36.92 -12.94 17.44
C LEU B 515 -35.89 -11.82 17.50
N TYR B 516 -36.22 -10.77 18.24
CA TYR B 516 -35.29 -9.67 18.43
C TYR B 516 -34.06 -10.15 19.18
N PRO B 517 -32.85 -9.89 18.69
CA PRO B 517 -31.63 -10.40 19.34
C PRO B 517 -31.13 -9.57 20.51
N LEU B 518 -31.95 -8.66 21.04
CA LEU B 518 -31.49 -7.80 22.13
C LEU B 518 -31.14 -8.62 23.37
N LYS B 519 -32.02 -9.54 23.76
CA LYS B 519 -31.76 -10.34 24.95
C LYS B 519 -30.54 -11.23 24.76
N LYS B 520 -30.41 -11.85 23.59
CA LYS B 520 -29.24 -12.68 23.32
C LYS B 520 -27.96 -11.84 23.31
N TYR B 521 -28.03 -10.64 22.72
CA TYR B 521 -26.87 -9.76 22.71
C TYR B 521 -26.46 -9.39 24.13
N LEU B 522 -27.44 -9.07 24.97
CA LEU B 522 -27.13 -8.71 26.36
C LEU B 522 -26.56 -9.90 27.12
N GLU B 523 -27.10 -11.10 26.90
CA GLU B 523 -26.57 -12.28 27.57
C GLU B 523 -25.14 -12.55 27.13
N ALA B 524 -24.85 -12.38 25.84
CA ALA B 524 -23.51 -12.66 25.34
C ALA B 524 -22.48 -11.71 25.93
N GLY B 525 -22.91 -10.54 26.41
CA GLY B 525 -22.01 -9.56 26.99
C GLY B 525 -21.69 -8.37 26.11
N ILE B 526 -22.37 -8.21 24.98
CA ILE B 526 -22.12 -7.08 24.11
C ILE B 526 -22.52 -5.79 24.82
N LEU B 527 -21.89 -4.69 24.43
CA LEU B 527 -22.23 -3.36 24.95
C LEU B 527 -23.29 -2.77 24.03
N VAL B 528 -24.55 -2.99 24.38
CA VAL B 528 -25.68 -2.64 23.53
C VAL B 528 -26.40 -1.43 24.10
N SER B 529 -26.72 -0.47 23.23
CA SER B 529 -27.44 0.73 23.62
C SER B 529 -28.76 0.80 22.84
N VAL B 530 -29.75 1.43 23.48
CA VAL B 530 -31.08 1.60 22.93
C VAL B 530 -31.30 3.08 22.66
N ASN B 531 -31.76 3.41 21.45
CA ASN B 531 -31.87 4.79 21.02
C ASN B 531 -33.18 4.96 20.25
N THR B 532 -33.31 6.08 19.54
CA THR B 532 -34.53 6.41 18.83
C THR B 532 -34.36 6.57 17.33
N ASP B 533 -33.13 6.73 16.83
CA ASP B 533 -32.86 6.95 15.41
C ASP B 533 -33.48 8.26 14.94
N ASN B 534 -34.81 8.29 14.85
CA ASN B 534 -35.54 9.49 14.49
C ASN B 534 -36.82 9.53 15.32
N ILE B 535 -36.94 10.55 16.18
CA ILE B 535 -38.09 10.64 17.07
C ILE B 535 -39.37 10.88 16.27
N GLY B 536 -39.28 11.68 15.20
CA GLY B 536 -40.45 12.06 14.43
C GLY B 536 -41.13 10.92 13.71
N ILE B 537 -40.46 10.32 12.73
CA ILE B 537 -41.10 9.30 11.90
C ILE B 537 -41.44 8.07 12.73
N SER B 538 -40.54 7.66 13.62
CA SER B 538 -40.84 6.52 14.48
C SER B 538 -42.02 6.80 15.41
N GLY B 539 -42.20 8.06 15.81
CA GLY B 539 -43.31 8.42 16.66
C GLY B 539 -43.19 7.97 18.10
N ALA B 540 -42.04 7.45 18.50
CA ALA B 540 -41.82 6.98 19.86
C ALA B 540 -40.54 7.60 20.41
N ASN B 541 -40.61 8.03 21.66
CA ASN B 541 -39.45 8.62 22.33
C ASN B 541 -38.59 7.50 22.92
N LEU B 542 -37.57 7.89 23.69
CA LEU B 542 -36.69 6.89 24.29
C LEU B 542 -37.42 6.03 25.32
N SER B 543 -38.30 6.65 26.10
CA SER B 543 -39.04 5.89 27.11
C SER B 543 -39.91 4.82 26.47
N GLU B 544 -40.61 5.16 25.39
CA GLU B 544 -41.40 4.16 24.69
C GLU B 544 -40.52 3.11 24.02
N ASN B 545 -39.35 3.51 23.54
CA ASN B 545 -38.42 2.55 22.96
C ASN B 545 -37.99 1.52 23.98
N LEU B 546 -37.69 1.96 25.22
CA LEU B 546 -37.35 1.01 26.27
C LEU B 546 -38.56 0.20 26.71
N LEU B 547 -39.75 0.81 26.71
CA LEU B 547 -40.95 0.11 27.16
C LEU B 547 -41.33 -1.02 26.21
N ILE B 548 -41.12 -0.82 24.91
CA ILE B 548 -41.50 -1.83 23.93
C ILE B 548 -40.75 -3.14 24.09
N LEU B 549 -39.67 -3.14 24.87
CA LEU B 549 -38.93 -4.37 25.13
C LEU B 549 -39.73 -5.37 25.95
N ALA B 550 -40.84 -4.95 26.56
CA ALA B 550 -41.66 -5.88 27.34
C ALA B 550 -42.19 -7.01 26.47
N ASP B 551 -42.64 -6.68 25.26
CA ASP B 551 -43.12 -7.70 24.34
C ASP B 551 -42.19 -7.93 23.15
N LEU B 552 -41.29 -7.00 22.84
CA LEU B 552 -40.34 -7.25 21.77
C LEU B 552 -39.34 -8.33 22.14
N CYS B 553 -38.83 -8.30 23.37
CA CYS B 553 -37.92 -9.33 23.89
C CYS B 553 -38.48 -9.83 25.21
N PRO B 554 -39.28 -10.89 25.18
CA PRO B 554 -39.86 -11.41 26.42
C PRO B 554 -38.80 -11.85 27.41
N GLY B 555 -39.05 -11.59 28.69
CA GLY B 555 -38.17 -12.04 29.75
C GLY B 555 -37.09 -11.07 30.17
N ILE B 556 -36.97 -9.92 29.50
CA ILE B 556 -35.95 -8.94 29.89
C ILE B 556 -36.33 -8.33 31.24
N SER B 557 -35.34 -8.13 32.10
CA SER B 557 -35.53 -7.62 33.44
C SER B 557 -35.14 -6.16 33.53
N ARG B 558 -35.59 -5.50 34.60
CA ARG B 558 -35.27 -4.10 34.81
C ARG B 558 -33.77 -3.91 35.01
N MET B 559 -33.12 -4.85 35.69
CA MET B 559 -31.68 -4.80 35.82
C MET B 559 -31.01 -4.82 34.45
N ASP B 560 -31.62 -5.49 33.47
CA ASP B 560 -31.09 -5.43 32.12
C ASP B 560 -31.26 -4.04 31.51
N VAL B 561 -32.34 -3.33 31.85
CA VAL B 561 -32.48 -1.95 31.40
C VAL B 561 -31.39 -1.07 31.99
N LEU B 562 -31.09 -1.27 33.29
CA LEU B 562 -29.98 -0.54 33.90
C LEU B 562 -28.67 -0.90 33.22
N THR B 563 -28.51 -2.17 32.82
CA THR B 563 -27.33 -2.58 32.07
C THR B 563 -27.24 -1.85 30.74
N ILE B 564 -28.38 -1.69 30.06
CA ILE B 564 -28.40 -0.94 28.81
C ILE B 564 -27.95 0.50 29.04
N ILE B 565 -28.45 1.12 30.10
CA ILE B 565 -28.07 2.49 30.41
C ILE B 565 -26.57 2.58 30.69
N ARG B 566 -26.04 1.63 31.47
CA ARG B 566 -24.61 1.63 31.77
C ARG B 566 -23.77 1.43 30.52
N ASN B 567 -24.20 0.54 29.63
CA ASN B 567 -23.47 0.32 28.39
C ASN B 567 -23.48 1.58 27.52
N SER B 568 -24.64 2.25 27.45
CA SER B 568 -24.72 3.48 26.67
C SER B 568 -23.81 4.56 27.24
N ILE B 569 -23.73 4.64 28.57
CA ILE B 569 -22.80 5.59 29.19
C ILE B 569 -21.36 5.23 28.86
N GLU B 570 -21.03 3.94 28.96
CA GLU B 570 -19.64 3.51 28.76
C GLU B 570 -19.18 3.75 27.33
N THR B 571 -20.03 3.45 26.35
CA THR B 571 -19.62 3.52 24.94
C THR B 571 -19.74 4.93 24.36
N ALA B 572 -20.27 5.89 25.11
CA ALA B 572 -20.42 7.24 24.60
C ALA B 572 -19.07 7.91 24.38
N PHE B 573 -19.00 8.76 23.36
CA PHE B 573 -17.76 9.46 23.00
C PHE B 573 -17.62 10.68 23.89
N ILE B 574 -17.08 10.47 25.09
CA ILE B 574 -16.92 11.52 26.07
C ILE B 574 -15.55 11.44 26.70
N SER B 575 -15.09 12.57 27.24
CA SER B 575 -13.86 12.59 28.00
C SER B 575 -14.03 11.83 29.31
N HIS B 576 -12.90 11.33 29.84
CA HIS B 576 -12.97 10.43 30.99
C HIS B 576 -13.51 11.15 32.22
N ASP B 577 -13.05 12.37 32.48
CA ASP B 577 -13.53 13.10 33.65
C ASP B 577 -15.02 13.41 33.54
N PHE B 578 -15.45 13.85 32.36
CA PHE B 578 -16.88 14.07 32.14
C PHE B 578 -17.65 12.76 32.27
N ARG B 579 -17.08 11.66 31.78
CA ARG B 579 -17.73 10.37 31.91
C ARG B 579 -17.94 10.00 33.37
N MET B 580 -16.92 10.21 34.20
CA MET B 580 -17.06 9.83 35.61
C MET B 580 -18.03 10.75 36.35
N GLU B 581 -18.03 12.04 36.01
CA GLU B 581 -19.03 12.93 36.59
C GLU B 581 -20.43 12.48 36.22
N LEU B 582 -20.63 12.15 34.93
CA LEU B 582 -21.92 11.65 34.48
C LEU B 582 -22.29 10.36 35.20
N LEU B 583 -21.32 9.48 35.43
CA LEU B 583 -21.60 8.21 36.10
C LEU B 583 -22.01 8.43 37.54
N LYS B 584 -21.34 9.33 38.26
CA LYS B 584 -21.72 9.63 39.63
C LYS B 584 -23.14 10.20 39.68
N PHE B 585 -23.43 11.15 38.80
CA PHE B 585 -24.79 11.73 38.78
C PHE B 585 -25.78 10.59 38.51
N PHE B 586 -25.51 9.83 37.45
CA PHE B 586 -26.44 8.76 37.08
C PHE B 586 -26.68 7.81 38.25
N ASP B 587 -25.63 7.48 39.00
CA ASP B 587 -25.80 6.64 40.18
C ASP B 587 -26.77 7.29 41.16
N ARG B 588 -26.59 8.58 41.42
CA ARG B 588 -27.47 9.24 42.39
C ARG B 588 -28.90 9.22 41.86
N LYS B 589 -29.10 9.64 40.60
CA LYS B 589 -30.45 9.76 40.09
C LYS B 589 -31.15 8.41 40.03
N ILE B 590 -30.43 7.37 39.60
CA ILE B 590 -31.03 6.03 39.52
C ILE B 590 -31.39 5.53 40.91
N TYR B 591 -30.51 5.74 41.89
CA TYR B 591 -30.83 5.36 43.26
C TYR B 591 -32.09 6.08 43.74
N ASP B 592 -32.18 7.39 43.49
CA ASP B 592 -33.33 8.15 43.95
C ASP B 592 -34.63 7.64 43.31
N VAL B 593 -34.62 7.46 41.98
CA VAL B 593 -35.85 7.09 41.30
C VAL B 593 -36.27 5.67 41.68
N CYS B 594 -35.30 4.76 41.83
CA CYS B 594 -35.64 3.41 42.24
C CYS B 594 -36.22 3.39 43.66
N LEU B 595 -35.61 4.14 44.57
CA LEU B 595 -36.14 4.21 45.93
C LEU B 595 -37.55 4.80 45.94
N ILE B 596 -37.78 5.86 45.17
CA ILE B 596 -39.10 6.49 45.13
C ILE B 596 -40.13 5.52 44.57
N SER B 597 -39.78 4.85 43.47
CA SER B 597 -40.74 3.93 42.84
C SER B 597 -41.06 2.76 43.75
N ILE B 598 -40.06 2.23 44.46
CA ILE B 598 -40.32 1.10 45.35
C ILE B 598 -41.15 1.53 46.55
N LYS B 599 -40.83 2.69 47.13
CA LYS B 599 -41.58 3.15 48.29
C LYS B 599 -43.01 3.56 47.95
N ASN B 600 -43.31 3.78 46.67
CA ASN B 600 -44.66 4.15 46.25
C ASN B 600 -45.24 3.10 45.32
N SER C 2 46.85 -53.79 -40.21
CA SER C 2 45.81 -54.39 -39.37
C SER C 2 46.01 -55.90 -39.27
N ARG C 3 45.12 -56.56 -38.52
CA ARG C 3 45.11 -58.01 -38.37
C ARG C 3 46.44 -58.52 -37.82
N VAL C 4 46.69 -58.12 -36.58
CA VAL C 4 47.89 -58.53 -35.85
C VAL C 4 47.50 -59.64 -34.88
N LEU C 5 48.19 -60.77 -34.96
CA LEU C 5 47.94 -61.91 -34.08
C LEU C 5 48.90 -61.85 -32.90
N LEU C 6 48.36 -62.00 -31.69
CA LEU C 6 49.15 -62.07 -30.49
C LEU C 6 48.86 -63.37 -29.75
N CYS C 7 49.91 -63.98 -29.21
CA CYS C 7 49.79 -65.25 -28.50
C CYS C 7 50.87 -65.31 -27.43
N SER C 8 50.54 -65.92 -26.31
CA SER C 8 51.47 -66.10 -25.19
C SER C 8 51.81 -67.59 -25.12
N ALA C 9 52.82 -67.99 -25.89
CA ALA C 9 53.27 -69.38 -25.92
C ALA C 9 54.43 -69.54 -24.95
N GLY C 10 54.23 -70.35 -23.92
CA GLY C 10 55.24 -70.55 -22.91
C GLY C 10 56.07 -71.81 -23.13
N HIS C 11 55.81 -72.84 -22.33
CA HIS C 11 56.56 -74.09 -22.47
C HIS C 11 56.21 -74.80 -23.78
N SER C 12 55.01 -74.59 -24.30
CA SER C 12 54.54 -75.26 -25.51
C SER C 12 54.74 -74.35 -26.71
N SER C 13 55.39 -74.87 -27.74
CA SER C 13 55.60 -74.15 -29.00
C SER C 13 54.60 -74.56 -30.08
N MET C 14 53.62 -75.40 -29.73
CA MET C 14 52.70 -75.98 -30.71
C MET C 14 51.33 -75.32 -30.73
N VAL C 15 51.20 -74.13 -30.15
CA VAL C 15 49.90 -73.46 -30.08
C VAL C 15 49.72 -72.38 -31.14
N VAL C 16 50.79 -71.85 -31.71
CA VAL C 16 50.72 -70.74 -32.67
C VAL C 16 50.34 -71.21 -34.08
N PRO C 17 50.95 -72.26 -34.64
CA PRO C 17 50.64 -72.59 -36.04
C PRO C 17 49.17 -72.87 -36.31
N GLU C 18 48.48 -73.55 -35.41
CA GLU C 18 47.05 -73.80 -35.62
C GLU C 18 46.22 -72.56 -35.33
N ALA C 19 46.66 -71.71 -34.41
CA ALA C 19 45.99 -70.44 -34.17
C ALA C 19 46.12 -69.50 -35.36
N PHE C 20 47.14 -69.70 -36.20
CA PHE C 20 47.28 -68.87 -37.40
C PHE C 20 46.10 -69.07 -38.34
N HIS C 21 45.59 -70.29 -38.43
CA HIS C 21 44.47 -70.60 -39.31
C HIS C 21 43.12 -70.33 -38.66
N ALA C 22 43.08 -69.50 -37.61
CA ALA C 22 41.80 -69.16 -37.01
C ALA C 22 40.90 -68.42 -37.99
N VAL C 23 41.46 -67.48 -38.74
CA VAL C 23 40.73 -66.78 -39.79
C VAL C 23 40.64 -67.69 -41.01
N PRO C 24 39.58 -67.60 -41.80
CA PRO C 24 39.46 -68.45 -42.99
C PRO C 24 40.01 -67.85 -44.27
N GLU C 25 40.72 -66.71 -44.21
CA GLU C 25 41.25 -66.04 -45.38
C GLU C 25 42.70 -65.62 -45.22
N GLY C 26 43.41 -66.22 -44.26
CA GLY C 26 44.80 -65.87 -44.03
C GLY C 26 44.94 -64.72 -43.03
N PHE C 27 46.12 -64.65 -42.43
CA PHE C 27 46.42 -63.69 -41.37
C PHE C 27 47.57 -62.79 -41.80
N GLU C 28 47.46 -61.50 -41.46
CA GLU C 28 48.43 -60.51 -41.94
C GLU C 28 49.79 -60.73 -41.29
N GLU C 29 49.86 -60.67 -39.96
CA GLU C 29 51.13 -60.81 -39.27
C GLU C 29 50.89 -61.45 -37.91
N VAL C 30 51.96 -62.04 -37.37
CA VAL C 30 51.91 -62.76 -36.11
C VAL C 30 53.09 -62.31 -35.24
N HIS C 31 52.80 -62.00 -33.98
CA HIS C 31 53.83 -61.68 -32.99
C HIS C 31 53.56 -62.50 -31.74
N VAL C 32 54.63 -63.04 -31.14
CA VAL C 32 54.51 -63.96 -30.03
C VAL C 32 55.35 -63.45 -28.86
N PHE C 33 54.74 -63.42 -27.67
CA PHE C 33 55.41 -63.09 -26.44
C PHE C 33 55.66 -64.36 -25.64
N THR C 34 56.81 -64.42 -24.97
CA THR C 34 57.18 -65.59 -24.19
C THR C 34 58.18 -65.17 -23.12
N THR C 35 58.35 -66.06 -22.13
CA THR C 35 59.28 -65.81 -21.04
C THR C 35 60.69 -66.17 -21.49
N ASP C 36 61.64 -66.13 -20.56
CA ASP C 36 63.03 -66.48 -20.84
C ASP C 36 63.30 -67.97 -20.70
N SER C 37 62.28 -68.81 -20.81
CA SER C 37 62.47 -70.24 -20.70
C SER C 37 63.30 -70.75 -21.87
N GLU C 38 64.35 -71.53 -21.55
CA GLU C 38 65.23 -72.04 -22.59
C GLU C 38 64.56 -73.17 -23.38
N LYS C 39 63.62 -73.89 -22.77
CA LYS C 39 62.98 -75.00 -23.46
C LYS C 39 62.14 -74.55 -24.64
N PHE C 40 61.67 -73.30 -24.64
CA PHE C 40 60.90 -72.78 -25.76
C PHE C 40 61.73 -72.84 -27.04
N ASN C 41 61.13 -73.35 -28.10
CA ASN C 41 61.82 -73.55 -29.38
C ASN C 41 61.21 -72.66 -30.45
N PRO C 42 61.80 -71.50 -30.74
CA PRO C 42 61.31 -70.67 -31.85
C PRO C 42 61.70 -71.21 -33.21
N VAL C 43 62.55 -72.24 -33.27
CA VAL C 43 63.00 -72.78 -34.55
C VAL C 43 61.83 -73.37 -35.32
N VAL C 44 60.95 -74.10 -34.63
CA VAL C 44 59.80 -74.71 -35.29
C VAL C 44 58.89 -73.63 -35.87
N LEU C 45 58.61 -72.58 -35.10
CA LEU C 45 57.77 -71.49 -35.58
C LEU C 45 58.40 -70.79 -36.77
N ASN C 46 59.72 -70.55 -36.71
CA ASN C 46 60.41 -69.90 -37.82
C ASN C 46 60.34 -70.75 -39.08
N ASP C 47 60.57 -72.06 -38.93
CA ASP C 47 60.49 -72.95 -40.09
C ASP C 47 59.08 -72.98 -40.67
N PHE C 48 58.06 -73.01 -39.81
CA PHE C 48 56.69 -73.02 -40.30
C PHE C 48 56.34 -71.73 -41.03
N PHE C 49 56.80 -70.59 -40.51
CA PHE C 49 56.42 -69.30 -41.07
C PHE C 49 57.35 -68.85 -42.21
N HIS C 50 58.46 -69.54 -42.45
CA HIS C 50 59.29 -69.21 -43.60
C HIS C 50 58.59 -69.48 -44.92
N SER C 51 57.62 -70.40 -44.93
CA SER C 51 56.84 -70.66 -46.13
C SER C 51 55.93 -69.49 -46.51
N LEU C 52 55.73 -68.53 -45.61
CA LEU C 52 54.89 -67.36 -45.84
C LEU C 52 55.73 -66.11 -45.59
N PRO C 53 56.61 -65.75 -46.53
CA PRO C 53 57.44 -64.56 -46.32
C PRO C 53 56.66 -63.26 -46.27
N ASN C 54 55.43 -63.23 -46.80
CA ASN C 54 54.65 -62.00 -46.81
C ASN C 54 54.32 -61.55 -45.39
N VAL C 55 53.98 -62.49 -44.51
CA VAL C 55 53.61 -62.15 -43.14
C VAL C 55 54.85 -61.73 -42.35
N ARG C 56 54.64 -61.12 -41.19
CA ARG C 56 55.72 -60.69 -40.32
C ARG C 56 55.73 -61.54 -39.06
N PHE C 57 56.92 -61.79 -38.54
CA PHE C 57 57.11 -62.58 -37.33
C PHE C 57 58.00 -61.82 -36.36
N SER C 58 57.66 -61.90 -35.07
CA SER C 58 58.46 -61.30 -34.03
C SER C 58 58.29 -62.12 -32.75
N ILE C 59 59.40 -62.28 -32.02
CA ILE C 59 59.42 -63.00 -30.76
C ILE C 59 59.92 -62.05 -29.68
N THR C 60 59.15 -61.92 -28.61
CA THR C 60 59.50 -61.04 -27.49
C THR C 60 59.76 -61.89 -26.26
N LYS C 61 60.82 -61.55 -25.52
CA LYS C 61 61.22 -62.25 -24.32
C LYS C 61 61.48 -61.25 -23.21
N CYS C 62 60.95 -61.53 -22.02
CA CYS C 62 61.21 -60.68 -20.86
C CYS C 62 62.55 -61.05 -20.24
N HIS C 63 63.36 -60.03 -19.93
CA HIS C 63 64.70 -60.28 -19.43
C HIS C 63 64.65 -60.72 -17.97
N GLY C 64 65.28 -61.85 -17.68
CA GLY C 64 65.40 -62.33 -16.30
C GLY C 64 64.12 -62.82 -15.68
N LEU C 65 63.12 -63.19 -16.49
CA LEU C 65 61.84 -63.67 -15.99
C LEU C 65 61.62 -65.08 -16.50
N ALA C 66 61.32 -66.01 -15.57
CA ALA C 66 61.10 -67.39 -15.94
C ALA C 66 60.21 -68.06 -14.89
N ASP C 67 59.18 -68.76 -15.35
CA ASP C 67 58.26 -69.57 -14.55
C ASP C 67 57.36 -68.76 -13.64
N ILE C 68 57.53 -67.43 -13.57
CA ILE C 68 56.66 -66.49 -12.87
C ILE C 68 56.21 -67.00 -11.50
N LEU C 69 57.09 -67.78 -10.85
CA LEU C 69 56.72 -68.44 -9.59
C LEU C 69 56.57 -67.47 -8.43
N ASN C 70 56.97 -66.20 -8.58
CA ASN C 70 56.94 -65.25 -7.49
C ASN C 70 56.02 -64.07 -7.84
N GLU C 71 55.38 -63.53 -6.81
CA GLU C 71 54.54 -62.35 -7.00
C GLU C 71 55.36 -61.16 -7.47
N ARG C 72 56.55 -60.98 -6.89
CA ARG C 72 57.48 -59.97 -7.39
C ARG C 72 57.83 -60.23 -8.86
N ASP C 73 57.91 -61.50 -9.25
CA ASP C 73 58.03 -61.82 -10.67
C ASP C 73 56.70 -61.66 -11.39
N PHE C 74 55.58 -61.88 -10.70
CA PHE C 74 54.28 -61.87 -11.37
C PHE C 74 53.93 -60.47 -11.86
N GLU C 75 54.02 -59.46 -10.99
CA GLU C 75 53.63 -58.13 -11.43
C GLU C 75 54.62 -57.58 -12.45
N PHE C 76 55.89 -57.98 -12.36
CA PHE C 76 56.86 -57.60 -13.37
C PHE C 76 56.52 -58.19 -14.73
N TYR C 77 56.19 -59.49 -14.75
CA TYR C 77 55.78 -60.12 -16.01
C TYR C 77 54.52 -59.48 -16.55
N GLN C 78 53.60 -59.11 -15.66
CA GLN C 78 52.40 -58.39 -16.09
C GLN C 78 52.76 -57.06 -16.73
N GLU C 79 53.74 -56.36 -16.15
CA GLU C 79 54.15 -55.07 -16.70
C GLU C 79 54.75 -55.22 -18.09
N MET C 80 55.67 -56.18 -18.26
CA MET C 80 56.21 -56.40 -19.61
C MET C 80 55.15 -56.89 -20.58
N LEU C 81 54.20 -57.71 -20.12
CA LEU C 81 53.15 -58.16 -21.03
C LEU C 81 52.30 -56.98 -21.49
N TRP C 82 51.95 -56.08 -20.57
CA TRP C 82 51.17 -54.91 -20.96
C TRP C 82 51.96 -54.00 -21.89
N GLN C 83 53.26 -53.80 -21.61
CA GLN C 83 54.07 -52.95 -22.46
C GLN C 83 54.21 -53.54 -23.87
N TRP C 84 54.42 -54.86 -23.95
CA TRP C 84 54.51 -55.52 -25.25
C TRP C 84 53.18 -55.42 -26.00
N TYR C 85 52.07 -55.59 -25.29
CA TYR C 85 50.76 -55.45 -25.92
C TYR C 85 50.56 -54.03 -26.44
N LEU C 86 50.99 -53.03 -25.67
CA LEU C 86 50.76 -51.63 -26.07
C LEU C 86 51.50 -51.28 -27.34
N THR C 87 52.68 -51.87 -27.55
CA THR C 87 53.52 -51.50 -28.67
C THR C 87 53.25 -52.32 -29.93
N LYS C 88 52.22 -53.16 -29.96
CA LYS C 88 52.04 -54.07 -31.07
C LYS C 88 50.69 -54.04 -31.76
N MET C 89 49.66 -53.39 -31.21
CA MET C 89 48.43 -53.38 -31.98
C MET C 89 48.54 -52.39 -33.13
N PRO C 90 47.77 -52.61 -34.21
CA PRO C 90 47.69 -51.59 -35.25
C PRO C 90 47.08 -50.30 -34.71
N ASP C 91 47.54 -49.18 -35.26
CA ASP C 91 47.09 -47.88 -34.78
C ASP C 91 45.66 -47.55 -35.18
N ASN C 92 45.04 -48.37 -36.04
CA ASN C 92 43.69 -48.10 -36.52
C ASN C 92 42.71 -49.25 -36.29
N GLU C 93 43.18 -50.49 -36.18
CA GLU C 93 42.31 -51.64 -36.04
C GLU C 93 42.76 -52.48 -34.85
N LEU C 94 41.79 -52.99 -34.10
CA LEU C 94 42.09 -53.83 -32.96
C LEU C 94 42.67 -55.17 -33.44
N PRO C 95 43.59 -55.76 -32.66
CA PRO C 95 44.22 -57.00 -33.09
C PRO C 95 43.53 -58.24 -32.53
N TYR C 96 43.83 -59.37 -33.17
CA TYR C 96 43.40 -60.67 -32.67
C TYR C 96 44.39 -61.19 -31.63
N VAL C 97 43.85 -61.81 -30.58
CA VAL C 97 44.69 -62.32 -29.50
C VAL C 97 44.17 -63.69 -29.09
N CYS C 98 45.08 -64.53 -28.62
CA CYS C 98 44.73 -65.85 -28.13
C CYS C 98 45.54 -66.15 -26.87
N LEU C 99 44.98 -67.02 -26.02
CA LEU C 99 45.61 -67.33 -24.74
C LEU C 99 45.56 -68.83 -24.44
N SER C 100 45.53 -69.67 -25.48
CA SER C 100 45.47 -71.11 -25.26
C SER C 100 46.75 -71.61 -24.58
N GLY C 101 47.91 -71.11 -24.99
CA GLY C 101 49.15 -71.57 -24.42
C GLY C 101 49.45 -70.97 -23.06
N GLY C 102 50.42 -71.57 -22.38
CA GLY C 102 50.84 -71.11 -21.07
C GLY C 102 49.96 -71.63 -19.95
N ILE C 103 50.44 -71.46 -18.73
CA ILE C 103 49.68 -71.82 -17.53
C ILE C 103 48.69 -70.71 -17.24
N LYS C 104 47.81 -70.94 -16.27
CA LYS C 104 46.71 -70.01 -16.00
C LYS C 104 47.19 -68.59 -15.76
N SER C 105 48.42 -68.43 -15.23
CA SER C 105 48.89 -67.11 -14.84
C SER C 105 48.98 -66.16 -16.04
N MET C 106 49.84 -66.48 -17.02
CA MET C 106 50.01 -65.56 -18.13
C MET C 106 48.78 -65.52 -19.03
N SER C 107 48.01 -66.60 -19.09
CA SER C 107 46.77 -66.57 -19.86
C SER C 107 45.77 -65.58 -19.26
N ALA C 108 45.62 -65.59 -17.93
CA ALA C 108 44.74 -64.64 -17.27
C ALA C 108 45.28 -63.22 -17.43
N SER C 109 46.59 -63.04 -17.32
CA SER C 109 47.18 -61.73 -17.50
C SER C 109 46.92 -61.20 -18.91
N LEU C 110 47.07 -62.05 -19.92
CA LEU C 110 46.86 -61.63 -21.30
C LEU C 110 45.38 -61.36 -21.56
N GLN C 111 44.49 -62.13 -20.95
CA GLN C 111 43.06 -61.85 -21.09
C GLN C 111 42.71 -60.49 -20.49
N LYS C 112 43.25 -60.19 -19.31
CA LYS C 112 43.02 -58.87 -18.73
C LYS C 112 43.63 -57.78 -19.61
N ALA C 113 44.79 -58.04 -20.21
CA ALA C 113 45.40 -57.08 -21.12
C ALA C 113 44.49 -56.82 -22.32
N ALA C 114 43.93 -57.88 -22.89
CA ALA C 114 43.01 -57.73 -24.02
C ALA C 114 41.77 -56.94 -23.61
N THR C 115 41.28 -57.17 -22.39
CA THR C 115 40.14 -56.41 -21.90
C THR C 115 40.50 -54.93 -21.73
N LEU C 116 41.70 -54.65 -21.24
CA LEU C 116 42.08 -53.28 -20.91
C LEU C 116 42.55 -52.48 -22.11
N PHE C 117 42.96 -53.14 -23.19
CA PHE C 117 43.46 -52.42 -24.36
C PHE C 117 42.75 -52.80 -25.66
N GLY C 118 41.81 -53.72 -25.62
CA GLY C 118 41.03 -54.06 -26.80
C GLY C 118 41.60 -55.26 -27.54
N ALA C 119 40.74 -55.88 -28.34
CA ALA C 119 41.09 -57.05 -29.14
C ALA C 119 40.00 -57.27 -30.17
N GLN C 120 40.40 -57.56 -31.41
CA GLN C 120 39.43 -57.77 -32.48
C GLN C 120 38.52 -58.95 -32.16
N SER C 121 39.11 -60.10 -31.84
CA SER C 121 38.32 -61.26 -31.44
C SER C 121 39.23 -62.19 -30.65
N VAL C 122 39.07 -62.19 -29.32
CA VAL C 122 39.77 -63.16 -28.49
C VAL C 122 39.27 -64.55 -28.83
N PHE C 123 40.20 -65.52 -28.90
CA PHE C 123 39.82 -66.85 -29.32
C PHE C 123 40.73 -67.88 -28.66
N HIS C 124 40.25 -69.11 -28.63
CA HIS C 124 40.97 -70.26 -28.08
C HIS C 124 41.06 -71.33 -29.16
N VAL C 125 42.19 -72.05 -29.19
CA VAL C 125 42.39 -73.16 -30.10
C VAL C 125 42.49 -74.44 -29.27
N LEU C 126 41.60 -75.39 -29.53
CA LEU C 126 41.54 -76.62 -28.76
C LEU C 126 41.53 -77.81 -29.72
N ALA C 127 42.08 -78.93 -29.27
CA ALA C 127 42.19 -80.13 -30.09
C ALA C 127 41.83 -81.35 -29.26
N ASP C 128 41.59 -82.47 -29.94
CA ASP C 128 41.15 -83.70 -29.30
C ASP C 128 42.31 -84.62 -28.93
N ASN C 129 43.17 -84.94 -29.89
CA ASN C 129 44.31 -85.81 -29.64
C ASN C 129 45.59 -85.06 -29.34
N ASN C 130 45.54 -83.73 -29.23
CA ASN C 130 46.71 -82.89 -28.97
C ASN C 130 47.81 -83.17 -29.99
N PRO C 131 47.63 -82.77 -31.24
CA PRO C 131 48.64 -83.04 -32.27
C PRO C 131 49.97 -82.36 -31.94
N ARG C 132 51.07 -83.05 -32.27
CA ARG C 132 52.41 -82.56 -31.96
C ARG C 132 53.21 -82.24 -33.20
N ASN C 133 53.41 -83.20 -34.10
CA ASN C 133 54.17 -82.96 -35.31
C ASN C 133 53.34 -82.17 -36.32
N ILE C 134 54.02 -81.38 -37.15
CA ILE C 134 53.33 -80.43 -38.03
C ILE C 134 52.30 -81.15 -38.89
N GLU C 135 52.60 -82.38 -39.31
CA GLU C 135 51.63 -83.16 -40.06
C GLU C 135 50.43 -83.53 -39.21
N GLU C 136 50.60 -83.65 -37.90
CA GLU C 136 49.50 -84.07 -37.04
C GLU C 136 48.36 -83.05 -37.04
N MET C 137 48.67 -81.78 -36.72
CA MET C 137 47.57 -80.82 -36.83
C MET C 137 47.31 -80.38 -38.27
N PHE C 138 48.22 -80.64 -39.20
CA PHE C 138 47.86 -80.49 -40.61
C PHE C 138 46.68 -81.39 -40.95
N ASP C 139 46.78 -82.68 -40.63
CA ASP C 139 45.67 -83.59 -40.86
C ASP C 139 44.48 -83.27 -39.97
N ALA C 140 44.72 -82.76 -38.76
CA ALA C 140 43.62 -82.37 -37.89
C ALA C 140 42.78 -81.26 -38.50
N LEU C 141 43.44 -80.24 -39.06
CA LEU C 141 42.70 -79.15 -39.69
C LEU C 141 42.11 -79.57 -41.03
N GLN C 142 42.77 -80.50 -41.74
CA GLN C 142 42.17 -81.05 -42.95
C GLN C 142 40.87 -81.78 -42.63
N LYS C 143 40.86 -82.58 -41.57
CA LYS C 143 39.66 -83.27 -41.14
C LYS C 143 38.69 -82.34 -40.40
N GLY C 144 39.20 -81.37 -39.67
CA GLY C 144 38.38 -80.49 -38.87
C GLY C 144 38.36 -80.80 -37.39
N GLN C 145 39.29 -81.62 -36.90
CA GLN C 145 39.30 -81.96 -35.48
C GLN C 145 39.56 -80.73 -34.61
N ILE C 146 40.47 -79.86 -35.05
CA ILE C 146 40.81 -78.68 -34.26
C ILE C 146 39.62 -77.73 -34.22
N HIS C 147 39.27 -77.26 -33.03
CA HIS C 147 38.14 -76.39 -32.81
C HIS C 147 38.59 -75.00 -32.37
N PHE C 148 37.90 -73.99 -32.87
CA PHE C 148 38.11 -72.61 -32.47
C PHE C 148 36.96 -72.19 -31.57
N ILE C 149 37.29 -71.66 -30.39
CA ILE C 149 36.31 -71.26 -29.40
C ILE C 149 36.36 -69.75 -29.27
N GLU C 150 35.22 -69.09 -29.50
CA GLU C 150 35.12 -67.64 -29.41
C GLU C 150 34.11 -67.28 -28.33
N MET C 151 34.52 -66.45 -27.38
CA MET C 151 33.65 -66.00 -26.30
C MET C 151 33.02 -64.64 -26.59
N GLY C 152 32.98 -64.24 -27.85
CA GLY C 152 32.35 -62.99 -28.23
C GLY C 152 33.36 -61.89 -28.48
N TYR C 153 33.02 -61.00 -29.41
CA TYR C 153 33.89 -59.87 -29.70
C TYR C 153 34.00 -58.97 -28.47
N GLU C 154 35.23 -58.59 -28.15
CA GLU C 154 35.49 -57.72 -27.01
C GLU C 154 35.93 -56.35 -27.53
N PRO C 155 35.20 -55.28 -27.25
CA PRO C 155 35.58 -53.96 -27.78
C PRO C 155 36.67 -53.25 -27.00
N GLY C 156 37.16 -53.84 -25.91
CA GLY C 156 38.09 -53.16 -25.03
C GLY C 156 37.57 -51.79 -24.66
N TRP C 157 38.47 -50.87 -24.32
CA TRP C 157 38.09 -49.48 -24.15
C TRP C 157 38.79 -48.69 -25.25
N ALA C 158 38.00 -47.92 -26.00
CA ALA C 158 38.42 -47.47 -27.34
C ALA C 158 39.71 -46.66 -27.32
N ALA C 159 40.09 -46.07 -26.19
CA ALA C 159 41.26 -45.21 -26.14
C ALA C 159 42.01 -45.45 -24.83
N LEU C 160 43.09 -46.21 -24.91
CA LEU C 160 44.07 -46.30 -23.84
C LEU C 160 45.49 -46.39 -24.38
N ARG C 161 45.68 -46.19 -25.68
CA ARG C 161 46.98 -46.37 -26.32
C ARG C 161 47.89 -45.15 -26.20
N ARG C 162 47.37 -44.01 -25.74
CA ARG C 162 48.22 -42.83 -25.60
C ARG C 162 49.35 -43.03 -24.62
N LEU C 163 49.25 -44.03 -23.73
CA LEU C 163 50.39 -44.38 -22.90
C LEU C 163 51.60 -44.73 -23.75
N LYS C 164 51.39 -45.53 -24.81
CA LYS C 164 52.48 -45.84 -25.73
C LYS C 164 53.03 -44.57 -26.37
N LYS C 165 52.22 -43.52 -26.48
CA LYS C 165 52.73 -42.24 -26.97
C LYS C 165 53.56 -41.53 -25.92
N ILE C 166 53.14 -41.62 -24.65
CA ILE C 166 53.86 -40.92 -23.59
C ILE C 166 54.86 -41.81 -22.87
N LEU C 167 54.72 -43.14 -22.98
CA LEU C 167 55.77 -44.04 -22.49
C LEU C 167 56.67 -44.43 -23.65
N PRO C 168 57.98 -44.26 -23.54
CA PRO C 168 58.87 -44.61 -24.65
C PRO C 168 58.94 -46.11 -24.89
N ILE C 169 59.79 -46.53 -25.82
CA ILE C 169 59.90 -47.95 -26.15
C ILE C 169 60.29 -48.76 -24.92
N ASN C 170 61.28 -48.27 -24.17
CA ASN C 170 61.72 -48.92 -22.93
C ASN C 170 62.15 -50.36 -23.17
N GLU C 171 62.80 -50.60 -24.32
CA GLU C 171 63.29 -51.95 -24.62
C GLU C 171 64.33 -52.40 -23.60
N GLY C 172 65.25 -51.50 -23.24
CA GLY C 172 66.22 -51.79 -22.20
C GLY C 172 65.87 -51.08 -20.91
N CYS C 173 65.35 -51.82 -19.94
CA CYS C 173 64.94 -51.25 -18.67
C CYS C 173 65.10 -52.31 -17.58
N SER C 174 64.59 -52.02 -16.39
CA SER C 174 64.72 -52.91 -15.25
C SER C 174 63.48 -52.73 -14.36
N ARG C 175 63.58 -53.19 -13.12
CA ARG C 175 62.46 -53.13 -12.18
C ARG C 175 62.14 -51.71 -11.74
N ASP C 176 63.01 -50.74 -12.03
CA ASP C 176 62.81 -49.38 -11.54
C ASP C 176 61.57 -48.73 -12.15
N ASN C 177 61.31 -48.97 -13.44
CA ASN C 177 60.27 -48.27 -14.17
C ASN C 177 59.10 -49.20 -14.44
N PHE C 178 57.89 -48.70 -14.20
CA PHE C 178 56.66 -49.39 -14.55
C PHE C 178 55.53 -48.36 -14.52
N LYS C 179 54.38 -48.76 -15.05
CA LYS C 179 53.20 -47.88 -15.14
C LYS C 179 52.06 -48.47 -14.33
N PRO C 180 51.92 -48.09 -13.05
CA PRO C 180 50.75 -48.50 -12.28
C PRO C 180 49.57 -47.57 -12.50
N LEU C 181 49.32 -47.21 -13.76
CA LEU C 181 48.23 -46.30 -14.06
C LEU C 181 46.87 -46.99 -14.02
N ILE C 182 46.83 -48.28 -14.32
CA ILE C 182 45.57 -49.02 -14.27
C ILE C 182 45.24 -49.44 -12.84
N SER C 183 46.28 -49.80 -12.06
CA SER C 183 46.04 -50.20 -10.68
C SER C 183 45.47 -49.07 -9.85
N LYS C 184 45.98 -47.85 -10.05
CA LYS C 184 45.46 -46.70 -9.29
C LYS C 184 44.05 -46.35 -9.71
N SER C 185 43.71 -46.53 -11.00
CA SER C 185 42.36 -46.26 -11.47
C SER C 185 41.38 -47.35 -11.04
N ILE C 186 41.87 -48.56 -10.80
CA ILE C 186 40.99 -49.67 -10.44
C ILE C 186 40.80 -49.81 -8.93
N GLU C 187 41.83 -49.51 -8.14
CA GLU C 187 41.77 -49.76 -6.70
C GLU C 187 40.72 -48.90 -6.01
N GLU C 188 40.36 -47.75 -6.58
CA GLU C 188 39.55 -46.75 -5.91
C GLU C 188 38.08 -46.83 -6.30
N ILE C 189 37.56 -48.03 -6.55
CA ILE C 189 36.14 -48.17 -6.89
C ILE C 189 35.27 -47.77 -5.71
N LEU C 190 35.54 -48.33 -4.53
CA LEU C 190 34.73 -48.07 -3.36
C LEU C 190 35.54 -47.87 -2.09
N SER C 191 36.88 -47.89 -2.17
CA SER C 191 37.69 -47.62 -0.99
C SER C 191 37.62 -46.17 -0.56
N ASN C 192 37.15 -45.28 -1.43
CA ASN C 192 36.99 -43.87 -1.10
C ASN C 192 35.93 -43.68 -0.03
N THR C 200 26.63 -42.73 -2.37
CA THR C 200 25.18 -42.77 -2.26
C THR C 200 24.53 -42.27 -3.55
N GLY C 201 24.19 -40.98 -3.59
CA GLY C 201 23.57 -40.40 -4.76
C GLY C 201 24.51 -39.98 -5.86
N LYS C 202 25.83 -40.08 -5.63
CA LYS C 202 26.79 -39.69 -6.65
C LYS C 202 26.67 -40.57 -7.89
N SER C 203 26.51 -41.88 -7.68
CA SER C 203 26.30 -42.79 -8.81
C SER C 203 24.91 -42.66 -9.42
N ASN C 204 23.97 -42.06 -8.70
CA ASN C 204 22.60 -41.90 -9.19
C ASN C 204 22.39 -40.59 -9.94
N GLN C 205 23.15 -39.55 -9.61
CA GLN C 205 23.05 -38.27 -10.32
C GLN C 205 23.77 -38.29 -11.66
N LEU C 206 24.08 -39.48 -12.17
CA LEU C 206 24.76 -39.68 -13.45
C LEU C 206 24.05 -38.94 -14.56
N PRO C 207 24.65 -37.89 -15.10
CA PRO C 207 24.05 -37.15 -16.21
C PRO C 207 24.47 -37.73 -17.56
N PHE C 208 23.77 -37.28 -18.60
CA PHE C 208 24.03 -37.73 -19.97
C PHE C 208 23.98 -39.26 -20.04
N PRO C 209 22.77 -39.84 -20.02
CA PRO C 209 22.62 -41.29 -19.79
C PRO C 209 23.53 -42.20 -20.61
N SER C 210 24.05 -41.72 -21.74
CA SER C 210 24.96 -42.56 -22.51
C SER C 210 26.26 -42.84 -21.76
N LEU C 211 26.53 -42.11 -20.67
CA LEU C 211 27.64 -42.46 -19.81
C LEU C 211 27.49 -43.87 -19.23
N ALA C 212 26.26 -44.38 -19.16
CA ALA C 212 26.07 -45.76 -18.72
C ALA C 212 26.69 -46.74 -19.70
N ILE C 213 26.78 -46.37 -20.98
CA ILE C 213 27.40 -47.24 -22.00
C ILE C 213 28.91 -47.20 -21.91
N LEU C 214 29.48 -46.36 -21.06
CA LEU C 214 30.93 -46.25 -20.96
C LEU C 214 31.53 -47.52 -20.37
N PRO C 215 32.81 -47.74 -20.62
CA PRO C 215 33.51 -48.85 -19.96
C PRO C 215 33.49 -48.67 -18.46
N PRO C 216 33.43 -49.78 -17.70
CA PRO C 216 33.49 -49.66 -16.23
C PRO C 216 34.75 -48.98 -15.75
N ILE C 217 35.89 -49.25 -16.39
CA ILE C 217 37.12 -48.58 -16.02
C ILE C 217 37.02 -47.09 -16.29
N ALA C 218 36.41 -46.72 -17.43
CA ALA C 218 36.21 -45.30 -17.73
C ALA C 218 35.26 -44.66 -16.74
N GLN C 219 34.20 -45.37 -16.35
CA GLN C 219 33.29 -44.83 -15.35
C GLN C 219 34.00 -44.59 -14.03
N GLN C 220 34.85 -45.54 -13.61
CA GLN C 220 35.60 -45.35 -12.37
C GLN C 220 36.58 -44.20 -12.48
N TRP C 221 37.28 -44.09 -13.62
CA TRP C 221 38.19 -42.97 -13.82
C TRP C 221 37.44 -41.65 -13.74
N LEU C 222 36.19 -41.63 -14.22
CA LEU C 222 35.35 -40.46 -14.01
C LEU C 222 35.06 -40.25 -12.53
N GLN C 223 34.82 -41.34 -11.79
CA GLN C 223 34.58 -41.23 -10.36
C GLN C 223 35.81 -40.77 -9.58
N LEU C 224 36.99 -40.83 -10.19
CA LEU C 224 38.21 -40.43 -9.50
C LEU C 224 38.22 -38.92 -9.24
N PRO C 225 38.91 -38.48 -8.20
CA PRO C 225 38.99 -37.04 -7.92
C PRO C 225 39.69 -36.30 -9.06
N LEU C 226 39.25 -35.07 -9.28
CA LEU C 226 39.82 -34.24 -10.34
C LEU C 226 41.14 -33.61 -9.87
N SER C 227 42.14 -33.66 -10.73
CA SER C 227 43.47 -33.14 -10.42
C SER C 227 43.87 -32.08 -11.45
N ALA C 228 44.85 -31.27 -11.08
CA ALA C 228 45.29 -30.15 -11.91
C ALA C 228 45.96 -30.58 -13.21
N ASN C 229 46.32 -31.85 -13.34
CA ASN C 229 46.97 -32.34 -14.55
C ASN C 229 45.97 -32.79 -15.62
N ASP C 230 44.67 -32.62 -15.37
CA ASP C 230 43.63 -33.01 -16.31
C ASP C 230 43.21 -31.85 -17.22
N GLY C 231 44.13 -30.93 -17.52
CA GLY C 231 43.77 -29.78 -18.32
C GLY C 231 43.28 -30.15 -19.71
N ALA C 232 43.91 -31.14 -20.34
CA ALA C 232 43.52 -31.51 -21.70
C ALA C 232 42.09 -32.04 -21.75
N TRP C 233 41.72 -32.91 -20.81
CA TRP C 233 40.39 -33.48 -20.82
C TRP C 233 39.32 -32.42 -20.63
N ILE C 234 39.52 -31.50 -19.68
CA ILE C 234 38.55 -30.45 -19.43
C ILE C 234 38.49 -29.49 -20.61
N GLN C 235 39.64 -29.15 -21.18
CA GLN C 235 39.66 -28.26 -22.33
C GLN C 235 38.95 -28.87 -23.54
N ASN C 236 39.02 -30.19 -23.70
CA ASN C 236 38.32 -30.85 -24.79
C ASN C 236 36.83 -31.01 -24.53
N LEU C 237 36.38 -30.83 -23.30
CA LEU C 237 34.97 -30.99 -22.98
C LEU C 237 34.15 -29.88 -23.62
N PRO C 238 32.96 -30.20 -24.14
CA PRO C 238 32.01 -29.14 -24.50
C PRO C 238 31.41 -28.54 -23.24
N LYS C 239 31.39 -27.21 -23.17
CA LYS C 239 31.03 -26.51 -21.95
C LYS C 239 30.00 -25.43 -22.23
N VAL C 240 29.39 -24.94 -21.14
CA VAL C 240 28.39 -23.89 -21.18
C VAL C 240 28.84 -22.77 -20.26
N ASP C 241 28.72 -21.53 -20.73
CA ASP C 241 29.07 -20.34 -19.95
C ASP C 241 27.85 -19.42 -19.93
N LEU C 242 27.40 -19.06 -18.72
CA LEU C 242 26.19 -18.27 -18.59
C LEU C 242 26.43 -16.86 -18.04
N HIS C 243 27.54 -16.63 -17.34
CA HIS C 243 27.83 -15.33 -16.75
C HIS C 243 29.15 -14.82 -17.34
N CYS C 244 29.06 -14.16 -18.48
CA CYS C 244 30.23 -13.62 -19.17
C CYS C 244 29.89 -12.22 -19.66
N HIS C 245 30.66 -11.22 -19.22
CA HIS C 245 30.41 -9.83 -19.58
C HIS C 245 31.13 -9.50 -20.89
N LEU C 246 30.38 -8.95 -21.84
CA LEU C 246 30.96 -8.58 -23.13
C LEU C 246 31.96 -7.44 -22.97
N GLY C 247 31.69 -6.50 -22.08
CA GLY C 247 32.53 -5.33 -21.94
C GLY C 247 33.87 -5.57 -21.30
N GLY C 248 34.17 -6.79 -20.88
CA GLY C 248 35.45 -7.09 -20.27
C GLY C 248 36.13 -8.31 -20.85
N PHE C 249 35.84 -8.62 -22.12
CA PHE C 249 36.44 -9.79 -22.74
C PHE C 249 37.92 -9.59 -23.01
N ALA C 250 38.32 -8.39 -23.41
CA ALA C 250 39.71 -8.09 -23.75
C ALA C 250 40.06 -6.74 -23.14
N THR C 251 40.70 -6.77 -21.97
CA THR C 251 41.11 -5.54 -21.29
C THR C 251 42.57 -5.18 -21.51
N SER C 252 43.41 -6.14 -21.89
CA SER C 252 44.83 -5.88 -22.10
C SER C 252 45.42 -7.01 -22.91
N GLY C 253 46.66 -6.80 -23.35
CA GLY C 253 47.37 -7.80 -24.10
C GLY C 253 47.24 -7.62 -25.61
N SER C 254 47.55 -8.71 -26.32
CA SER C 254 47.48 -8.68 -27.78
C SER C 254 46.05 -8.48 -28.27
N LEU C 255 45.08 -9.04 -27.55
CA LEU C 255 43.68 -8.88 -27.94
C LEU C 255 43.26 -7.42 -27.90
N LEU C 256 43.66 -6.69 -26.86
CA LEU C 256 43.32 -5.27 -26.77
C LEU C 256 43.99 -4.49 -27.90
N ASP C 257 45.24 -4.82 -28.21
CA ASP C 257 45.95 -4.11 -29.27
C ASP C 257 45.29 -4.35 -30.63
N GLN C 258 44.90 -5.60 -30.90
CA GLN C 258 44.29 -5.90 -32.20
C GLN C 258 42.84 -5.44 -32.28
N VAL C 259 42.18 -5.22 -31.14
CA VAL C 259 40.83 -4.68 -31.20
C VAL C 259 40.85 -3.16 -31.25
N ARG C 260 41.92 -2.52 -30.76
CA ARG C 260 42.04 -1.08 -30.87
C ARG C 260 42.39 -0.65 -32.29
N GLY C 261 43.17 -1.47 -33.01
CA GLY C 261 43.56 -1.14 -34.36
C GLY C 261 42.48 -1.31 -35.40
N ALA C 262 41.34 -1.91 -35.03
CA ALA C 262 40.22 -2.12 -35.95
C ALA C 262 39.15 -1.06 -35.80
N ALA C 263 39.40 0.00 -35.02
CA ALA C 263 38.43 1.06 -34.85
C ALA C 263 38.23 1.82 -36.15
N SER C 264 36.97 2.14 -36.46
CA SER C 264 36.67 2.88 -37.69
C SER C 264 37.19 4.31 -37.61
N GLU C 265 37.32 4.86 -36.41
CA GLU C 265 37.82 6.22 -36.21
C GLU C 265 38.97 6.14 -35.19
N PRO C 266 40.19 5.86 -35.64
CA PRO C 266 41.31 5.64 -34.72
C PRO C 266 41.89 6.91 -34.13
N ASP C 267 41.22 8.05 -34.24
CA ASP C 267 41.77 9.30 -33.71
C ASP C 267 41.28 9.62 -32.31
N LEU C 268 39.98 9.46 -32.05
CA LEU C 268 39.40 9.78 -30.75
C LEU C 268 39.51 8.66 -29.74
N ILE C 269 40.05 7.50 -30.13
CA ILE C 269 40.20 6.40 -29.19
C ILE C 269 41.33 6.71 -28.22
N ASP C 270 41.04 6.56 -26.92
CA ASP C 270 42.02 6.88 -25.88
C ASP C 270 42.95 5.69 -25.69
N ARG C 271 43.89 5.55 -26.62
CA ARG C 271 44.87 4.47 -26.54
C ARG C 271 45.96 4.73 -25.52
N THR C 272 46.08 5.95 -25.01
CA THR C 272 47.13 6.27 -24.05
C THR C 272 46.93 5.51 -22.73
N PHE C 273 45.68 5.41 -22.27
CA PHE C 273 45.41 4.79 -20.98
C PHE C 273 45.72 3.29 -21.03
N SER C 274 46.26 2.79 -19.94
CA SER C 274 46.58 1.37 -19.79
C SER C 274 46.05 0.85 -18.47
N PRO C 275 45.62 -0.41 -18.42
CA PRO C 275 45.13 -0.97 -17.17
C PRO C 275 46.26 -1.20 -16.17
N GLN C 276 45.90 -1.16 -14.89
CA GLN C 276 46.86 -1.45 -13.84
C GLN C 276 47.19 -2.94 -13.83
N GLU C 277 48.39 -3.27 -13.36
CA GLU C 277 48.88 -4.64 -13.33
C GLU C 277 49.00 -5.12 -11.89
N ILE C 278 48.57 -6.35 -11.64
CA ILE C 278 48.65 -6.97 -10.32
C ILE C 278 49.67 -8.09 -10.38
N ALA C 279 50.62 -8.07 -9.45
CA ALA C 279 51.67 -9.08 -9.42
C ALA C 279 51.07 -10.45 -9.14
N GLY C 280 51.63 -11.47 -9.79
CA GLY C 280 51.15 -12.83 -9.64
C GLY C 280 49.93 -13.16 -10.47
N TRP C 281 49.53 -12.30 -11.39
CA TRP C 281 48.36 -12.55 -12.21
C TRP C 281 48.59 -13.79 -13.08
N PRO C 282 47.55 -14.60 -13.32
CA PRO C 282 46.17 -14.46 -12.85
C PRO C 282 45.96 -15.06 -11.45
N ARG C 283 46.89 -15.85 -10.94
CA ARG C 283 46.76 -16.44 -9.61
C ARG C 283 47.27 -15.46 -8.56
N SER C 284 46.48 -14.41 -8.36
CA SER C 284 46.86 -13.35 -7.43
C SER C 284 46.85 -13.87 -5.99
N HIS C 285 47.84 -13.44 -5.22
CA HIS C 285 47.97 -13.80 -3.82
C HIS C 285 47.35 -12.76 -2.88
N LYS C 286 46.77 -11.70 -3.42
CA LYS C 286 46.14 -10.65 -2.63
C LYS C 286 44.71 -10.43 -3.11
N SER C 287 43.77 -10.40 -2.17
CA SER C 287 42.38 -10.15 -2.48
C SER C 287 42.16 -8.66 -2.74
N ILE C 288 41.54 -8.34 -3.86
CA ILE C 288 41.28 -6.96 -4.25
C ILE C 288 39.79 -6.67 -4.18
N SER C 289 39.46 -5.39 -4.12
CA SER C 289 38.07 -4.98 -3.99
C SER C 289 37.36 -5.01 -5.34
N LEU C 290 36.03 -4.97 -5.28
CA LEU C 290 35.24 -4.91 -6.50
C LEU C 290 35.50 -3.62 -7.26
N ASP C 291 35.71 -2.52 -6.54
CA ASP C 291 36.05 -1.26 -7.19
C ASP C 291 37.38 -1.36 -7.93
N LYS C 292 38.34 -2.09 -7.35
CA LYS C 292 39.60 -2.33 -8.04
C LYS C 292 39.39 -3.15 -9.31
N TYR C 293 38.48 -4.13 -9.25
CA TYR C 293 38.16 -4.91 -10.44
C TYR C 293 37.55 -4.03 -11.53
N MET C 294 36.63 -3.14 -11.14
CA MET C 294 36.03 -2.24 -12.10
C MET C 294 37.06 -1.27 -12.68
N GLU C 295 37.99 -0.80 -11.85
CA GLU C 295 39.06 0.06 -12.35
C GLU C 295 39.93 -0.69 -13.35
N LEU C 296 40.22 -1.96 -13.08
CA LEU C 296 40.97 -2.77 -14.04
C LEU C 296 40.20 -2.92 -15.34
N GLY C 297 38.89 -3.15 -15.26
CA GLY C 297 38.09 -3.40 -16.45
C GLY C 297 37.65 -2.16 -17.21
N ASN C 298 37.82 -0.97 -16.65
CA ASN C 298 37.37 0.25 -17.32
C ASN C 298 38.14 0.56 -18.59
N ALA C 299 39.28 -0.10 -18.83
CA ALA C 299 40.06 0.16 -20.04
C ALA C 299 39.25 -0.17 -21.29
N ASN C 300 38.52 -1.28 -21.27
CA ASN C 300 37.66 -1.67 -22.37
C ASN C 300 36.20 -1.51 -21.96
N GLY C 301 35.40 -0.91 -22.83
CA GLY C 301 34.00 -0.72 -22.53
C GLY C 301 33.39 0.55 -23.10
N SER C 302 32.77 1.35 -22.23
CA SER C 302 32.03 2.52 -22.68
C SER C 302 32.94 3.54 -23.35
N LYS C 303 34.13 3.76 -22.80
CA LYS C 303 35.03 4.79 -23.31
C LYS C 303 35.89 4.31 -24.48
N LEU C 304 35.74 3.06 -24.90
CA LEU C 304 36.56 2.52 -25.98
C LEU C 304 35.76 1.83 -27.09
N LEU C 305 34.56 1.33 -26.81
CA LEU C 305 33.76 0.62 -27.80
C LEU C 305 32.68 1.50 -28.43
N LYS C 306 32.87 2.82 -28.42
CA LYS C 306 31.87 3.70 -29.01
C LYS C 306 31.76 3.49 -30.52
N ASP C 307 32.88 3.37 -31.21
CA ASP C 307 32.86 3.22 -32.65
C ASP C 307 32.41 1.81 -33.04
N LYS C 308 31.78 1.72 -34.20
CA LYS C 308 31.21 0.44 -34.65
C LYS C 308 32.30 -0.60 -34.89
N GLY C 309 33.39 -0.21 -35.55
CA GLY C 309 34.40 -1.17 -35.94
C GLY C 309 35.05 -1.88 -34.77
N CYS C 310 35.41 -1.11 -33.73
CA CYS C 310 36.04 -1.70 -32.56
C CYS C 310 35.12 -2.69 -31.86
N LEU C 311 33.84 -2.34 -31.74
CA LEU C 311 32.90 -3.25 -31.06
C LEU C 311 32.65 -4.50 -31.89
N ILE C 312 32.55 -4.36 -33.21
CA ILE C 312 32.40 -5.55 -34.06
C ILE C 312 33.61 -6.45 -33.93
N ARG C 313 34.81 -5.86 -33.93
CA ARG C 313 36.03 -6.65 -33.75
C ARG C 313 36.04 -7.33 -32.39
N GLN C 314 35.59 -6.63 -31.35
CA GLN C 314 35.56 -7.22 -30.01
C GLN C 314 34.60 -8.40 -29.95
N VAL C 315 33.43 -8.26 -30.55
CA VAL C 315 32.47 -9.36 -30.54
C VAL C 315 33.00 -10.54 -31.33
N GLU C 316 33.62 -10.28 -32.49
CA GLU C 316 34.20 -11.36 -33.28
C GLU C 316 35.30 -12.08 -32.50
N LEU C 317 36.15 -11.32 -31.82
CA LEU C 317 37.22 -11.93 -31.03
C LEU C 317 36.65 -12.75 -29.87
N LEU C 318 35.60 -12.23 -29.21
CA LEU C 318 34.99 -12.98 -28.13
C LEU C 318 34.41 -14.30 -28.62
N TYR C 319 33.72 -14.27 -29.77
CA TYR C 319 33.17 -15.50 -30.31
C TYR C 319 34.27 -16.47 -30.72
N GLN C 320 35.36 -15.95 -31.31
CA GLN C 320 36.47 -16.81 -31.69
C GLN C 320 37.11 -17.46 -30.47
N SER C 321 37.29 -16.70 -29.40
CA SER C 321 37.85 -17.27 -28.18
C SER C 321 36.90 -18.31 -27.58
N LEU C 322 35.60 -18.06 -27.62
CA LEU C 322 34.63 -19.03 -27.12
C LEU C 322 34.70 -20.33 -27.91
N VAL C 323 34.76 -20.23 -29.24
CA VAL C 323 34.83 -21.43 -30.07
C VAL C 323 36.15 -22.17 -29.82
N ASN C 324 37.25 -21.42 -29.73
CA ASN C 324 38.54 -22.05 -29.47
C ASN C 324 38.63 -22.68 -28.08
N ASP C 325 37.74 -22.29 -27.17
CA ASP C 325 37.69 -22.88 -25.84
C ASP C 325 36.76 -24.09 -25.77
N ASN C 326 36.20 -24.50 -26.91
CA ASN C 326 35.27 -25.63 -26.98
C ASN C 326 34.07 -25.41 -26.06
N VAL C 327 33.32 -24.35 -26.37
CA VAL C 327 32.10 -24.00 -25.67
C VAL C 327 30.95 -24.08 -26.66
N ALA C 328 29.90 -24.81 -26.29
CA ALA C 328 28.79 -25.03 -27.21
C ALA C 328 27.65 -24.05 -27.04
N TYR C 329 27.38 -23.61 -25.81
CA TYR C 329 26.36 -22.60 -25.55
C TYR C 329 26.92 -21.56 -24.61
N ALA C 330 26.58 -20.30 -24.86
CA ALA C 330 27.11 -19.21 -24.05
C ALA C 330 26.14 -18.04 -24.05
N GLU C 331 25.80 -17.55 -22.87
CA GLU C 331 24.97 -16.37 -22.72
C GLU C 331 25.85 -15.19 -22.36
N ILE C 332 25.77 -14.11 -23.15
CA ILE C 332 26.65 -12.96 -23.03
C ILE C 332 25.85 -11.80 -22.48
N ARG C 333 26.30 -11.25 -21.35
CA ARG C 333 25.70 -10.06 -20.77
C ARG C 333 26.34 -8.81 -21.38
N CYS C 334 25.51 -7.93 -21.91
CA CYS C 334 25.99 -6.70 -22.53
C CYS C 334 25.13 -5.53 -22.06
N SER C 335 25.74 -4.35 -22.08
CA SER C 335 25.05 -3.09 -21.73
C SER C 335 25.13 -2.16 -22.92
N PRO C 336 24.11 -2.13 -23.78
CA PRO C 336 24.19 -1.29 -24.98
C PRO C 336 24.35 0.19 -24.68
N ASN C 337 23.77 0.68 -23.58
CA ASN C 337 23.85 2.10 -23.26
C ASN C 337 25.28 2.56 -23.03
N ASN C 338 26.19 1.65 -22.66
CA ASN C 338 27.58 2.02 -22.52
C ASN C 338 28.23 2.32 -23.86
N TYR C 339 27.77 1.68 -24.93
CA TYR C 339 28.35 1.84 -26.26
C TYR C 339 27.37 2.53 -27.21
N ALA C 340 26.68 3.56 -26.71
CA ALA C 340 25.71 4.29 -27.49
C ALA C 340 25.93 5.78 -27.30
N ASP C 341 25.92 6.53 -28.40
CA ASP C 341 26.02 7.98 -28.35
C ASP C 341 25.17 8.57 -29.46
N LYS C 342 24.44 9.65 -29.15
CA LYS C 342 23.53 10.25 -30.11
C LYS C 342 24.24 11.07 -31.18
N ASN C 343 25.55 11.25 -31.06
CA ASN C 343 26.28 12.09 -32.01
C ASN C 343 26.21 11.53 -33.42
N LYS C 344 26.38 10.21 -33.56
CA LYS C 344 26.42 9.56 -34.86
C LYS C 344 25.28 8.57 -35.01
N ASN C 345 24.10 8.93 -34.51
CA ASN C 345 22.91 8.09 -34.59
C ASN C 345 23.13 6.73 -33.95
N ARG C 346 24.02 6.66 -32.96
CA ARG C 346 24.38 5.41 -32.30
C ARG C 346 23.59 5.30 -31.00
N SER C 347 22.32 4.91 -31.13
CA SER C 347 21.48 4.68 -29.96
C SER C 347 21.74 3.28 -29.40
N ALA C 348 21.12 2.98 -28.27
CA ALA C 348 21.26 1.66 -27.67
C ALA C 348 20.69 0.58 -28.56
N TRP C 349 19.55 0.86 -29.20
CA TRP C 349 18.94 -0.15 -30.06
C TRP C 349 19.83 -0.50 -31.24
N VAL C 350 20.47 0.51 -31.85
CA VAL C 350 21.26 0.25 -33.04
C VAL C 350 22.52 -0.54 -32.71
N VAL C 351 23.16 -0.25 -31.57
CA VAL C 351 24.34 -1.00 -31.19
C VAL C 351 23.97 -2.42 -30.79
N LEU C 352 22.83 -2.58 -30.10
CA LEU C 352 22.36 -3.92 -29.78
C LEU C 352 22.06 -4.72 -31.05
N GLN C 353 21.44 -4.07 -32.04
CA GLN C 353 21.16 -4.75 -33.30
C GLN C 353 22.44 -5.11 -34.03
N ASP C 354 23.44 -4.23 -33.97
CA ASP C 354 24.72 -4.55 -34.58
C ASP C 354 25.36 -5.77 -33.93
N ILE C 355 25.32 -5.84 -32.59
CA ILE C 355 25.88 -7.00 -31.89
C ILE C 355 25.13 -8.27 -32.28
N ASN C 356 23.79 -8.19 -32.29
CA ASN C 356 22.99 -9.36 -32.63
C ASN C 356 23.26 -9.83 -34.06
N ASP C 357 23.34 -8.89 -35.00
CA ASP C 357 23.60 -9.25 -36.39
C ASP C 357 24.98 -9.86 -36.54
N THR C 358 25.99 -9.31 -35.87
CA THR C 358 27.32 -9.89 -35.94
C THR C 358 27.34 -11.31 -35.38
N PHE C 359 26.69 -11.53 -34.23
CA PHE C 359 26.66 -12.85 -33.64
C PHE C 359 25.96 -13.85 -34.54
N THR C 360 24.81 -13.46 -35.10
CA THR C 360 24.07 -14.40 -35.94
C THR C 360 24.79 -14.66 -37.25
N ARG C 361 25.47 -13.65 -37.81
CA ARG C 361 26.25 -13.89 -39.01
C ARG C 361 27.40 -14.84 -38.75
N LEU C 362 28.10 -14.65 -37.62
CA LEU C 362 29.20 -15.55 -37.28
C LEU C 362 28.70 -16.97 -37.07
N ILE C 363 27.58 -17.13 -36.36
CA ILE C 363 27.04 -18.46 -36.09
C ILE C 363 26.60 -19.13 -37.40
N THR C 364 25.92 -18.39 -38.27
CA THR C 364 25.48 -18.96 -39.54
C THR C 364 26.67 -19.35 -40.40
N GLU C 365 27.69 -18.50 -40.46
CA GLU C 365 28.87 -18.82 -41.26
C GLU C 365 29.58 -20.06 -40.72
N ALA C 366 29.71 -20.16 -39.39
CA ALA C 366 30.36 -21.34 -38.81
C ALA C 366 29.55 -22.60 -39.06
N LYS C 367 28.22 -22.51 -38.96
CA LYS C 367 27.39 -23.69 -39.12
C LYS C 367 27.36 -24.16 -40.58
N GLN C 368 27.27 -23.22 -41.53
CA GLN C 368 27.17 -23.59 -42.93
C GLN C 368 28.44 -24.27 -43.44
N LYS C 369 29.56 -24.10 -42.76
CA LYS C 369 30.79 -24.81 -43.08
C LYS C 369 30.92 -26.12 -42.32
N ASN C 370 29.88 -26.52 -41.59
CA ASN C 370 29.88 -27.78 -40.84
C ASN C 370 31.01 -27.83 -39.82
N GLN C 371 31.30 -26.70 -39.20
CA GLN C 371 32.30 -26.60 -38.15
C GLN C 371 31.62 -26.64 -36.78
N PHE C 372 32.39 -26.42 -35.73
CA PHE C 372 31.87 -26.39 -34.37
C PHE C 372 31.53 -24.93 -34.02
N TYR C 373 30.25 -24.64 -33.87
CA TYR C 373 29.78 -23.29 -33.62
C TYR C 373 29.21 -23.18 -32.21
N CYS C 374 29.41 -22.01 -31.60
CA CYS C 374 28.96 -21.74 -30.24
C CYS C 374 27.70 -20.88 -30.33
N HIS C 375 26.54 -21.51 -30.11
CA HIS C 375 25.30 -20.75 -30.08
C HIS C 375 25.31 -19.78 -28.91
N VAL C 376 24.96 -18.52 -29.18
CA VAL C 376 25.07 -17.46 -28.20
C VAL C 376 23.74 -16.71 -28.12
N ASN C 377 23.27 -16.50 -26.91
CA ASN C 377 22.10 -15.65 -26.65
C ASN C 377 22.53 -14.47 -25.79
N LEU C 378 21.76 -13.40 -25.85
CA LEU C 378 22.14 -12.14 -25.23
C LEU C 378 21.30 -11.85 -23.98
N LEU C 379 21.95 -11.18 -23.03
CA LEU C 379 21.29 -10.67 -21.82
C LEU C 379 21.53 -9.17 -21.75
N VAL C 380 20.52 -8.44 -21.33
CA VAL C 380 20.62 -6.99 -21.18
C VAL C 380 20.87 -6.67 -19.72
N ILE C 381 21.93 -5.90 -19.45
CA ILE C 381 22.29 -5.53 -18.09
C ILE C 381 21.49 -4.30 -17.71
N ALA C 382 20.52 -4.47 -16.80
CA ALA C 382 19.68 -3.36 -16.35
C ALA C 382 20.19 -2.88 -15.00
N SER C 383 21.24 -2.07 -15.04
CA SER C 383 21.82 -1.52 -13.83
C SER C 383 20.88 -0.48 -13.21
N ARG C 384 21.05 -0.25 -11.92
CA ARG C 384 20.23 0.69 -11.16
C ARG C 384 21.10 1.78 -10.58
N LYS C 385 20.64 3.03 -10.71
CA LYS C 385 21.32 4.20 -10.18
C LYS C 385 22.75 4.31 -10.72
N PHE C 386 22.83 4.42 -12.04
CA PHE C 386 24.12 4.52 -12.74
C PHE C 386 24.31 5.84 -13.43
N SER C 387 23.35 6.27 -14.25
CA SER C 387 23.43 7.52 -15.00
C SER C 387 22.64 8.64 -14.36
N GLY C 388 22.56 8.66 -13.02
CA GLY C 388 21.82 9.70 -12.34
C GLY C 388 20.37 9.35 -12.14
N ASP C 389 19.51 9.85 -13.03
CA ASP C 389 18.09 9.57 -12.95
C ASP C 389 17.81 8.08 -13.15
N LEU C 390 16.77 7.59 -12.48
CA LEU C 390 16.43 6.17 -12.48
C LEU C 390 15.66 5.72 -13.71
N SER C 391 15.67 6.51 -14.79
CA SER C 391 15.02 6.09 -16.02
C SER C 391 15.88 5.13 -16.85
N ASP C 392 17.15 4.99 -16.51
CA ASP C 392 18.02 4.10 -17.27
C ASP C 392 17.57 2.65 -17.18
N ILE C 393 17.15 2.21 -15.98
CA ILE C 393 16.70 0.84 -15.83
C ILE C 393 15.41 0.61 -16.63
N SER C 394 14.50 1.58 -16.62
CA SER C 394 13.28 1.46 -17.40
C SER C 394 13.59 1.38 -18.90
N LYS C 395 14.52 2.21 -19.37
CA LYS C 395 14.91 2.16 -20.78
C LYS C 395 15.53 0.81 -21.13
N HIS C 396 16.38 0.29 -20.24
CA HIS C 396 16.99 -1.02 -20.49
C HIS C 396 15.95 -2.12 -20.54
N LEU C 397 14.98 -2.09 -19.63
CA LEU C 397 13.92 -3.10 -19.65
C LEU C 397 13.09 -3.00 -20.92
N ALA C 398 12.77 -1.78 -21.34
CA ALA C 398 12.01 -1.61 -22.58
C ALA C 398 12.79 -2.13 -23.78
N LEU C 399 14.10 -1.85 -23.82
CA LEU C 399 14.92 -2.33 -24.92
C LEU C 399 14.97 -3.85 -24.95
N ALA C 400 15.14 -4.47 -23.77
CA ALA C 400 15.17 -5.92 -23.70
C ALA C 400 13.84 -6.52 -24.14
N ILE C 401 12.73 -5.89 -23.76
CA ILE C 401 11.42 -6.38 -24.16
C ILE C 401 11.25 -6.29 -25.67
N THR C 402 11.62 -5.15 -26.26
CA THR C 402 11.44 -4.96 -27.70
C THR C 402 12.45 -5.72 -28.53
N ALA C 403 13.53 -6.22 -27.95
CA ALA C 403 14.55 -6.90 -28.73
C ALA C 403 14.00 -8.15 -29.42
N MET C 404 13.20 -8.95 -28.71
CA MET C 404 12.74 -10.21 -29.27
C MET C 404 11.64 -10.05 -30.31
N GLN C 405 11.08 -8.85 -30.47
CA GLN C 405 10.01 -8.66 -31.44
C GLN C 405 10.45 -8.99 -32.86
N GLN C 406 11.76 -8.93 -33.13
CA GLN C 406 12.27 -9.40 -34.42
C GLN C 406 11.97 -10.89 -34.60
N GLY C 407 12.15 -11.68 -33.55
CA GLY C 407 11.82 -13.10 -33.60
C GLY C 407 12.82 -13.93 -34.37
N GLU C 408 12.90 -13.71 -35.68
CA GLU C 408 13.81 -14.47 -36.52
C GLU C 408 15.26 -14.19 -36.14
N GLY C 409 16.07 -15.24 -36.14
CA GLY C 409 17.48 -15.11 -35.80
C GLY C 409 17.99 -16.23 -34.93
N VAL C 410 19.15 -16.78 -35.27
CA VAL C 410 19.75 -17.83 -34.46
C VAL C 410 20.11 -17.30 -33.08
N CYS C 411 20.68 -16.10 -33.02
CA CYS C 411 21.01 -15.44 -31.77
C CYS C 411 19.91 -14.45 -31.41
N ARG C 412 19.42 -14.53 -30.18
CA ARG C 412 18.34 -13.65 -29.74
C ARG C 412 18.51 -13.37 -28.26
N ILE C 413 17.90 -12.27 -27.82
CA ILE C 413 17.96 -11.86 -26.42
C ILE C 413 16.98 -12.71 -25.62
N VAL C 414 17.47 -13.31 -24.54
CA VAL C 414 16.67 -14.26 -23.77
C VAL C 414 16.44 -13.83 -22.33
N GLY C 415 17.25 -12.94 -21.76
CA GLY C 415 17.10 -12.62 -20.36
C GLY C 415 17.57 -11.22 -20.03
N VAL C 416 17.27 -10.81 -18.80
CA VAL C 416 17.66 -9.50 -18.28
C VAL C 416 18.49 -9.72 -17.03
N ASP C 417 19.65 -9.07 -16.98
CA ASP C 417 20.56 -9.18 -15.84
C ASP C 417 20.36 -7.97 -14.93
N LEU C 418 20.00 -8.23 -13.68
CA LEU C 418 19.83 -7.19 -12.68
C LEU C 418 21.12 -7.06 -11.89
N ALA C 419 21.82 -5.93 -12.07
CA ALA C 419 23.12 -5.70 -11.44
C ALA C 419 22.93 -4.68 -10.32
N GLY C 420 23.20 -5.11 -9.09
CA GLY C 420 23.18 -4.20 -7.95
C GLY C 420 24.57 -3.80 -7.52
N PHE C 421 24.70 -2.55 -7.08
CA PHE C 421 26.03 -2.02 -6.75
C PHE C 421 26.45 -2.42 -5.34
N GLU C 422 25.77 -1.90 -4.32
CA GLU C 422 26.09 -2.26 -2.94
C GLU C 422 24.91 -2.90 -2.21
N ASN C 423 23.80 -2.18 -2.07
CA ASN C 423 22.70 -2.63 -1.21
C ASN C 423 21.51 -1.66 -1.28
N LYS C 424 20.44 -2.02 -0.55
CA LYS C 424 19.21 -1.22 -0.42
C LYS C 424 18.79 -0.53 -1.71
N GLU C 425 19.24 0.71 -1.90
CA GLU C 425 18.92 1.46 -3.11
C GLU C 425 19.30 0.68 -4.36
N THR C 426 20.44 -0.01 -4.30
CA THR C 426 20.91 -0.86 -5.39
C THR C 426 20.51 -2.32 -5.21
N ARG C 427 19.41 -2.58 -4.51
CA ARG C 427 18.94 -3.94 -4.30
C ARG C 427 17.68 -4.21 -5.13
N ALA C 428 17.12 -5.40 -4.94
CA ALA C 428 16.02 -5.90 -5.75
C ALA C 428 14.68 -5.85 -5.01
N SER C 429 14.45 -4.80 -4.23
CA SER C 429 13.20 -4.67 -3.47
C SER C 429 12.61 -3.28 -3.65
N TYR C 430 12.72 -2.73 -4.86
CA TYR C 430 12.20 -1.40 -5.13
C TYR C 430 11.29 -1.34 -6.34
N TYR C 431 11.59 -2.13 -7.37
CA TYR C 431 10.97 -2.00 -8.68
C TYR C 431 9.97 -3.13 -8.96
N GLU C 432 9.32 -3.63 -7.90
CA GLU C 432 8.39 -4.74 -8.07
C GLU C 432 7.22 -4.40 -9.00
N HIS C 433 6.91 -3.11 -9.15
CA HIS C 433 5.81 -2.73 -10.03
C HIS C 433 6.16 -2.87 -11.50
N ASP C 434 7.39 -2.49 -11.88
CA ASP C 434 7.77 -2.53 -13.29
C ASP C 434 7.95 -3.96 -13.79
N PHE C 435 8.61 -4.81 -13.01
CA PHE C 435 9.05 -6.12 -13.49
C PHE C 435 7.89 -7.01 -13.93
N LYS C 436 6.67 -6.74 -13.48
CA LYS C 436 5.52 -7.48 -13.99
C LYS C 436 5.54 -7.52 -15.51
N ALA C 437 5.80 -6.37 -16.16
CA ALA C 437 5.85 -6.34 -17.61
C ALA C 437 6.88 -7.32 -18.15
N VAL C 438 8.10 -7.28 -17.61
CA VAL C 438 9.14 -8.12 -18.19
C VAL C 438 8.86 -9.59 -17.86
N HIS C 439 7.98 -9.85 -16.90
CA HIS C 439 7.59 -11.23 -16.64
C HIS C 439 6.48 -11.67 -17.58
N ARG C 440 5.62 -10.75 -17.99
CA ARG C 440 4.52 -11.10 -18.89
C ARG C 440 5.03 -11.30 -20.32
N CYS C 441 6.06 -10.56 -20.72
CA CYS C 441 6.58 -10.66 -22.08
C CYS C 441 7.37 -11.94 -22.33
N GLY C 442 7.65 -12.73 -21.29
CA GLY C 442 8.38 -13.96 -21.45
C GLY C 442 9.87 -13.88 -21.20
N LEU C 443 10.37 -12.71 -20.79
CA LEU C 443 11.79 -12.55 -20.52
C LEU C 443 12.17 -13.25 -19.22
N ALA C 444 13.37 -13.80 -19.19
CA ALA C 444 13.92 -14.35 -17.96
C ALA C 444 14.69 -13.27 -17.21
N VAL C 445 14.75 -13.40 -15.89
CA VAL C 445 15.42 -12.42 -15.04
C VAL C 445 16.45 -13.14 -14.19
N THR C 446 17.70 -12.70 -14.27
CA THR C 446 18.77 -13.18 -13.41
C THR C 446 19.26 -12.03 -12.53
N ALA C 447 19.54 -12.34 -11.27
CA ALA C 447 19.92 -11.34 -10.29
C ALA C 447 21.39 -11.50 -9.92
N HIS C 448 22.13 -10.40 -9.94
CA HIS C 448 23.52 -10.37 -9.51
C HIS C 448 23.63 -10.12 -8.01
N ALA C 449 22.94 -10.94 -7.23
CA ALA C 449 22.84 -10.75 -5.78
C ALA C 449 24.08 -11.29 -5.07
N GLY C 450 25.23 -10.70 -5.40
CA GLY C 450 26.47 -11.01 -4.72
C GLY C 450 26.85 -9.93 -3.74
N GLU C 451 28.09 -9.44 -3.83
CA GLU C 451 28.60 -8.30 -3.07
C GLU C 451 28.07 -8.26 -1.64
N ASN C 452 28.29 -9.39 -0.93
CA ASN C 452 27.95 -9.54 0.48
C ASN C 452 26.54 -9.07 0.80
N ASP C 453 25.60 -9.39 -0.08
CA ASP C 453 24.21 -8.99 0.15
C ASP C 453 23.60 -9.81 1.27
N ASP C 454 22.70 -9.17 2.02
CA ASP C 454 22.04 -9.85 3.12
C ASP C 454 21.07 -10.90 2.59
N PRO C 455 20.77 -11.93 3.40
CA PRO C 455 19.83 -12.97 2.94
C PRO C 455 18.46 -12.43 2.59
N GLU C 456 18.03 -11.33 3.20
CA GLU C 456 16.75 -10.74 2.84
C GLU C 456 16.73 -10.29 1.39
N GLY C 457 17.83 -9.71 0.91
CA GLY C 457 17.90 -9.32 -0.48
C GLY C 457 17.80 -10.51 -1.43
N ILE C 458 18.46 -11.61 -1.09
CA ILE C 458 18.37 -12.81 -1.92
C ILE C 458 16.96 -13.37 -1.89
N TRP C 459 16.32 -13.34 -0.73
CA TRP C 459 14.93 -13.78 -0.63
C TRP C 459 14.03 -12.95 -1.52
N GLN C 460 14.21 -11.62 -1.50
CA GLN C 460 13.42 -10.76 -2.36
C GLN C 460 13.68 -11.05 -3.83
N ALA C 461 14.95 -11.25 -4.20
CA ALA C 461 15.27 -11.56 -5.58
C ALA C 461 14.61 -12.86 -6.02
N VAL C 462 14.59 -13.86 -5.12
CA VAL C 462 14.01 -15.15 -5.47
C VAL C 462 12.49 -15.05 -5.60
N TYR C 463 11.85 -14.31 -4.70
CA TYR C 463 10.38 -14.30 -4.64
C TYR C 463 9.75 -13.07 -5.26
N SER C 464 10.27 -11.87 -5.00
CA SER C 464 9.65 -10.66 -5.52
C SER C 464 9.80 -10.56 -7.03
N LEU C 465 11.03 -10.76 -7.53
CA LEU C 465 11.27 -10.72 -8.96
C LEU C 465 11.16 -12.08 -9.65
N HIS C 466 11.01 -13.16 -8.88
CA HIS C 466 10.97 -14.51 -9.44
C HIS C 466 12.20 -14.78 -10.29
N ALA C 467 13.36 -14.33 -9.82
CA ALA C 467 14.60 -14.52 -10.56
C ALA C 467 14.94 -15.99 -10.67
N ARG C 468 15.35 -16.41 -11.87
CA ARG C 468 15.65 -17.81 -12.12
C ARG C 468 17.12 -18.15 -11.90
N ARG C 469 17.98 -17.16 -11.71
CA ARG C 469 19.39 -17.39 -11.43
C ARG C 469 19.89 -16.32 -10.46
N LEU C 470 20.94 -16.67 -9.73
CA LEU C 470 21.54 -15.77 -8.75
C LEU C 470 23.02 -15.62 -9.05
N GLY C 471 23.49 -14.37 -9.08
CA GLY C 471 24.89 -14.10 -9.32
C GLY C 471 25.74 -14.35 -8.09
N HIS C 472 26.70 -15.26 -8.20
CA HIS C 472 27.59 -15.62 -7.10
C HIS C 472 26.80 -16.07 -5.87
N ALA C 473 26.60 -15.15 -4.92
CA ALA C 473 25.86 -15.41 -3.69
C ALA C 473 26.47 -16.60 -2.94
N LEU C 474 27.71 -16.42 -2.50
CA LEU C 474 28.45 -17.47 -1.81
C LEU C 474 28.10 -17.58 -0.33
N ASN C 475 27.26 -16.69 0.19
CA ASN C 475 26.90 -16.66 1.60
C ASN C 475 25.66 -17.49 1.91
N LEU C 476 25.37 -18.51 1.11
CA LEU C 476 24.20 -19.35 1.37
C LEU C 476 24.42 -20.28 2.55
N LEU C 477 25.66 -20.52 2.95
CA LEU C 477 25.93 -21.46 4.03
C LEU C 477 25.46 -20.94 5.38
N GLU C 478 25.29 -19.63 5.53
CA GLU C 478 24.84 -19.05 6.79
C GLU C 478 23.33 -19.01 6.94
N ALA C 479 22.59 -19.32 5.87
CA ALA C 479 21.13 -19.29 5.89
C ALA C 479 20.60 -20.61 5.34
N PRO C 480 20.48 -21.63 6.19
CA PRO C 480 19.97 -22.92 5.70
C PRO C 480 18.58 -22.84 5.09
N ASP C 481 17.73 -21.94 5.59
CA ASP C 481 16.43 -21.74 4.97
C ASP C 481 16.57 -21.24 3.53
N LEU C 482 17.55 -20.37 3.29
CA LEU C 482 17.80 -19.90 1.94
C LEU C 482 18.25 -21.04 1.03
N MET C 483 19.11 -21.93 1.53
CA MET C 483 19.48 -23.10 0.75
C MET C 483 18.27 -23.98 0.45
N ARG C 484 17.40 -24.18 1.44
CA ARG C 484 16.23 -25.01 1.21
C ARG C 484 15.32 -24.39 0.14
N THR C 485 15.14 -23.07 0.19
CA THR C 485 14.33 -22.40 -0.82
C THR C 485 14.98 -22.51 -2.20
N VAL C 486 16.30 -22.31 -2.29
CA VAL C 486 16.99 -22.37 -3.58
C VAL C 486 16.91 -23.78 -4.16
N ILE C 487 17.15 -24.80 -3.34
CA ILE C 487 17.13 -26.17 -3.83
C ILE C 487 15.73 -26.57 -4.24
N GLU C 488 14.74 -26.27 -3.41
CA GLU C 488 13.36 -26.68 -3.69
C GLU C 488 12.83 -25.98 -4.94
N ARG C 489 13.15 -24.70 -5.12
CA ARG C 489 12.64 -23.94 -6.25
C ARG C 489 13.43 -24.18 -7.53
N LYS C 490 14.47 -25.01 -7.48
CA LYS C 490 15.28 -25.33 -8.66
C LYS C 490 15.85 -24.06 -9.30
N ILE C 491 16.23 -23.10 -8.47
CA ILE C 491 16.81 -21.85 -8.94
C ILE C 491 18.31 -22.03 -9.02
N GLY C 492 18.87 -21.83 -10.22
CA GLY C 492 20.29 -22.04 -10.41
C GLY C 492 21.12 -20.94 -9.78
N VAL C 493 22.36 -21.29 -9.45
CA VAL C 493 23.34 -20.36 -8.91
C VAL C 493 24.56 -20.37 -9.81
N GLU C 494 24.90 -19.21 -10.36
CA GLU C 494 26.02 -19.06 -11.28
C GLU C 494 27.12 -18.29 -10.56
N MET C 495 28.16 -18.99 -10.14
CA MET C 495 29.34 -18.35 -9.56
C MET C 495 30.57 -18.75 -10.35
N CYS C 496 31.44 -17.78 -10.61
CA CYS C 496 32.68 -18.02 -11.31
C CYS C 496 33.79 -18.24 -10.29
N PRO C 497 34.45 -19.41 -10.28
CA PRO C 497 35.45 -19.68 -9.25
C PRO C 497 36.59 -18.67 -9.21
N TYR C 498 37.05 -18.21 -10.38
CA TYR C 498 38.25 -17.38 -10.42
C TYR C 498 37.99 -15.99 -9.85
N ALA C 499 36.91 -15.34 -10.29
CA ALA C 499 36.60 -14.00 -9.80
C ALA C 499 36.25 -14.03 -8.32
N ASN C 500 35.45 -15.01 -7.88
CA ASN C 500 35.12 -15.12 -6.47
C ASN C 500 36.34 -15.46 -5.63
N TYR C 501 37.31 -16.16 -6.22
CA TYR C 501 38.53 -16.50 -5.49
C TYR C 501 39.45 -15.30 -5.35
N GLN C 502 39.51 -14.46 -6.39
CA GLN C 502 40.37 -13.28 -6.34
C GLN C 502 39.75 -12.16 -5.50
N ILE C 503 38.43 -12.01 -5.54
CA ILE C 503 37.79 -10.87 -4.89
C ILE C 503 37.58 -11.15 -3.41
N LYS C 504 36.76 -12.16 -3.10
CA LYS C 504 36.40 -12.42 -1.70
C LYS C 504 37.56 -13.00 -0.91
N GLY C 505 38.36 -13.87 -1.54
CA GLY C 505 39.47 -14.50 -0.84
C GLY C 505 39.08 -15.83 -0.24
N PHE C 506 39.71 -16.91 -0.73
CA PHE C 506 39.36 -18.25 -0.29
C PHE C 506 40.60 -19.13 -0.31
N ALA C 507 40.52 -20.25 0.39
CA ALA C 507 41.63 -21.20 0.41
C ALA C 507 41.85 -21.78 -0.99
N PRO C 508 43.08 -22.25 -1.29
CA PRO C 508 44.27 -22.35 -0.44
C PRO C 508 45.11 -21.09 -0.47
N MET C 509 44.50 -19.94 -0.75
CA MET C 509 45.22 -18.68 -0.70
C MET C 509 45.70 -18.40 0.71
N PRO C 510 46.91 -17.87 0.87
CA PRO C 510 47.41 -17.54 2.21
C PRO C 510 46.64 -16.36 2.80
N ASN C 511 46.83 -16.18 4.10
CA ASN C 511 46.11 -15.19 4.90
C ASN C 511 44.60 -15.36 4.83
N PHE C 512 44.12 -16.53 4.39
CA PHE C 512 42.70 -16.81 4.32
C PHE C 512 42.47 -18.30 4.53
N SER C 513 41.42 -18.62 5.30
CA SER C 513 41.10 -20.01 5.61
C SER C 513 39.70 -20.41 5.17
N ALA C 514 38.91 -19.48 4.65
CA ALA C 514 37.57 -19.82 4.18
C ALA C 514 37.64 -20.74 2.97
N LEU C 515 36.79 -21.76 2.96
CA LEU C 515 36.75 -22.74 1.88
C LEU C 515 35.67 -22.39 0.88
N TYR C 516 35.94 -22.66 -0.39
CA TYR C 516 34.96 -22.41 -1.44
C TYR C 516 33.75 -23.33 -1.24
N PRO C 517 32.54 -22.80 -1.26
CA PRO C 517 31.36 -23.63 -0.96
C PRO C 517 30.85 -24.40 -2.18
N LEU C 518 31.64 -24.50 -3.24
CA LEU C 518 31.18 -25.17 -4.44
C LEU C 518 30.91 -26.65 -4.17
N LYS C 519 31.81 -27.31 -3.44
CA LYS C 519 31.59 -28.72 -3.11
C LYS C 519 30.34 -28.90 -2.26
N LYS C 520 30.15 -28.04 -1.26
CA LYS C 520 28.96 -28.13 -0.42
C LYS C 520 27.71 -27.79 -1.21
N TYR C 521 27.78 -26.81 -2.11
CA TYR C 521 26.63 -26.48 -2.95
C TYR C 521 26.25 -27.64 -3.84
N LEU C 522 27.24 -28.31 -4.44
CA LEU C 522 26.95 -29.46 -5.28
C LEU C 522 26.36 -30.61 -4.48
N GLU C 523 26.91 -30.88 -3.29
CA GLU C 523 26.40 -31.97 -2.47
C GLU C 523 24.97 -31.68 -2.02
N ALA C 524 24.69 -30.43 -1.63
CA ALA C 524 23.33 -30.06 -1.26
C ALA C 524 22.40 -30.03 -2.47
N GLY C 525 22.94 -29.89 -3.67
CA GLY C 525 22.15 -29.98 -4.88
C GLY C 525 21.73 -28.69 -5.51
N ILE C 526 22.29 -27.55 -5.08
CA ILE C 526 22.02 -26.29 -5.77
C ILE C 526 22.42 -26.42 -7.23
N LEU C 527 21.57 -25.91 -8.12
CA LEU C 527 21.84 -26.03 -9.54
C LEU C 527 23.00 -25.11 -9.90
N VAL C 528 24.20 -25.51 -9.51
CA VAL C 528 25.38 -24.67 -9.60
C VAL C 528 25.98 -24.74 -10.99
N SER C 529 26.47 -23.59 -11.46
CA SER C 529 27.17 -23.50 -12.73
C SER C 529 28.53 -22.87 -12.50
N VAL C 530 29.36 -22.91 -13.53
CA VAL C 530 30.70 -22.32 -13.49
C VAL C 530 30.84 -21.37 -14.66
N ASN C 531 31.29 -20.15 -14.39
CA ASN C 531 31.35 -19.12 -15.42
C ASN C 531 32.71 -18.42 -15.42
N THR C 532 32.82 -17.32 -16.18
CA THR C 532 34.09 -16.64 -16.34
C THR C 532 34.06 -15.16 -15.96
N ASP C 533 32.88 -14.58 -15.73
CA ASP C 533 32.76 -13.17 -15.38
C ASP C 533 33.39 -12.30 -16.46
N ASN C 534 34.64 -11.90 -16.26
CA ASN C 534 35.40 -11.12 -17.22
C ASN C 534 36.59 -11.96 -17.68
N ILE C 535 36.59 -12.33 -18.96
CA ILE C 535 37.66 -13.18 -19.48
C ILE C 535 38.98 -12.41 -19.50
N GLY C 536 38.97 -11.20 -20.04
CA GLY C 536 40.20 -10.43 -20.13
C GLY C 536 40.75 -10.01 -18.78
N ILE C 537 39.87 -9.52 -17.91
CA ILE C 537 40.32 -9.00 -16.61
C ILE C 537 40.87 -10.13 -15.75
N SER C 538 40.13 -11.23 -15.65
CA SER C 538 40.61 -12.37 -14.87
C SER C 538 41.76 -13.09 -15.55
N GLY C 539 41.87 -12.97 -16.88
CA GLY C 539 42.91 -13.68 -17.60
C GLY C 539 42.77 -15.19 -17.50
N ALA C 540 41.55 -15.70 -17.53
CA ALA C 540 41.30 -17.14 -17.38
C ALA C 540 39.98 -17.47 -18.05
N ASN C 541 40.01 -18.30 -19.08
CA ASN C 541 38.81 -18.69 -19.80
C ASN C 541 38.12 -19.81 -19.02
N LEU C 542 37.12 -20.44 -19.64
CA LEU C 542 36.32 -21.44 -18.94
C LEU C 542 37.12 -22.69 -18.58
N SER C 543 38.09 -23.06 -19.42
CA SER C 543 38.84 -24.29 -19.17
C SER C 543 39.60 -24.22 -17.86
N GLU C 544 40.41 -23.16 -17.67
CA GLU C 544 41.14 -23.02 -16.42
C GLU C 544 40.21 -22.68 -15.26
N ASN C 545 39.08 -22.02 -15.55
CA ASN C 545 38.11 -21.75 -14.51
C ASN C 545 37.57 -23.04 -13.91
N LEU C 546 37.30 -24.04 -14.76
CA LEU C 546 36.87 -25.33 -14.25
C LEU C 546 38.04 -26.11 -13.65
N LEU C 547 39.23 -25.97 -14.22
CA LEU C 547 40.38 -26.73 -13.75
C LEU C 547 40.77 -26.33 -12.34
N ILE C 548 40.72 -25.03 -12.02
CA ILE C 548 41.15 -24.54 -10.72
C ILE C 548 40.28 -25.06 -9.57
N LEU C 549 39.14 -25.66 -9.88
CA LEU C 549 38.28 -26.21 -8.85
C LEU C 549 38.95 -27.33 -8.06
N ALA C 550 39.95 -27.99 -8.66
CA ALA C 550 40.69 -29.02 -7.92
C ALA C 550 41.42 -28.43 -6.73
N ASP C 551 42.03 -27.25 -6.92
CA ASP C 551 42.74 -26.60 -5.82
C ASP C 551 41.79 -25.83 -4.91
N LEU C 552 40.81 -25.14 -5.51
CA LEU C 552 39.86 -24.38 -4.69
C LEU C 552 39.01 -25.30 -3.83
N CYS C 553 38.56 -26.42 -4.39
CA CYS C 553 37.70 -27.37 -3.68
C CYS C 553 38.32 -28.76 -3.81
N PRO C 554 39.28 -29.10 -2.94
CA PRO C 554 39.87 -30.43 -3.00
C PRO C 554 38.84 -31.52 -2.76
N GLY C 555 39.01 -32.63 -3.46
CA GLY C 555 38.08 -33.74 -3.36
C GLY C 555 37.00 -33.77 -4.43
N ILE C 556 36.95 -32.76 -5.31
CA ILE C 556 35.97 -32.76 -6.39
C ILE C 556 36.32 -33.87 -7.37
N SER C 557 35.30 -34.39 -8.05
CA SER C 557 35.44 -35.49 -8.98
C SER C 557 34.96 -35.08 -10.37
N ARG C 558 35.34 -35.88 -11.37
CA ARG C 558 34.95 -35.56 -12.74
C ARG C 558 33.45 -35.64 -12.93
N MET C 559 32.78 -36.56 -12.24
CA MET C 559 31.32 -36.56 -12.22
C MET C 559 30.77 -35.22 -11.74
N ASP C 560 31.45 -34.59 -10.80
CA ASP C 560 31.01 -33.28 -10.34
C ASP C 560 31.11 -32.25 -11.47
N VAL C 561 32.19 -32.31 -12.27
CA VAL C 561 32.31 -31.39 -13.41
C VAL C 561 31.21 -31.65 -14.42
N LEU C 562 30.91 -32.92 -14.70
CA LEU C 562 29.88 -33.23 -15.68
C LEU C 562 28.50 -32.79 -15.17
N THR C 563 28.25 -32.95 -13.87
CA THR C 563 26.99 -32.47 -13.31
C THR C 563 26.93 -30.95 -13.31
N ILE C 564 28.07 -30.27 -13.17
CA ILE C 564 28.09 -28.82 -13.31
C ILE C 564 27.68 -28.41 -14.71
N ILE C 565 28.23 -29.11 -15.72
CA ILE C 565 27.83 -28.83 -17.10
C ILE C 565 26.35 -29.11 -17.31
N ARG C 566 25.85 -30.21 -16.74
CA ARG C 566 24.44 -30.53 -16.88
C ARG C 566 23.56 -29.47 -16.22
N ASN C 567 23.96 -28.98 -15.04
CA ASN C 567 23.20 -27.92 -14.39
C ASN C 567 23.22 -26.65 -15.21
N SER C 568 24.36 -26.32 -15.81
CA SER C 568 24.43 -25.15 -16.67
C SER C 568 23.49 -25.29 -17.86
N ILE C 569 23.40 -26.50 -18.43
CA ILE C 569 22.45 -26.73 -19.51
C ILE C 569 21.02 -26.58 -19.02
N GLU C 570 20.71 -27.13 -17.85
CA GLU C 570 19.34 -27.12 -17.34
C GLU C 570 18.87 -25.71 -17.03
N THR C 571 19.73 -24.89 -16.44
CA THR C 571 19.32 -23.56 -16.00
C THR C 571 19.40 -22.50 -17.10
N ALA C 572 19.84 -22.87 -18.30
CA ALA C 572 19.93 -21.89 -19.38
C ALA C 572 18.54 -21.45 -19.81
N PHE C 573 18.44 -20.16 -20.19
CA PHE C 573 17.17 -19.57 -20.61
C PHE C 573 16.95 -19.90 -22.09
N ILE C 574 16.50 -21.13 -22.35
CA ILE C 574 16.29 -21.61 -23.71
C ILE C 574 14.95 -22.33 -23.78
N SER C 575 14.43 -22.45 -25.00
CA SER C 575 13.20 -23.18 -25.23
C SER C 575 13.43 -24.68 -25.03
N HIS C 576 12.32 -25.39 -24.78
CA HIS C 576 12.43 -26.81 -24.43
C HIS C 576 13.00 -27.63 -25.58
N ASP C 577 12.56 -27.36 -26.81
CA ASP C 577 13.06 -28.14 -27.95
C ASP C 577 14.55 -27.88 -28.17
N PHE C 578 14.97 -26.61 -28.09
CA PHE C 578 16.38 -26.31 -28.23
C PHE C 578 17.19 -26.91 -27.10
N ARG C 579 16.63 -26.92 -25.89
CA ARG C 579 17.32 -27.55 -24.77
C ARG C 579 17.49 -29.04 -25.00
N MET C 580 16.47 -29.69 -25.55
CA MET C 580 16.57 -31.13 -25.83
C MET C 580 17.62 -31.41 -26.90
N GLU C 581 17.65 -30.60 -27.96
CA GLU C 581 18.67 -30.79 -28.99
C GLU C 581 20.06 -30.55 -28.43
N LEU C 582 20.21 -29.51 -27.60
CA LEU C 582 21.50 -29.24 -26.97
C LEU C 582 21.91 -30.39 -26.07
N LEU C 583 20.97 -30.97 -25.32
CA LEU C 583 21.29 -32.10 -24.46
C LEU C 583 21.75 -33.29 -25.27
N LYS C 584 21.07 -33.58 -26.38
CA LYS C 584 21.48 -34.69 -27.24
C LYS C 584 22.89 -34.49 -27.76
N PHE C 585 23.17 -33.31 -28.33
CA PHE C 585 24.50 -33.05 -28.87
C PHE C 585 25.55 -33.10 -27.77
N PHE C 586 25.25 -32.50 -26.62
CA PHE C 586 26.20 -32.51 -25.51
C PHE C 586 26.50 -33.92 -25.04
N ASP C 587 25.47 -34.76 -24.93
CA ASP C 587 25.69 -36.10 -24.44
C ASP C 587 26.56 -36.89 -25.41
N ARG C 588 26.25 -36.81 -26.71
CA ARG C 588 27.07 -37.52 -27.68
C ARG C 588 28.52 -37.02 -27.66
N LYS C 589 28.71 -35.70 -27.67
CA LYS C 589 30.06 -35.16 -27.70
C LYS C 589 30.82 -35.51 -26.43
N ILE C 590 30.15 -35.47 -25.27
CA ILE C 590 30.81 -35.75 -24.01
C ILE C 590 31.20 -37.22 -23.92
N TYR C 591 30.34 -38.12 -24.41
CA TYR C 591 30.69 -39.53 -24.43
C TYR C 591 31.89 -39.76 -25.33
N ASP C 592 31.88 -39.19 -26.53
CA ASP C 592 32.98 -39.37 -27.45
C ASP C 592 34.28 -38.83 -26.86
N VAL C 593 34.23 -37.63 -26.28
CA VAL C 593 35.46 -37.00 -25.81
C VAL C 593 36.01 -37.72 -24.59
N CYS C 594 35.14 -38.17 -23.67
CA CYS C 594 35.66 -38.90 -22.51
C CYS C 594 36.21 -40.26 -22.92
N LEU C 595 35.55 -40.95 -23.85
CA LEU C 595 36.07 -42.22 -24.34
C LEU C 595 37.42 -42.03 -25.00
N ILE C 596 37.59 -40.96 -25.78
CA ILE C 596 38.86 -40.72 -26.45
C ILE C 596 39.94 -40.30 -25.46
N SER C 597 39.58 -39.51 -24.45
CA SER C 597 40.55 -38.90 -23.56
C SER C 597 40.84 -39.71 -22.30
N ILE C 598 40.21 -40.87 -22.11
CA ILE C 598 40.69 -41.78 -21.09
C ILE C 598 41.96 -42.47 -21.59
N LYS C 599 42.38 -42.11 -22.81
CA LYS C 599 43.63 -42.63 -23.37
C LYS C 599 44.82 -42.22 -22.52
N ASN C 600 44.87 -40.96 -22.08
CA ASN C 600 45.98 -40.46 -21.28
C ASN C 600 45.65 -40.52 -19.78
N MET D 1 27.58 -58.71 6.48
CA MET D 1 28.79 -58.78 5.67
C MET D 1 29.06 -60.26 5.35
N SER D 2 29.21 -60.55 4.06
CA SER D 2 29.48 -61.91 3.62
C SER D 2 30.19 -61.85 2.28
N ARG D 3 31.40 -62.41 2.22
CA ARG D 3 32.22 -62.41 1.01
C ARG D 3 32.20 -63.82 0.42
N VAL D 4 31.33 -64.03 -0.57
CA VAL D 4 31.22 -65.34 -1.22
C VAL D 4 32.47 -65.61 -2.04
N LEU D 5 32.94 -66.86 -2.00
CA LEU D 5 34.08 -67.30 -2.77
C LEU D 5 33.62 -68.21 -3.90
N LEU D 6 34.08 -67.92 -5.11
CA LEU D 6 33.74 -68.69 -6.29
C LEU D 6 35.02 -69.27 -6.89
N CYS D 7 35.03 -70.58 -7.10
CA CYS D 7 36.19 -71.27 -7.67
C CYS D 7 35.71 -72.31 -8.67
N SER D 8 36.60 -72.66 -9.59
CA SER D 8 36.31 -73.68 -10.60
C SER D 8 37.42 -74.72 -10.57
N ALA D 9 37.03 -75.99 -10.45
CA ALA D 9 38.01 -77.08 -10.42
C ALA D 9 37.31 -78.35 -10.89
N GLY D 10 37.57 -78.73 -12.13
CA GLY D 10 36.96 -79.96 -12.65
C GLY D 10 37.44 -81.19 -11.91
N HIS D 11 38.76 -81.29 -11.71
CA HIS D 11 39.32 -82.38 -10.93
C HIS D 11 40.45 -81.98 -9.99
N SER D 12 40.91 -80.73 -10.03
CA SER D 12 41.92 -80.24 -9.09
C SER D 12 41.23 -79.76 -7.82
N SER D 13 40.76 -80.72 -7.03
CA SER D 13 39.89 -80.44 -5.89
C SER D 13 40.62 -79.81 -4.71
N MET D 14 41.95 -79.78 -4.70
CA MET D 14 42.69 -79.27 -3.55
C MET D 14 43.02 -77.79 -3.66
N VAL D 15 42.60 -77.10 -4.72
CA VAL D 15 42.86 -75.67 -4.82
C VAL D 15 41.80 -74.84 -4.10
N VAL D 16 40.62 -75.43 -3.82
CA VAL D 16 39.57 -74.68 -3.13
C VAL D 16 40.01 -74.20 -1.75
N PRO D 17 40.62 -75.03 -0.89
CA PRO D 17 41.10 -74.50 0.39
C PRO D 17 42.12 -73.38 0.24
N GLU D 18 42.93 -73.39 -0.82
CA GLU D 18 43.89 -72.30 -1.04
C GLU D 18 43.18 -70.96 -1.03
N ALA D 19 42.13 -70.83 -1.85
CA ALA D 19 41.34 -69.61 -1.87
C ALA D 19 40.74 -69.34 -0.49
N PHE D 20 40.32 -70.39 0.20
CA PHE D 20 39.77 -70.21 1.55
C PHE D 20 40.81 -69.61 2.48
N HIS D 21 42.08 -69.97 2.28
CA HIS D 21 43.16 -69.40 3.09
C HIS D 21 43.72 -68.13 2.49
N ALA D 22 43.22 -67.69 1.33
CA ALA D 22 43.77 -66.52 0.66
C ALA D 22 43.64 -65.27 1.52
N VAL D 23 42.48 -65.09 2.15
CA VAL D 23 42.23 -63.96 3.03
C VAL D 23 42.39 -64.43 4.47
N PRO D 24 43.25 -63.79 5.28
CA PRO D 24 43.53 -64.34 6.62
C PRO D 24 42.32 -64.38 7.54
N GLU D 25 41.40 -63.42 7.43
CA GLU D 25 40.30 -63.36 8.40
C GLU D 25 39.20 -64.36 8.10
N GLY D 26 39.27 -65.08 6.98
CA GLY D 26 38.30 -66.11 6.69
C GLY D 26 37.12 -65.59 5.90
N PHE D 27 36.19 -66.51 5.62
CA PHE D 27 35.02 -66.19 4.81
C PHE D 27 33.73 -66.66 5.48
N GLU D 28 32.63 -66.59 4.75
CA GLU D 28 31.32 -67.02 5.25
C GLU D 28 30.69 -68.12 4.41
N GLU D 29 30.85 -68.11 3.10
CA GLU D 29 30.36 -69.19 2.26
C GLU D 29 31.26 -69.31 1.04
N VAL D 30 31.54 -70.55 0.64
CA VAL D 30 32.39 -70.86 -0.50
C VAL D 30 31.65 -71.83 -1.40
N HIS D 31 31.63 -71.54 -2.70
CA HIS D 31 30.97 -72.38 -3.67
C HIS D 31 31.90 -72.63 -4.85
N VAL D 32 31.89 -73.87 -5.35
CA VAL D 32 32.79 -74.31 -6.40
C VAL D 32 31.96 -74.87 -7.56
N PHE D 33 32.36 -74.53 -8.78
CA PHE D 33 31.71 -75.03 -9.98
C PHE D 33 32.56 -76.13 -10.60
N THR D 34 31.92 -77.25 -10.95
CA THR D 34 32.61 -78.39 -11.50
C THR D 34 31.64 -79.20 -12.34
N THR D 35 32.12 -79.69 -13.48
CA THR D 35 31.30 -80.52 -14.36
C THR D 35 31.00 -81.87 -13.69
N ASP D 36 30.07 -82.60 -14.30
CA ASP D 36 29.64 -83.89 -13.76
C ASP D 36 30.57 -85.04 -14.15
N SER D 37 31.80 -84.74 -14.54
CA SER D 37 32.74 -85.80 -14.91
C SER D 37 33.07 -86.67 -13.71
N GLU D 38 33.27 -87.96 -13.97
CA GLU D 38 33.61 -88.90 -12.90
C GLU D 38 34.96 -88.60 -12.27
N LYS D 39 35.85 -87.92 -12.98
CA LYS D 39 37.18 -87.62 -12.47
C LYS D 39 37.15 -86.65 -11.29
N PHE D 40 36.03 -86.00 -11.02
CA PHE D 40 35.92 -85.11 -9.87
C PHE D 40 36.07 -85.90 -8.58
N ASN D 41 36.73 -85.30 -7.60
CA ASN D 41 36.99 -85.93 -6.30
C ASN D 41 36.51 -84.99 -5.20
N PRO D 42 35.20 -84.94 -4.95
CA PRO D 42 34.67 -84.01 -3.94
C PRO D 42 34.73 -84.55 -2.52
N VAL D 43 35.18 -85.79 -2.33
CA VAL D 43 35.22 -86.37 -0.98
C VAL D 43 36.17 -85.58 -0.09
N VAL D 44 37.36 -85.29 -0.60
CA VAL D 44 38.34 -84.53 0.18
C VAL D 44 37.80 -83.14 0.49
N LEU D 45 37.18 -82.50 -0.49
CA LEU D 45 36.64 -81.15 -0.29
C LEU D 45 35.58 -81.14 0.80
N ASN D 46 34.61 -82.07 0.72
CA ASN D 46 33.53 -82.04 1.68
C ASN D 46 34.01 -82.45 3.08
N ASP D 47 34.93 -83.41 3.17
CA ASP D 47 35.41 -83.77 4.50
C ASP D 47 36.25 -82.66 5.12
N PHE D 48 37.01 -81.92 4.30
CA PHE D 48 37.74 -80.77 4.82
C PHE D 48 36.78 -79.68 5.27
N PHE D 49 35.74 -79.40 4.49
CA PHE D 49 34.82 -78.33 4.83
C PHE D 49 33.90 -78.69 5.99
N HIS D 50 33.72 -79.99 6.27
CA HIS D 50 32.93 -80.39 7.42
C HIS D 50 33.57 -79.98 8.74
N SER D 51 34.87 -79.72 8.75
CA SER D 51 35.55 -79.27 9.96
C SER D 51 35.24 -77.83 10.30
N LEU D 52 34.60 -77.09 9.41
CA LEU D 52 34.23 -75.69 9.64
C LEU D 52 32.74 -75.54 9.37
N PRO D 53 31.89 -75.98 10.31
CA PRO D 53 30.44 -75.84 10.11
C PRO D 53 29.96 -74.40 10.02
N ASN D 54 30.71 -73.45 10.57
CA ASN D 54 30.31 -72.05 10.54
C ASN D 54 30.44 -71.43 9.14
N VAL D 55 31.10 -72.11 8.21
CA VAL D 55 31.27 -71.63 6.85
C VAL D 55 30.42 -72.49 5.93
N ARG D 56 29.45 -71.86 5.27
CA ARG D 56 28.59 -72.59 4.34
C ARG D 56 29.38 -73.05 3.12
N PHE D 57 29.09 -74.27 2.67
CA PHE D 57 29.77 -74.83 1.51
C PHE D 57 28.74 -75.53 0.62
N SER D 58 29.03 -75.56 -0.67
CA SER D 58 28.16 -76.23 -1.63
C SER D 58 28.97 -76.58 -2.86
N ILE D 59 28.45 -77.53 -3.64
CA ILE D 59 29.05 -77.96 -4.89
C ILE D 59 27.97 -78.00 -5.95
N THR D 60 28.21 -77.34 -7.07
CA THR D 60 27.27 -77.30 -8.19
C THR D 60 27.84 -78.11 -9.35
N LYS D 61 27.01 -78.96 -9.93
CA LYS D 61 27.41 -79.85 -11.02
C LYS D 61 26.62 -79.51 -12.28
N CYS D 62 27.34 -79.35 -13.39
CA CYS D 62 26.69 -79.09 -14.67
C CYS D 62 26.17 -80.40 -15.25
N HIS D 63 24.88 -80.46 -15.53
CA HIS D 63 24.25 -81.69 -15.97
C HIS D 63 24.59 -82.00 -17.42
N GLY D 64 25.01 -83.24 -17.67
CA GLY D 64 25.23 -83.71 -19.03
C GLY D 64 26.36 -83.03 -19.77
N LEU D 65 27.48 -82.76 -19.09
CA LEU D 65 28.64 -82.17 -19.75
C LEU D 65 29.89 -82.69 -19.04
N ALA D 66 30.47 -83.76 -19.58
CA ALA D 66 31.65 -84.35 -18.96
C ALA D 66 32.88 -83.45 -19.13
N ASP D 67 33.11 -82.94 -20.33
CA ASP D 67 34.27 -82.11 -20.60
C ASP D 67 33.98 -81.25 -21.82
N ILE D 68 34.84 -80.24 -22.01
CA ILE D 68 34.65 -79.28 -23.08
C ILE D 68 35.29 -79.82 -24.35
N LEU D 69 34.49 -79.97 -25.40
CA LEU D 69 35.00 -80.53 -26.65
C LEU D 69 34.74 -79.66 -27.86
N ASN D 70 33.58 -79.03 -27.96
CA ASN D 70 33.19 -78.31 -29.17
C ASN D 70 32.55 -76.99 -28.80
N GLU D 71 32.11 -76.26 -29.84
CA GLU D 71 31.51 -74.95 -29.64
C GLU D 71 30.21 -75.03 -28.86
N ARG D 72 29.35 -76.01 -29.19
CA ARG D 72 28.10 -76.16 -28.47
C ARG D 72 28.35 -76.50 -27.01
N ASP D 73 29.28 -77.41 -26.75
CA ASP D 73 29.62 -77.75 -25.36
C ASP D 73 30.18 -76.53 -24.63
N PHE D 74 31.05 -75.76 -25.30
CA PHE D 74 31.63 -74.60 -24.64
C PHE D 74 30.57 -73.56 -24.31
N GLU D 75 29.65 -73.28 -25.24
CA GLU D 75 28.64 -72.28 -24.97
C GLU D 75 27.68 -72.74 -23.89
N PHE D 76 27.32 -74.03 -23.89
CA PHE D 76 26.47 -74.54 -22.82
C PHE D 76 27.15 -74.43 -21.46
N TYR D 77 28.43 -74.81 -21.40
CA TYR D 77 29.15 -74.72 -20.14
C TYR D 77 29.31 -73.27 -19.68
N GLN D 78 29.56 -72.37 -20.62
CA GLN D 78 29.69 -70.96 -20.27
C GLN D 78 28.38 -70.41 -19.73
N GLU D 79 27.26 -70.77 -20.36
CA GLU D 79 25.96 -70.34 -19.84
C GLU D 79 25.73 -70.90 -18.45
N MET D 80 26.05 -72.18 -18.23
CA MET D 80 25.84 -72.77 -16.92
C MET D 80 26.71 -72.09 -15.86
N LEU D 81 27.97 -71.83 -16.18
CA LEU D 81 28.87 -71.20 -15.22
C LEU D 81 28.41 -69.78 -14.90
N TRP D 82 27.98 -69.03 -15.90
CA TRP D 82 27.50 -67.67 -15.65
C TRP D 82 26.22 -67.70 -14.83
N GLN D 83 25.32 -68.64 -15.11
CA GLN D 83 24.11 -68.77 -14.31
C GLN D 83 24.45 -69.07 -12.84
N TRP D 84 25.40 -69.98 -12.62
CA TRP D 84 25.80 -70.30 -11.25
C TRP D 84 26.45 -69.09 -10.57
N TYR D 85 27.30 -68.36 -11.30
CA TYR D 85 27.95 -67.19 -10.72
C TYR D 85 26.94 -66.12 -10.34
N LEU D 86 25.95 -65.88 -11.21
CA LEU D 86 25.01 -64.79 -10.98
C LEU D 86 24.07 -65.08 -9.81
N THR D 87 23.83 -66.35 -9.49
CA THR D 87 22.95 -66.72 -8.39
C THR D 87 23.69 -66.93 -7.08
N LYS D 88 25.00 -66.68 -7.06
CA LYS D 88 25.80 -66.90 -5.86
C LYS D 88 26.44 -65.63 -5.32
N MET D 89 26.33 -64.51 -6.02
CA MET D 89 26.91 -63.26 -5.53
C MET D 89 26.13 -62.76 -4.31
N PRO D 90 26.78 -61.98 -3.44
CA PRO D 90 26.04 -61.34 -2.34
C PRO D 90 25.00 -60.35 -2.87
N ASP D 91 24.07 -60.00 -1.99
CA ASP D 91 22.95 -59.16 -2.40
C ASP D 91 23.42 -57.78 -2.86
N ASN D 92 24.36 -57.18 -2.12
CA ASN D 92 24.80 -55.82 -2.47
C ASN D 92 26.32 -55.65 -2.36
N GLU D 93 27.09 -56.74 -2.33
CA GLU D 93 28.53 -56.68 -2.26
C GLU D 93 29.13 -57.57 -3.33
N LEU D 94 30.27 -57.15 -3.86
CA LEU D 94 30.95 -57.97 -4.86
C LEU D 94 31.67 -59.14 -4.19
N PRO D 95 31.70 -60.30 -4.83
CA PRO D 95 32.34 -61.47 -4.23
C PRO D 95 33.79 -61.62 -4.67
N TYR D 96 34.47 -62.58 -4.05
CA TYR D 96 35.84 -62.94 -4.40
C TYR D 96 35.82 -64.07 -5.42
N VAL D 97 36.98 -64.35 -6.01
CA VAL D 97 37.08 -65.38 -7.03
C VAL D 97 38.56 -65.73 -7.20
N CYS D 98 38.83 -67.04 -7.36
CA CYS D 98 40.15 -67.54 -7.66
C CYS D 98 40.15 -68.19 -9.04
N LEU D 99 41.32 -68.22 -9.67
CA LEU D 99 41.46 -68.68 -11.05
C LEU D 99 42.62 -69.66 -11.18
N SER D 100 42.69 -70.64 -10.29
CA SER D 100 43.77 -71.61 -10.28
C SER D 100 43.23 -73.03 -10.25
N GLY D 101 42.28 -73.33 -11.14
CA GLY D 101 41.73 -74.66 -11.20
C GLY D 101 41.33 -75.13 -12.58
N GLY D 102 41.86 -76.28 -12.99
CA GLY D 102 41.44 -76.93 -14.21
C GLY D 102 42.01 -76.32 -15.48
N ILE D 103 41.43 -76.76 -16.60
CA ILE D 103 41.89 -76.32 -17.92
C ILE D 103 41.63 -74.82 -18.09
N LYS D 104 42.42 -74.19 -18.95
CA LYS D 104 42.38 -72.74 -19.11
C LYS D 104 41.08 -72.24 -19.71
N SER D 105 40.29 -73.10 -20.35
CA SER D 105 39.06 -72.64 -20.99
C SER D 105 38.07 -72.11 -19.95
N MET D 106 37.78 -72.92 -18.91
CA MET D 106 36.87 -72.44 -17.89
C MET D 106 37.50 -71.37 -17.02
N SER D 107 38.84 -71.36 -16.92
CA SER D 107 39.49 -70.24 -16.24
C SER D 107 39.22 -68.93 -16.96
N ALA D 108 39.33 -68.94 -18.30
CA ALA D 108 39.03 -67.74 -19.08
C ALA D 108 37.55 -67.38 -18.98
N SER D 109 36.68 -68.40 -18.99
CA SER D 109 35.25 -68.13 -18.84
C SER D 109 34.96 -67.47 -17.50
N LEU D 110 35.58 -67.95 -16.43
CA LEU D 110 35.38 -67.36 -15.11
C LEU D 110 35.97 -65.95 -15.04
N GLN D 111 37.11 -65.72 -15.70
CA GLN D 111 37.65 -64.37 -15.75
C GLN D 111 36.70 -63.42 -16.47
N LYS D 112 36.10 -63.88 -17.57
CA LYS D 112 35.11 -63.06 -18.26
C LYS D 112 33.91 -62.79 -17.37
N ALA D 113 33.49 -63.79 -16.60
CA ALA D 113 32.39 -63.60 -15.66
C ALA D 113 32.74 -62.54 -14.63
N ALA D 114 33.96 -62.59 -14.08
CA ALA D 114 34.38 -61.61 -13.10
C ALA D 114 34.46 -60.22 -13.72
N THR D 115 34.92 -60.12 -14.96
CA THR D 115 35.02 -58.82 -15.63
C THR D 115 33.63 -58.25 -15.90
N LEU D 116 32.67 -59.10 -16.25
CA LEU D 116 31.34 -58.63 -16.61
C LEU D 116 30.50 -58.30 -15.39
N PHE D 117 30.32 -59.26 -14.49
CA PHE D 117 29.45 -59.08 -13.33
C PHE D 117 30.15 -58.42 -12.15
N GLY D 118 31.45 -58.22 -12.24
CA GLY D 118 32.19 -57.62 -11.14
C GLY D 118 32.66 -58.65 -10.13
N ALA D 119 33.72 -58.28 -9.40
CA ALA D 119 34.30 -59.15 -8.38
C ALA D 119 35.08 -58.29 -7.41
N GLN D 120 34.96 -58.61 -6.12
CA GLN D 120 35.65 -57.84 -5.10
C GLN D 120 37.16 -57.93 -5.26
N SER D 121 37.67 -59.11 -5.58
CA SER D 121 39.10 -59.30 -5.76
C SER D 121 39.35 -60.55 -6.59
N VAL D 122 39.97 -60.37 -7.75
CA VAL D 122 40.38 -61.47 -8.60
C VAL D 122 41.84 -61.76 -8.28
N PHE D 123 42.11 -62.93 -7.74
CA PHE D 123 43.44 -63.30 -7.25
C PHE D 123 43.81 -64.68 -7.76
N HIS D 124 45.11 -64.97 -7.67
CA HIS D 124 45.66 -66.28 -8.03
C HIS D 124 46.32 -66.90 -6.81
N VAL D 125 46.29 -68.23 -6.76
CA VAL D 125 46.96 -69.00 -5.72
C VAL D 125 47.91 -69.97 -6.38
N LEU D 126 49.17 -69.97 -5.95
CA LEU D 126 50.21 -70.80 -6.55
C LEU D 126 51.08 -71.37 -5.45
N ALA D 127 51.44 -72.65 -5.60
CA ALA D 127 52.33 -73.33 -4.67
C ALA D 127 53.51 -73.91 -5.43
N ASP D 128 54.69 -73.86 -4.81
CA ASP D 128 55.90 -74.38 -5.43
C ASP D 128 56.06 -75.88 -5.27
N ASN D 129 55.17 -76.53 -4.52
CA ASN D 129 55.25 -77.97 -4.31
C ASN D 129 54.05 -78.75 -4.80
N ASN D 130 52.92 -78.08 -5.09
CA ASN D 130 51.69 -78.71 -5.52
C ASN D 130 51.25 -79.77 -4.53
N PRO D 131 50.80 -79.39 -3.33
CA PRO D 131 50.41 -80.38 -2.32
C PRO D 131 49.24 -81.23 -2.79
N ARG D 132 49.25 -82.49 -2.39
CA ARG D 132 48.21 -83.44 -2.73
C ARG D 132 47.27 -83.75 -1.56
N ASN D 133 47.62 -83.34 -0.35
CA ASN D 133 46.79 -83.61 0.82
C ASN D 133 46.67 -82.33 1.65
N ILE D 134 45.75 -82.36 2.61
CA ILE D 134 45.51 -81.16 3.42
C ILE D 134 46.58 -80.99 4.49
N GLU D 135 47.18 -82.09 4.95
CA GLU D 135 48.24 -81.98 5.96
C GLU D 135 49.50 -81.36 5.37
N GLU D 136 49.95 -81.88 4.22
CA GLU D 136 51.05 -81.24 3.51
C GLU D 136 50.70 -79.84 3.08
N MET D 137 49.41 -79.58 2.83
CA MET D 137 48.95 -78.22 2.60
C MET D 137 49.21 -77.33 3.81
N PHE D 138 48.89 -77.82 5.01
CA PHE D 138 49.13 -77.02 6.21
C PHE D 138 50.62 -76.77 6.40
N ASP D 139 51.44 -77.80 6.17
CA ASP D 139 52.89 -77.61 6.28
C ASP D 139 53.39 -76.59 5.27
N ALA D 140 52.89 -76.64 4.04
CA ALA D 140 53.31 -75.69 3.02
C ALA D 140 52.90 -74.27 3.37
N LEU D 141 51.66 -74.09 3.83
CA LEU D 141 51.18 -72.74 4.13
C LEU D 141 51.89 -72.16 5.34
N GLN D 142 52.17 -72.98 6.36
CA GLN D 142 52.95 -72.49 7.50
C GLN D 142 54.41 -72.27 7.12
N LYS D 143 54.91 -72.97 6.11
CA LYS D 143 56.26 -72.73 5.62
C LYS D 143 56.34 -71.46 4.79
N GLY D 144 55.29 -71.15 4.03
CA GLY D 144 55.28 -70.01 3.13
C GLY D 144 55.44 -70.33 1.67
N GLN D 145 55.46 -71.61 1.29
CA GLN D 145 55.57 -71.98 -0.12
C GLN D 145 54.36 -71.55 -0.93
N ILE D 146 53.21 -71.36 -0.29
CA ILE D 146 52.01 -70.92 -0.99
C ILE D 146 52.16 -69.44 -1.36
N HIS D 147 51.61 -69.08 -2.52
CA HIS D 147 51.65 -67.71 -3.01
C HIS D 147 50.23 -67.21 -3.22
N PHE D 148 49.98 -65.97 -2.81
CA PHE D 148 48.65 -65.36 -2.83
C PHE D 148 48.73 -64.16 -3.77
N ILE D 149 48.53 -64.42 -5.06
CA ILE D 149 48.76 -63.42 -6.09
C ILE D 149 47.42 -62.73 -6.38
N GLU D 150 47.18 -61.62 -5.68
CA GLU D 150 46.04 -60.76 -5.97
C GLU D 150 46.41 -59.82 -7.11
N MET D 151 45.59 -59.81 -8.16
CA MET D 151 45.97 -59.11 -9.38
C MET D 151 44.90 -58.24 -10.01
N GLY D 152 43.64 -58.32 -9.57
CA GLY D 152 42.62 -57.47 -10.18
C GLY D 152 41.49 -57.16 -9.23
N TYR D 153 40.78 -56.07 -9.53
CA TYR D 153 39.52 -55.73 -8.87
C TYR D 153 38.61 -55.19 -9.98
N GLU D 154 37.86 -56.08 -10.60
CA GLU D 154 37.00 -55.68 -11.71
C GLU D 154 35.64 -55.27 -11.17
N PRO D 155 35.19 -54.04 -11.46
CA PRO D 155 33.88 -53.60 -10.94
C PRO D 155 32.72 -54.23 -11.68
N GLY D 156 32.93 -54.54 -12.96
CA GLY D 156 31.87 -55.10 -13.78
C GLY D 156 30.84 -54.06 -14.15
N TRP D 157 29.80 -54.52 -14.84
CA TRP D 157 28.70 -53.67 -15.26
C TRP D 157 27.54 -53.85 -14.30
N ALA D 158 27.07 -52.73 -13.73
CA ALA D 158 25.96 -52.81 -12.79
C ALA D 158 24.71 -53.37 -13.45
N ALA D 159 24.42 -52.93 -14.68
CA ALA D 159 23.26 -53.44 -15.39
C ALA D 159 23.40 -54.93 -15.68
N LEU D 160 24.61 -55.37 -16.01
CA LEU D 160 24.83 -56.79 -16.28
C LEU D 160 24.55 -57.64 -15.06
N ARG D 161 24.94 -57.18 -13.87
CA ARG D 161 24.65 -57.90 -12.64
C ARG D 161 23.22 -57.70 -12.17
N ARG D 162 22.51 -56.71 -12.69
CA ARG D 162 21.14 -56.42 -12.26
C ARG D 162 20.12 -57.38 -12.86
N LEU D 163 20.52 -58.24 -13.80
CA LEU D 163 19.58 -59.14 -14.45
C LEU D 163 19.56 -60.54 -13.83
N LYS D 164 19.79 -60.63 -12.51
CA LYS D 164 19.60 -61.90 -11.82
C LYS D 164 18.15 -62.38 -11.88
N LYS D 165 17.21 -61.47 -12.18
CA LYS D 165 15.80 -61.80 -12.15
C LYS D 165 15.37 -62.72 -13.30
N ILE D 166 16.15 -62.82 -14.37
CA ILE D 166 15.80 -63.70 -15.48
C ILE D 166 16.29 -65.13 -15.28
N LEU D 167 17.09 -65.37 -14.23
CA LEU D 167 17.59 -66.73 -13.97
C LEU D 167 16.48 -67.74 -13.71
N PRO D 168 15.48 -67.47 -12.83
CA PRO D 168 14.45 -68.49 -12.58
C PRO D 168 13.54 -68.71 -13.77
N ILE D 169 12.51 -69.55 -13.59
CA ILE D 169 11.61 -69.96 -14.66
C ILE D 169 12.44 -70.60 -15.77
N ASN D 170 13.18 -71.65 -15.42
CA ASN D 170 14.03 -72.34 -16.38
C ASN D 170 14.00 -73.85 -16.26
N GLU D 171 13.16 -74.40 -15.38
CA GLU D 171 13.02 -75.84 -15.12
C GLU D 171 14.36 -76.57 -15.12
N GLY D 172 15.36 -75.97 -14.51
CA GLY D 172 16.69 -76.56 -14.46
C GLY D 172 17.52 -76.37 -15.71
N CYS D 173 16.99 -75.71 -16.73
CA CYS D 173 17.70 -75.45 -17.99
C CYS D 173 18.22 -76.74 -18.62
N SER D 174 17.30 -77.70 -18.81
CA SER D 174 17.66 -78.95 -19.46
C SER D 174 17.98 -78.71 -20.93
N ARG D 175 18.94 -79.47 -21.45
CA ARG D 175 19.45 -79.24 -22.80
C ARG D 175 18.38 -79.46 -23.88
N ASP D 176 17.26 -80.11 -23.55
CA ASP D 176 16.21 -80.31 -24.54
C ASP D 176 15.64 -78.98 -25.01
N ASN D 177 15.44 -78.04 -24.09
CA ASN D 177 14.87 -76.73 -24.43
C ASN D 177 15.63 -75.60 -23.76
N PHE D 178 16.92 -75.81 -23.46
CA PHE D 178 17.72 -74.76 -22.85
C PHE D 178 17.95 -73.63 -23.83
N LYS D 179 18.12 -72.42 -23.28
CA LYS D 179 18.43 -71.25 -24.08
C LYS D 179 19.61 -70.52 -23.47
N PRO D 180 20.42 -69.86 -24.29
CA PRO D 180 21.54 -69.04 -23.75
C PRO D 180 21.06 -67.70 -23.24
N LEU D 181 20.19 -67.74 -22.23
CA LEU D 181 19.56 -66.52 -21.73
C LEU D 181 20.57 -65.55 -21.13
N ILE D 182 21.63 -66.09 -20.51
CA ILE D 182 22.69 -65.21 -20.00
C ILE D 182 23.48 -64.61 -21.15
N SER D 183 23.74 -65.40 -22.20
CA SER D 183 24.41 -64.85 -23.38
C SER D 183 23.59 -63.77 -24.06
N LYS D 184 22.29 -63.69 -23.76
CA LYS D 184 21.50 -62.55 -24.22
C LYS D 184 22.00 -61.26 -23.59
N SER D 185 22.51 -61.32 -22.35
CA SER D 185 23.14 -60.16 -21.75
C SER D 185 24.39 -59.75 -22.53
N ILE D 186 25.17 -60.74 -22.98
CA ILE D 186 26.38 -60.43 -23.73
C ILE D 186 26.02 -59.79 -25.07
N GLU D 187 25.01 -60.32 -25.75
CA GLU D 187 24.61 -59.67 -27.00
C GLU D 187 24.02 -58.30 -26.73
N GLU D 188 23.35 -58.11 -25.58
CA GLU D 188 22.86 -56.80 -25.20
C GLU D 188 23.98 -55.78 -25.10
N ILE D 189 25.01 -56.09 -24.32
CA ILE D 189 26.11 -55.14 -24.12
C ILE D 189 26.86 -54.92 -25.43
N LEU D 190 27.10 -55.99 -26.18
CA LEU D 190 27.81 -55.84 -27.45
C LEU D 190 27.00 -54.99 -28.43
N SER D 191 25.70 -55.21 -28.51
CA SER D 191 24.86 -54.43 -29.41
C SER D 191 24.84 -52.97 -29.00
N ASN D 192 24.74 -52.69 -27.71
CA ASN D 192 24.74 -51.30 -27.27
C ASN D 192 26.05 -50.61 -27.62
N VAL D 193 27.17 -51.27 -27.34
CA VAL D 193 28.47 -50.65 -27.64
C VAL D 193 28.64 -50.44 -29.13
N LYS D 194 28.29 -51.46 -29.94
CA LYS D 194 28.45 -51.35 -31.38
C LYS D 194 27.54 -50.28 -31.97
N ILE D 195 26.30 -50.19 -31.48
CA ILE D 195 25.38 -49.16 -31.97
C ILE D 195 25.89 -47.77 -31.61
N MET D 196 26.39 -47.61 -30.39
CA MET D 196 26.94 -46.31 -29.98
C MET D 196 28.15 -45.94 -30.83
N ALA D 197 29.01 -46.91 -31.14
CA ALA D 197 30.24 -46.61 -31.86
C ALA D 197 30.01 -46.38 -33.35
N SER D 198 29.08 -47.12 -33.96
CA SER D 198 28.91 -47.11 -35.40
C SER D 198 27.86 -46.11 -35.89
N ASP D 199 27.19 -45.41 -34.99
CA ASP D 199 26.13 -44.47 -35.37
C ASP D 199 26.31 -43.17 -34.61
N THR D 200 25.74 -42.12 -35.17
CA THR D 200 25.78 -40.80 -34.55
C THR D 200 24.41 -40.17 -34.40
N GLY D 201 23.51 -40.37 -35.35
CA GLY D 201 22.20 -39.77 -35.31
C GLY D 201 21.28 -40.41 -34.29
N LYS D 202 20.94 -41.68 -34.49
CA LYS D 202 20.12 -42.42 -33.54
C LYS D 202 20.83 -42.66 -32.21
N SER D 203 22.13 -42.42 -32.15
CA SER D 203 22.92 -42.70 -30.97
C SER D 203 23.04 -41.52 -30.02
N ASN D 204 22.35 -40.41 -30.30
CA ASN D 204 22.51 -39.21 -29.47
C ASN D 204 22.05 -39.43 -28.04
N GLN D 205 20.74 -39.62 -27.84
CA GLN D 205 20.15 -39.71 -26.50
C GLN D 205 18.66 -39.94 -26.67
N LEU D 206 18.03 -40.42 -25.59
CA LEU D 206 16.58 -40.61 -25.50
C LEU D 206 16.14 -41.01 -24.09
N PRO D 207 16.74 -42.01 -23.45
CA PRO D 207 16.22 -42.45 -22.15
C PRO D 207 16.22 -41.35 -21.11
N PHE D 208 15.10 -41.19 -20.44
CA PHE D 208 14.92 -40.21 -19.37
C PHE D 208 15.45 -40.71 -18.03
N PRO D 209 15.11 -41.93 -17.56
CA PRO D 209 15.59 -42.35 -16.24
C PRO D 209 17.02 -42.89 -16.27
N SER D 210 17.75 -42.60 -17.34
CA SER D 210 19.15 -43.00 -17.49
C SER D 210 19.29 -44.52 -17.54
N LEU D 211 18.45 -45.16 -18.35
CA LEU D 211 18.56 -46.60 -18.56
C LEU D 211 19.63 -46.94 -19.58
N ALA D 212 19.42 -46.56 -20.85
CA ALA D 212 20.44 -46.55 -21.90
C ALA D 212 21.24 -47.84 -22.04
N ILE D 213 20.78 -48.94 -21.43
CA ILE D 213 21.53 -50.19 -21.47
C ILE D 213 20.69 -51.38 -21.89
N LEU D 214 19.36 -51.32 -21.85
CA LEU D 214 18.55 -52.45 -22.28
C LEU D 214 18.84 -52.81 -23.73
N PRO D 215 18.59 -54.06 -24.11
CA PRO D 215 18.91 -54.48 -25.48
C PRO D 215 18.14 -53.65 -26.48
N PRO D 216 18.67 -53.51 -27.70
CA PRO D 216 18.01 -52.66 -28.70
C PRO D 216 16.58 -53.06 -28.98
N ILE D 217 16.26 -54.36 -28.85
CA ILE D 217 14.88 -54.80 -29.00
C ILE D 217 14.00 -54.14 -27.94
N ALA D 218 14.49 -54.08 -26.70
CA ALA D 218 13.72 -53.45 -25.63
C ALA D 218 13.51 -51.96 -25.90
N GLN D 219 14.55 -51.26 -26.36
CA GLN D 219 14.40 -49.84 -26.66
C GLN D 219 13.43 -49.62 -27.81
N GLN D 220 13.51 -50.45 -28.85
CA GLN D 220 12.57 -50.32 -29.96
C GLN D 220 11.14 -50.58 -29.51
N TRP D 221 10.94 -51.56 -28.63
CA TRP D 221 9.61 -51.80 -28.08
C TRP D 221 9.13 -50.61 -27.26
N LEU D 222 10.04 -50.00 -26.50
CA LEU D 222 9.69 -48.80 -25.73
C LEU D 222 9.28 -47.66 -26.65
N GLN D 223 9.90 -47.57 -27.83
CA GLN D 223 9.54 -46.51 -28.76
C GLN D 223 8.13 -46.68 -29.30
N LEU D 224 7.70 -47.93 -29.49
CA LEU D 224 6.38 -48.19 -30.05
C LEU D 224 5.27 -47.75 -29.09
N PRO D 225 4.16 -47.25 -29.62
CA PRO D 225 3.05 -46.85 -28.75
C PRO D 225 2.46 -48.04 -28.01
N LEU D 226 1.95 -47.76 -26.81
CA LEU D 226 1.36 -48.80 -25.98
C LEU D 226 -0.13 -48.93 -26.25
N SER D 227 -0.67 -50.11 -25.92
CA SER D 227 -2.09 -50.37 -26.09
C SER D 227 -2.70 -50.88 -24.78
N ALA D 228 -3.96 -51.30 -24.83
CA ALA D 228 -4.65 -51.74 -23.62
C ALA D 228 -4.13 -53.07 -23.09
N ASN D 229 -3.30 -53.79 -23.84
CA ASN D 229 -2.80 -55.08 -23.41
C ASN D 229 -1.47 -55.00 -22.67
N ASP D 230 -0.99 -53.80 -22.36
CA ASP D 230 0.26 -53.61 -21.64
C ASP D 230 0.07 -53.46 -20.14
N GLY D 231 -1.15 -53.68 -19.64
CA GLY D 231 -1.41 -53.48 -18.22
C GLY D 231 -0.50 -54.32 -17.34
N ALA D 232 -0.24 -55.57 -17.74
CA ALA D 232 0.65 -56.43 -16.97
C ALA D 232 2.01 -55.77 -16.79
N TRP D 233 2.50 -55.06 -17.81
CA TRP D 233 3.71 -54.27 -17.64
C TRP D 233 3.46 -53.08 -16.72
N ILE D 234 2.37 -52.33 -16.96
CA ILE D 234 2.13 -51.09 -16.24
C ILE D 234 1.99 -51.36 -14.74
N GLN D 235 1.36 -52.48 -14.38
CA GLN D 235 1.23 -52.82 -12.97
C GLN D 235 2.59 -53.02 -12.32
N ASN D 236 3.53 -53.64 -13.04
CA ASN D 236 4.86 -53.85 -12.47
C ASN D 236 5.69 -52.58 -12.42
N LEU D 237 5.33 -51.59 -13.21
CA LEU D 237 6.11 -50.35 -13.25
C LEU D 237 5.93 -49.56 -11.97
N PRO D 238 7.00 -49.17 -11.27
CA PRO D 238 6.85 -48.32 -10.09
C PRO D 238 6.40 -46.93 -10.50
N LYS D 239 5.28 -46.49 -9.93
CA LYS D 239 4.66 -45.24 -10.32
C LYS D 239 4.65 -44.25 -9.16
N VAL D 240 4.30 -43.00 -9.48
CA VAL D 240 4.24 -41.93 -8.50
C VAL D 240 2.86 -41.28 -8.62
N ASP D 241 2.25 -40.99 -7.47
CA ASP D 241 0.96 -40.31 -7.39
C ASP D 241 1.13 -39.01 -6.64
N LEU D 242 0.66 -37.91 -7.23
CA LEU D 242 0.80 -36.60 -6.62
C LEU D 242 -0.51 -35.94 -6.24
N HIS D 243 -1.64 -36.46 -6.73
CA HIS D 243 -2.96 -35.86 -6.50
C HIS D 243 -3.90 -36.99 -6.10
N CYS D 244 -4.01 -37.25 -4.80
CA CYS D 244 -4.86 -38.33 -4.28
C CYS D 244 -5.53 -37.83 -3.00
N HIS D 245 -6.80 -37.45 -3.10
CA HIS D 245 -7.54 -37.00 -1.94
C HIS D 245 -7.78 -38.17 -0.98
N LEU D 246 -7.65 -37.89 0.31
CA LEU D 246 -7.74 -38.95 1.32
C LEU D 246 -9.14 -39.54 1.41
N GLY D 247 -10.15 -38.69 1.51
CA GLY D 247 -11.50 -39.18 1.74
C GLY D 247 -12.22 -39.72 0.52
N GLY D 248 -11.63 -39.56 -0.67
CA GLY D 248 -12.27 -40.04 -1.87
C GLY D 248 -11.84 -41.44 -2.27
N PHE D 249 -11.30 -42.19 -1.31
CA PHE D 249 -10.77 -43.51 -1.60
C PHE D 249 -11.81 -44.61 -1.38
N ALA D 250 -12.35 -44.72 -0.17
CA ALA D 250 -13.34 -45.74 0.16
C ALA D 250 -14.73 -45.08 0.15
N THR D 251 -15.29 -44.95 -1.05
CA THR D 251 -16.56 -44.27 -1.24
C THR D 251 -17.70 -45.19 -1.64
N SER D 252 -17.41 -46.44 -1.99
CA SER D 252 -18.46 -47.38 -2.39
C SER D 252 -17.88 -48.79 -2.35
N GLY D 253 -18.78 -49.77 -2.39
CA GLY D 253 -18.38 -51.15 -2.50
C GLY D 253 -17.89 -51.76 -1.19
N SER D 254 -17.12 -52.84 -1.35
CA SER D 254 -16.61 -53.57 -0.19
C SER D 254 -15.69 -52.72 0.66
N LEU D 255 -14.93 -51.83 0.05
CA LEU D 255 -14.07 -50.92 0.82
C LEU D 255 -14.91 -50.05 1.75
N LEU D 256 -15.99 -49.45 1.22
CA LEU D 256 -16.87 -48.65 2.05
C LEU D 256 -17.53 -49.51 3.13
N ASP D 257 -17.93 -50.73 2.78
CA ASP D 257 -18.58 -51.59 3.76
C ASP D 257 -17.65 -51.92 4.91
N GLN D 258 -16.38 -52.26 4.62
CA GLN D 258 -15.46 -52.62 5.68
C GLN D 258 -14.99 -51.38 6.45
N VAL D 259 -14.95 -50.21 5.81
CA VAL D 259 -14.69 -48.99 6.56
C VAL D 259 -15.82 -48.70 7.53
N ARG D 260 -17.07 -48.88 7.09
CA ARG D 260 -18.20 -48.71 7.98
C ARG D 260 -18.22 -49.76 9.08
N GLY D 261 -17.66 -50.94 8.81
CA GLY D 261 -17.58 -51.99 9.81
C GLY D 261 -16.77 -51.60 11.02
N ALA D 262 -15.47 -51.35 10.80
CA ALA D 262 -14.59 -50.90 11.88
C ALA D 262 -14.65 -49.38 12.00
N ALA D 263 -15.81 -48.91 12.45
CA ALA D 263 -16.09 -47.48 12.60
C ALA D 263 -16.29 -47.13 14.07
N SER D 264 -15.55 -47.79 14.96
CA SER D 264 -15.56 -47.54 16.39
C SER D 264 -16.97 -47.67 16.95
N GLU D 265 -17.72 -46.56 17.10
CA GLU D 265 -19.15 -46.69 17.38
C GLU D 265 -19.90 -46.83 16.07
N PRO D 266 -20.62 -47.92 15.84
CA PRO D 266 -21.38 -48.09 14.60
C PRO D 266 -22.80 -47.56 14.63
N ASP D 267 -23.23 -46.92 15.73
CA ASP D 267 -24.59 -46.42 15.79
C ASP D 267 -24.77 -45.14 14.99
N LEU D 268 -23.74 -44.29 14.96
CA LEU D 268 -23.85 -42.99 14.31
C LEU D 268 -23.79 -43.08 12.79
N ILE D 269 -23.27 -44.18 12.23
CA ILE D 269 -23.18 -44.30 10.79
C ILE D 269 -24.57 -44.53 10.20
N ASP D 270 -24.73 -44.17 8.93
CA ASP D 270 -26.02 -44.27 8.27
C ASP D 270 -25.79 -44.50 6.78
N ARG D 271 -26.83 -45.00 6.11
CA ARG D 271 -26.79 -45.25 4.67
C ARG D 271 -27.10 -43.95 3.94
N THR D 272 -26.09 -43.37 3.31
CA THR D 272 -26.24 -42.12 2.58
C THR D 272 -25.63 -42.26 1.19
N PHE D 273 -26.22 -41.53 0.24
CA PHE D 273 -25.77 -41.50 -1.15
C PHE D 273 -25.88 -42.86 -1.82
N SER D 274 -25.65 -42.90 -3.13
CA SER D 274 -25.72 -44.13 -3.91
C SER D 274 -25.04 -43.92 -5.26
N PRO D 275 -24.55 -44.98 -5.90
CA PRO D 275 -23.97 -44.83 -7.24
C PRO D 275 -25.01 -44.32 -8.23
N GLN D 276 -24.56 -43.49 -9.17
CA GLN D 276 -25.46 -42.91 -10.14
C GLN D 276 -26.03 -43.97 -11.07
N GLU D 277 -27.29 -43.81 -11.43
CA GLU D 277 -27.93 -44.72 -12.37
C GLU D 277 -27.37 -44.53 -13.78
N ILE D 278 -27.49 -45.58 -14.59
CA ILE D 278 -27.07 -45.64 -15.99
C ILE D 278 -25.65 -45.09 -16.17
N ALA D 279 -24.86 -45.12 -15.12
CA ALA D 279 -23.48 -44.65 -15.15
C ALA D 279 -22.56 -45.84 -15.45
N GLY D 280 -22.06 -45.91 -16.67
CA GLY D 280 -21.16 -46.98 -17.06
C GLY D 280 -19.77 -46.81 -16.50
N TRP D 281 -19.64 -46.94 -15.18
CA TRP D 281 -18.37 -46.72 -14.53
C TRP D 281 -17.35 -47.77 -14.97
N PRO D 282 -16.08 -47.39 -15.18
CA PRO D 282 -15.55 -46.02 -15.09
C PRO D 282 -15.55 -45.31 -16.44
N ARG D 283 -15.95 -45.99 -17.52
CA ARG D 283 -15.94 -45.41 -18.86
C ARG D 283 -17.33 -44.85 -19.16
N SER D 284 -17.63 -43.71 -18.54
CA SER D 284 -18.94 -43.09 -18.72
C SER D 284 -19.08 -42.57 -20.15
N HIS D 285 -20.25 -42.84 -20.74
CA HIS D 285 -20.55 -42.37 -22.09
C HIS D 285 -21.07 -40.95 -22.13
N LYS D 286 -21.40 -40.37 -20.98
CA LYS D 286 -21.90 -39.01 -20.90
C LYS D 286 -21.11 -38.23 -19.86
N SER D 287 -21.01 -36.92 -20.06
CA SER D 287 -20.33 -36.06 -19.10
C SER D 287 -21.13 -35.98 -17.80
N ILE D 288 -20.43 -35.86 -16.69
CA ILE D 288 -21.03 -35.77 -15.36
C ILE D 288 -20.71 -34.40 -14.78
N SER D 289 -21.74 -33.72 -14.27
CA SER D 289 -21.56 -32.42 -13.67
C SER D 289 -20.70 -32.51 -12.40
N LEU D 290 -19.96 -31.44 -12.12
CA LEU D 290 -19.05 -31.44 -10.99
C LEU D 290 -19.81 -31.58 -9.67
N ASP D 291 -20.91 -30.84 -9.54
CA ASP D 291 -21.75 -30.95 -8.34
C ASP D 291 -22.16 -32.40 -8.11
N LYS D 292 -22.63 -33.07 -9.16
CA LYS D 292 -22.87 -34.50 -9.08
C LYS D 292 -21.59 -35.25 -8.75
N TYR D 293 -20.42 -34.71 -9.13
CA TYR D 293 -19.17 -35.41 -8.87
C TYR D 293 -18.86 -35.51 -7.38
N MET D 294 -19.06 -34.44 -6.61
CA MET D 294 -18.91 -34.71 -5.17
C MET D 294 -20.19 -35.24 -4.52
N GLU D 295 -21.35 -35.10 -5.16
CA GLU D 295 -22.53 -35.74 -4.59
C GLU D 295 -22.42 -37.26 -4.66
N LEU D 296 -21.72 -37.78 -5.67
CA LEU D 296 -21.44 -39.21 -5.72
C LEU D 296 -20.51 -39.65 -4.59
N GLY D 297 -19.50 -38.86 -4.29
CA GLY D 297 -18.54 -39.16 -3.24
C GLY D 297 -18.99 -38.82 -1.85
N ASN D 298 -20.13 -38.13 -1.69
CA ASN D 298 -20.65 -37.81 -0.38
C ASN D 298 -21.10 -39.02 0.43
N ALA D 299 -20.91 -40.24 -0.10
CA ALA D 299 -21.25 -41.43 0.67
C ALA D 299 -20.40 -41.53 1.93
N ASN D 300 -19.12 -41.18 1.83
CA ASN D 300 -18.21 -41.14 2.96
C ASN D 300 -17.50 -39.79 2.98
N GLY D 301 -16.75 -39.55 4.04
CA GLY D 301 -15.99 -38.31 4.15
C GLY D 301 -16.19 -37.59 5.47
N SER D 302 -16.65 -36.34 5.40
CA SER D 302 -16.83 -35.55 6.61
C SER D 302 -17.87 -36.17 7.54
N LYS D 303 -18.96 -36.67 6.99
CA LYS D 303 -20.04 -37.21 7.80
C LYS D 303 -19.74 -38.61 8.34
N LEU D 304 -18.70 -39.26 7.85
CA LEU D 304 -18.38 -40.62 8.26
C LEU D 304 -17.06 -40.75 9.01
N LEU D 305 -16.02 -40.04 8.56
CA LEU D 305 -14.68 -40.19 9.11
C LEU D 305 -14.44 -39.39 10.38
N LYS D 306 -15.51 -38.98 11.08
CA LYS D 306 -15.33 -38.18 12.29
C LYS D 306 -14.64 -38.99 13.40
N ASP D 307 -15.04 -40.25 13.57
CA ASP D 307 -14.47 -41.06 14.63
C ASP D 307 -13.11 -41.63 14.22
N LYS D 308 -12.34 -42.04 15.23
CA LYS D 308 -10.94 -42.41 15.00
C LYS D 308 -10.82 -43.75 14.30
N GLY D 309 -11.63 -44.73 14.70
CA GLY D 309 -11.45 -46.09 14.19
C GLY D 309 -11.67 -46.18 12.69
N CYS D 310 -12.75 -45.57 12.20
CA CYS D 310 -13.03 -45.60 10.77
C CYS D 310 -11.96 -44.85 9.99
N LEU D 311 -11.47 -43.74 10.53
CA LEU D 311 -10.40 -43.00 9.87
C LEU D 311 -9.13 -43.84 9.76
N ILE D 312 -8.78 -44.54 10.84
CA ILE D 312 -7.58 -45.38 10.82
C ILE D 312 -7.76 -46.51 9.82
N ARG D 313 -8.94 -47.14 9.80
CA ARG D 313 -9.17 -48.20 8.83
C ARG D 313 -9.10 -47.67 7.40
N GLN D 314 -9.66 -46.49 7.16
CA GLN D 314 -9.65 -45.93 5.81
C GLN D 314 -8.22 -45.61 5.36
N VAL D 315 -7.42 -45.01 6.25
CA VAL D 315 -6.05 -44.67 5.85
C VAL D 315 -5.21 -45.93 5.66
N GLU D 316 -5.44 -46.96 6.49
CA GLU D 316 -4.73 -48.21 6.29
C GLU D 316 -5.12 -48.86 4.96
N LEU D 317 -6.40 -48.82 4.61
CA LEU D 317 -6.83 -49.35 3.33
C LEU D 317 -6.25 -48.56 2.17
N LEU D 318 -6.17 -47.24 2.31
CA LEU D 318 -5.56 -46.42 1.27
C LEU D 318 -4.10 -46.79 1.07
N TYR D 319 -3.35 -46.96 2.17
CA TYR D 319 -1.95 -47.36 2.04
C TYR D 319 -1.83 -48.75 1.43
N GLN D 320 -2.73 -49.67 1.80
CA GLN D 320 -2.68 -51.02 1.23
C GLN D 320 -2.94 -50.98 -0.26
N SER D 321 -3.91 -50.18 -0.71
CA SER D 321 -4.18 -50.06 -2.13
C SER D 321 -3.02 -49.39 -2.86
N LEU D 322 -2.37 -48.42 -2.21
CA LEU D 322 -1.20 -47.78 -2.82
C LEU D 322 -0.07 -48.78 -3.01
N VAL D 323 0.19 -49.61 -2.00
CA VAL D 323 1.27 -50.58 -2.11
C VAL D 323 0.94 -51.65 -3.13
N ASN D 324 -0.31 -52.13 -3.13
CA ASN D 324 -0.71 -53.19 -4.07
C ASN D 324 -0.67 -52.73 -5.51
N ASP D 325 -0.69 -51.42 -5.76
CA ASP D 325 -0.61 -50.88 -7.11
C ASP D 325 0.81 -50.56 -7.53
N ASN D 326 1.80 -50.96 -6.73
CA ASN D 326 3.21 -50.72 -7.03
C ASN D 326 3.51 -49.24 -7.17
N VAL D 327 2.89 -48.42 -6.32
CA VAL D 327 3.18 -46.99 -6.25
C VAL D 327 4.28 -46.79 -5.21
N ALA D 328 5.40 -46.22 -5.62
CA ALA D 328 6.54 -46.10 -4.72
C ALA D 328 6.47 -44.84 -3.86
N TYR D 329 6.09 -43.71 -4.44
CA TYR D 329 5.94 -42.47 -3.71
C TYR D 329 4.57 -41.87 -4.01
N ALA D 330 3.92 -41.34 -2.99
CA ALA D 330 2.59 -40.76 -3.15
C ALA D 330 2.43 -39.59 -2.20
N GLU D 331 1.56 -38.66 -2.59
CA GLU D 331 1.22 -37.51 -1.76
C GLU D 331 -0.29 -37.48 -1.57
N ILE D 332 -0.72 -37.45 -0.31
CA ILE D 332 -2.14 -37.55 0.04
C ILE D 332 -2.60 -36.17 0.50
N ARG D 333 -3.61 -35.64 -0.18
CA ARG D 333 -4.25 -34.39 0.22
C ARG D 333 -5.39 -34.71 1.18
N CYS D 334 -5.34 -34.10 2.36
CA CYS D 334 -6.33 -34.37 3.40
C CYS D 334 -6.83 -33.06 3.99
N SER D 335 -8.05 -33.09 4.50
CA SER D 335 -8.68 -31.94 5.14
C SER D 335 -8.94 -32.28 6.60
N PRO D 336 -8.03 -31.91 7.50
CA PRO D 336 -8.23 -32.24 8.92
C PRO D 336 -9.48 -31.63 9.52
N ASN D 337 -9.92 -30.47 9.02
CA ASN D 337 -11.11 -29.83 9.58
C ASN D 337 -12.36 -30.66 9.30
N ASN D 338 -12.38 -31.38 8.19
CA ASN D 338 -13.60 -32.14 7.82
C ASN D 338 -13.76 -33.37 8.73
N TYR D 339 -12.64 -33.92 9.21
CA TYR D 339 -12.68 -35.09 10.07
C TYR D 339 -12.55 -34.74 11.54
N ALA D 340 -12.48 -33.46 11.89
CA ALA D 340 -12.40 -33.04 13.27
C ALA D 340 -13.79 -33.03 13.92
N ASP D 341 -13.79 -33.07 15.25
CA ASP D 341 -15.05 -33.00 16.00
C ASP D 341 -14.74 -32.47 17.39
N LYS D 342 -15.19 -31.25 17.68
CA LYS D 342 -14.97 -30.66 18.98
C LYS D 342 -15.69 -31.40 20.10
N ASN D 343 -16.79 -32.08 19.78
CA ASN D 343 -17.58 -32.77 20.81
C ASN D 343 -16.76 -33.87 21.47
N LYS D 344 -16.03 -34.65 20.69
CA LYS D 344 -15.23 -35.76 21.21
C LYS D 344 -13.79 -35.37 21.50
N ASN D 345 -13.52 -34.08 21.67
CA ASN D 345 -12.16 -33.58 21.88
C ASN D 345 -11.24 -33.99 20.73
N ARG D 346 -11.78 -33.98 19.52
CA ARG D 346 -11.07 -34.41 18.32
C ARG D 346 -10.92 -33.18 17.41
N SER D 347 -9.87 -32.41 17.64
CA SER D 347 -9.61 -31.24 16.83
C SER D 347 -8.96 -31.65 15.50
N ALA D 348 -8.79 -30.67 14.61
CA ALA D 348 -8.14 -30.93 13.34
C ALA D 348 -6.68 -31.34 13.54
N TRP D 349 -6.01 -30.70 14.51
CA TRP D 349 -4.60 -31.02 14.75
C TRP D 349 -4.43 -32.46 15.19
N VAL D 350 -5.30 -32.95 16.08
CA VAL D 350 -5.16 -34.32 16.54
C VAL D 350 -5.50 -35.29 15.41
N VAL D 351 -6.41 -34.91 14.51
CA VAL D 351 -6.71 -35.77 13.36
C VAL D 351 -5.49 -35.89 12.46
N LEU D 352 -4.85 -34.75 12.18
CA LEU D 352 -3.65 -34.79 11.35
C LEU D 352 -2.53 -35.57 12.04
N GLN D 353 -2.40 -35.40 13.36
CA GLN D 353 -1.39 -36.15 14.10
C GLN D 353 -1.65 -37.65 14.02
N ASP D 354 -2.91 -38.06 14.16
CA ASP D 354 -3.24 -39.49 14.05
C ASP D 354 -2.92 -40.01 12.65
N ILE D 355 -3.26 -39.24 11.61
CA ILE D 355 -2.97 -39.67 10.24
C ILE D 355 -1.47 -39.83 10.05
N ASN D 356 -0.70 -38.83 10.50
CA ASN D 356 0.75 -38.90 10.35
C ASN D 356 1.33 -40.08 11.11
N ASP D 357 0.85 -40.32 12.33
CA ASP D 357 1.38 -41.41 13.14
C ASP D 357 1.08 -42.76 12.52
N THR D 358 -0.15 -42.96 12.02
CA THR D 358 -0.47 -44.24 11.42
C THR D 358 0.28 -44.45 10.11
N PHE D 359 0.48 -43.38 9.33
CA PHE D 359 1.29 -43.50 8.12
C PHE D 359 2.73 -43.88 8.46
N THR D 360 3.31 -43.23 9.47
CA THR D 360 4.68 -43.54 9.86
C THR D 360 4.78 -44.98 10.35
N ARG D 361 3.82 -45.43 11.16
CA ARG D 361 3.84 -46.80 11.65
C ARG D 361 3.75 -47.80 10.50
N LEU D 362 2.84 -47.55 9.54
CA LEU D 362 2.71 -48.46 8.42
C LEU D 362 3.99 -48.51 7.59
N ILE D 363 4.58 -47.35 7.33
CA ILE D 363 5.79 -47.30 6.51
C ILE D 363 6.94 -48.03 7.20
N THR D 364 7.11 -47.79 8.51
CA THR D 364 8.18 -48.45 9.24
C THR D 364 7.96 -49.95 9.30
N GLU D 365 6.72 -50.38 9.51
CA GLU D 365 6.42 -51.82 9.54
C GLU D 365 6.71 -52.45 8.18
N ALA D 366 6.35 -51.78 7.09
CA ALA D 366 6.65 -52.31 5.77
C ALA D 366 8.16 -52.38 5.53
N LYS D 367 8.89 -51.36 5.97
CA LYS D 367 10.34 -51.35 5.78
C LYS D 367 11.03 -52.44 6.60
N GLN D 368 10.49 -52.76 7.78
CA GLN D 368 11.10 -53.78 8.62
C GLN D 368 11.08 -55.15 7.92
N LYS D 369 9.99 -55.47 7.24
CA LYS D 369 9.90 -56.74 6.53
C LYS D 369 10.75 -56.77 5.27
N ASN D 370 11.34 -55.63 4.88
CA ASN D 370 12.25 -55.54 3.74
C ASN D 370 11.55 -55.96 2.44
N GLN D 371 10.48 -55.23 2.12
CA GLN D 371 9.71 -55.46 0.91
C GLN D 371 9.38 -54.11 0.29
N PHE D 372 8.65 -54.14 -0.81
CA PHE D 372 8.23 -52.91 -1.47
C PHE D 372 7.23 -52.17 -0.60
N TYR D 373 7.47 -50.88 -0.44
CA TYR D 373 6.52 -50.05 0.35
C TYR D 373 6.15 -48.83 -0.48
N CYS D 374 5.49 -47.88 0.17
CA CYS D 374 5.06 -46.64 -0.48
C CYS D 374 5.27 -45.48 0.48
N HIS D 375 6.40 -44.78 0.33
CA HIS D 375 6.63 -43.58 1.11
C HIS D 375 5.59 -42.53 0.73
N VAL D 376 4.97 -41.91 1.74
CA VAL D 376 3.88 -40.97 1.53
C VAL D 376 4.12 -39.71 2.34
N ASN D 377 3.88 -38.57 1.73
CA ASN D 377 3.89 -37.28 2.39
C ASN D 377 2.50 -36.66 2.26
N LEU D 378 2.19 -35.72 3.14
CA LEU D 378 0.85 -35.17 3.23
C LEU D 378 0.83 -33.70 2.85
N LEU D 379 -0.21 -33.32 2.10
CA LEU D 379 -0.51 -31.94 1.78
C LEU D 379 -1.82 -31.57 2.47
N VAL D 380 -1.77 -30.51 3.30
CA VAL D 380 -3.01 -30.01 3.87
C VAL D 380 -3.82 -29.30 2.78
N ILE D 381 -5.12 -29.18 3.02
CA ILE D 381 -6.04 -28.58 2.06
C ILE D 381 -6.55 -27.27 2.63
N ALA D 382 -6.30 -26.19 1.92
CA ALA D 382 -6.84 -24.87 2.29
C ALA D 382 -8.15 -24.65 1.56
N SER D 383 -9.18 -25.35 2.04
CA SER D 383 -10.49 -25.28 1.43
C SER D 383 -11.10 -23.89 1.61
N ARG D 384 -11.86 -23.47 0.60
CA ARG D 384 -12.52 -22.18 0.59
C ARG D 384 -14.03 -22.38 0.67
N LYS D 385 -14.67 -21.65 1.60
CA LYS D 385 -16.10 -21.82 1.84
C LYS D 385 -16.89 -20.55 1.54
N PHE D 386 -16.52 -19.42 2.13
CA PHE D 386 -17.26 -18.16 1.98
C PHE D 386 -18.71 -18.28 2.42
N SER D 387 -18.97 -19.18 3.36
CA SER D 387 -20.26 -19.30 4.02
C SER D 387 -20.11 -18.97 5.50
N GLY D 388 -19.30 -17.95 5.79
CA GLY D 388 -18.91 -17.64 7.14
C GLY D 388 -17.54 -18.24 7.48
N ASP D 389 -17.06 -17.86 8.66
CA ASP D 389 -15.77 -18.30 9.21
C ASP D 389 -14.69 -18.30 8.14
N LEU D 390 -14.43 -17.11 7.59
CA LEU D 390 -13.44 -16.95 6.54
C LEU D 390 -12.01 -17.17 7.02
N SER D 391 -11.80 -17.22 8.34
CA SER D 391 -10.47 -17.47 8.90
C SER D 391 -9.98 -18.88 8.69
N ASP D 392 -10.86 -19.78 8.23
CA ASP D 392 -10.50 -21.18 8.08
C ASP D 392 -9.21 -21.35 7.29
N ILE D 393 -9.10 -20.69 6.15
CA ILE D 393 -7.88 -20.71 5.35
C ILE D 393 -6.67 -20.47 6.24
N SER D 394 -6.67 -19.31 6.94
CA SER D 394 -5.56 -18.99 7.83
C SER D 394 -5.31 -20.14 8.80
N LYS D 395 -6.36 -20.62 9.46
CA LYS D 395 -6.21 -21.73 10.39
C LYS D 395 -5.49 -22.89 9.72
N HIS D 396 -6.00 -23.32 8.55
CA HIS D 396 -5.37 -24.42 7.85
C HIS D 396 -3.89 -24.14 7.61
N LEU D 397 -3.58 -22.94 7.08
CA LEU D 397 -2.18 -22.59 6.87
C LEU D 397 -1.40 -22.74 8.16
N ALA D 398 -1.90 -22.14 9.24
CA ALA D 398 -1.21 -22.24 10.52
C ALA D 398 -1.00 -23.69 10.88
N LEU D 399 -2.03 -24.53 10.74
CA LEU D 399 -1.89 -25.94 11.05
C LEU D 399 -0.71 -26.53 10.30
N ALA D 400 -0.68 -26.34 8.98
CA ALA D 400 0.42 -26.88 8.19
C ALA D 400 1.75 -26.47 8.78
N ILE D 401 1.90 -25.17 9.07
CA ILE D 401 3.18 -24.68 9.55
C ILE D 401 3.59 -25.41 10.82
N THR D 402 2.67 -25.52 11.79
CA THR D 402 3.09 -26.12 13.04
C THR D 402 3.38 -27.60 12.87
N ALA D 403 2.72 -28.25 11.91
CA ALA D 403 3.03 -29.65 11.66
C ALA D 403 4.44 -29.84 11.15
N MET D 404 4.98 -28.83 10.44
CA MET D 404 6.36 -28.92 9.98
C MET D 404 7.32 -29.00 11.14
N GLN D 405 6.89 -28.57 12.33
CA GLN D 405 7.80 -28.67 13.45
C GLN D 405 7.86 -30.06 14.05
N GLN D 406 7.15 -31.05 13.48
CA GLN D 406 7.32 -32.42 13.97
C GLN D 406 8.75 -32.89 13.79
N GLY D 407 9.40 -32.53 12.68
CA GLY D 407 10.79 -32.84 12.46
C GLY D 407 11.07 -34.27 12.07
N GLU D 408 10.80 -35.21 12.99
CA GLU D 408 11.05 -36.61 12.74
C GLU D 408 9.94 -37.21 11.88
N GLY D 409 9.91 -38.53 11.77
CA GLY D 409 8.87 -39.20 11.03
C GLY D 409 9.19 -39.33 9.55
N VAL D 410 9.00 -40.53 9.00
CA VAL D 410 9.19 -40.73 7.58
C VAL D 410 8.17 -39.95 6.77
N CYS D 411 6.95 -39.81 7.30
CA CYS D 411 5.90 -39.03 6.66
C CYS D 411 5.82 -37.67 7.32
N ARG D 412 5.80 -36.61 6.51
CA ARG D 412 5.76 -35.26 7.03
C ARG D 412 4.97 -34.38 6.08
N ILE D 413 4.48 -33.26 6.61
CA ILE D 413 3.73 -32.30 5.80
C ILE D 413 4.69 -31.62 4.84
N VAL D 414 4.31 -31.58 3.55
CA VAL D 414 5.19 -31.03 2.52
C VAL D 414 4.59 -29.83 1.82
N GLY D 415 3.37 -29.43 2.16
CA GLY D 415 2.81 -28.24 1.55
C GLY D 415 1.32 -28.17 1.76
N VAL D 416 0.70 -27.21 1.06
CA VAL D 416 -0.72 -26.94 1.17
C VAL D 416 -1.35 -27.11 -0.20
N ASP D 417 -2.69 -27.15 -0.22
CA ASP D 417 -3.47 -27.30 -1.43
C ASP D 417 -4.55 -26.23 -1.46
N LEU D 418 -4.73 -25.61 -2.63
CA LEU D 418 -5.71 -24.54 -2.79
C LEU D 418 -6.98 -25.08 -3.46
N ALA D 419 -7.65 -25.97 -2.74
CA ALA D 419 -8.86 -26.59 -3.26
C ALA D 419 -10.03 -25.59 -3.19
N GLY D 420 -11.13 -25.95 -3.85
CA GLY D 420 -12.32 -25.14 -3.88
C GLY D 420 -12.59 -24.54 -5.25
N PHE D 421 -13.80 -24.01 -5.39
CA PHE D 421 -14.20 -23.39 -6.65
C PHE D 421 -13.38 -22.14 -6.91
N GLU D 422 -12.91 -21.99 -8.15
CA GLU D 422 -11.89 -21.02 -8.51
C GLU D 422 -12.42 -19.98 -9.50
N ASN D 423 -13.65 -19.51 -9.29
CA ASN D 423 -14.19 -18.46 -10.14
C ASN D 423 -13.55 -17.13 -9.78
N LYS D 424 -14.01 -16.06 -10.45
CA LYS D 424 -13.40 -14.75 -10.26
C LYS D 424 -13.50 -14.26 -8.82
N GLU D 425 -14.58 -14.61 -8.12
CA GLU D 425 -14.73 -14.21 -6.73
C GLU D 425 -13.67 -14.84 -5.84
N THR D 426 -13.23 -16.05 -6.18
CA THR D 426 -12.32 -16.83 -5.33
C THR D 426 -10.94 -16.98 -5.96
N ARG D 427 -10.47 -15.94 -6.67
CA ARG D 427 -9.17 -16.01 -7.31
C ARG D 427 -8.06 -15.97 -6.28
N ALA D 428 -6.84 -16.26 -6.75
CA ALA D 428 -5.64 -16.25 -5.91
C ALA D 428 -4.97 -14.89 -5.86
N SER D 429 -5.65 -13.83 -6.32
CA SER D 429 -5.06 -12.50 -6.39
C SER D 429 -5.33 -11.67 -5.15
N TYR D 430 -5.92 -12.26 -4.11
CA TYR D 430 -6.21 -11.53 -2.88
C TYR D 430 -5.47 -12.04 -1.66
N TYR D 431 -4.80 -13.18 -1.73
CA TYR D 431 -4.25 -13.85 -0.56
C TYR D 431 -2.74 -14.08 -0.67
N GLU D 432 -2.01 -13.08 -1.16
CA GLU D 432 -0.56 -13.16 -1.12
C GLU D 432 -0.02 -12.85 0.27
N HIS D 433 -0.69 -11.95 1.00
CA HIS D 433 -0.24 -11.59 2.34
C HIS D 433 -0.26 -12.78 3.28
N ASP D 434 -1.33 -13.58 3.23
CA ASP D 434 -1.41 -14.77 4.05
C ASP D 434 -0.34 -15.79 3.67
N PHE D 435 -0.10 -15.95 2.37
CA PHE D 435 0.82 -16.97 1.88
C PHE D 435 2.29 -16.57 1.98
N LYS D 436 2.57 -15.31 2.32
CA LYS D 436 3.97 -14.92 2.55
C LYS D 436 4.59 -15.75 3.66
N ALA D 437 3.85 -15.98 4.74
CA ALA D 437 4.38 -16.78 5.84
C ALA D 437 4.60 -18.23 5.44
N VAL D 438 3.64 -18.82 4.72
CA VAL D 438 3.78 -20.22 4.34
C VAL D 438 4.92 -20.40 3.35
N HIS D 439 5.19 -19.40 2.52
CA HIS D 439 6.37 -19.46 1.66
C HIS D 439 7.65 -19.28 2.46
N ARG D 440 7.62 -18.42 3.49
CA ARG D 440 8.78 -18.25 4.34
C ARG D 440 9.13 -19.53 5.08
N CYS D 441 8.13 -20.31 5.48
CA CYS D 441 8.36 -21.51 6.25
C CYS D 441 8.85 -22.69 5.41
N GLY D 442 8.83 -22.59 4.08
CA GLY D 442 9.36 -23.62 3.22
C GLY D 442 8.33 -24.57 2.63
N LEU D 443 7.04 -24.29 2.78
CA LEU D 443 6.03 -25.15 2.18
C LEU D 443 5.85 -24.86 0.70
N ALA D 444 5.57 -25.90 -0.07
CA ALA D 444 5.24 -25.74 -1.47
C ALA D 444 3.73 -25.62 -1.63
N VAL D 445 3.31 -24.78 -2.58
CA VAL D 445 1.91 -24.45 -2.77
C VAL D 445 1.44 -25.08 -4.08
N THR D 446 0.33 -25.81 -4.02
CA THR D 446 -0.28 -26.43 -5.18
C THR D 446 -1.64 -25.81 -5.42
N ALA D 447 -1.91 -25.38 -6.65
CA ALA D 447 -3.16 -24.75 -7.02
C ALA D 447 -4.09 -25.79 -7.62
N HIS D 448 -5.29 -25.91 -7.07
CA HIS D 448 -6.29 -26.85 -7.54
C HIS D 448 -7.24 -26.25 -8.57
N ALA D 449 -6.78 -25.25 -9.31
CA ALA D 449 -7.63 -24.55 -10.27
C ALA D 449 -7.97 -25.47 -11.44
N GLY D 450 -9.22 -25.91 -11.51
CA GLY D 450 -9.68 -26.79 -12.57
C GLY D 450 -10.48 -26.07 -13.63
N GLU D 451 -11.80 -26.13 -13.54
CA GLU D 451 -12.66 -25.46 -14.50
C GLU D 451 -12.64 -23.95 -14.29
N ASN D 452 -13.26 -23.24 -15.24
CA ASN D 452 -13.21 -21.77 -15.36
C ASN D 452 -11.81 -21.24 -15.05
N ASP D 453 -10.82 -21.84 -15.72
CA ASP D 453 -9.42 -21.47 -15.51
C ASP D 453 -9.06 -20.35 -16.49
N ASP D 454 -9.41 -19.13 -16.11
CA ASP D 454 -9.00 -17.98 -16.89
C ASP D 454 -7.48 -17.83 -16.85
N PRO D 455 -6.86 -17.44 -17.96
CA PRO D 455 -5.39 -17.32 -17.96
C PRO D 455 -4.87 -16.36 -16.91
N GLU D 456 -5.61 -15.31 -16.58
CA GLU D 456 -5.17 -14.39 -15.54
C GLU D 456 -5.08 -15.09 -14.18
N GLY D 457 -6.04 -15.97 -13.88
CA GLY D 457 -5.99 -16.68 -12.61
C GLY D 457 -4.80 -17.61 -12.50
N ILE D 458 -4.51 -18.36 -13.57
CA ILE D 458 -3.36 -19.24 -13.58
C ILE D 458 -2.07 -18.44 -13.49
N TRP D 459 -2.02 -17.29 -14.18
CA TRP D 459 -0.84 -16.42 -14.09
C TRP D 459 -0.64 -15.93 -12.66
N GLN D 460 -1.72 -15.53 -11.99
CA GLN D 460 -1.61 -15.09 -10.60
C GLN D 460 -1.15 -16.22 -9.70
N ALA D 461 -1.68 -17.43 -9.91
CA ALA D 461 -1.26 -18.57 -9.11
C ALA D 461 0.22 -18.86 -9.32
N VAL D 462 0.69 -18.76 -10.56
CA VAL D 462 2.08 -19.08 -10.87
C VAL D 462 3.02 -18.04 -10.26
N TYR D 463 2.69 -16.76 -10.42
CA TYR D 463 3.62 -15.70 -10.04
C TYR D 463 3.34 -15.14 -8.65
N SER D 464 2.13 -14.64 -8.41
CA SER D 464 1.83 -14.02 -7.13
C SER D 464 1.90 -15.03 -5.99
N LEU D 465 1.33 -16.23 -6.19
CA LEU D 465 1.35 -17.25 -5.15
C LEU D 465 2.62 -18.08 -5.13
N HIS D 466 3.47 -17.96 -6.15
CA HIS D 466 4.69 -18.77 -6.27
C HIS D 466 4.38 -20.25 -6.19
N ALA D 467 3.25 -20.65 -6.78
CA ALA D 467 2.86 -22.05 -6.76
C ALA D 467 3.83 -22.89 -7.59
N ARG D 468 4.20 -24.05 -7.06
CA ARG D 468 5.12 -24.95 -7.74
C ARG D 468 4.40 -26.12 -8.42
N ARG D 469 3.08 -26.08 -8.50
CA ARG D 469 2.31 -27.13 -9.14
C ARG D 469 0.91 -26.62 -9.41
N LEU D 470 0.35 -26.99 -10.56
CA LEU D 470 -0.98 -26.58 -10.95
C LEU D 470 -1.86 -27.81 -11.15
N GLY D 471 -3.02 -27.83 -10.51
CA GLY D 471 -3.94 -28.95 -10.67
C GLY D 471 -4.74 -28.81 -11.95
N HIS D 472 -4.97 -29.95 -12.60
CA HIS D 472 -5.72 -30.01 -13.86
C HIS D 472 -5.14 -29.04 -14.88
N ALA D 473 -5.74 -27.86 -15.01
CA ALA D 473 -5.27 -26.81 -15.92
C ALA D 473 -5.15 -27.34 -17.34
N LEU D 474 -6.29 -27.71 -17.90
CA LEU D 474 -6.36 -28.27 -19.24
C LEU D 474 -6.58 -27.21 -20.31
N ASN D 475 -6.54 -25.94 -19.95
CA ASN D 475 -6.79 -24.84 -20.89
C ASN D 475 -5.52 -24.06 -21.22
N LEU D 476 -4.35 -24.68 -21.05
CA LEU D 476 -3.10 -23.98 -21.35
C LEU D 476 -2.87 -23.82 -22.83
N LEU D 477 -3.53 -24.62 -23.68
CA LEU D 477 -3.35 -24.47 -25.12
C LEU D 477 -3.93 -23.15 -25.63
N GLU D 478 -4.88 -22.57 -24.89
CA GLU D 478 -5.51 -21.34 -25.34
C GLU D 478 -4.61 -20.12 -25.19
N ALA D 479 -3.68 -20.14 -24.22
CA ALA D 479 -2.80 -19.01 -23.95
C ALA D 479 -1.35 -19.45 -24.17
N PRO D 480 -0.79 -19.20 -25.35
CA PRO D 480 0.61 -19.59 -25.60
C PRO D 480 1.60 -18.98 -24.63
N ASP D 481 1.38 -17.73 -24.20
CA ASP D 481 2.29 -17.12 -23.24
C ASP D 481 2.27 -17.86 -21.92
N LEU D 482 1.10 -18.30 -21.47
CA LEU D 482 1.00 -19.06 -20.23
C LEU D 482 1.76 -20.38 -20.34
N MET D 483 1.59 -21.08 -21.45
CA MET D 483 2.33 -22.33 -21.65
C MET D 483 3.83 -22.08 -21.69
N ARG D 484 4.25 -21.00 -22.35
CA ARG D 484 5.67 -20.69 -22.43
C ARG D 484 6.25 -20.42 -21.04
N THR D 485 5.53 -19.64 -20.22
CA THR D 485 6.06 -19.34 -18.89
C THR D 485 6.02 -20.57 -17.99
N VAL D 486 5.04 -21.44 -18.16
CA VAL D 486 4.99 -22.67 -17.37
C VAL D 486 6.16 -23.58 -17.74
N ILE D 487 6.44 -23.70 -19.04
CA ILE D 487 7.57 -24.52 -19.48
C ILE D 487 8.88 -23.95 -18.97
N GLU D 488 9.05 -22.62 -19.08
CA GLU D 488 10.31 -22.00 -18.69
C GLU D 488 10.53 -22.06 -17.18
N ARG D 489 9.47 -21.92 -16.40
CA ARG D 489 9.60 -21.93 -14.95
C ARG D 489 9.61 -23.33 -14.35
N LYS D 490 9.46 -24.38 -15.18
CA LYS D 490 9.47 -25.76 -14.72
C LYS D 490 8.40 -26.01 -13.65
N ILE D 491 7.24 -25.37 -13.82
CA ILE D 491 6.13 -25.54 -12.90
C ILE D 491 5.28 -26.70 -13.44
N GLY D 492 5.48 -27.88 -12.87
CA GLY D 492 4.80 -29.06 -13.38
C GLY D 492 3.31 -29.03 -13.07
N VAL D 493 2.53 -29.46 -14.06
CA VAL D 493 1.09 -29.56 -13.90
C VAL D 493 0.74 -31.01 -13.61
N GLU D 494 -0.44 -31.21 -13.04
CA GLU D 494 -0.94 -32.55 -12.73
C GLU D 494 -2.33 -32.69 -13.33
N MET D 495 -2.54 -33.75 -14.10
CA MET D 495 -3.83 -34.01 -14.72
C MET D 495 -4.24 -35.45 -14.47
N CYS D 496 -5.46 -35.64 -13.99
CA CYS D 496 -6.00 -36.97 -13.78
C CYS D 496 -6.76 -37.41 -15.03
N PRO D 497 -6.37 -38.49 -15.69
CA PRO D 497 -7.03 -38.86 -16.94
C PRO D 497 -8.49 -39.22 -16.77
N TYR D 498 -8.81 -40.14 -15.85
CA TYR D 498 -10.19 -40.58 -15.70
C TYR D 498 -11.10 -39.45 -15.21
N ALA D 499 -10.63 -38.66 -14.25
CA ALA D 499 -11.45 -37.58 -13.72
C ALA D 499 -11.75 -36.54 -14.79
N ASN D 500 -10.75 -36.15 -15.57
CA ASN D 500 -10.97 -35.17 -16.63
C ASN D 500 -11.84 -35.76 -17.74
N TYR D 501 -11.68 -37.05 -18.04
CA TYR D 501 -12.51 -37.68 -19.05
C TYR D 501 -13.98 -37.71 -18.62
N GLN D 502 -14.22 -37.98 -17.34
CA GLN D 502 -15.60 -38.06 -16.86
C GLN D 502 -16.23 -36.69 -16.69
N ILE D 503 -15.46 -35.69 -16.26
CA ILE D 503 -16.01 -34.38 -15.96
C ILE D 503 -16.07 -33.51 -17.21
N LYS D 504 -14.91 -33.21 -17.79
CA LYS D 504 -14.87 -32.30 -18.93
C LYS D 504 -15.40 -32.96 -20.20
N GLY D 505 -15.05 -34.21 -20.42
CA GLY D 505 -15.51 -34.91 -21.61
C GLY D 505 -14.56 -34.79 -22.78
N PHE D 506 -14.05 -35.93 -23.26
CA PHE D 506 -13.09 -35.94 -24.36
C PHE D 506 -13.35 -37.17 -25.22
N ALA D 507 -12.56 -37.29 -26.29
CA ALA D 507 -12.68 -38.42 -27.18
C ALA D 507 -12.26 -39.70 -26.45
N PRO D 508 -12.78 -40.86 -26.86
CA PRO D 508 -13.75 -41.09 -27.94
C PRO D 508 -15.19 -41.27 -27.46
N MET D 509 -15.62 -40.52 -26.44
CA MET D 509 -17.00 -40.63 -26.00
C MET D 509 -17.94 -39.99 -27.03
N PRO D 510 -19.20 -40.40 -27.06
CA PRO D 510 -20.13 -39.86 -28.05
C PRO D 510 -20.38 -38.37 -27.85
N ASN D 511 -20.65 -37.68 -28.96
CA ASN D 511 -21.11 -36.29 -28.99
C ASN D 511 -20.00 -35.32 -28.60
N PHE D 512 -18.84 -35.84 -28.17
CA PHE D 512 -17.72 -35.02 -27.76
C PHE D 512 -16.54 -35.26 -28.70
N SER D 513 -15.95 -34.17 -29.20
CA SER D 513 -14.82 -34.25 -30.10
C SER D 513 -13.55 -33.61 -29.54
N ALA D 514 -13.61 -33.09 -28.32
CA ALA D 514 -12.43 -32.48 -27.70
C ALA D 514 -11.34 -33.52 -27.49
N LEU D 515 -10.09 -33.14 -27.74
CA LEU D 515 -8.96 -34.04 -27.63
C LEU D 515 -8.18 -33.77 -26.36
N TYR D 516 -7.78 -34.84 -25.68
CA TYR D 516 -7.02 -34.70 -24.45
C TYR D 516 -5.66 -34.10 -24.76
N PRO D 517 -5.26 -33.04 -24.06
CA PRO D 517 -4.02 -32.34 -24.45
C PRO D 517 -2.77 -32.92 -23.82
N LEU D 518 -2.87 -34.14 -23.28
CA LEU D 518 -1.71 -34.74 -22.61
C LEU D 518 -0.55 -34.94 -23.57
N LYS D 519 -0.82 -35.47 -24.77
CA LYS D 519 0.24 -35.67 -25.73
C LYS D 519 0.85 -34.34 -26.17
N LYS D 520 0.01 -33.34 -26.43
CA LYS D 520 0.51 -32.03 -26.82
C LYS D 520 1.33 -31.40 -25.70
N TYR D 521 0.86 -31.52 -24.45
CA TYR D 521 1.60 -30.96 -23.33
C TYR D 521 2.95 -31.65 -23.17
N LEU D 522 2.98 -32.97 -23.30
CA LEU D 522 4.23 -33.70 -23.18
C LEU D 522 5.19 -33.33 -24.31
N GLU D 523 4.69 -33.20 -25.53
CA GLU D 523 5.54 -32.79 -26.65
C GLU D 523 6.10 -31.40 -26.44
N ALA D 524 5.27 -30.48 -25.95
CA ALA D 524 5.73 -29.11 -25.72
C ALA D 524 6.78 -29.02 -24.62
N GLY D 525 6.77 -29.95 -23.66
CA GLY D 525 7.72 -29.96 -22.58
C GLY D 525 7.16 -29.70 -21.20
N ILE D 526 5.83 -29.62 -21.05
CA ILE D 526 5.23 -29.40 -19.75
C ILE D 526 5.52 -30.60 -18.85
N LEU D 527 5.93 -30.32 -17.61
CA LEU D 527 6.25 -31.38 -16.65
C LEU D 527 4.94 -31.98 -16.11
N VAL D 528 4.24 -32.67 -17.01
CA VAL D 528 2.94 -33.24 -16.70
C VAL D 528 3.09 -34.43 -15.75
N SER D 529 1.99 -34.86 -15.15
CA SER D 529 2.00 -36.02 -14.28
C SER D 529 0.60 -36.65 -14.30
N VAL D 530 0.56 -37.95 -14.11
CA VAL D 530 -0.70 -38.71 -14.13
C VAL D 530 -1.07 -39.07 -12.70
N ASN D 531 -2.31 -38.76 -12.32
CA ASN D 531 -2.77 -38.96 -10.95
C ASN D 531 -4.15 -39.61 -10.94
N THR D 532 -4.78 -39.63 -9.77
CA THR D 532 -6.08 -40.26 -9.62
C THR D 532 -7.14 -39.38 -8.97
N ASP D 533 -6.77 -38.27 -8.32
CA ASP D 533 -7.70 -37.36 -7.67
C ASP D 533 -8.48 -38.06 -6.57
N ASN D 534 -9.34 -39.01 -6.95
CA ASN D 534 -10.11 -39.80 -5.99
C ASN D 534 -10.19 -41.22 -6.53
N ILE D 535 -9.58 -42.17 -5.81
CA ILE D 535 -9.57 -43.56 -6.28
C ILE D 535 -10.98 -44.12 -6.29
N GLY D 536 -11.76 -43.85 -5.25
CA GLY D 536 -13.08 -44.42 -5.13
C GLY D 536 -14.10 -43.90 -6.13
N ILE D 537 -14.36 -42.60 -6.11
CA ILE D 537 -15.41 -42.04 -6.95
C ILE D 537 -15.07 -42.15 -8.43
N SER D 538 -13.77 -42.13 -8.77
CA SER D 538 -13.39 -42.37 -10.16
C SER D 538 -13.44 -43.87 -10.48
N GLY D 539 -13.15 -44.71 -9.50
CA GLY D 539 -13.21 -46.15 -9.68
C GLY D 539 -11.99 -46.76 -10.33
N ALA D 540 -10.94 -45.99 -10.59
CA ALA D 540 -9.74 -46.49 -11.24
C ALA D 540 -8.51 -46.05 -10.46
N ASN D 541 -7.57 -46.98 -10.28
CA ASN D 541 -6.33 -46.69 -9.59
C ASN D 541 -5.33 -46.05 -10.57
N LEU D 542 -4.08 -45.92 -10.15
CA LEU D 542 -3.08 -45.26 -10.97
C LEU D 542 -2.78 -46.06 -12.24
N SER D 543 -2.73 -47.39 -12.13
CA SER D 543 -2.42 -48.21 -13.30
C SER D 543 -3.47 -48.05 -14.38
N GLU D 544 -4.75 -48.05 -14.01
CA GLU D 544 -5.80 -47.85 -15.01
C GLU D 544 -5.75 -46.44 -15.59
N ASN D 545 -5.40 -45.45 -14.76
CA ASN D 545 -5.26 -44.08 -15.25
C ASN D 545 -4.17 -43.99 -16.30
N LEU D 546 -3.04 -44.68 -16.08
CA LEU D 546 -1.99 -44.70 -17.09
C LEU D 546 -2.41 -45.48 -18.32
N LEU D 547 -3.14 -46.57 -18.14
CA LEU D 547 -3.55 -47.40 -19.27
C LEU D 547 -4.52 -46.66 -20.18
N ILE D 548 -5.44 -45.90 -19.60
CA ILE D 548 -6.49 -45.26 -20.40
C ILE D 548 -5.93 -44.22 -21.37
N LEU D 549 -4.67 -43.83 -21.22
CA LEU D 549 -4.04 -42.93 -22.18
C LEU D 549 -3.86 -43.58 -23.55
N ALA D 550 -4.02 -44.90 -23.65
CA ALA D 550 -3.87 -45.57 -24.94
C ALA D 550 -4.93 -45.09 -25.93
N ASP D 551 -6.17 -44.92 -25.46
CA ASP D 551 -7.22 -44.40 -26.32
C ASP D 551 -7.63 -42.97 -26.00
N LEU D 552 -7.28 -42.44 -24.82
CA LEU D 552 -7.53 -41.02 -24.57
C LEU D 552 -6.56 -40.14 -25.36
N CYS D 553 -5.31 -40.55 -25.50
CA CYS D 553 -4.30 -39.82 -26.25
C CYS D 553 -3.64 -40.79 -27.23
N PRO D 554 -4.24 -41.00 -28.40
CA PRO D 554 -3.65 -41.92 -29.37
C PRO D 554 -2.27 -41.47 -29.82
N GLY D 555 -1.40 -42.44 -30.05
CA GLY D 555 -0.04 -42.16 -30.47
C GLY D 555 0.97 -42.00 -29.35
N ILE D 556 0.53 -42.01 -28.10
CA ILE D 556 1.46 -41.90 -26.97
C ILE D 556 2.25 -43.20 -26.86
N SER D 557 3.50 -43.08 -26.41
CA SER D 557 4.42 -44.21 -26.37
C SER D 557 4.80 -44.53 -24.93
N ARG D 558 5.39 -45.73 -24.76
CA ARG D 558 5.81 -46.15 -23.42
C ARG D 558 6.91 -45.25 -22.87
N MET D 559 7.81 -44.80 -23.74
CA MET D 559 8.82 -43.83 -23.31
C MET D 559 8.15 -42.56 -22.78
N ASP D 560 7.00 -42.19 -23.33
CA ASP D 560 6.27 -41.06 -22.78
C ASP D 560 5.71 -41.37 -21.40
N VAL D 561 5.32 -42.62 -21.15
CA VAL D 561 4.91 -43.01 -19.80
C VAL D 561 6.07 -42.88 -18.82
N LEU D 562 7.26 -43.34 -19.24
CA LEU D 562 8.44 -43.17 -18.41
C LEU D 562 8.75 -41.69 -18.18
N THR D 563 8.54 -40.87 -19.21
CA THR D 563 8.72 -39.42 -19.06
C THR D 563 7.74 -38.85 -18.04
N ILE D 564 6.49 -39.33 -18.06
CA ILE D 564 5.50 -38.87 -17.09
C ILE D 564 5.94 -39.24 -15.68
N ILE D 565 6.43 -40.46 -15.49
CA ILE D 565 6.90 -40.89 -14.17
C ILE D 565 8.08 -40.04 -13.72
N ARG D 566 9.02 -39.78 -14.63
CA ARG D 566 10.18 -38.97 -14.28
C ARG D 566 9.77 -37.55 -13.91
N ASN D 567 8.83 -36.98 -14.65
CA ASN D 567 8.34 -35.64 -14.32
C ASN D 567 7.64 -35.62 -12.96
N SER D 568 6.88 -36.68 -12.66
CA SER D 568 6.25 -36.77 -11.35
C SER D 568 7.28 -36.81 -10.25
N ILE D 569 8.37 -37.55 -10.46
CA ILE D 569 9.46 -37.57 -9.48
C ILE D 569 10.08 -36.19 -9.34
N GLU D 570 10.33 -35.52 -10.47
CA GLU D 570 11.02 -34.22 -10.43
C GLU D 570 10.19 -33.17 -9.72
N THR D 571 8.89 -33.13 -9.98
CA THR D 571 8.03 -32.08 -9.44
C THR D 571 7.52 -32.37 -8.03
N ALA D 572 7.79 -33.56 -7.49
CA ALA D 572 7.32 -33.88 -6.16
C ALA D 572 8.04 -33.03 -5.12
N PHE D 573 7.31 -32.67 -4.06
CA PHE D 573 7.85 -31.84 -2.99
C PHE D 573 8.61 -32.73 -2.02
N ILE D 574 9.85 -33.06 -2.39
CA ILE D 574 10.68 -33.98 -1.63
C ILE D 574 12.02 -33.34 -1.36
N SER D 575 12.71 -33.88 -0.35
CA SER D 575 14.05 -33.44 -0.05
C SER D 575 15.02 -33.89 -1.14
N HIS D 576 16.13 -33.18 -1.24
CA HIS D 576 17.10 -33.42 -2.31
C HIS D 576 17.73 -34.81 -2.20
N ASP D 577 18.27 -35.14 -1.03
CA ASP D 577 18.87 -36.47 -0.84
C ASP D 577 17.82 -37.56 -1.00
N PHE D 578 16.64 -37.34 -0.45
CA PHE D 578 15.54 -38.28 -0.67
C PHE D 578 15.17 -38.34 -2.14
N ARG D 579 15.29 -37.23 -2.87
CA ARG D 579 15.00 -37.27 -4.29
C ARG D 579 15.97 -38.18 -5.03
N MET D 580 17.26 -38.10 -4.72
CA MET D 580 18.18 -39.04 -5.36
C MET D 580 17.96 -40.48 -4.90
N GLU D 581 17.61 -40.70 -3.63
CA GLU D 581 17.31 -42.06 -3.23
C GLU D 581 16.15 -42.62 -4.03
N LEU D 582 15.09 -41.83 -4.18
CA LEU D 582 13.94 -42.24 -4.97
C LEU D 582 14.34 -42.48 -6.43
N LEU D 583 15.17 -41.60 -6.99
CA LEU D 583 15.57 -41.74 -8.39
C LEU D 583 16.39 -43.00 -8.60
N LYS D 584 17.31 -43.30 -7.68
CA LYS D 584 18.10 -44.52 -7.80
C LYS D 584 17.22 -45.76 -7.75
N PHE D 585 16.31 -45.81 -6.76
CA PHE D 585 15.42 -46.96 -6.68
C PHE D 585 14.56 -47.07 -7.93
N PHE D 586 14.06 -45.95 -8.44
CA PHE D 586 13.21 -45.98 -9.62
C PHE D 586 13.96 -46.46 -10.84
N ASP D 587 15.20 -46.01 -11.02
CA ASP D 587 16.00 -46.47 -12.15
C ASP D 587 16.22 -47.97 -12.06
N ARG D 588 16.55 -48.46 -10.88
CA ARG D 588 16.83 -49.91 -10.74
C ARG D 588 15.55 -50.69 -11.04
N LYS D 589 14.42 -50.26 -10.44
CA LYS D 589 13.19 -51.01 -10.61
C LYS D 589 12.68 -50.96 -12.04
N ILE D 590 12.79 -49.80 -12.69
CA ILE D 590 12.34 -49.68 -14.08
C ILE D 590 13.18 -50.55 -14.98
N TYR D 591 14.51 -50.55 -14.79
CA TYR D 591 15.37 -51.43 -15.57
C TYR D 591 14.99 -52.89 -15.36
N ASP D 592 14.77 -53.28 -14.09
CA ASP D 592 14.43 -54.67 -13.80
C ASP D 592 13.12 -55.07 -14.46
N VAL D 593 12.08 -54.24 -14.32
CA VAL D 593 10.77 -54.63 -14.83
C VAL D 593 10.75 -54.63 -16.35
N CYS D 594 11.44 -53.67 -16.98
CA CYS D 594 11.49 -53.66 -18.43
C CYS D 594 12.25 -54.87 -18.97
N LEU D 595 13.37 -55.21 -18.33
CA LEU D 595 14.11 -56.39 -18.75
C LEU D 595 13.29 -57.67 -18.57
N ILE D 596 12.55 -57.76 -17.47
CA ILE D 596 11.71 -58.93 -17.23
C ILE D 596 10.61 -59.01 -18.28
N SER D 597 9.95 -57.89 -18.56
CA SER D 597 8.82 -57.90 -19.48
C SER D 597 9.25 -58.16 -20.92
N ILE D 598 10.42 -57.68 -21.32
CA ILE D 598 10.84 -57.86 -22.71
C ILE D 598 11.14 -59.31 -23.04
N LYS D 599 11.37 -60.15 -22.04
CA LYS D 599 11.61 -61.57 -22.26
C LYS D 599 10.34 -62.41 -22.23
N ASN D 600 9.21 -61.80 -21.88
CA ASN D 600 7.94 -62.53 -21.84
C ASN D 600 6.85 -61.75 -22.56
N SER E 2 1.02 51.69 -61.56
CA SER E 2 -0.40 52.02 -61.54
C SER E 2 -0.60 53.51 -61.72
N ARG E 3 -0.42 54.27 -60.63
CA ARG E 3 -0.44 55.72 -60.67
C ARG E 3 -1.76 56.26 -61.22
N VAL E 4 -2.82 56.02 -60.44
CA VAL E 4 -4.19 56.36 -60.82
C VAL E 4 -4.73 57.39 -59.83
N LEU E 5 -5.30 58.46 -60.37
CA LEU E 5 -5.93 59.51 -59.57
C LEU E 5 -7.44 59.33 -59.54
N LEU E 6 -8.02 59.49 -58.36
CA LEU E 6 -9.47 59.49 -58.18
C LEU E 6 -9.89 60.82 -57.58
N CYS E 7 -10.82 61.49 -58.23
CA CYS E 7 -11.25 62.82 -57.81
C CYS E 7 -12.77 62.92 -57.92
N SER E 8 -13.34 63.84 -57.14
CA SER E 8 -14.76 64.11 -57.15
C SER E 8 -15.02 65.48 -57.76
N ALA E 9 -15.96 65.54 -58.70
CA ALA E 9 -16.27 66.77 -59.41
C ALA E 9 -17.57 67.37 -58.89
N GLY E 10 -17.61 68.70 -58.84
CA GLY E 10 -18.76 69.45 -58.40
C GLY E 10 -19.32 70.30 -59.53
N HIS E 11 -19.82 71.48 -59.15
CA HIS E 11 -20.38 72.40 -60.13
C HIS E 11 -19.31 72.84 -61.13
N SER E 12 -18.12 73.18 -60.63
CA SER E 12 -17.02 73.60 -61.48
C SER E 12 -16.16 72.41 -61.90
N SER E 13 -15.44 72.59 -63.00
CA SER E 13 -14.58 71.55 -63.53
C SER E 13 -13.11 71.74 -63.12
N MET E 14 -12.84 72.65 -62.19
CA MET E 14 -11.48 73.01 -61.82
C MET E 14 -11.01 72.17 -60.63
N VAL E 15 -11.72 71.08 -60.33
CA VAL E 15 -11.32 70.23 -59.21
C VAL E 15 -10.08 69.39 -59.59
N VAL E 16 -10.07 68.83 -60.79
CA VAL E 16 -9.06 67.87 -61.22
C VAL E 16 -7.73 68.53 -61.59
N PRO E 17 -7.70 69.57 -62.45
CA PRO E 17 -6.40 70.01 -62.99
C PRO E 17 -5.38 70.39 -61.93
N GLU E 18 -5.82 70.98 -60.81
CA GLU E 18 -4.91 71.31 -59.73
C GLU E 18 -4.26 70.06 -59.15
N ALA E 19 -5.04 68.99 -58.98
CA ALA E 19 -4.50 67.74 -58.45
C ALA E 19 -3.79 66.91 -59.50
N PHE E 20 -3.91 67.25 -60.79
CA PHE E 20 -3.24 66.48 -61.83
C PHE E 20 -1.73 66.52 -61.65
N HIS E 21 -1.18 67.70 -61.36
CA HIS E 21 0.25 67.85 -61.12
C HIS E 21 0.61 67.79 -59.64
N ALA E 22 -0.18 67.08 -58.83
CA ALA E 22 0.15 66.95 -57.42
C ALA E 22 1.48 66.22 -57.25
N VAL E 23 1.70 65.16 -58.01
CA VAL E 23 2.98 64.45 -58.02
C VAL E 23 4.03 65.36 -58.66
N PRO E 24 5.30 65.29 -58.26
CA PRO E 24 6.33 66.16 -58.83
C PRO E 24 6.99 65.63 -60.09
N GLU E 25 6.46 64.56 -60.70
CA GLU E 25 7.10 63.99 -61.89
C GLU E 25 6.07 63.56 -62.94
N GLY E 26 4.87 64.12 -62.93
CA GLY E 26 3.85 63.76 -63.88
C GLY E 26 3.08 62.53 -63.47
N PHE E 27 1.94 62.33 -64.12
CA PHE E 27 1.02 61.26 -63.78
C PHE E 27 0.82 60.34 -64.98
N GLU E 28 0.11 59.23 -64.74
CA GLU E 28 -0.12 58.20 -65.73
C GLU E 28 -1.54 58.18 -66.26
N GLU E 29 -2.54 58.16 -65.38
CA GLU E 29 -3.93 58.19 -65.81
C GLU E 29 -4.78 58.71 -64.67
N VAL E 30 -5.79 59.52 -65.01
CA VAL E 30 -6.65 60.17 -64.04
C VAL E 30 -8.10 59.84 -64.38
N HIS E 31 -8.85 59.41 -63.37
CA HIS E 31 -10.27 59.11 -63.52
C HIS E 31 -11.07 59.95 -62.53
N VAL E 32 -12.21 60.47 -62.99
CA VAL E 32 -13.02 61.40 -62.21
C VAL E 32 -14.41 60.82 -62.05
N PHE E 33 -15.10 61.26 -61.00
CA PHE E 33 -16.47 60.85 -60.72
C PHE E 33 -17.33 62.08 -60.44
N THR E 34 -18.55 62.09 -60.98
CA THR E 34 -19.48 63.19 -60.79
C THR E 34 -20.90 62.66 -60.90
N THR E 35 -21.86 63.54 -60.65
CA THR E 35 -23.27 63.20 -60.71
C THR E 35 -23.85 63.63 -62.06
N ASP E 36 -25.16 63.50 -62.20
CA ASP E 36 -25.85 63.86 -63.43
C ASP E 36 -26.28 65.32 -63.48
N SER E 37 -25.91 66.12 -62.49
CA SER E 37 -26.29 67.52 -62.46
C SER E 37 -25.69 68.26 -63.65
N GLU E 38 -26.51 69.11 -64.28
CA GLU E 38 -26.08 69.85 -65.45
C GLU E 38 -25.14 71.00 -65.12
N LYS E 39 -24.97 71.32 -63.82
CA LYS E 39 -24.06 72.39 -63.44
C LYS E 39 -22.62 72.05 -63.84
N PHE E 40 -22.21 70.80 -63.66
CA PHE E 40 -20.88 70.37 -64.07
C PHE E 40 -20.77 70.37 -65.59
N ASN E 41 -19.59 70.72 -66.09
CA ASN E 41 -19.31 70.71 -67.51
C ASN E 41 -18.05 69.89 -67.76
N PRO E 42 -18.06 68.98 -68.74
CA PRO E 42 -16.85 68.21 -69.07
C PRO E 42 -16.01 68.82 -70.18
N VAL E 43 -16.43 69.94 -70.77
CA VAL E 43 -15.71 70.52 -71.89
C VAL E 43 -14.33 71.00 -71.45
N VAL E 44 -14.26 71.68 -70.30
CA VAL E 44 -12.98 72.19 -69.81
C VAL E 44 -12.02 71.05 -69.51
N LEU E 45 -12.51 70.01 -68.83
CA LEU E 45 -11.66 68.87 -68.50
C LEU E 45 -11.18 68.16 -69.76
N ASN E 46 -12.07 67.96 -70.73
CA ASN E 46 -11.67 67.31 -71.97
C ASN E 46 -10.63 68.12 -72.72
N ASP E 47 -10.82 69.44 -72.80
CA ASP E 47 -9.85 70.28 -73.48
C ASP E 47 -8.50 70.27 -72.77
N PHE E 48 -8.52 70.29 -71.43
CA PHE E 48 -7.27 70.23 -70.67
C PHE E 48 -6.55 68.90 -70.89
N PHE E 49 -7.30 67.80 -70.91
CA PHE E 49 -6.68 66.48 -71.07
C PHE E 49 -6.22 66.22 -72.50
N HIS E 50 -6.84 66.88 -73.48
CA HIS E 50 -6.40 66.70 -74.86
C HIS E 50 -4.98 67.19 -75.06
N SER E 51 -4.53 68.14 -74.25
CA SER E 51 -3.14 68.58 -74.31
C SER E 51 -2.18 67.49 -73.85
N LEU E 52 -2.67 66.48 -73.14
CA LEU E 52 -1.86 65.35 -72.68
C LEU E 52 -2.55 64.07 -73.11
N PRO E 53 -2.45 63.71 -74.40
CA PRO E 53 -3.11 62.48 -74.88
C PRO E 53 -2.52 61.21 -74.31
N ASN E 54 -1.31 61.26 -73.74
CA ASN E 54 -0.67 60.05 -73.21
C ASN E 54 -1.48 59.46 -72.07
N VAL E 55 -2.00 60.30 -71.18
CA VAL E 55 -2.77 59.80 -70.05
C VAL E 55 -4.15 59.33 -70.50
N ARG E 56 -4.82 58.59 -69.63
CA ARG E 56 -6.15 58.08 -69.88
C ARG E 56 -7.16 58.88 -69.06
N PHE E 57 -8.20 59.37 -69.72
CA PHE E 57 -9.23 60.19 -69.08
C PHE E 57 -10.54 59.42 -69.08
N SER E 58 -11.19 59.37 -67.92
CA SER E 58 -12.49 58.72 -67.78
C SER E 58 -13.38 59.58 -66.89
N ILE E 59 -14.63 59.74 -67.29
CA ILE E 59 -15.62 60.50 -66.55
C ILE E 59 -16.82 59.62 -66.31
N THR E 60 -17.26 59.53 -65.06
CA THR E 60 -18.42 58.74 -64.68
C THR E 60 -19.50 59.64 -64.11
N LYS E 61 -20.74 59.37 -64.48
CA LYS E 61 -21.89 60.16 -64.07
C LYS E 61 -22.89 59.28 -63.33
N CYS E 62 -23.43 59.79 -62.23
CA CYS E 62 -24.44 59.09 -61.46
C CYS E 62 -25.79 59.30 -62.11
N HIS E 63 -26.28 58.30 -62.83
CA HIS E 63 -27.53 58.42 -63.57
C HIS E 63 -28.70 58.66 -62.62
N GLY E 64 -29.57 59.60 -62.99
CA GLY E 64 -30.76 59.89 -62.20
C GLY E 64 -30.46 60.38 -60.81
N LEU E 65 -29.49 61.27 -60.66
CA LEU E 65 -29.10 61.77 -59.35
C LEU E 65 -28.47 63.14 -59.49
N ALA E 66 -28.80 64.03 -58.55
CA ALA E 66 -28.25 65.38 -58.55
C ALA E 66 -28.46 66.00 -57.17
N ASP E 67 -27.46 66.74 -56.71
CA ASP E 67 -27.46 67.53 -55.48
C ASP E 67 -27.52 66.68 -54.20
N ILE E 68 -27.57 65.35 -54.32
CA ILE E 68 -27.62 64.39 -53.21
C ILE E 68 -28.36 64.94 -51.99
N LEU E 69 -29.59 65.39 -52.18
CA LEU E 69 -30.39 65.97 -51.12
C LEU E 69 -31.39 64.98 -50.52
N ASN E 70 -31.36 63.72 -50.94
CA ASN E 70 -32.30 62.71 -50.48
C ASN E 70 -31.55 61.55 -49.83
N GLU E 71 -32.12 61.00 -48.77
CA GLU E 71 -31.46 59.92 -48.03
C GLU E 71 -31.31 58.68 -48.90
N ARG E 72 -32.39 58.26 -49.56
CA ARG E 72 -32.31 57.11 -50.46
C ARG E 72 -31.37 57.40 -51.62
N ASP E 73 -31.44 58.61 -52.16
CA ASP E 73 -30.49 59.01 -53.21
C ASP E 73 -29.07 59.00 -52.68
N PHE E 74 -28.87 59.42 -51.43
CA PHE E 74 -27.52 59.39 -50.85
C PHE E 74 -27.01 57.96 -50.74
N GLU E 75 -27.87 57.04 -50.29
CA GLU E 75 -27.44 55.64 -50.17
C GLU E 75 -27.11 55.04 -51.53
N PHE E 76 -27.95 55.31 -52.54
CA PHE E 76 -27.64 54.84 -53.88
C PHE E 76 -26.34 55.44 -54.40
N TYR E 77 -26.12 56.73 -54.12
CA TYR E 77 -24.89 57.39 -54.54
C TYR E 77 -23.68 56.75 -53.90
N GLN E 78 -23.75 56.50 -52.60
CA GLN E 78 -22.63 55.85 -51.91
C GLN E 78 -22.38 54.45 -52.46
N GLU E 79 -23.47 53.71 -52.74
CA GLU E 79 -23.33 52.35 -53.23
C GLU E 79 -22.62 52.31 -54.58
N MET E 80 -23.10 53.09 -55.56
CA MET E 80 -22.46 52.98 -56.85
C MET E 80 -21.17 53.78 -56.92
N LEU E 81 -20.94 54.72 -56.00
CA LEU E 81 -19.62 55.32 -55.85
C LEU E 81 -18.60 54.30 -55.38
N TRP E 82 -18.97 53.47 -54.41
CA TRP E 82 -18.08 52.40 -53.98
C TRP E 82 -17.86 51.39 -55.11
N GLN E 83 -18.92 51.09 -55.87
CA GLN E 83 -18.75 50.22 -57.03
C GLN E 83 -17.76 50.81 -58.04
N TRP E 84 -17.88 52.12 -58.31
CA TRP E 84 -16.97 52.77 -59.24
C TRP E 84 -15.55 52.76 -58.71
N TYR E 85 -15.37 53.00 -57.41
CA TYR E 85 -14.05 52.95 -56.81
C TYR E 85 -13.44 51.56 -56.96
N LEU E 86 -14.23 50.51 -56.70
CA LEU E 86 -13.72 49.15 -56.86
C LEU E 86 -13.34 48.86 -58.30
N THR E 87 -14.18 49.29 -59.25
CA THR E 87 -13.91 48.99 -60.66
C THR E 87 -12.66 49.72 -61.15
N LYS E 88 -12.52 51.01 -60.81
CA LYS E 88 -11.43 51.81 -61.35
C LYS E 88 -10.15 51.72 -60.54
N MET E 89 -10.18 51.07 -59.38
CA MET E 89 -8.96 50.94 -58.58
C MET E 89 -7.99 49.99 -59.27
N PRO E 90 -6.70 50.30 -59.28
CA PRO E 90 -5.73 49.45 -59.99
C PRO E 90 -5.66 48.05 -59.41
N ASP E 91 -5.26 47.11 -60.28
CA ASP E 91 -5.25 45.69 -59.89
C ASP E 91 -4.26 45.42 -58.78
N ASN E 92 -3.07 46.03 -58.84
CA ASN E 92 -1.98 45.68 -57.94
C ASN E 92 -1.65 46.79 -56.96
N GLU E 93 -1.33 47.98 -57.44
CA GLU E 93 -0.88 49.08 -56.60
C GLU E 93 -2.05 49.95 -56.18
N LEU E 94 -2.00 50.45 -54.94
CA LEU E 94 -3.06 51.31 -54.44
C LEU E 94 -3.03 52.66 -55.16
N PRO E 95 -4.20 53.27 -55.36
CA PRO E 95 -4.28 54.52 -56.11
C PRO E 95 -4.19 55.75 -55.23
N TYR E 96 -3.76 56.85 -55.83
CA TYR E 96 -3.85 58.14 -55.19
C TYR E 96 -5.30 58.62 -55.19
N VAL E 97 -5.58 59.60 -54.35
CA VAL E 97 -6.95 60.09 -54.20
C VAL E 97 -6.92 61.48 -53.58
N CYS E 98 -7.79 62.36 -54.07
CA CYS E 98 -7.99 63.68 -53.49
C CYS E 98 -9.48 63.95 -53.39
N LEU E 99 -9.86 64.82 -52.45
CA LEU E 99 -11.27 65.08 -52.19
C LEU E 99 -11.54 66.57 -51.97
N SER E 100 -10.76 67.44 -52.63
CA SER E 100 -10.91 68.87 -52.38
C SER E 100 -12.27 69.39 -52.86
N GLY E 101 -12.73 68.94 -54.02
CA GLY E 101 -13.97 69.42 -54.59
C GLY E 101 -15.15 68.51 -54.30
N GLY E 102 -16.34 69.09 -54.38
CA GLY E 102 -17.58 68.37 -54.20
C GLY E 102 -18.33 68.82 -52.96
N ILE E 103 -19.42 68.12 -52.70
CA ILE E 103 -20.25 68.37 -51.52
C ILE E 103 -19.60 67.74 -50.30
N LYS E 104 -19.93 68.26 -49.11
CA LYS E 104 -19.29 67.80 -47.89
C LYS E 104 -19.56 66.32 -47.63
N SER E 105 -20.83 65.93 -47.66
CA SER E 105 -21.20 64.56 -47.32
C SER E 105 -20.59 63.56 -48.29
N MET E 106 -20.64 63.85 -49.59
CA MET E 106 -20.12 62.89 -50.55
C MET E 106 -18.60 62.88 -50.56
N SER E 107 -17.96 64.01 -50.24
CA SER E 107 -16.52 64.00 -50.03
C SER E 107 -16.14 63.13 -48.84
N ALA E 108 -16.92 63.21 -47.76
CA ALA E 108 -16.67 62.33 -46.62
C ALA E 108 -16.85 60.87 -46.99
N SER E 109 -17.88 60.57 -47.78
CA SER E 109 -18.09 59.20 -48.23
C SER E 109 -16.92 58.72 -49.09
N LEU E 110 -16.41 59.59 -49.97
CA LEU E 110 -15.25 59.23 -50.79
C LEU E 110 -14.03 58.98 -49.92
N GLN E 111 -13.83 59.79 -48.88
CA GLN E 111 -12.72 59.57 -47.97
C GLN E 111 -12.87 58.24 -47.23
N LYS E 112 -14.08 57.91 -46.83
CA LYS E 112 -14.33 56.61 -46.20
C LYS E 112 -13.99 55.47 -47.17
N ALA E 113 -14.38 55.62 -48.43
CA ALA E 113 -14.03 54.62 -49.43
C ALA E 113 -12.52 54.49 -49.58
N ALA E 114 -11.81 55.63 -49.59
CA ALA E 114 -10.36 55.59 -49.73
C ALA E 114 -9.71 54.89 -48.55
N THR E 115 -10.17 55.17 -47.34
CA THR E 115 -9.61 54.52 -46.17
C THR E 115 -10.06 53.08 -46.01
N LEU E 116 -11.12 52.67 -46.72
CA LEU E 116 -11.58 51.29 -46.66
C LEU E 116 -10.90 50.39 -47.69
N PHE E 117 -10.91 50.79 -48.95
CA PHE E 117 -10.41 49.94 -50.03
C PHE E 117 -8.94 50.19 -50.37
N GLY E 118 -8.28 51.10 -49.65
CA GLY E 118 -6.88 51.38 -49.92
C GLY E 118 -6.69 52.71 -50.63
N ALA E 119 -5.50 53.28 -50.44
CA ALA E 119 -5.15 54.55 -51.04
C ALA E 119 -3.65 54.73 -50.99
N GLN E 120 -3.04 55.05 -52.14
CA GLN E 120 -1.61 55.32 -52.17
C GLN E 120 -1.27 56.54 -51.32
N SER E 121 -2.10 57.58 -51.41
CA SER E 121 -1.93 58.79 -50.62
C SER E 121 -3.20 59.61 -50.71
N VAL E 122 -3.65 60.14 -49.58
CA VAL E 122 -4.82 61.01 -49.52
C VAL E 122 -4.32 62.44 -49.33
N PHE E 123 -4.55 63.29 -50.32
CA PHE E 123 -4.05 64.65 -50.30
C PHE E 123 -5.17 65.63 -50.64
N HIS E 124 -4.99 66.87 -50.19
CA HIS E 124 -5.93 67.94 -50.42
C HIS E 124 -5.23 69.08 -51.16
N VAL E 125 -5.90 69.60 -52.19
CA VAL E 125 -5.40 70.73 -52.96
C VAL E 125 -6.28 71.94 -52.66
N LEU E 126 -5.66 73.06 -52.32
CA LEU E 126 -6.37 74.27 -51.95
C LEU E 126 -5.84 75.45 -52.77
N ALA E 127 -6.74 76.37 -53.08
CA ALA E 127 -6.40 77.57 -53.84
C ALA E 127 -6.94 78.78 -53.11
N ASP E 128 -6.07 79.76 -52.86
CA ASP E 128 -6.48 80.95 -52.11
C ASP E 128 -7.38 81.84 -52.94
N ASN E 129 -7.07 81.99 -54.23
CA ASN E 129 -7.81 82.92 -55.09
C ASN E 129 -8.99 82.29 -55.81
N ASN E 130 -9.17 80.97 -55.71
CA ASN E 130 -10.22 80.24 -56.43
C ASN E 130 -10.16 80.56 -57.91
N PRO E 131 -9.09 80.18 -58.61
CA PRO E 131 -8.94 80.57 -60.01
C PRO E 131 -9.94 79.85 -60.91
N ARG E 132 -10.28 80.50 -62.02
CA ARG E 132 -11.28 79.98 -62.96
C ARG E 132 -10.72 79.64 -64.32
N ASN E 133 -10.10 80.60 -65.01
CA ASN E 133 -9.59 80.38 -66.35
C ASN E 133 -8.24 79.67 -66.31
N ILE E 134 -7.96 78.89 -67.37
CA ILE E 134 -6.80 78.00 -67.34
C ILE E 134 -5.50 78.77 -67.11
N GLU E 135 -5.43 79.99 -67.65
CA GLU E 135 -4.26 80.84 -67.41
C GLU E 135 -4.12 81.18 -65.93
N GLU E 136 -5.24 81.23 -65.19
CA GLU E 136 -5.17 81.59 -63.78
C GLU E 136 -4.41 80.55 -62.97
N MET E 137 -4.77 79.27 -63.09
CA MET E 137 -3.99 78.29 -62.34
C MET E 137 -2.65 77.99 -63.00
N PHE E 138 -2.48 78.28 -64.30
CA PHE E 138 -1.12 78.26 -64.84
C PHE E 138 -0.23 79.24 -64.11
N ASP E 139 -0.70 80.48 -63.93
CA ASP E 139 0.06 81.48 -63.19
C ASP E 139 0.21 81.09 -61.73
N ALA E 140 -0.81 80.48 -61.14
CA ALA E 140 -0.72 80.03 -59.76
C ALA E 140 0.36 78.96 -59.61
N LEU E 141 0.42 78.01 -60.54
CA LEU E 141 1.45 76.97 -60.50
C LEU E 141 2.84 77.57 -60.70
N GLN E 142 2.95 78.55 -61.60
CA GLN E 142 4.22 79.24 -61.76
C GLN E 142 4.65 79.93 -60.46
N LYS E 143 3.69 80.59 -59.79
CA LYS E 143 3.96 81.22 -58.51
C LYS E 143 4.05 80.21 -57.37
N GLY E 144 3.31 79.10 -57.47
CA GLY E 144 3.29 78.13 -56.39
C GLY E 144 2.33 78.44 -55.27
N GLN E 145 1.27 79.21 -55.54
CA GLN E 145 0.31 79.54 -54.50
C GLN E 145 -0.42 78.30 -53.99
N ILE E 146 -0.77 77.39 -54.89
CA ILE E 146 -1.51 76.20 -54.51
C ILE E 146 -0.58 75.23 -53.80
N HIS E 147 -0.99 74.76 -52.62
CA HIS E 147 -0.24 73.80 -51.84
C HIS E 147 -0.99 72.48 -51.77
N PHE E 148 -0.23 71.40 -51.55
CA PHE E 148 -0.78 70.07 -51.45
C PHE E 148 -0.85 69.67 -49.98
N ILE E 149 -2.07 69.46 -49.49
CA ILE E 149 -2.30 69.11 -48.09
C ILE E 149 -2.50 67.61 -48.03
N GLU E 150 -1.48 66.89 -47.56
CA GLU E 150 -1.47 65.43 -47.52
C GLU E 150 -1.64 64.96 -46.09
N MET E 151 -2.63 64.10 -45.85
CA MET E 151 -2.87 63.55 -44.52
C MET E 151 -2.04 62.31 -44.22
N GLY E 152 -1.21 61.89 -45.16
CA GLY E 152 -0.34 60.75 -44.95
C GLY E 152 -0.86 59.51 -45.64
N TYR E 153 0.07 58.70 -46.13
CA TYR E 153 -0.29 57.43 -46.76
C TYR E 153 -1.03 56.54 -45.77
N GLU E 154 -2.18 56.02 -46.20
CA GLU E 154 -2.88 55.04 -45.41
C GLU E 154 -2.87 53.69 -46.14
N PRO E 155 -2.75 52.57 -45.43
CA PRO E 155 -2.53 51.32 -46.10
C PRO E 155 -3.77 50.54 -46.55
N GLY E 156 -4.99 50.97 -46.23
CA GLY E 156 -6.18 50.27 -46.66
C GLY E 156 -6.32 48.89 -46.08
N TRP E 157 -7.52 48.33 -46.13
CA TRP E 157 -7.76 46.95 -45.70
C TRP E 157 -7.76 46.10 -46.97
N ALA E 158 -6.64 45.41 -47.18
CA ALA E 158 -6.28 44.98 -48.53
C ALA E 158 -7.33 44.06 -49.14
N ALA E 159 -7.74 43.03 -48.40
CA ALA E 159 -8.64 42.03 -48.94
C ALA E 159 -10.05 42.61 -49.03
N LEU E 160 -10.27 43.43 -50.05
CA LEU E 160 -11.62 43.85 -50.40
C LEU E 160 -11.81 43.92 -51.91
N ARG E 161 -10.88 43.38 -52.70
CA ARG E 161 -10.97 43.43 -54.14
C ARG E 161 -11.89 42.36 -54.72
N ARG E 162 -12.12 41.26 -54.00
CA ARG E 162 -13.04 40.25 -54.50
C ARG E 162 -14.48 40.76 -54.54
N LEU E 163 -14.76 41.88 -53.88
CA LEU E 163 -16.06 42.53 -54.06
C LEU E 163 -16.25 42.98 -55.51
N LYS E 164 -15.19 43.53 -56.12
CA LYS E 164 -15.27 43.91 -57.52
C LYS E 164 -15.43 42.71 -58.43
N LYS E 165 -15.05 41.51 -57.98
CA LYS E 165 -15.21 40.30 -58.77
C LYS E 165 -16.61 39.71 -58.63
N ILE E 166 -17.14 39.65 -57.41
CA ILE E 166 -18.50 39.14 -57.22
C ILE E 166 -19.53 40.08 -57.83
N LEU E 167 -19.31 41.40 -57.77
CA LEU E 167 -20.22 42.36 -58.36
C LEU E 167 -19.86 42.62 -59.80
N PRO E 168 -20.80 42.49 -60.73
CA PRO E 168 -20.50 42.72 -62.15
C PRO E 168 -20.55 44.21 -62.48
N ILE E 169 -20.35 44.50 -63.76
CA ILE E 169 -20.22 45.90 -64.20
C ILE E 169 -21.49 46.68 -63.89
N ASN E 170 -22.64 46.13 -64.23
CA ASN E 170 -23.94 46.74 -63.95
C ASN E 170 -24.01 48.16 -64.52
N GLU E 171 -23.66 48.29 -65.80
CA GLU E 171 -23.75 49.60 -66.45
C GLU E 171 -25.20 50.09 -66.49
N GLY E 172 -26.13 49.20 -66.80
CA GLY E 172 -27.54 49.53 -66.74
C GLY E 172 -28.18 49.00 -65.47
N CYS E 173 -28.41 49.87 -64.49
CA CYS E 173 -28.93 49.45 -63.19
C CYS E 173 -29.80 50.56 -62.62
N SER E 174 -30.44 50.24 -61.50
CA SER E 174 -31.31 51.18 -60.82
C SER E 174 -31.26 50.89 -59.32
N ARG E 175 -32.23 51.40 -58.58
CA ARG E 175 -32.27 51.23 -57.13
C ARG E 175 -32.57 49.80 -56.71
N ASP E 176 -32.96 48.92 -57.64
CA ASP E 176 -33.27 47.55 -57.28
C ASP E 176 -32.05 46.81 -56.74
N ASN E 177 -30.88 47.07 -57.32
CA ASN E 177 -29.66 46.34 -56.96
C ASN E 177 -28.86 47.11 -55.92
N PHE E 178 -28.48 46.41 -54.85
CA PHE E 178 -27.66 46.97 -53.79
C PHE E 178 -26.82 45.85 -53.19
N LYS E 179 -25.61 46.18 -52.75
CA LYS E 179 -24.68 45.19 -52.17
C LYS E 179 -24.24 45.66 -50.79
N PRO E 180 -24.98 45.32 -49.74
CA PRO E 180 -24.64 45.74 -48.38
C PRO E 180 -23.73 44.77 -47.63
N LEU E 181 -22.62 44.37 -48.27
CA LEU E 181 -21.68 43.48 -47.61
C LEU E 181 -20.82 44.19 -46.58
N ILE E 182 -20.46 45.45 -46.82
CA ILE E 182 -19.65 46.18 -45.86
C ILE E 182 -20.50 46.75 -44.74
N SER E 183 -21.72 47.20 -45.06
CA SER E 183 -22.58 47.78 -44.03
C SER E 183 -23.00 46.75 -42.98
N LYS E 184 -23.22 45.50 -43.39
CA LYS E 184 -23.58 44.48 -42.42
C LYS E 184 -22.43 44.18 -41.45
N SER E 185 -21.19 44.23 -41.94
CA SER E 185 -20.05 44.06 -41.05
C SER E 185 -19.86 45.28 -40.16
N ILE E 186 -20.14 46.48 -40.69
CA ILE E 186 -19.95 47.69 -39.90
C ILE E 186 -21.01 47.81 -38.81
N GLU E 187 -22.23 47.33 -39.08
CA GLU E 187 -23.34 47.58 -38.16
C GLU E 187 -23.24 46.71 -36.90
N GLU E 188 -22.87 45.45 -37.06
CA GLU E 188 -22.77 44.53 -35.93
C GLU E 188 -21.43 44.64 -35.20
N ILE E 189 -20.76 45.78 -35.32
CA ILE E 189 -19.47 45.95 -34.66
C ILE E 189 -19.64 45.91 -33.15
N LEU E 190 -20.60 46.65 -32.62
CA LEU E 190 -20.95 46.59 -31.21
C LEU E 190 -22.44 46.33 -30.98
N SER E 191 -23.24 46.22 -32.03
CA SER E 191 -24.66 45.94 -31.88
C SER E 191 -24.93 44.57 -31.29
N ASN E 192 -23.97 43.65 -31.41
CA ASN E 192 -24.13 42.31 -30.86
C ASN E 192 -24.00 42.33 -29.33
N THR E 200 -17.64 39.75 -23.03
CA THR E 200 -16.58 40.35 -22.23
C THR E 200 -15.28 39.59 -22.42
N GLY E 201 -15.38 38.30 -22.72
CA GLY E 201 -14.22 37.45 -22.85
C GLY E 201 -13.73 37.24 -24.27
N LYS E 202 -14.17 38.09 -25.20
CA LYS E 202 -13.78 37.92 -26.59
C LYS E 202 -12.49 38.67 -26.93
N SER E 203 -12.45 39.97 -26.65
CA SER E 203 -11.27 40.77 -27.02
C SER E 203 -10.05 40.33 -26.21
N ASN E 204 -10.23 40.05 -24.92
CA ASN E 204 -9.10 39.65 -24.09
C ASN E 204 -8.51 38.31 -24.53
N GLN E 205 -9.32 37.44 -25.11
CA GLN E 205 -8.88 36.13 -25.54
C GLN E 205 -8.09 36.16 -26.85
N LEU E 206 -7.67 37.35 -27.30
CA LEU E 206 -7.00 37.52 -28.58
C LEU E 206 -5.69 36.76 -28.62
N PRO E 207 -5.60 35.70 -29.44
CA PRO E 207 -4.32 35.01 -29.59
C PRO E 207 -3.52 35.57 -30.75
N PHE E 208 -2.31 35.06 -30.97
CA PHE E 208 -1.47 35.47 -32.09
C PHE E 208 -1.31 36.98 -32.11
N PRO E 209 -0.46 37.54 -31.23
CA PRO E 209 -0.43 38.99 -30.99
C PRO E 209 -0.45 39.88 -32.23
N SER E 210 0.07 39.40 -33.36
CA SER E 210 0.06 40.21 -34.56
C SER E 210 -1.34 40.50 -35.07
N LEU E 211 -2.35 39.80 -34.56
CA LEU E 211 -3.73 40.15 -34.87
C LEU E 211 -4.06 41.58 -34.44
N ALA E 212 -3.32 42.12 -33.47
CA ALA E 212 -3.52 43.52 -33.10
C ALA E 212 -3.16 44.46 -34.24
N ILE E 213 -2.22 44.05 -35.10
CA ILE E 213 -1.86 44.86 -36.26
C ILE E 213 -3.00 44.93 -37.26
N LEU E 214 -3.92 43.96 -37.23
CA LEU E 214 -4.95 43.88 -38.24
C LEU E 214 -5.83 45.13 -38.24
N PRO E 215 -6.40 45.47 -39.39
CA PRO E 215 -7.28 46.64 -39.45
C PRO E 215 -8.47 46.47 -38.53
N PRO E 216 -9.08 47.58 -38.10
CA PRO E 216 -10.29 47.45 -37.28
C PRO E 216 -11.40 46.69 -37.98
N ILE E 217 -11.55 46.86 -39.29
CA ILE E 217 -12.54 46.09 -40.03
C ILE E 217 -12.21 44.60 -39.97
N ALA E 218 -10.92 44.26 -40.02
CA ALA E 218 -10.54 42.85 -39.93
C ALA E 218 -10.86 42.28 -38.56
N GLN E 219 -10.59 43.04 -37.50
CA GLN E 219 -10.90 42.58 -36.15
C GLN E 219 -12.40 42.41 -35.98
N GLN E 220 -13.20 43.34 -36.49
CA GLN E 220 -14.64 43.23 -36.35
C GLN E 220 -15.19 42.04 -37.15
N TRP E 221 -14.66 41.83 -38.35
CA TRP E 221 -15.09 40.67 -39.13
C TRP E 221 -14.67 39.37 -38.45
N LEU E 222 -13.54 39.38 -37.74
CA LEU E 222 -13.16 38.23 -36.93
C LEU E 222 -14.15 38.00 -35.80
N GLN E 223 -14.60 39.09 -35.16
CA GLN E 223 -15.53 38.97 -34.05
C GLN E 223 -16.92 38.52 -34.46
N LEU E 224 -17.25 38.57 -35.75
CA LEU E 224 -18.57 38.18 -36.19
C LEU E 224 -18.76 36.68 -36.07
N PRO E 225 -20.01 36.22 -35.90
CA PRO E 225 -20.25 34.78 -35.80
C PRO E 225 -19.83 34.04 -37.06
N LEU E 226 -19.39 32.81 -36.87
CA LEU E 226 -18.95 31.99 -38.00
C LEU E 226 -20.13 31.69 -38.93
N SER E 227 -19.84 31.67 -40.22
CA SER E 227 -20.85 31.41 -41.24
C SER E 227 -20.40 30.28 -42.14
N ALA E 228 -21.36 29.64 -42.80
CA ALA E 228 -21.05 28.53 -43.69
C ALA E 228 -20.42 28.98 -45.00
N ASN E 229 -20.39 30.28 -45.29
CA ASN E 229 -19.92 30.79 -46.57
C ASN E 229 -18.45 31.20 -46.55
N ASP E 230 -17.74 31.00 -45.44
CA ASP E 230 -16.33 31.35 -45.34
C ASP E 230 -15.45 30.12 -45.38
N GLY E 231 -15.81 29.13 -46.21
CA GLY E 231 -15.01 27.93 -46.32
C GLY E 231 -13.60 28.18 -46.81
N ALA E 232 -13.44 29.14 -47.73
CA ALA E 232 -12.10 29.43 -48.24
C ALA E 232 -11.18 29.95 -47.14
N TRP E 233 -11.69 30.85 -46.29
CA TRP E 233 -10.87 31.37 -45.20
C TRP E 233 -10.47 30.27 -44.23
N ILE E 234 -11.42 29.38 -43.89
CA ILE E 234 -11.10 28.29 -42.98
C ILE E 234 -10.06 27.37 -43.60
N GLN E 235 -10.21 27.05 -44.88
CA GLN E 235 -9.27 26.15 -45.54
C GLN E 235 -7.87 26.77 -45.60
N ASN E 236 -7.78 28.06 -45.91
CA ASN E 236 -6.47 28.70 -46.04
C ASN E 236 -5.76 28.88 -44.70
N LEU E 237 -6.44 28.68 -43.58
CA LEU E 237 -5.79 28.81 -42.29
C LEU E 237 -4.79 27.68 -42.09
N PRO E 238 -3.64 27.95 -41.48
CA PRO E 238 -2.75 26.87 -41.03
C PRO E 238 -3.28 26.29 -39.72
N LYS E 239 -3.62 25.00 -39.75
CA LYS E 239 -4.30 24.36 -38.64
C LYS E 239 -3.44 23.25 -38.06
N VAL E 240 -3.94 22.64 -36.98
CA VAL E 240 -3.21 21.61 -36.25
C VAL E 240 -4.13 20.40 -36.07
N ASP E 241 -3.56 19.20 -36.22
CA ASP E 241 -4.25 17.95 -35.98
C ASP E 241 -3.63 17.22 -34.80
N LEU E 242 -4.48 16.73 -33.90
CA LEU E 242 -3.99 15.96 -32.75
C LEU E 242 -4.58 14.57 -32.65
N HIS E 243 -5.71 14.29 -33.30
CA HIS E 243 -6.40 13.00 -33.23
C HIS E 243 -6.64 12.54 -34.66
N CYS E 244 -5.68 11.84 -35.24
CA CYS E 244 -5.78 11.35 -36.61
C CYS E 244 -5.22 9.93 -36.65
N HIS E 245 -6.11 8.94 -36.61
CA HIS E 245 -5.69 7.55 -36.65
C HIS E 245 -5.12 7.21 -38.02
N LEU E 246 -3.96 6.55 -38.02
CA LEU E 246 -3.29 6.21 -39.27
C LEU E 246 -4.10 5.23 -40.09
N GLY E 247 -4.70 4.23 -39.44
CA GLY E 247 -5.42 3.19 -40.14
C GLY E 247 -6.81 3.53 -40.61
N GLY E 248 -7.29 4.73 -40.34
CA GLY E 248 -8.63 5.11 -40.74
C GLY E 248 -8.67 6.26 -41.72
N PHE E 249 -7.69 6.33 -42.63
CA PHE E 249 -7.61 7.41 -43.60
C PHE E 249 -8.18 7.04 -44.96
N ALA E 250 -7.80 5.88 -45.48
CA ALA E 250 -8.32 5.40 -46.77
C ALA E 250 -9.34 4.31 -46.47
N THR E 251 -10.61 4.69 -46.40
CA THR E 251 -11.69 3.79 -46.08
C THR E 251 -12.63 3.53 -47.24
N SER E 252 -12.97 4.55 -48.01
CA SER E 252 -13.89 4.39 -49.13
C SER E 252 -13.41 5.26 -50.29
N GLY E 253 -13.83 4.87 -51.49
CA GLY E 253 -13.51 5.64 -52.68
C GLY E 253 -12.18 5.25 -53.30
N SER E 254 -11.80 6.06 -54.29
CA SER E 254 -10.63 5.77 -55.11
C SER E 254 -9.37 5.56 -54.27
N LEU E 255 -9.28 6.21 -53.11
CA LEU E 255 -8.13 6.03 -52.24
C LEU E 255 -7.83 4.55 -52.03
N LEU E 256 -8.87 3.75 -51.71
CA LEU E 256 -8.67 2.33 -51.53
C LEU E 256 -7.95 1.72 -52.72
N ASP E 257 -8.49 1.94 -53.93
CA ASP E 257 -7.83 1.43 -55.13
C ASP E 257 -6.42 1.99 -55.23
N GLN E 258 -6.28 3.31 -55.01
CA GLN E 258 -4.97 3.93 -55.07
C GLN E 258 -4.03 3.34 -54.03
N VAL E 259 -4.57 2.93 -52.87
CA VAL E 259 -3.76 2.24 -51.89
C VAL E 259 -3.50 0.78 -52.29
N ARG E 260 -4.48 0.12 -52.90
CA ARG E 260 -4.33 -1.31 -53.20
C ARG E 260 -3.43 -1.55 -54.42
N GLY E 261 -3.22 -0.53 -55.24
CA GLY E 261 -2.37 -0.70 -56.41
C GLY E 261 -0.90 -0.79 -56.11
N ALA E 262 -0.47 -0.28 -54.95
CA ALA E 262 0.94 -0.27 -54.58
C ALA E 262 1.33 -1.46 -53.70
N ALA E 263 0.41 -2.39 -53.46
CA ALA E 263 0.74 -3.55 -52.63
C ALA E 263 1.72 -4.46 -53.34
N SER E 264 2.63 -5.06 -52.57
CA SER E 264 3.63 -5.93 -53.16
C SER E 264 3.04 -7.28 -53.57
N GLU E 265 1.95 -7.71 -52.92
CA GLU E 265 1.31 -8.99 -53.21
C GLU E 265 -0.18 -8.73 -53.47
N PRO E 266 -0.53 -8.31 -54.68
CA PRO E 266 -1.95 -8.02 -54.97
C PRO E 266 -2.85 -9.25 -54.89
N ASP E 267 -2.30 -10.45 -54.99
CA ASP E 267 -3.13 -11.66 -54.95
C ASP E 267 -3.83 -11.81 -53.61
N LEU E 268 -3.13 -11.52 -52.50
CA LEU E 268 -3.70 -11.67 -51.18
C LEU E 268 -4.58 -10.50 -50.76
N ILE E 269 -4.64 -9.44 -51.56
CA ILE E 269 -5.45 -8.28 -51.23
C ILE E 269 -6.91 -8.60 -51.49
N ASP E 270 -7.75 -8.42 -50.47
CA ASP E 270 -9.18 -8.71 -50.58
C ASP E 270 -9.88 -7.46 -51.09
N ARG E 271 -10.11 -7.40 -52.40
CA ARG E 271 -10.80 -6.28 -53.04
C ARG E 271 -12.29 -6.52 -53.22
N THR E 272 -12.80 -7.66 -52.76
CA THR E 272 -14.22 -7.96 -52.93
C THR E 272 -15.07 -7.29 -51.86
N PHE E 273 -14.64 -7.34 -50.61
CA PHE E 273 -15.42 -6.77 -49.52
C PHE E 273 -15.37 -5.24 -49.59
N SER E 274 -16.54 -4.62 -49.45
CA SER E 274 -16.66 -3.17 -49.42
C SER E 274 -17.58 -2.76 -48.28
N PRO E 275 -17.27 -1.67 -47.58
CA PRO E 275 -18.14 -1.23 -46.48
C PRO E 275 -19.48 -0.71 -46.99
N GLN E 276 -20.51 -0.87 -46.16
CA GLN E 276 -21.81 -0.35 -46.49
C GLN E 276 -21.82 1.17 -46.40
N GLU E 277 -22.76 1.78 -47.12
CA GLU E 277 -22.87 3.23 -47.20
C GLU E 277 -24.17 3.70 -46.56
N ILE E 278 -24.10 4.79 -45.82
CA ILE E 278 -25.25 5.39 -45.17
C ILE E 278 -25.66 6.63 -45.95
N ALA E 279 -26.95 6.73 -46.26
CA ALA E 279 -27.44 7.86 -47.02
C ALA E 279 -27.23 9.17 -46.27
N GLY E 280 -26.88 10.22 -47.01
CA GLY E 280 -26.64 11.51 -46.41
C GLY E 280 -25.25 11.70 -45.83
N TRP E 281 -24.34 10.76 -46.07
CA TRP E 281 -22.99 10.88 -45.53
C TRP E 281 -22.31 12.12 -46.09
N PRO E 282 -21.54 12.85 -45.29
CA PRO E 282 -21.22 12.61 -43.88
C PRO E 282 -22.25 13.18 -42.91
N ARG E 283 -23.25 13.90 -43.41
CA ARG E 283 -24.29 14.49 -42.55
C ARG E 283 -25.39 13.45 -42.31
N SER E 284 -25.07 12.47 -41.46
CA SER E 284 -26.01 11.40 -41.18
C SER E 284 -27.23 11.93 -40.45
N HIS E 285 -28.41 11.48 -40.88
CA HIS E 285 -29.66 11.86 -40.25
C HIS E 285 -30.07 10.91 -39.13
N LYS E 286 -29.34 9.81 -38.93
CA LYS E 286 -29.63 8.86 -37.88
C LYS E 286 -28.35 8.52 -37.13
N SER E 287 -28.49 8.25 -35.83
CA SER E 287 -27.33 7.93 -35.01
C SER E 287 -26.77 6.56 -35.38
N ILE E 288 -25.45 6.44 -35.33
CA ILE E 288 -24.75 5.20 -35.62
C ILE E 288 -23.92 4.82 -34.40
N SER E 289 -24.03 3.57 -33.98
CA SER E 289 -23.28 3.10 -32.81
C SER E 289 -21.80 2.96 -33.13
N LEU E 290 -21.00 2.82 -32.07
CA LEU E 290 -19.55 2.74 -32.24
C LEU E 290 -19.14 1.48 -32.99
N ASP E 291 -19.84 0.36 -32.75
CA ASP E 291 -19.48 -0.88 -33.43
C ASP E 291 -19.66 -0.77 -34.93
N LYS E 292 -20.77 -0.17 -35.38
CA LYS E 292 -20.97 0.03 -36.81
C LYS E 292 -19.97 1.02 -37.38
N TYR E 293 -19.62 2.06 -36.60
CA TYR E 293 -18.58 2.99 -37.03
C TYR E 293 -17.27 2.26 -37.28
N MET E 294 -16.90 1.37 -36.37
CA MET E 294 -15.67 0.58 -36.55
C MET E 294 -15.79 -0.35 -37.74
N GLU E 295 -16.94 -1.00 -37.92
CA GLU E 295 -17.12 -1.91 -39.04
C GLU E 295 -17.06 -1.19 -40.37
N LEU E 296 -17.45 0.09 -40.41
CA LEU E 296 -17.36 0.85 -41.65
C LEU E 296 -15.92 0.99 -42.13
N GLY E 297 -14.96 0.95 -41.22
CA GLY E 297 -13.56 1.04 -41.54
C GLY E 297 -12.87 -0.29 -41.80
N ASN E 298 -13.62 -1.38 -41.90
CA ASN E 298 -13.03 -2.70 -42.09
C ASN E 298 -12.39 -2.88 -43.47
N ALA E 299 -12.64 -1.97 -44.41
CA ALA E 299 -11.99 -2.06 -45.71
C ALA E 299 -10.48 -1.93 -45.59
N ASN E 300 -10.02 -1.03 -44.74
CA ASN E 300 -8.61 -0.85 -44.43
C ASN E 300 -8.32 -1.37 -43.03
N GLY E 301 -7.07 -1.24 -42.61
CA GLY E 301 -6.70 -1.61 -41.26
C GLY E 301 -5.69 -2.75 -41.17
N SER E 302 -5.84 -3.58 -40.13
CA SER E 302 -4.89 -4.66 -39.90
C SER E 302 -4.93 -5.69 -41.02
N LYS E 303 -6.13 -5.98 -41.54
CA LYS E 303 -6.26 -7.00 -42.57
C LYS E 303 -5.70 -6.57 -43.91
N LEU E 304 -5.36 -5.29 -44.09
CA LEU E 304 -4.88 -4.80 -45.37
C LEU E 304 -3.47 -4.23 -45.30
N LEU E 305 -3.14 -3.47 -44.25
CA LEU E 305 -1.88 -2.75 -44.17
C LEU E 305 -0.70 -3.64 -43.79
N LYS E 306 -0.86 -4.96 -43.84
CA LYS E 306 0.27 -5.85 -43.56
C LYS E 306 1.38 -5.67 -44.60
N ASP E 307 1.00 -5.53 -45.86
CA ASP E 307 1.98 -5.36 -46.93
C ASP E 307 2.74 -4.06 -46.76
N LYS E 308 4.05 -4.10 -47.06
CA LYS E 308 4.89 -2.91 -46.90
C LYS E 308 4.52 -1.84 -47.91
N GLY E 309 4.37 -2.21 -49.18
CA GLY E 309 4.11 -1.21 -50.20
C GLY E 309 2.80 -0.48 -49.99
N CYS E 310 1.74 -1.22 -49.66
CA CYS E 310 0.46 -0.58 -49.40
C CYS E 310 0.54 0.34 -48.18
N LEU E 311 1.28 -0.07 -47.16
CA LEU E 311 1.44 0.76 -45.98
C LEU E 311 2.16 2.07 -46.31
N ILE E 312 3.24 1.99 -47.09
CA ILE E 312 3.98 3.19 -47.46
C ILE E 312 3.11 4.10 -48.32
N ARG E 313 2.35 3.52 -49.26
CA ARG E 313 1.47 4.32 -50.10
C ARG E 313 0.39 4.99 -49.24
N GLN E 314 -0.14 4.27 -48.25
CA GLN E 314 -1.12 4.84 -47.36
C GLN E 314 -0.56 6.03 -46.58
N VAL E 315 0.66 5.88 -46.07
CA VAL E 315 1.29 6.98 -45.34
C VAL E 315 1.52 8.18 -46.25
N GLU E 316 1.99 7.93 -47.47
CA GLU E 316 2.21 9.02 -48.41
C GLU E 316 0.90 9.73 -48.75
N LEU E 317 -0.17 8.98 -48.94
CA LEU E 317 -1.48 9.58 -49.23
C LEU E 317 -1.98 10.40 -48.05
N LEU E 318 -1.79 9.89 -46.83
CA LEU E 318 -2.19 10.65 -45.65
C LEU E 318 -1.42 11.96 -45.57
N TYR E 319 -0.11 11.91 -45.82
CA TYR E 319 0.69 13.13 -45.77
C TYR E 319 0.26 14.11 -46.87
N GLN E 320 -0.04 13.60 -48.06
CA GLN E 320 -0.48 14.48 -49.14
C GLN E 320 -1.80 15.15 -48.79
N SER E 321 -2.74 14.39 -48.21
CA SER E 321 -4.01 14.98 -47.81
C SER E 321 -3.81 16.00 -46.69
N LEU E 322 -2.89 15.73 -45.78
CA LEU E 322 -2.60 16.68 -44.70
C LEU E 322 -2.04 17.98 -45.26
N VAL E 323 -1.10 17.88 -46.19
CA VAL E 323 -0.52 19.09 -46.78
C VAL E 323 -1.57 19.84 -47.58
N ASN E 324 -2.39 19.14 -48.36
CA ASN E 324 -3.42 19.80 -49.15
C ASN E 324 -4.46 20.49 -48.28
N ASP E 325 -4.58 20.10 -47.00
CA ASP E 325 -5.48 20.74 -46.07
C ASP E 325 -4.83 21.92 -45.37
N ASN E 326 -3.60 22.28 -45.75
CA ASN E 326 -2.84 23.39 -45.18
C ASN E 326 -2.55 23.19 -43.69
N VAL E 327 -2.65 21.97 -43.20
CA VAL E 327 -2.28 21.67 -41.83
C VAL E 327 -0.77 21.82 -41.68
N ALA E 328 -0.34 22.53 -40.64
CA ALA E 328 1.07 22.79 -40.41
C ALA E 328 1.67 21.96 -39.30
N TYR E 329 0.87 21.16 -38.60
CA TYR E 329 1.38 20.26 -37.58
C TYR E 329 0.31 19.21 -37.29
N ALA E 330 0.74 17.96 -37.17
CA ALA E 330 -0.20 16.88 -36.89
C ALA E 330 0.49 15.83 -36.03
N GLU E 331 -0.33 15.06 -35.31
CA GLU E 331 0.15 13.97 -34.47
C GLU E 331 -0.63 12.72 -34.87
N ILE E 332 0.04 11.81 -35.57
CA ILE E 332 -0.61 10.63 -36.12
C ILE E 332 -0.59 9.51 -35.10
N ARG E 333 -1.76 8.91 -34.85
CA ARG E 333 -1.87 7.76 -33.97
C ARG E 333 -1.80 6.49 -34.80
N CYS E 334 -0.91 5.57 -34.42
CA CYS E 334 -0.72 4.34 -35.15
C CYS E 334 -0.61 3.18 -34.18
N SER E 335 -0.94 1.99 -34.67
CA SER E 335 -0.83 0.74 -33.92
C SER E 335 0.02 -0.22 -34.73
N PRO E 336 1.33 -0.23 -34.53
CA PRO E 336 2.20 -1.07 -35.36
C PRO E 336 1.87 -2.56 -35.29
N ASN E 337 1.50 -3.07 -34.12
CA ASN E 337 1.24 -4.50 -33.97
C ASN E 337 0.11 -4.97 -34.86
N ASN E 338 -0.80 -4.09 -35.27
CA ASN E 338 -1.89 -4.50 -36.15
C ASN E 338 -1.39 -4.70 -37.57
N TYR E 339 -0.36 -3.97 -37.99
CA TYR E 339 0.17 -4.08 -39.34
C TYR E 339 1.44 -4.92 -39.39
N ALA E 340 1.76 -5.64 -38.32
CA ALA E 340 2.98 -6.43 -38.23
C ALA E 340 2.62 -7.91 -38.16
N ASP E 341 3.31 -8.72 -38.97
CA ASP E 341 3.16 -10.16 -38.94
C ASP E 341 4.53 -10.81 -38.97
N LYS E 342 4.68 -11.91 -38.23
CA LYS E 342 5.94 -12.61 -38.16
C LYS E 342 6.15 -13.59 -39.31
N ASN E 343 5.17 -13.73 -40.21
CA ASN E 343 5.30 -14.63 -41.34
C ASN E 343 6.46 -14.21 -42.24
N LYS E 344 6.58 -12.91 -42.51
CA LYS E 344 7.63 -12.37 -43.36
C LYS E 344 8.64 -11.54 -42.57
N ASN E 345 8.82 -11.88 -41.29
CA ASN E 345 9.75 -11.17 -40.41
C ASN E 345 9.44 -9.67 -40.37
N ARG E 346 8.17 -9.34 -40.25
CA ARG E 346 7.70 -7.97 -40.20
C ARG E 346 7.23 -7.68 -38.77
N SER E 347 8.17 -7.26 -37.93
CA SER E 347 7.87 -6.96 -36.53
C SER E 347 7.17 -5.60 -36.42
N ALA E 348 6.60 -5.36 -35.24
CA ALA E 348 5.99 -4.06 -34.99
C ALA E 348 7.02 -2.95 -35.03
N TRP E 349 8.21 -3.21 -34.51
CA TRP E 349 9.26 -2.20 -34.51
C TRP E 349 9.65 -1.82 -35.93
N VAL E 350 9.78 -2.79 -36.83
CA VAL E 350 10.16 -2.47 -38.19
C VAL E 350 9.03 -1.75 -38.93
N VAL E 351 7.77 -2.07 -38.60
CA VAL E 351 6.66 -1.33 -39.21
C VAL E 351 6.67 0.12 -38.77
N LEU E 352 6.88 0.36 -37.48
CA LEU E 352 6.95 1.72 -36.98
C LEU E 352 8.16 2.46 -37.56
N GLN E 353 9.27 1.74 -37.74
CA GLN E 353 10.44 2.34 -38.37
C GLN E 353 10.15 2.74 -39.80
N ASP E 354 9.42 1.89 -40.54
CA ASP E 354 9.01 2.26 -41.89
C ASP E 354 8.14 3.50 -41.88
N ILE E 355 7.20 3.58 -40.94
CA ILE E 355 6.34 4.77 -40.83
C ILE E 355 7.20 6.01 -40.60
N ASN E 356 8.10 5.94 -39.63
CA ASN E 356 8.93 7.09 -39.30
C ASN E 356 9.83 7.50 -40.47
N ASP E 357 10.43 6.51 -41.14
CA ASP E 357 11.32 6.81 -42.25
C ASP E 357 10.55 7.45 -43.40
N THR E 358 9.36 6.93 -43.72
CA THR E 358 8.57 7.53 -44.78
C THR E 358 8.17 8.96 -44.44
N PHE E 359 7.74 9.19 -43.19
CA PHE E 359 7.33 10.53 -42.79
C PHE E 359 8.49 11.51 -42.87
N THR E 360 9.67 11.11 -42.36
CA THR E 360 10.80 12.02 -42.37
C THR E 360 11.32 12.25 -43.78
N ARG E 361 11.27 11.23 -44.65
CA ARG E 361 11.69 11.42 -46.03
C ARG E 361 10.75 12.39 -46.74
N LEU E 362 9.44 12.25 -46.53
CA LEU E 362 8.49 13.16 -47.14
C LEU E 362 8.70 14.59 -46.65
N ILE E 363 8.91 14.75 -45.34
CA ILE E 363 9.09 16.08 -44.79
C ILE E 363 10.37 16.72 -45.33
N THR E 364 11.46 15.94 -45.39
CA THR E 364 12.72 16.48 -45.90
C THR E 364 12.58 16.85 -47.38
N GLU E 365 11.92 16.01 -48.16
CA GLU E 365 11.73 16.32 -49.58
C GLU E 365 10.90 17.57 -49.77
N ALA E 366 9.85 17.75 -48.96
CA ALA E 366 9.03 18.95 -49.06
C ALA E 366 9.82 20.18 -48.64
N LYS E 367 10.62 20.08 -47.57
CA LYS E 367 11.33 21.24 -47.05
C LYS E 367 12.46 21.67 -47.98
N GLN E 368 13.15 20.70 -48.60
CA GLN E 368 14.27 21.03 -49.46
C GLN E 368 13.83 21.87 -50.66
N LYS E 369 12.71 21.51 -51.28
CA LYS E 369 12.19 22.28 -52.40
C LYS E 369 11.41 23.51 -51.96
N ASN E 370 11.23 23.69 -50.65
CA ASN E 370 10.69 24.93 -50.07
C ASN E 370 9.23 25.16 -50.43
N GLN E 371 8.40 24.13 -50.27
CA GLN E 371 6.96 24.32 -50.26
C GLN E 371 6.47 24.33 -48.81
N PHE E 372 5.15 24.35 -48.63
CA PHE E 372 4.55 24.27 -47.30
C PHE E 372 4.52 22.81 -46.87
N TYR E 373 5.27 22.49 -45.82
CA TYR E 373 5.38 21.13 -45.33
C TYR E 373 4.70 20.99 -43.98
N CYS E 374 4.04 19.85 -43.78
CA CYS E 374 3.30 19.57 -42.55
C CYS E 374 4.16 18.70 -41.65
N HIS E 375 4.62 19.25 -40.53
CA HIS E 375 5.36 18.48 -39.55
C HIS E 375 4.43 17.47 -38.89
N VAL E 376 4.93 16.26 -38.69
CA VAL E 376 4.14 15.17 -38.11
C VAL E 376 4.92 14.50 -36.99
N ASN E 377 4.21 14.15 -35.93
CA ASN E 377 4.76 13.37 -34.83
C ASN E 377 3.87 12.16 -34.59
N LEU E 378 4.43 11.14 -33.97
CA LEU E 378 3.77 9.85 -33.85
C LEU E 378 3.32 9.60 -32.41
N LEU E 379 2.10 9.08 -32.28
CA LEU E 379 1.56 8.61 -31.00
C LEU E 379 1.36 7.12 -31.10
N VAL E 380 2.11 6.35 -30.31
CA VAL E 380 2.02 4.90 -30.32
C VAL E 380 0.78 4.49 -29.51
N ILE E 381 -0.26 4.05 -30.20
CA ILE E 381 -1.49 3.66 -29.52
C ILE E 381 -1.23 2.38 -28.74
N ALA E 382 -1.40 2.45 -27.42
CA ALA E 382 -1.27 1.27 -26.57
C ALA E 382 -2.49 0.39 -26.79
N SER E 383 -2.33 -0.63 -27.64
CA SER E 383 -3.44 -1.47 -28.02
C SER E 383 -3.98 -2.23 -26.82
N ARG E 384 -5.29 -2.48 -26.84
CA ARG E 384 -6.01 -3.06 -25.72
C ARG E 384 -6.80 -4.26 -26.23
N LYS E 385 -7.75 -4.73 -25.43
CA LYS E 385 -8.46 -6.00 -25.67
C LYS E 385 -9.07 -6.04 -27.06
N PHE E 386 -9.50 -7.23 -27.49
CA PHE E 386 -9.66 -7.68 -28.88
C PHE E 386 -8.29 -8.09 -29.40
N SER E 387 -7.30 -8.20 -28.52
CA SER E 387 -5.93 -8.59 -28.87
C SER E 387 -5.47 -9.87 -28.18
N GLY E 388 -5.78 -10.04 -26.89
CA GLY E 388 -5.39 -11.26 -26.22
C GLY E 388 -4.93 -11.13 -24.78
N ASP E 389 -3.71 -11.60 -24.50
CA ASP E 389 -3.21 -11.85 -23.15
C ASP E 389 -2.73 -10.59 -22.43
N LEU E 390 -3.14 -9.40 -22.87
CA LEU E 390 -2.84 -8.12 -22.24
C LEU E 390 -1.37 -7.74 -22.36
N SER E 391 -0.51 -8.64 -22.86
CA SER E 391 0.89 -8.32 -23.06
C SER E 391 1.09 -7.25 -24.13
N ASP E 392 0.07 -6.98 -24.94
CA ASP E 392 0.18 -5.94 -25.96
C ASP E 392 0.43 -4.58 -25.32
N ILE E 393 -0.16 -4.33 -24.14
CA ILE E 393 0.04 -3.04 -23.48
C ILE E 393 1.51 -2.84 -23.11
N SER E 394 2.10 -3.83 -22.45
CA SER E 394 3.51 -3.73 -22.07
C SER E 394 4.41 -3.66 -23.29
N LYS E 395 4.11 -4.47 -24.32
CA LYS E 395 4.91 -4.45 -25.53
C LYS E 395 4.86 -3.08 -26.20
N HIS E 396 3.69 -2.47 -26.28
CA HIS E 396 3.56 -1.17 -26.91
C HIS E 396 4.24 -0.07 -26.08
N LEU E 397 4.12 -0.14 -24.77
CA LEU E 397 4.81 0.83 -23.93
C LEU E 397 6.32 0.73 -24.11
N ALA E 398 6.85 -0.49 -24.12
CA ALA E 398 8.28 -0.67 -24.33
C ALA E 398 8.70 -0.20 -25.72
N LEU E 399 7.87 -0.49 -26.74
CA LEU E 399 8.19 -0.06 -28.09
C LEU E 399 8.25 1.46 -28.18
N ALA E 400 7.27 2.14 -27.59
CA ALA E 400 7.28 3.61 -27.60
C ALA E 400 8.49 4.15 -26.86
N ILE E 401 8.83 3.57 -25.70
CA ILE E 401 9.96 4.06 -24.93
C ILE E 401 11.25 3.89 -25.71
N THR E 402 11.43 2.73 -26.36
CA THR E 402 12.65 2.49 -27.13
C THR E 402 12.72 3.39 -28.36
N ALA E 403 11.63 3.51 -29.09
CA ALA E 403 11.65 4.30 -30.32
C ALA E 403 11.76 5.80 -30.04
N MET E 404 11.37 6.25 -28.85
CA MET E 404 11.60 7.65 -28.49
C MET E 404 13.09 7.96 -28.35
N GLN E 405 13.93 6.94 -28.19
CA GLN E 405 15.36 7.14 -28.01
C GLN E 405 16.11 7.29 -29.32
N GLN E 406 15.43 7.21 -30.46
CA GLN E 406 16.10 7.39 -31.75
C GLN E 406 16.71 8.79 -31.86
N GLY E 407 15.97 9.80 -31.42
CA GLY E 407 16.49 11.16 -31.39
C GLY E 407 16.57 11.82 -32.74
N GLU E 408 17.44 11.30 -33.61
CA GLU E 408 17.63 11.89 -34.93
C GLU E 408 16.35 11.76 -35.76
N GLY E 409 16.02 12.81 -36.48
CA GLY E 409 14.84 12.79 -37.35
C GLY E 409 13.88 13.89 -36.96
N VAL E 410 13.37 14.59 -37.98
CA VAL E 410 12.38 15.64 -37.75
C VAL E 410 11.08 15.06 -37.22
N CYS E 411 10.82 13.78 -37.45
CA CYS E 411 9.61 13.11 -36.99
C CYS E 411 9.99 12.10 -35.91
N ARG E 412 9.34 12.19 -34.75
CA ARG E 412 9.65 11.31 -33.64
C ARG E 412 8.40 11.07 -32.82
N ILE E 413 8.42 9.98 -32.07
CA ILE E 413 7.28 9.61 -31.23
C ILE E 413 7.26 10.49 -30.00
N VAL E 414 6.09 11.03 -29.68
CA VAL E 414 5.94 11.97 -28.57
C VAL E 414 5.04 11.47 -27.45
N GLY E 415 4.27 10.41 -27.66
CA GLY E 415 3.39 9.97 -26.60
C GLY E 415 2.66 8.70 -26.97
N VAL E 416 1.75 8.29 -26.08
CA VAL E 416 0.99 7.07 -26.22
C VAL E 416 -0.50 7.40 -26.08
N ASP E 417 -1.34 6.44 -26.46
CA ASP E 417 -2.78 6.58 -26.38
C ASP E 417 -3.38 5.34 -25.74
N LEU E 418 -4.48 5.53 -25.01
CA LEU E 418 -5.09 4.46 -24.23
C LEU E 418 -6.59 4.38 -24.50
N ALA E 419 -7.13 3.16 -24.44
CA ALA E 419 -8.58 2.96 -24.54
C ALA E 419 -8.90 1.62 -23.88
N GLY E 420 -9.40 1.67 -22.64
CA GLY E 420 -9.61 0.49 -21.82
C GLY E 420 -10.36 -0.66 -22.45
N PHE E 421 -10.15 -1.89 -21.92
CA PHE E 421 -10.76 -3.08 -22.50
C PHE E 421 -12.29 -3.00 -22.45
N GLU E 422 -12.86 -3.18 -21.24
CA GLU E 422 -14.28 -2.90 -21.04
C GLU E 422 -14.52 -1.99 -19.85
N ASN E 423 -14.13 -2.43 -18.65
CA ASN E 423 -14.40 -1.73 -17.40
C ASN E 423 -13.83 -2.52 -16.23
N LYS E 424 -13.64 -1.84 -15.11
CA LYS E 424 -13.45 -2.41 -13.77
C LYS E 424 -12.08 -3.05 -13.59
N GLU E 425 -11.37 -3.27 -14.68
CA GLU E 425 -9.96 -3.66 -14.65
C GLU E 425 -9.21 -3.03 -15.81
N THR E 426 -9.86 -2.13 -16.54
CA THR E 426 -9.44 -1.76 -17.88
C THR E 426 -9.27 -0.25 -18.02
N ARG E 427 -10.09 0.50 -17.30
CA ARG E 427 -10.06 1.95 -17.39
C ARG E 427 -8.73 2.49 -16.87
N ALA E 428 -8.56 3.79 -16.98
CA ALA E 428 -7.30 4.43 -16.61
C ALA E 428 -7.23 4.63 -15.10
N SER E 429 -7.43 3.57 -14.34
CA SER E 429 -7.32 3.63 -12.88
C SER E 429 -6.67 2.39 -12.28
N TYR E 430 -6.23 1.42 -13.09
CA TYR E 430 -5.68 0.18 -12.59
C TYR E 430 -4.33 -0.17 -13.20
N TYR E 431 -3.71 0.77 -13.93
CA TYR E 431 -2.44 0.50 -14.60
C TYR E 431 -1.36 1.52 -14.22
N GLU E 432 -1.54 2.22 -13.09
CA GLU E 432 -0.59 3.25 -12.70
C GLU E 432 0.80 2.69 -12.44
N HIS E 433 0.92 1.40 -12.14
CA HIS E 433 2.22 0.81 -11.87
C HIS E 433 3.04 0.62 -13.15
N ASP E 434 2.38 0.38 -14.29
CA ASP E 434 3.12 0.22 -15.54
C ASP E 434 3.61 1.54 -16.10
N PHE E 435 2.88 2.63 -15.88
CA PHE E 435 3.13 3.89 -16.57
C PHE E 435 4.18 4.75 -15.89
N LYS E 436 4.77 4.30 -14.79
CA LYS E 436 5.86 5.05 -14.18
C LYS E 436 7.04 5.18 -15.13
N ALA E 437 7.36 4.09 -15.85
CA ALA E 437 8.45 4.14 -16.81
C ALA E 437 8.16 5.11 -17.94
N VAL E 438 6.94 5.07 -18.49
CA VAL E 438 6.62 5.94 -19.62
C VAL E 438 6.57 7.41 -19.18
N HIS E 439 6.19 7.67 -17.92
CA HIS E 439 6.21 9.04 -17.42
C HIS E 439 7.64 9.52 -17.21
N ARG E 440 8.49 8.67 -16.64
CA ARG E 440 9.86 9.07 -16.35
C ARG E 440 10.70 9.21 -17.61
N CYS E 441 10.31 8.56 -18.71
CA CYS E 441 11.08 8.62 -19.94
C CYS E 441 10.81 9.88 -20.76
N GLY E 442 9.80 10.66 -20.39
CA GLY E 442 9.51 11.90 -21.09
C GLY E 442 8.35 11.83 -22.07
N LEU E 443 7.70 10.69 -22.21
CA LEU E 443 6.57 10.58 -23.12
C LEU E 443 5.30 11.13 -22.47
N ALA E 444 4.38 11.58 -23.31
CA ALA E 444 3.08 12.05 -22.88
C ALA E 444 2.05 10.94 -22.96
N VAL E 445 0.93 11.13 -22.27
CA VAL E 445 -0.13 10.14 -22.22
C VAL E 445 -1.44 10.79 -22.63
N THR E 446 -2.19 10.11 -23.50
CA THR E 446 -3.51 10.55 -23.93
C THR E 446 -4.50 9.43 -23.70
N ALA E 447 -5.72 9.77 -23.29
CA ALA E 447 -6.74 8.79 -22.94
C ALA E 447 -7.98 9.00 -23.80
N HIS E 448 -8.52 7.90 -24.32
CA HIS E 448 -9.78 7.93 -25.05
C HIS E 448 -10.96 7.82 -24.07
N ALA E 449 -11.05 8.81 -23.18
CA ALA E 449 -12.04 8.80 -22.11
C ALA E 449 -13.41 9.23 -22.63
N GLY E 450 -13.89 8.50 -23.63
CA GLY E 450 -15.22 8.73 -24.18
C GLY E 450 -16.15 7.57 -23.85
N GLU E 451 -17.02 7.22 -24.81
CA GLU E 451 -17.94 6.10 -24.66
C GLU E 451 -18.81 6.21 -23.41
N ASN E 452 -19.19 7.44 -23.07
CA ASN E 452 -20.01 7.72 -21.89
C ASN E 452 -19.37 7.14 -20.62
N ASP E 453 -18.06 7.31 -20.50
CA ASP E 453 -17.36 6.84 -19.32
C ASP E 453 -17.75 7.68 -18.10
N ASP E 454 -17.72 7.03 -16.93
CA ASP E 454 -18.05 7.72 -15.70
C ASP E 454 -17.04 8.81 -15.40
N PRO E 455 -17.47 9.90 -14.76
CA PRO E 455 -16.52 10.98 -14.42
C PRO E 455 -15.39 10.50 -13.52
N GLU E 456 -15.62 9.45 -12.73
CA GLU E 456 -14.54 8.91 -11.92
C GLU E 456 -13.38 8.41 -12.78
N GLY E 457 -13.71 7.78 -13.91
CA GLY E 457 -12.66 7.32 -14.82
C GLY E 457 -11.84 8.47 -15.38
N ILE E 458 -12.50 9.54 -15.79
CA ILE E 458 -11.78 10.70 -16.31
C ILE E 458 -10.93 11.33 -15.23
N TRP E 459 -11.46 11.42 -14.01
CA TRP E 459 -10.68 11.97 -12.90
C TRP E 459 -9.44 11.14 -12.62
N GLN E 460 -9.59 9.82 -12.62
CA GLN E 460 -8.43 8.94 -12.42
C GLN E 460 -7.43 9.08 -13.54
N ALA E 461 -7.90 9.18 -14.79
CA ALA E 461 -7.00 9.36 -15.91
C ALA E 461 -6.22 10.66 -15.78
N VAL E 462 -6.89 11.72 -15.32
CA VAL E 462 -6.22 13.00 -15.15
C VAL E 462 -5.18 12.94 -14.04
N TYR E 463 -5.51 12.28 -12.93
CA TYR E 463 -4.67 12.33 -11.74
C TYR E 463 -3.75 11.13 -11.58
N SER E 464 -4.27 9.90 -11.71
CA SER E 464 -3.47 8.73 -11.38
C SER E 464 -2.28 8.58 -12.33
N LEU E 465 -2.49 8.75 -13.63
CA LEU E 465 -1.43 8.59 -14.62
C LEU E 465 -1.04 9.90 -15.29
N HIS E 466 -1.53 11.04 -14.79
CA HIS E 466 -1.09 12.36 -15.23
C HIS E 466 -1.24 12.53 -16.74
N ALA E 467 -2.41 12.16 -17.25
CA ALA E 467 -2.68 12.32 -18.67
C ALA E 467 -2.71 13.80 -19.04
N ARG E 468 -2.08 14.14 -20.16
CA ARG E 468 -2.02 15.52 -20.62
C ARG E 468 -3.21 15.91 -21.49
N ARG E 469 -3.85 14.94 -22.15
CA ARG E 469 -5.00 15.21 -23.00
C ARG E 469 -6.05 14.14 -22.79
N LEU E 470 -7.31 14.51 -23.04
CA LEU E 470 -8.43 13.60 -22.92
C LEU E 470 -9.15 13.52 -24.26
N GLY E 471 -9.33 12.31 -24.76
CA GLY E 471 -10.03 12.13 -26.03
C GLY E 471 -11.52 12.29 -25.86
N HIS E 472 -12.12 13.03 -26.80
CA HIS E 472 -13.56 13.28 -26.83
C HIS E 472 -14.03 13.90 -25.52
N ALA E 473 -14.55 13.07 -24.60
CA ALA E 473 -15.04 13.54 -23.30
C ALA E 473 -16.08 14.64 -23.47
N LEU E 474 -17.20 14.27 -24.09
CA LEU E 474 -18.26 15.21 -24.42
C LEU E 474 -19.24 15.43 -23.26
N ASN E 475 -19.05 14.74 -22.14
CA ASN E 475 -20.01 14.76 -21.04
C ASN E 475 -19.41 15.37 -19.78
N LEU E 476 -18.65 16.45 -19.93
CA LEU E 476 -18.13 17.16 -18.76
C LEU E 476 -19.15 18.11 -18.14
N LEU E 477 -20.22 18.44 -18.87
CA LEU E 477 -21.19 19.42 -18.37
C LEU E 477 -21.90 18.94 -17.11
N GLU E 478 -21.94 17.63 -16.90
CA GLU E 478 -22.63 17.06 -15.74
C GLU E 478 -21.71 16.85 -14.55
N ALA E 479 -20.44 17.23 -14.66
CA ALA E 479 -19.47 17.08 -13.56
C ALA E 479 -18.74 18.41 -13.40
N PRO E 480 -19.36 19.39 -12.72
CA PRO E 480 -18.69 20.69 -12.56
C PRO E 480 -17.34 20.61 -11.86
N ASP E 481 -17.20 19.71 -10.88
CA ASP E 481 -15.91 19.54 -10.22
C ASP E 481 -14.86 19.05 -11.20
N LEU E 482 -15.24 18.12 -12.08
CA LEU E 482 -14.31 17.63 -13.09
C LEU E 482 -13.92 18.72 -14.07
N MET E 483 -14.87 19.58 -14.45
CA MET E 483 -14.54 20.72 -15.30
C MET E 483 -13.57 21.65 -14.61
N ARG E 484 -13.79 21.93 -13.33
CA ARG E 484 -12.87 22.81 -12.61
C ARG E 484 -11.48 22.21 -12.53
N THR E 485 -11.38 20.90 -12.29
CA THR E 485 -10.09 20.24 -12.26
C THR E 485 -9.40 20.31 -13.62
N VAL E 486 -10.16 20.07 -14.70
CA VAL E 486 -9.57 20.11 -16.04
C VAL E 486 -9.09 21.51 -16.38
N ILE E 487 -9.90 22.52 -16.06
CA ILE E 487 -9.55 23.90 -16.39
C ILE E 487 -8.32 24.34 -15.60
N GLU E 488 -8.30 24.06 -14.30
CA GLU E 488 -7.20 24.52 -13.46
C GLU E 488 -5.89 23.82 -13.82
N ARG E 489 -5.94 22.55 -14.18
CA ARG E 489 -4.74 21.79 -14.51
C ARG E 489 -4.31 21.96 -15.97
N LYS E 490 -5.08 22.70 -16.77
CA LYS E 490 -4.78 22.93 -18.17
C LYS E 490 -4.64 21.63 -18.94
N ILE E 491 -5.50 20.66 -18.62
CA ILE E 491 -5.54 19.38 -19.31
C ILE E 491 -6.44 19.59 -20.53
N GLY E 492 -5.82 19.84 -21.68
CA GLY E 492 -6.59 20.11 -22.88
C GLY E 492 -7.36 18.90 -23.34
N VAL E 493 -8.51 19.15 -23.96
CA VAL E 493 -9.37 18.10 -24.50
C VAL E 493 -9.32 18.18 -26.01
N GLU E 494 -9.52 17.04 -26.66
CA GLU E 494 -9.52 16.93 -28.11
C GLU E 494 -10.82 16.29 -28.54
N MET E 495 -11.50 16.90 -29.53
CA MET E 495 -12.73 16.32 -30.02
C MET E 495 -12.89 16.61 -31.50
N CYS E 496 -13.47 15.64 -32.21
CA CYS E 496 -13.74 15.75 -33.62
C CYS E 496 -15.23 15.99 -33.84
N PRO E 497 -15.63 17.16 -34.32
CA PRO E 497 -17.07 17.44 -34.46
C PRO E 497 -17.80 16.45 -35.34
N TYR E 498 -17.19 16.01 -36.44
CA TYR E 498 -17.89 15.10 -37.34
C TYR E 498 -18.10 13.73 -36.71
N ALA E 499 -17.07 13.17 -36.10
CA ALA E 499 -17.20 11.85 -35.49
C ALA E 499 -18.20 11.86 -34.34
N ASN E 500 -18.14 12.89 -33.49
CA ASN E 500 -19.08 12.97 -32.38
C ASN E 500 -20.50 13.24 -32.86
N TYR E 501 -20.64 14.05 -33.92
CA TYR E 501 -21.96 14.32 -34.47
C TYR E 501 -22.58 13.06 -35.06
N GLN E 502 -21.77 12.23 -35.72
CA GLN E 502 -22.29 11.00 -36.30
C GLN E 502 -22.57 9.95 -35.24
N ILE E 503 -21.70 9.82 -34.24
CA ILE E 503 -21.81 8.73 -33.29
C ILE E 503 -22.83 9.05 -32.20
N LYS E 504 -22.58 10.08 -31.41
CA LYS E 504 -23.42 10.36 -30.26
C LYS E 504 -24.74 11.01 -30.67
N GLY E 505 -24.73 11.87 -31.67
CA GLY E 505 -25.93 12.57 -32.08
C GLY E 505 -26.09 13.91 -31.39
N PHE E 506 -26.20 14.98 -32.17
CA PHE E 506 -26.34 16.32 -31.62
C PHE E 506 -27.18 17.15 -32.57
N ALA E 507 -27.57 18.34 -32.10
CA ALA E 507 -28.32 19.26 -32.95
C ALA E 507 -27.47 19.70 -34.14
N PRO E 508 -28.10 20.01 -35.28
CA PRO E 508 -29.54 20.01 -35.55
C PRO E 508 -30.02 18.75 -36.26
N MET E 509 -29.46 17.57 -35.97
CA MET E 509 -29.97 16.36 -36.59
C MET E 509 -31.36 16.03 -36.03
N PRO E 510 -32.21 15.41 -36.84
CA PRO E 510 -33.56 15.09 -36.38
C PRO E 510 -33.54 14.07 -35.25
N ASN E 511 -34.59 14.13 -34.43
CA ASN E 511 -34.89 13.19 -33.35
C ASN E 511 -33.95 13.30 -32.16
N PHE E 512 -33.07 14.31 -32.14
CA PHE E 512 -32.19 14.52 -30.99
C PHE E 512 -32.04 16.02 -30.77
N SER E 513 -32.39 16.49 -29.57
CA SER E 513 -32.34 17.90 -29.22
C SER E 513 -31.07 18.29 -28.48
N ALA E 514 -30.15 17.36 -28.25
CA ALA E 514 -28.92 17.68 -27.55
C ALA E 514 -28.05 18.60 -28.40
N LEU E 515 -27.32 19.49 -27.73
CA LEU E 515 -26.46 20.46 -28.39
C LEU E 515 -25.00 20.14 -28.12
N TYR E 516 -24.15 20.44 -29.10
CA TYR E 516 -22.72 20.23 -28.94
C TYR E 516 -22.18 21.16 -27.86
N PRO E 517 -21.33 20.67 -26.97
CA PRO E 517 -20.87 21.49 -25.85
C PRO E 517 -19.63 22.31 -26.16
N LEU E 518 -19.29 22.46 -27.44
CA LEU E 518 -18.05 23.16 -27.80
C LEU E 518 -18.09 24.62 -27.36
N LYS E 519 -19.19 25.32 -27.61
CA LYS E 519 -19.29 26.71 -27.21
C LYS E 519 -19.21 26.85 -25.70
N LYS E 520 -19.92 25.99 -24.97
CA LYS E 520 -19.88 26.03 -23.51
C LYS E 520 -18.49 25.71 -22.99
N TYR E 521 -17.82 24.73 -23.60
CA TYR E 521 -16.47 24.39 -23.17
C TYR E 521 -15.51 25.55 -23.40
N LEU E 522 -15.61 26.20 -24.56
CA LEU E 522 -14.74 27.34 -24.84
C LEU E 522 -15.03 28.50 -23.90
N GLU E 523 -16.30 28.73 -23.57
CA GLU E 523 -16.64 29.77 -22.60
C GLU E 523 -16.06 29.44 -21.23
N ALA E 524 -16.13 28.17 -20.83
CA ALA E 524 -15.55 27.78 -19.55
C ALA E 524 -14.03 27.98 -19.54
N GLY E 525 -13.36 27.61 -20.62
CA GLY E 525 -11.94 27.87 -20.75
C GLY E 525 -11.06 26.67 -20.96
N ILE E 526 -11.67 25.51 -21.26
CA ILE E 526 -10.89 24.31 -21.53
C ILE E 526 -10.12 24.49 -22.83
N LEU E 527 -8.85 24.08 -22.82
CA LEU E 527 -8.00 24.18 -24.01
C LEU E 527 -8.44 23.10 -25.00
N VAL E 528 -9.52 23.39 -25.69
CA VAL E 528 -10.16 22.43 -26.57
C VAL E 528 -9.54 22.50 -27.96
N SER E 529 -9.38 21.33 -28.58
CA SER E 529 -8.84 21.23 -29.94
C SER E 529 -9.81 20.44 -30.80
N VAL E 530 -9.84 20.80 -32.09
CA VAL E 530 -10.70 20.17 -33.08
C VAL E 530 -9.84 19.35 -34.02
N ASN E 531 -10.09 18.05 -34.06
CA ASN E 531 -9.31 17.12 -34.87
C ASN E 531 -10.27 16.36 -35.77
N THR E 532 -9.76 15.31 -36.42
CA THR E 532 -10.52 14.59 -37.43
C THR E 532 -10.81 13.13 -37.09
N ASP E 533 -10.24 12.59 -36.01
CA ASP E 533 -10.37 11.17 -35.69
C ASP E 533 -9.95 10.32 -36.88
N ASN E 534 -10.92 9.89 -37.67
CA ASN E 534 -10.68 9.10 -38.86
C ASN E 534 -11.18 9.88 -40.07
N ILE E 535 -10.27 10.20 -40.99
CA ILE E 535 -10.64 10.97 -42.18
C ILE E 535 -11.51 10.15 -43.11
N GLY E 536 -11.14 8.89 -43.33
CA GLY E 536 -11.83 8.09 -44.33
C GLY E 536 -13.26 7.76 -43.96
N ILE E 537 -13.47 7.17 -42.78
CA ILE E 537 -14.82 6.77 -42.39
C ILE E 537 -15.71 7.98 -42.19
N SER E 538 -15.20 9.03 -41.54
CA SER E 538 -15.98 10.25 -41.38
C SER E 538 -16.19 10.97 -42.71
N GLY E 539 -15.29 10.80 -43.66
CA GLY E 539 -15.43 11.42 -44.98
C GLY E 539 -15.38 12.93 -44.96
N ALA E 540 -14.53 13.51 -44.12
CA ALA E 540 -14.40 14.97 -44.05
C ALA E 540 -13.07 15.30 -43.38
N ASN E 541 -12.27 16.14 -44.04
CA ASN E 541 -10.99 16.54 -43.50
C ASN E 541 -11.19 17.63 -42.46
N LEU E 542 -10.11 18.28 -42.05
CA LEU E 542 -10.18 19.26 -40.96
C LEU E 542 -10.95 20.50 -41.35
N SER E 543 -10.88 20.92 -42.61
CA SER E 543 -11.58 22.12 -43.03
C SER E 543 -13.09 21.98 -42.82
N GLU E 544 -13.65 20.86 -43.26
CA GLU E 544 -15.07 20.60 -43.03
C GLU E 544 -15.37 20.44 -41.54
N ASN E 545 -14.45 19.86 -40.79
CA ASN E 545 -14.66 19.69 -39.35
C ASN E 545 -14.78 21.04 -38.66
N LEU E 546 -13.94 22.01 -39.03
CA LEU E 546 -14.04 23.34 -38.46
C LEU E 546 -15.28 24.07 -38.99
N LEU E 547 -15.60 23.89 -40.27
CA LEU E 547 -16.72 24.59 -40.87
C LEU E 547 -18.04 24.15 -40.24
N ILE E 548 -18.19 22.86 -39.96
CA ILE E 548 -19.43 22.33 -39.40
C ILE E 548 -19.75 22.88 -38.02
N LEU E 549 -18.81 23.61 -37.40
CA LEU E 549 -19.07 24.20 -36.10
C LEU E 549 -20.17 25.24 -36.17
N ALA E 550 -20.22 26.01 -37.26
CA ALA E 550 -21.25 27.02 -37.42
C ALA E 550 -22.65 26.42 -37.45
N ASP E 551 -22.76 25.12 -37.75
CA ASP E 551 -24.04 24.41 -37.71
C ASP E 551 -24.26 23.69 -36.39
N LEU E 552 -23.26 22.93 -35.92
CA LEU E 552 -23.41 22.22 -34.66
C LEU E 552 -23.53 23.18 -33.48
N CYS E 553 -22.72 24.24 -33.47
CA CYS E 553 -22.68 25.20 -32.37
C CYS E 553 -22.93 26.59 -32.93
N PRO E 554 -24.19 27.00 -33.04
CA PRO E 554 -24.48 28.36 -33.54
C PRO E 554 -23.96 29.41 -32.58
N GLY E 555 -23.59 30.56 -33.13
CA GLY E 555 -23.03 31.63 -32.35
C GLY E 555 -21.53 31.59 -32.17
N ILE E 556 -20.86 30.57 -32.70
CA ILE E 556 -19.40 30.51 -32.63
C ILE E 556 -18.81 31.57 -33.53
N SER E 557 -17.70 32.18 -33.09
CA SER E 557 -17.07 33.27 -33.80
C SER E 557 -15.74 32.82 -34.41
N ARG E 558 -15.29 33.58 -35.40
CA ARG E 558 -14.01 33.28 -36.03
C ARG E 558 -12.85 33.41 -35.04
N MET E 559 -12.94 34.41 -34.16
CA MET E 559 -11.95 34.50 -33.09
C MET E 559 -11.93 33.24 -32.24
N ASP E 560 -13.08 32.58 -32.07
CA ASP E 560 -13.09 31.32 -31.37
C ASP E 560 -12.38 30.22 -32.16
N VAL E 561 -12.46 30.26 -33.49
CA VAL E 561 -11.71 29.30 -34.30
C VAL E 561 -10.21 29.53 -34.13
N LEU E 562 -9.79 30.79 -34.13
CA LEU E 562 -8.38 31.09 -33.91
C LEU E 562 -7.94 30.66 -32.51
N THR E 563 -8.81 30.84 -31.52
CA THR E 563 -8.50 30.37 -30.17
C THR E 563 -8.40 28.84 -30.13
N ILE E 564 -9.22 28.16 -30.92
CA ILE E 564 -9.15 26.70 -31.00
C ILE E 564 -7.80 26.28 -31.58
N ILE E 565 -7.35 26.97 -32.63
CA ILE E 565 -6.04 26.66 -33.21
C ILE E 565 -4.93 26.92 -32.19
N ARG E 566 -5.04 28.03 -31.46
CA ARG E 566 -4.05 28.34 -30.43
C ARG E 566 -4.01 27.27 -29.35
N ASN E 567 -5.17 26.81 -28.91
CA ASN E 567 -5.21 25.72 -27.93
C ASN E 567 -4.59 24.46 -28.49
N SER E 568 -4.88 24.16 -29.76
CA SER E 568 -4.34 22.96 -30.38
C SER E 568 -2.82 22.98 -30.42
N ILE E 569 -2.23 24.13 -30.78
CA ILE E 569 -0.77 24.18 -30.80
C ILE E 569 -0.22 24.21 -29.37
N GLU E 570 -0.93 24.83 -28.44
CA GLU E 570 -0.46 24.90 -27.05
C GLU E 570 -0.39 23.51 -26.42
N THR E 571 -1.40 22.68 -26.64
CA THR E 571 -1.49 21.39 -25.97
C THR E 571 -0.66 20.30 -26.65
N ALA E 572 -0.07 20.58 -27.81
CA ALA E 572 0.71 19.57 -28.50
C ALA E 572 1.95 19.20 -27.71
N PHE E 573 2.33 17.92 -27.79
CA PHE E 573 3.50 17.40 -27.08
C PHE E 573 4.74 17.74 -27.89
N ILE E 574 5.27 18.94 -27.66
CA ILE E 574 6.44 19.43 -28.38
C ILE E 574 7.37 20.14 -27.40
N SER E 575 8.64 20.24 -27.79
CA SER E 575 9.61 20.98 -27.00
C SER E 575 9.32 22.47 -27.06
N HIS E 576 9.84 23.20 -26.07
CA HIS E 576 9.52 24.62 -25.95
C HIS E 576 10.06 25.41 -27.15
N ASP E 577 11.27 25.09 -27.60
CA ASP E 577 11.84 25.82 -28.72
C ASP E 577 11.04 25.59 -30.00
N PHE E 578 10.67 24.33 -30.26
CA PHE E 578 9.85 24.04 -31.42
C PHE E 578 8.47 24.68 -31.29
N ARG E 579 7.93 24.71 -30.07
CA ARG E 579 6.65 25.37 -29.85
C ARG E 579 6.73 26.86 -30.17
N MET E 580 7.83 27.50 -29.76
CA MET E 580 7.99 28.92 -30.06
C MET E 580 8.13 29.18 -31.54
N GLU E 581 8.91 28.34 -32.24
CA GLU E 581 9.05 28.50 -33.68
C GLU E 581 7.71 28.28 -34.38
N LEU E 582 6.96 27.26 -33.96
CA LEU E 582 5.65 27.00 -34.54
C LEU E 582 4.71 28.14 -34.28
N LEU E 583 4.75 28.73 -33.08
CA LEU E 583 3.89 29.87 -32.78
C LEU E 583 4.23 31.06 -33.67
N LYS E 584 5.52 31.32 -33.88
CA LYS E 584 5.91 32.43 -34.75
C LYS E 584 5.39 32.22 -36.16
N PHE E 585 5.63 31.02 -36.72
CA PHE E 585 5.18 30.76 -38.09
C PHE E 585 3.66 30.81 -38.18
N PHE E 586 2.96 30.24 -37.20
CA PHE E 586 1.51 30.23 -37.21
C PHE E 586 0.96 31.64 -37.16
N ASP E 587 1.51 32.49 -36.30
CA ASP E 587 1.01 33.84 -36.18
C ASP E 587 1.24 34.62 -37.47
N ARG E 588 2.42 34.47 -38.07
CA ARG E 588 2.69 35.18 -39.32
C ARG E 588 1.75 34.70 -40.43
N LYS E 589 1.55 33.38 -40.54
CA LYS E 589 0.67 32.87 -41.59
C LYS E 589 -0.77 33.29 -41.36
N ILE E 590 -1.21 33.31 -40.10
CA ILE E 590 -2.57 33.72 -39.78
C ILE E 590 -2.79 35.19 -40.14
N TYR E 591 -1.83 36.04 -39.80
CA TYR E 591 -1.93 37.44 -40.18
C TYR E 591 -1.97 37.60 -41.70
N ASP E 592 -1.10 36.86 -42.40
CA ASP E 592 -1.04 36.97 -43.86
C ASP E 592 -2.37 36.55 -44.49
N VAL E 593 -2.94 35.43 -44.04
CA VAL E 593 -4.18 34.96 -44.66
C VAL E 593 -5.34 35.87 -44.30
N CYS E 594 -5.44 36.30 -43.03
CA CYS E 594 -6.52 37.19 -42.63
C CYS E 594 -6.41 38.54 -43.33
N LEU E 595 -5.22 38.93 -43.77
CA LEU E 595 -5.09 40.15 -44.54
C LEU E 595 -5.51 39.97 -46.00
N ILE E 596 -5.55 38.73 -46.49
CA ILE E 596 -5.91 38.48 -47.89
C ILE E 596 -7.04 37.45 -47.98
N SER E 597 -7.91 37.43 -46.97
CA SER E 597 -9.09 36.56 -47.04
C SER E 597 -10.36 37.19 -46.49
N ILE E 598 -10.34 38.47 -46.10
CA ILE E 598 -11.55 39.20 -45.75
C ILE E 598 -12.11 39.77 -47.05
N LYS E 599 -11.54 39.31 -48.17
CA LYS E 599 -11.98 39.76 -49.49
C LYS E 599 -13.45 39.42 -49.73
N ASN E 600 -13.86 38.21 -49.36
CA ASN E 600 -15.23 37.78 -49.56
C ASN E 600 -16.12 38.22 -48.40
N MET F 1 -24.47 56.12 -19.16
CA MET F 1 -24.42 56.27 -20.60
C MET F 1 -24.39 57.74 -21.00
N SER F 2 -23.22 58.22 -21.42
CA SER F 2 -23.02 59.59 -21.84
C SER F 2 -22.77 59.60 -23.34
N ARG F 3 -23.78 60.02 -24.11
CA ARG F 3 -23.68 60.07 -25.58
C ARG F 3 -23.12 61.44 -25.96
N VAL F 4 -21.81 61.60 -25.75
CA VAL F 4 -21.15 62.86 -26.03
C VAL F 4 -21.15 63.12 -27.53
N LEU F 5 -21.48 64.36 -27.90
CA LEU F 5 -21.46 64.80 -29.29
C LEU F 5 -20.22 65.66 -29.52
N LEU F 6 -19.60 65.50 -30.69
CA LEU F 6 -18.49 66.33 -31.10
C LEU F 6 -18.80 66.95 -32.45
N CYS F 7 -18.42 68.22 -32.61
CA CYS F 7 -18.73 68.93 -33.84
C CYS F 7 -17.70 70.03 -34.06
N SER F 8 -17.66 70.54 -35.29
CA SER F 8 -16.81 71.67 -35.66
C SER F 8 -17.58 72.56 -36.61
N ALA F 9 -17.53 73.87 -36.37
CA ALA F 9 -18.26 74.86 -37.15
C ALA F 9 -17.31 75.92 -37.67
N GLY F 10 -17.40 76.22 -38.96
CA GLY F 10 -16.61 77.29 -39.54
C GLY F 10 -17.05 78.65 -39.07
N HIS F 11 -18.25 79.07 -39.46
CA HIS F 11 -18.86 80.28 -38.94
C HIS F 11 -20.37 80.18 -38.81
N SER F 12 -20.97 79.02 -39.09
CA SER F 12 -22.39 78.80 -38.95
C SER F 12 -22.66 78.13 -37.62
N SER F 13 -23.65 78.65 -36.89
CA SER F 13 -23.92 78.18 -35.53
C SER F 13 -25.12 77.25 -35.43
N MET F 14 -25.78 76.92 -36.55
CA MET F 14 -26.90 76.00 -36.47
C MET F 14 -26.51 74.53 -36.61
N VAL F 15 -25.24 74.25 -36.94
CA VAL F 15 -24.84 72.85 -37.09
C VAL F 15 -24.95 72.11 -35.77
N VAL F 16 -24.54 72.75 -34.67
CA VAL F 16 -24.61 72.09 -33.37
C VAL F 16 -26.03 71.80 -32.94
N PRO F 17 -26.97 72.76 -32.93
CA PRO F 17 -28.36 72.40 -32.62
C PRO F 17 -28.98 71.46 -33.62
N GLU F 18 -28.59 71.56 -34.89
CA GLU F 18 -29.11 70.65 -35.90
C GLU F 18 -28.72 69.21 -35.59
N ALA F 19 -27.47 68.99 -35.19
CA ALA F 19 -27.06 67.66 -34.74
C ALA F 19 -27.73 67.28 -33.43
N PHE F 20 -27.94 68.26 -32.54
CA PHE F 20 -28.52 67.95 -31.24
C PHE F 20 -29.94 67.41 -31.38
N HIS F 21 -30.78 68.09 -32.16
CA HIS F 21 -32.15 67.65 -32.35
C HIS F 21 -32.33 66.75 -33.57
N ALA F 22 -31.24 66.44 -34.29
CA ALA F 22 -31.33 65.45 -35.36
C ALA F 22 -31.64 64.07 -34.78
N VAL F 23 -31.00 63.73 -33.66
CA VAL F 23 -31.32 62.51 -32.92
C VAL F 23 -32.27 62.92 -31.78
N PRO F 24 -33.54 62.51 -31.82
CA PRO F 24 -34.49 62.93 -30.78
C PRO F 24 -34.39 62.15 -29.48
N GLU F 25 -33.38 61.31 -29.32
CA GLU F 25 -33.20 60.56 -28.08
C GLU F 25 -32.55 61.38 -26.98
N GLY F 26 -31.99 62.55 -27.31
CA GLY F 26 -31.36 63.39 -26.32
C GLY F 26 -29.93 63.00 -26.03
N PHE F 27 -29.03 63.99 -26.04
CA PHE F 27 -27.62 63.77 -25.75
C PHE F 27 -27.28 64.28 -24.35
N GLU F 28 -26.17 63.79 -23.81
CA GLU F 28 -25.76 64.17 -22.47
C GLU F 28 -24.91 65.43 -22.47
N GLU F 29 -23.96 65.55 -23.40
CA GLU F 29 -23.16 66.77 -23.51
C GLU F 29 -22.60 66.85 -24.92
N VAL F 30 -22.24 68.08 -25.31
CA VAL F 30 -21.70 68.34 -26.63
C VAL F 30 -20.41 69.15 -26.49
N HIS F 31 -19.59 69.09 -27.54
CA HIS F 31 -18.34 69.84 -27.58
C HIS F 31 -18.09 70.26 -29.02
N VAL F 32 -17.76 71.54 -29.21
CA VAL F 32 -17.58 72.12 -30.53
C VAL F 32 -16.18 72.73 -30.60
N PHE F 33 -15.46 72.38 -31.65
CA PHE F 33 -14.14 72.95 -31.91
C PHE F 33 -14.27 74.00 -33.00
N THR F 34 -13.83 75.22 -32.69
CA THR F 34 -13.84 76.32 -33.63
C THR F 34 -12.55 77.11 -33.51
N THR F 35 -12.06 77.58 -34.66
CA THR F 35 -10.86 78.40 -34.67
C THR F 35 -11.15 79.77 -34.08
N ASP F 36 -10.08 80.55 -33.87
CA ASP F 36 -10.19 81.88 -33.29
C ASP F 36 -10.62 82.94 -34.30
N SER F 37 -11.15 82.52 -35.46
CA SER F 37 -11.59 83.47 -36.46
C SER F 37 -12.75 84.30 -35.94
N GLU F 38 -12.70 85.61 -36.25
CA GLU F 38 -13.74 86.52 -35.77
C GLU F 38 -15.06 86.35 -36.51
N LYS F 39 -15.04 85.70 -37.68
CA LYS F 39 -16.28 85.50 -38.42
C LYS F 39 -17.24 84.58 -37.68
N PHE F 40 -16.72 83.72 -36.80
CA PHE F 40 -17.58 82.84 -36.02
C PHE F 40 -18.27 83.61 -34.91
N ASN F 41 -19.54 83.30 -34.69
CA ASN F 41 -20.34 83.94 -33.65
C ASN F 41 -20.82 82.89 -32.65
N PRO F 42 -20.28 82.86 -31.43
CA PRO F 42 -20.66 81.82 -30.47
C PRO F 42 -21.77 82.25 -29.52
N VAL F 43 -22.21 83.51 -29.64
CA VAL F 43 -23.19 84.04 -28.70
C VAL F 43 -24.51 83.29 -28.82
N VAL F 44 -24.98 83.06 -30.05
CA VAL F 44 -26.26 82.39 -30.25
C VAL F 44 -26.20 80.96 -29.72
N LEU F 45 -25.10 80.25 -30.00
CA LEU F 45 -24.95 78.89 -29.48
C LEU F 45 -24.92 78.90 -27.95
N ASN F 46 -24.22 79.87 -27.36
CA ASN F 46 -24.13 79.94 -25.91
C ASN F 46 -25.49 80.16 -25.27
N ASP F 47 -26.27 81.12 -25.81
CA ASP F 47 -27.57 81.38 -25.22
C ASP F 47 -28.56 80.25 -25.50
N PHE F 48 -28.43 79.56 -26.63
CA PHE F 48 -29.29 78.42 -26.91
C PHE F 48 -29.01 77.28 -25.93
N PHE F 49 -27.73 76.99 -25.70
CA PHE F 49 -27.39 75.90 -24.78
C PHE F 49 -27.60 76.29 -23.32
N HIS F 50 -27.65 77.58 -23.01
CA HIS F 50 -28.00 78.00 -21.65
C HIS F 50 -29.43 77.62 -21.33
N SER F 51 -30.31 77.55 -22.33
CA SER F 51 -31.70 77.16 -22.11
C SER F 51 -31.85 75.71 -21.68
N LEU F 52 -30.83 74.89 -21.85
CA LEU F 52 -30.85 73.48 -21.47
C LEU F 52 -29.68 73.21 -20.53
N PRO F 53 -29.80 73.62 -19.27
CA PRO F 53 -28.69 73.40 -18.31
C PRO F 53 -28.43 71.93 -18.03
N ASN F 54 -29.36 71.04 -18.34
CA ASN F 54 -29.15 69.61 -18.08
C ASN F 54 -28.04 69.04 -18.96
N VAL F 55 -27.72 69.69 -20.06
CA VAL F 55 -26.72 69.20 -21.01
C VAL F 55 -25.49 70.08 -20.92
N ARG F 56 -24.35 69.47 -20.60
CA ARG F 56 -23.09 70.20 -20.54
C ARG F 56 -22.67 70.61 -21.95
N PHE F 57 -21.91 71.71 -22.02
CA PHE F 57 -21.48 72.24 -23.29
C PHE F 57 -20.26 73.12 -23.08
N SER F 58 -19.29 73.02 -23.98
CA SER F 58 -18.05 73.76 -23.85
C SER F 58 -17.54 74.14 -25.23
N ILE F 59 -16.70 75.18 -25.27
CA ILE F 59 -16.11 75.68 -26.51
C ILE F 59 -14.60 75.70 -26.35
N THR F 60 -13.90 75.08 -27.30
CA THR F 60 -12.45 75.14 -27.37
C THR F 60 -12.04 75.94 -28.60
N LYS F 61 -11.20 76.95 -28.39
CA LYS F 61 -10.79 77.86 -29.46
C LYS F 61 -9.32 77.66 -29.76
N CYS F 62 -9.00 77.40 -31.03
CA CYS F 62 -7.62 77.23 -31.47
C CYS F 62 -7.09 78.59 -31.91
N HIS F 63 -6.33 79.23 -31.03
CA HIS F 63 -5.78 80.55 -31.33
C HIS F 63 -4.65 80.43 -32.35
N GLY F 64 -4.39 81.55 -33.04
CA GLY F 64 -3.26 81.66 -33.95
C GLY F 64 -3.54 81.28 -35.38
N LEU F 65 -4.74 80.79 -35.71
CA LEU F 65 -5.06 80.45 -37.08
C LEU F 65 -6.56 80.63 -37.29
N ALA F 66 -6.93 81.64 -38.09
CA ALA F 66 -8.32 81.83 -38.45
C ALA F 66 -8.77 80.84 -39.52
N ASP F 67 -7.88 80.53 -40.46
CA ASP F 67 -8.18 79.58 -41.52
C ASP F 67 -6.90 78.87 -41.92
N ILE F 68 -7.07 77.69 -42.53
CA ILE F 68 -5.94 76.86 -42.92
C ILE F 68 -5.43 77.31 -44.27
N LEU F 69 -4.13 77.61 -44.34
CA LEU F 69 -3.51 78.12 -45.55
C LEU F 69 -2.43 77.20 -46.11
N ASN F 70 -1.47 76.80 -45.28
CA ASN F 70 -0.33 76.00 -45.73
C ASN F 70 -0.28 74.68 -44.97
N GLU F 71 0.76 73.90 -45.24
CA GLU F 71 0.92 72.60 -44.60
C GLU F 71 1.14 72.73 -43.10
N ARG F 72 1.94 73.71 -42.69
CA ARG F 72 2.21 73.90 -41.27
C ARG F 72 0.94 74.24 -40.51
N ASP F 73 0.13 75.15 -41.05
CA ASP F 73 -1.13 75.49 -40.40
C ASP F 73 -2.05 74.28 -40.31
N PHE F 74 -2.14 73.50 -41.38
CA PHE F 74 -3.01 72.33 -41.38
C PHE F 74 -2.55 71.31 -40.35
N GLU F 75 -1.24 71.04 -40.27
CA GLU F 75 -0.76 70.04 -39.33
C GLU F 75 -0.92 70.52 -37.90
N PHE F 76 -0.69 71.81 -37.65
CA PHE F 76 -0.91 72.35 -36.30
C PHE F 76 -2.38 72.22 -35.90
N TYR F 77 -3.29 72.59 -36.80
CA TYR F 77 -4.70 72.47 -36.49
C TYR F 77 -5.09 71.01 -36.29
N GLN F 78 -4.53 70.11 -37.10
CA GLN F 78 -4.85 68.69 -36.96
C GLN F 78 -4.38 68.15 -35.61
N GLU F 79 -3.18 68.55 -35.19
CA GLU F 79 -2.69 68.14 -33.88
C GLU F 79 -3.60 68.66 -32.77
N MET F 80 -4.03 69.92 -32.88
CA MET F 80 -4.92 70.48 -31.87
C MET F 80 -6.27 69.75 -31.85
N LEU F 81 -6.81 69.46 -33.03
CA LEU F 81 -8.10 68.77 -33.11
C LEU F 81 -7.99 67.36 -32.53
N TRP F 82 -6.91 66.66 -32.83
CA TRP F 82 -6.73 65.31 -32.27
C TRP F 82 -6.57 65.36 -30.77
N GLN F 83 -5.82 66.34 -30.25
CA GLN F 83 -5.71 66.49 -28.80
C GLN F 83 -7.06 66.78 -28.16
N TRP F 84 -7.85 67.65 -28.77
CA TRP F 84 -9.17 67.96 -28.24
C TRP F 84 -10.07 66.73 -28.25
N TYR F 85 -10.03 65.95 -29.34
CA TYR F 85 -10.81 64.72 -29.40
C TYR F 85 -10.40 63.76 -28.29
N LEU F 86 -9.09 63.59 -28.09
CA LEU F 86 -8.62 62.69 -27.05
C LEU F 86 -9.05 63.17 -25.67
N THR F 87 -9.03 64.48 -25.44
CA THR F 87 -9.45 65.01 -24.15
C THR F 87 -10.94 64.87 -23.90
N LYS F 88 -11.77 65.01 -24.93
CA LYS F 88 -13.22 65.06 -24.76
C LYS F 88 -13.91 63.73 -25.00
N MET F 89 -13.15 62.64 -25.10
CA MET F 89 -13.79 61.34 -25.28
C MET F 89 -14.39 60.84 -23.98
N PRO F 90 -15.44 60.02 -24.06
CA PRO F 90 -15.97 59.37 -22.85
C PRO F 90 -14.98 58.37 -22.29
N ASP F 91 -15.10 58.12 -20.99
CA ASP F 91 -14.18 57.20 -20.32
C ASP F 91 -14.33 55.78 -20.86
N ASN F 92 -15.56 55.33 -21.07
CA ASN F 92 -15.81 53.95 -21.49
C ASN F 92 -16.34 53.86 -22.91
N GLU F 93 -17.44 54.56 -23.21
CA GLU F 93 -18.06 54.46 -24.52
C GLU F 93 -17.39 55.42 -25.50
N LEU F 94 -17.93 55.47 -26.72
CA LEU F 94 -17.41 56.31 -27.79
C LEU F 94 -18.39 57.43 -28.10
N PRO F 95 -17.91 58.56 -28.61
CA PRO F 95 -18.79 59.71 -28.87
C PRO F 95 -19.32 59.71 -30.29
N TYR F 96 -20.39 60.48 -30.49
CA TYR F 96 -20.96 60.76 -31.80
C TYR F 96 -20.23 61.94 -32.43
N VAL F 97 -20.22 61.98 -33.76
CA VAL F 97 -19.54 63.06 -34.47
C VAL F 97 -20.43 63.60 -35.58
N CYS F 98 -20.43 64.93 -35.72
CA CYS F 98 -21.14 65.62 -36.78
C CYS F 98 -20.16 66.52 -37.54
N LEU F 99 -20.28 66.55 -38.87
CA LEU F 99 -19.33 67.27 -39.69
C LEU F 99 -19.98 68.08 -40.81
N SER F 100 -21.26 68.43 -40.68
CA SER F 100 -21.92 69.18 -41.74
C SER F 100 -21.28 70.55 -41.93
N GLY F 101 -20.96 71.23 -40.83
CA GLY F 101 -20.39 72.56 -40.92
C GLY F 101 -18.88 72.55 -41.05
N GLY F 102 -18.34 73.74 -41.32
CA GLY F 102 -16.90 73.91 -41.41
C GLY F 102 -16.38 73.75 -42.83
N ILE F 103 -15.11 74.09 -42.99
CA ILE F 103 -14.42 73.98 -44.28
C ILE F 103 -14.21 72.52 -44.61
N LYS F 104 -13.89 72.23 -45.88
CA LYS F 104 -13.68 70.85 -46.30
C LYS F 104 -12.48 70.22 -45.58
N SER F 105 -11.40 70.97 -45.46
CA SER F 105 -10.16 70.41 -44.92
C SER F 105 -10.34 69.95 -43.48
N MET F 106 -10.87 70.82 -42.62
CA MET F 106 -11.00 70.45 -41.22
C MET F 106 -12.14 69.47 -40.98
N SER F 107 -13.17 69.49 -41.81
CA SER F 107 -14.19 68.44 -41.72
C SER F 107 -13.58 67.08 -42.05
N ALA F 108 -12.75 67.02 -43.09
CA ALA F 108 -12.08 65.76 -43.42
C ALA F 108 -11.12 65.35 -42.32
N SER F 109 -10.43 66.30 -41.70
CA SER F 109 -9.55 65.98 -40.59
C SER F 109 -10.34 65.40 -39.42
N LEU F 110 -11.50 65.98 -39.12
CA LEU F 110 -12.33 65.45 -38.05
C LEU F 110 -12.84 64.04 -38.38
N GLN F 111 -13.19 63.80 -39.64
CA GLN F 111 -13.60 62.45 -40.04
C GLN F 111 -12.46 61.46 -39.87
N LYS F 112 -11.24 61.87 -40.24
CA LYS F 112 -10.07 61.03 -40.02
C LYS F 112 -9.86 60.74 -38.54
N ALA F 113 -10.06 61.76 -37.70
CA ALA F 113 -9.95 61.57 -36.26
C ALA F 113 -10.98 60.56 -35.76
N ALA F 114 -12.22 60.68 -36.24
CA ALA F 114 -13.27 59.76 -35.81
C ALA F 114 -12.94 58.33 -36.25
N THR F 115 -12.42 58.17 -37.46
CA THR F 115 -12.05 56.84 -37.93
C THR F 115 -10.91 56.28 -37.09
N LEU F 116 -9.91 57.09 -36.77
CA LEU F 116 -8.75 56.59 -36.04
C LEU F 116 -9.10 56.23 -34.60
N PHE F 117 -9.78 57.12 -33.89
CA PHE F 117 -10.05 56.93 -32.46
C PHE F 117 -11.37 56.24 -32.18
N GLY F 118 -12.16 55.95 -33.22
CA GLY F 118 -13.45 55.32 -33.02
C GLY F 118 -14.56 56.32 -32.75
N ALA F 119 -15.78 55.90 -33.08
CA ALA F 119 -16.95 56.74 -32.89
C ALA F 119 -18.19 55.87 -32.92
N GLN F 120 -19.14 56.15 -32.03
CA GLN F 120 -20.40 55.42 -32.04
C GLN F 120 -21.17 55.66 -33.33
N SER F 121 -21.15 56.90 -33.83
CA SER F 121 -21.86 57.21 -35.06
C SER F 121 -21.26 58.46 -35.68
N VAL F 122 -21.22 58.47 -37.02
CA VAL F 122 -20.76 59.61 -37.80
C VAL F 122 -21.93 60.06 -38.67
N PHE F 123 -22.34 61.31 -38.52
CA PHE F 123 -23.52 61.79 -39.23
C PHE F 123 -23.35 63.23 -39.66
N HIS F 124 -24.13 63.60 -40.68
CA HIS F 124 -24.22 64.96 -41.17
C HIS F 124 -25.68 65.39 -41.14
N VAL F 125 -25.90 66.70 -41.17
CA VAL F 125 -27.24 67.28 -41.21
C VAL F 125 -27.34 68.18 -42.43
N LEU F 126 -28.42 68.01 -43.19
CA LEU F 126 -28.68 68.78 -44.39
C LEU F 126 -30.03 69.46 -44.30
N ALA F 127 -30.10 70.69 -44.80
CA ALA F 127 -31.32 71.46 -44.84
C ALA F 127 -31.61 71.89 -46.27
N ASP F 128 -32.90 71.97 -46.60
CA ASP F 128 -33.35 72.31 -47.94
C ASP F 128 -33.59 73.80 -48.12
N ASN F 129 -33.28 74.62 -47.12
CA ASN F 129 -33.52 76.06 -47.20
C ASN F 129 -32.29 76.92 -46.94
N ASN F 130 -31.26 76.41 -46.25
CA ASN F 130 -30.07 77.17 -45.90
C ASN F 130 -30.47 78.47 -45.20
N PRO F 131 -30.96 78.40 -43.96
CA PRO F 131 -31.52 79.58 -43.32
C PRO F 131 -30.49 80.41 -42.56
N ARG F 132 -30.92 81.57 -42.06
CA ARG F 132 -30.06 82.39 -41.22
C ARG F 132 -30.77 82.90 -39.97
N ASN F 133 -31.87 82.28 -39.55
CA ASN F 133 -32.59 82.66 -38.34
C ASN F 133 -32.70 81.46 -37.40
N ILE F 134 -32.82 81.75 -36.11
CA ILE F 134 -32.77 80.71 -35.08
C ILE F 134 -34.17 80.21 -34.70
N GLU F 135 -35.22 80.71 -35.32
CA GLU F 135 -36.58 80.28 -35.04
C GLU F 135 -37.22 79.62 -36.25
N GLU F 136 -36.45 78.78 -36.93
CA GLU F 136 -36.92 78.13 -38.15
C GLU F 136 -36.78 76.62 -38.12
N MET F 137 -35.70 76.09 -37.52
CA MET F 137 -35.44 74.66 -37.58
C MET F 137 -36.55 73.86 -36.93
N PHE F 138 -37.24 74.42 -35.94
CA PHE F 138 -38.39 73.74 -35.35
C PHE F 138 -39.49 73.53 -36.39
N ASP F 139 -39.78 74.57 -37.17
CA ASP F 139 -40.76 74.45 -38.25
C ASP F 139 -40.28 73.48 -39.32
N ALA F 140 -38.98 73.51 -39.62
CA ALA F 140 -38.43 72.60 -40.62
C ALA F 140 -38.57 71.14 -40.19
N LEU F 141 -38.29 70.84 -38.93
CA LEU F 141 -38.42 69.47 -38.45
C LEU F 141 -39.88 69.06 -38.30
N GLN F 142 -40.76 70.00 -37.96
CA GLN F 142 -42.19 69.70 -37.93
C GLN F 142 -42.69 69.35 -39.33
N LYS F 143 -42.24 70.11 -40.34
CA LYS F 143 -42.56 69.79 -41.73
C LYS F 143 -41.71 68.65 -42.28
N GLY F 144 -40.60 68.33 -41.61
CA GLY F 144 -39.68 67.33 -42.12
C GLY F 144 -38.64 67.85 -43.08
N GLN F 145 -38.49 69.17 -43.21
CA GLN F 145 -37.51 69.72 -44.13
C GLN F 145 -36.08 69.36 -43.71
N ILE F 146 -35.80 69.34 -42.41
CA ILE F 146 -34.48 68.97 -41.94
C ILE F 146 -34.24 67.49 -42.24
N HIS F 147 -32.99 67.15 -42.55
CA HIS F 147 -32.60 65.78 -42.83
C HIS F 147 -31.32 65.47 -42.08
N PHE F 148 -31.22 64.29 -41.51
CA PHE F 148 -29.99 63.81 -40.90
C PHE F 148 -29.59 62.51 -41.59
N ILE F 149 -28.32 62.43 -41.99
CA ILE F 149 -27.78 61.25 -42.66
C ILE F 149 -26.69 60.66 -41.78
N GLU F 150 -26.74 59.34 -41.59
CA GLU F 150 -25.81 58.64 -40.71
C GLU F 150 -25.08 57.60 -41.55
N MET F 151 -23.76 57.77 -41.68
CA MET F 151 -23.04 56.91 -42.62
C MET F 151 -21.90 56.15 -41.97
N GLY F 152 -21.14 56.82 -41.09
CA GLY F 152 -19.95 56.24 -40.51
C GLY F 152 -20.21 55.70 -39.11
N TYR F 153 -19.62 54.54 -38.84
CA TYR F 153 -19.64 53.99 -37.48
C TYR F 153 -18.41 53.09 -37.39
N GLU F 154 -17.34 53.61 -36.79
CA GLU F 154 -16.06 52.91 -36.75
C GLU F 154 -15.62 52.67 -35.32
N PRO F 155 -15.00 51.52 -35.04
CA PRO F 155 -14.55 51.25 -33.66
C PRO F 155 -13.19 51.85 -33.39
N GLY F 156 -12.44 52.16 -34.44
CA GLY F 156 -11.10 52.69 -34.27
C GLY F 156 -10.15 51.62 -33.74
N TRP F 157 -8.99 52.08 -33.30
CA TRP F 157 -7.97 51.23 -32.72
C TRP F 157 -7.97 51.44 -31.21
N ALA F 158 -8.16 50.34 -30.47
CA ALA F 158 -8.17 50.44 -29.01
C ALA F 158 -6.81 50.90 -28.49
N ALA F 159 -5.72 50.33 -29.03
CA ALA F 159 -4.39 50.72 -28.57
C ALA F 159 -4.10 52.17 -28.93
N LEU F 160 -4.49 52.61 -30.12
CA LEU F 160 -4.28 53.99 -30.51
C LEU F 160 -5.11 54.96 -29.67
N ARG F 161 -6.25 54.52 -29.16
CA ARG F 161 -7.02 55.34 -28.22
C ARG F 161 -6.42 55.34 -26.82
N ARG F 162 -5.78 54.24 -26.42
CA ARG F 162 -5.24 54.10 -25.06
C ARG F 162 -4.17 55.13 -24.73
N LEU F 163 -3.74 55.95 -25.69
CA LEU F 163 -2.68 56.92 -25.48
C LEU F 163 -3.19 58.28 -24.99
N LYS F 164 -4.43 58.32 -24.48
CA LYS F 164 -5.00 59.56 -23.97
C LYS F 164 -4.26 60.08 -22.74
N LYS F 165 -3.40 59.29 -22.13
CA LYS F 165 -2.62 59.71 -20.97
C LYS F 165 -1.31 60.38 -21.35
N ILE F 166 -1.04 60.55 -22.65
CA ILE F 166 0.19 61.18 -23.12
C ILE F 166 0.01 62.67 -23.38
N LEU F 167 -1.20 63.11 -23.72
CA LEU F 167 -1.42 64.50 -24.13
C LEU F 167 -1.04 65.56 -23.10
N PRO F 168 -1.34 65.43 -21.78
CA PRO F 168 -1.24 66.61 -20.91
C PRO F 168 0.19 67.03 -20.63
N ILE F 169 0.36 68.03 -19.76
CA ILE F 169 1.63 68.69 -19.52
C ILE F 169 2.15 69.21 -20.86
N ASN F 170 1.35 70.03 -21.53
CA ASN F 170 1.67 70.51 -22.87
C ASN F 170 1.52 72.03 -23.00
N GLU F 171 1.40 72.74 -21.87
CA GLU F 171 1.26 74.20 -21.80
C GLU F 171 0.33 74.76 -22.86
N GLY F 172 -0.75 74.03 -23.17
CA GLY F 172 -1.68 74.48 -24.17
C GLY F 172 -1.22 74.36 -25.61
N CYS F 173 -0.06 73.72 -25.83
CA CYS F 173 0.50 73.54 -27.18
C CYS F 173 0.67 74.87 -27.90
N SER F 174 1.51 75.73 -27.32
CA SER F 174 1.78 77.03 -27.90
C SER F 174 2.70 76.89 -29.12
N ARG F 175 2.79 77.97 -29.90
CA ARG F 175 3.53 77.93 -31.15
C ARG F 175 5.02 77.69 -30.93
N ASP F 176 5.56 78.18 -29.81
CA ASP F 176 7.01 78.16 -29.62
C ASP F 176 7.56 76.74 -29.54
N ASN F 177 6.90 75.88 -28.78
CA ASN F 177 7.40 74.52 -28.54
C ASN F 177 6.27 73.50 -28.65
N PHE F 178 5.44 73.64 -29.69
CA PHE F 178 4.39 72.66 -29.91
C PHE F 178 5.01 71.32 -30.30
N LYS F 179 4.48 70.25 -29.70
CA LYS F 179 4.99 68.90 -29.96
C LYS F 179 3.87 68.03 -30.50
N PRO F 180 3.85 67.72 -31.79
CA PRO F 180 2.76 66.89 -32.33
C PRO F 180 2.88 65.44 -31.91
N LEU F 181 2.56 65.15 -30.64
CA LEU F 181 2.64 63.79 -30.14
C LEU F 181 1.63 62.88 -30.84
N ILE F 182 0.43 63.39 -31.11
CA ILE F 182 -0.56 62.56 -31.79
C ILE F 182 -0.11 62.27 -33.21
N SER F 183 0.60 63.22 -33.84
CA SER F 183 1.21 62.93 -35.13
C SER F 183 2.25 61.83 -35.00
N LYS F 184 2.98 61.81 -33.88
CA LYS F 184 3.91 60.70 -33.64
C LYS F 184 3.15 59.38 -33.52
N SER F 185 1.95 59.41 -32.92
CA SER F 185 1.14 58.20 -32.84
C SER F 185 0.69 57.72 -34.22
N ILE F 186 0.25 58.66 -35.07
CA ILE F 186 -0.20 58.27 -36.40
C ILE F 186 0.98 57.90 -37.29
N GLU F 187 2.19 58.30 -36.92
CA GLU F 187 3.38 57.72 -37.54
C GLU F 187 3.68 56.34 -37.00
N GLU F 188 3.41 56.11 -35.71
CA GLU F 188 3.62 54.80 -35.10
C GLU F 188 2.78 53.73 -35.77
N ILE F 189 1.49 54.02 -35.97
CA ILE F 189 0.60 53.03 -36.58
C ILE F 189 1.07 52.69 -37.99
N LEU F 190 1.44 53.71 -38.76
CA LEU F 190 1.92 53.49 -40.12
C LEU F 190 3.22 52.69 -40.11
N SER F 191 4.12 53.01 -39.18
CA SER F 191 5.39 52.28 -39.09
C SER F 191 5.15 50.82 -38.78
N ASN F 192 4.24 50.54 -37.84
CA ASN F 192 3.95 49.15 -37.51
C ASN F 192 3.36 48.40 -38.69
N VAL F 193 2.40 49.02 -39.38
CA VAL F 193 1.78 48.35 -40.53
C VAL F 193 2.81 48.10 -41.63
N LYS F 194 3.66 49.10 -41.90
CA LYS F 194 4.66 48.95 -42.95
C LYS F 194 5.71 47.91 -42.57
N ILE F 195 6.08 47.83 -41.30
CA ILE F 195 7.03 46.82 -40.86
C ILE F 195 6.42 45.43 -41.02
N MET F 196 5.14 45.28 -40.66
CA MET F 196 4.46 44.00 -40.85
C MET F 196 4.38 43.62 -42.32
N ALA F 197 4.12 44.60 -43.19
CA ALA F 197 3.88 44.29 -44.60
C ALA F 197 5.18 44.07 -45.36
N SER F 198 6.04 45.10 -45.40
CA SER F 198 7.24 45.07 -46.24
C SER F 198 8.29 44.08 -45.77
N ASP F 199 8.15 43.53 -44.57
CA ASP F 199 9.11 42.56 -44.05
C ASP F 199 8.37 41.35 -43.51
N THR F 200 8.99 40.18 -43.67
CA THR F 200 8.36 38.92 -43.27
C THR F 200 9.15 38.18 -42.21
N GLY F 201 10.46 37.98 -42.42
CA GLY F 201 11.22 37.14 -41.51
C GLY F 201 11.39 37.74 -40.12
N LYS F 202 11.64 39.06 -40.06
CA LYS F 202 11.95 39.69 -38.77
C LYS F 202 10.70 39.94 -37.93
N SER F 203 9.55 40.16 -38.55
CA SER F 203 8.38 40.72 -37.89
C SER F 203 7.33 39.66 -37.55
N ASN F 204 7.73 38.49 -37.08
CA ASN F 204 6.76 37.43 -36.81
C ASN F 204 5.97 37.68 -35.52
N GLN F 205 6.64 37.66 -34.38
CA GLN F 205 5.99 37.54 -33.08
C GLN F 205 6.85 38.29 -32.06
N LEU F 206 6.73 37.89 -30.78
CA LEU F 206 7.54 38.14 -29.57
C LEU F 206 6.71 38.68 -28.40
N PRO F 207 5.87 39.70 -28.56
CA PRO F 207 5.12 40.21 -27.40
C PRO F 207 4.27 39.12 -26.75
N PHE F 208 4.47 38.94 -25.45
CA PHE F 208 3.76 37.93 -24.67
C PHE F 208 2.38 38.43 -24.22
N PRO F 209 2.22 39.63 -23.68
CA PRO F 209 0.88 40.14 -23.37
C PRO F 209 0.08 40.58 -24.59
N SER F 210 0.56 40.29 -25.79
CA SER F 210 -0.14 40.61 -27.04
C SER F 210 -0.35 42.11 -27.18
N LEU F 211 0.74 42.87 -27.04
CA LEU F 211 0.69 44.31 -27.28
C LEU F 211 0.99 44.64 -28.74
N ALA F 212 2.19 44.30 -29.21
CA ALA F 212 2.56 44.30 -30.63
C ALA F 212 2.18 45.58 -31.36
N ILE F 213 1.94 46.68 -30.65
CA ILE F 213 1.43 47.89 -31.28
C ILE F 213 2.36 49.06 -30.96
N LEU F 214 3.10 48.96 -29.85
CA LEU F 214 3.99 50.01 -29.36
C LEU F 214 4.87 50.56 -30.48
N PRO F 215 5.26 51.83 -30.40
CA PRO F 215 6.10 52.39 -31.46
C PRO F 215 7.38 51.61 -31.58
N PRO F 216 7.94 51.50 -32.79
CA PRO F 216 9.12 50.66 -33.00
C PRO F 216 10.28 51.00 -32.07
N ILE F 217 10.48 52.28 -31.76
CA ILE F 217 11.52 52.65 -30.81
C ILE F 217 11.26 52.01 -29.45
N ALA F 218 9.98 51.98 -29.04
CA ALA F 218 9.65 51.33 -27.77
C ALA F 218 9.96 49.84 -27.81
N GLN F 219 9.65 49.18 -28.92
CA GLN F 219 9.95 47.76 -29.04
C GLN F 219 11.46 47.51 -28.98
N GLN F 220 12.24 48.33 -29.68
CA GLN F 220 13.70 48.17 -29.63
C GLN F 220 14.22 48.41 -28.22
N TRP F 221 13.69 49.41 -27.53
CA TRP F 221 14.09 49.65 -26.15
C TRP F 221 13.74 48.46 -25.26
N LEU F 222 12.59 47.85 -25.50
CA LEU F 222 12.21 46.67 -24.74
C LEU F 222 13.17 45.51 -25.00
N GLN F 223 13.62 45.36 -26.25
CA GLN F 223 14.53 44.27 -26.56
C GLN F 223 15.90 44.46 -25.91
N LEU F 224 16.32 45.70 -25.67
CA LEU F 224 17.62 45.94 -25.07
C LEU F 224 17.64 45.47 -23.62
N PRO F 225 18.79 44.99 -23.14
CA PRO F 225 18.89 44.59 -21.74
C PRO F 225 18.75 45.79 -20.82
N LEU F 226 18.22 45.53 -19.62
CA LEU F 226 18.00 46.58 -18.64
C LEU F 226 19.23 46.77 -17.76
N SER F 227 19.09 47.63 -16.76
CA SER F 227 20.13 47.88 -15.77
C SER F 227 19.47 48.35 -14.49
N ALA F 228 20.28 48.73 -13.51
CA ALA F 228 19.75 49.26 -12.26
C ALA F 228 19.11 50.63 -12.43
N ASN F 229 19.32 51.29 -13.56
CA ASN F 229 18.74 52.61 -13.81
C ASN F 229 17.25 52.54 -14.13
N ASP F 230 16.77 51.44 -14.69
CA ASP F 230 15.39 51.32 -15.15
C ASP F 230 14.40 51.07 -14.03
N GLY F 231 14.80 51.27 -12.77
CA GLY F 231 13.90 50.99 -11.67
C GLY F 231 12.60 51.77 -11.75
N ALA F 232 12.68 53.05 -12.16
CA ALA F 232 11.48 53.86 -12.30
C ALA F 232 10.49 53.21 -13.25
N TRP F 233 10.98 52.55 -14.30
CA TRP F 233 10.10 51.78 -15.17
C TRP F 233 9.52 50.58 -14.42
N ILE F 234 10.38 49.81 -13.74
CA ILE F 234 9.94 48.58 -13.09
C ILE F 234 8.87 48.89 -12.05
N GLN F 235 9.03 50.01 -11.34
CA GLN F 235 8.04 50.38 -10.35
C GLN F 235 6.67 50.62 -10.97
N ASN F 236 6.63 51.23 -12.16
CA ASN F 236 5.35 51.52 -12.79
C ASN F 236 4.66 50.29 -13.33
N LEU F 237 5.40 49.21 -13.57
CA LEU F 237 4.81 48.01 -14.14
C LEU F 237 3.88 47.35 -13.13
N PRO F 238 2.66 46.96 -13.53
CA PRO F 238 1.82 46.13 -12.65
C PRO F 238 2.44 44.75 -12.53
N LYS F 239 2.71 44.34 -11.30
CA LYS F 239 3.45 43.11 -11.04
C LYS F 239 2.55 42.10 -10.33
N VAL F 240 3.04 40.85 -10.27
CA VAL F 240 2.33 39.76 -9.63
C VAL F 240 3.27 39.11 -8.63
N ASP F 241 2.77 38.84 -7.43
CA ASP F 241 3.53 38.19 -6.37
C ASP F 241 2.87 36.86 -6.06
N LEU F 242 3.66 35.78 -6.05
CA LEU F 242 3.15 34.45 -5.78
C LEU F 242 3.74 33.79 -4.55
N HIS F 243 4.74 34.40 -3.93
CA HIS F 243 5.41 33.82 -2.75
C HIS F 243 5.71 34.98 -1.80
N CYS F 244 4.83 35.18 -0.82
CA CYS F 244 5.01 36.27 0.14
C CYS F 244 4.40 35.82 1.47
N HIS F 245 5.25 35.41 2.40
CA HIS F 245 4.78 34.97 3.70
C HIS F 245 4.21 36.16 4.49
N LEU F 246 3.12 35.90 5.21
CA LEU F 246 2.45 36.98 5.93
C LEU F 246 3.28 37.49 7.09
N GLY F 247 3.80 36.59 7.91
CA GLY F 247 4.51 36.99 9.12
C GLY F 247 5.86 37.61 8.87
N GLY F 248 6.43 37.40 7.69
CA GLY F 248 7.74 37.95 7.38
C GLY F 248 7.68 39.26 6.64
N PHE F 249 6.65 40.07 6.90
CA PHE F 249 6.47 41.35 6.25
C PHE F 249 7.04 42.51 7.03
N ALA F 250 6.80 42.56 8.35
CA ALA F 250 7.28 43.64 9.20
C ALA F 250 8.03 42.99 10.37
N THR F 251 9.32 42.73 10.18
CA THR F 251 10.15 42.14 11.22
C THR F 251 11.08 43.14 11.88
N SER F 252 11.22 44.34 11.34
CA SER F 252 12.08 45.35 11.92
C SER F 252 11.70 46.72 11.37
N GLY F 253 12.15 47.75 12.06
CA GLY F 253 11.96 49.11 11.59
C GLY F 253 10.65 49.73 12.04
N SER F 254 10.29 50.81 11.34
CA SER F 254 9.08 51.55 11.68
C SER F 254 7.82 50.70 11.51
N LEU F 255 7.81 49.80 10.53
CA LEU F 255 6.67 48.91 10.36
C LEU F 255 6.48 48.02 11.58
N LEU F 256 7.59 47.45 12.08
CA LEU F 256 7.51 46.65 13.30
C LEU F 256 7.08 47.50 14.49
N ASP F 257 7.61 48.72 14.59
CA ASP F 257 7.25 49.58 15.71
C ASP F 257 5.75 49.90 15.70
N GLN F 258 5.20 50.22 14.54
CA GLN F 258 3.79 50.57 14.47
C GLN F 258 2.87 49.37 14.57
N VAL F 259 3.32 48.19 14.14
CA VAL F 259 2.49 47.00 14.34
C VAL F 259 2.54 46.56 15.79
N ARG F 260 3.62 46.87 16.50
CA ARG F 260 3.66 46.62 17.94
C ARG F 260 2.83 47.65 18.71
N GLY F 261 2.78 48.88 18.21
CA GLY F 261 1.97 49.89 18.88
C GLY F 261 0.49 49.58 18.82
N ALA F 262 0.00 49.16 17.66
CA ALA F 262 -1.41 48.80 17.50
C ALA F 262 -1.60 47.29 17.68
N ALA F 263 -1.21 46.82 18.86
CA ALA F 263 -1.28 45.41 19.22
C ALA F 263 -2.29 45.16 20.35
N SER F 264 -3.43 45.87 20.30
CA SER F 264 -4.47 45.76 21.31
C SER F 264 -3.91 46.03 22.70
N GLU F 265 -3.64 44.97 23.46
CA GLU F 265 -3.05 45.11 24.78
C GLU F 265 -1.54 45.01 24.68
N PRO F 266 -0.78 46.05 25.08
CA PRO F 266 0.68 45.99 24.96
C PRO F 266 1.37 45.29 26.12
N ASP F 267 0.62 44.72 27.07
CA ASP F 267 1.23 44.07 28.22
C ASP F 267 2.04 42.86 27.80
N LEU F 268 1.51 42.05 26.88
CA LEU F 268 2.18 40.83 26.44
C LEU F 268 3.18 41.08 25.32
N ILE F 269 3.30 42.31 24.84
CA ILE F 269 4.24 42.62 23.77
C ILE F 269 5.61 42.89 24.39
N ASP F 270 6.64 42.21 23.87
CA ASP F 270 7.98 42.30 24.41
C ASP F 270 8.99 42.48 23.28
N ARG F 271 10.13 43.08 23.61
CA ARG F 271 11.20 43.31 22.64
C ARG F 271 12.03 42.03 22.55
N THR F 272 11.96 41.36 21.40
CA THR F 272 12.68 40.12 21.17
C THR F 272 13.49 40.22 19.89
N PHE F 273 14.58 39.45 19.85
CA PHE F 273 15.45 39.35 18.68
C PHE F 273 16.11 40.68 18.35
N SER F 274 16.98 40.68 17.34
CA SER F 274 17.70 41.88 16.94
C SER F 274 18.16 41.70 15.50
N PRO F 275 18.25 42.78 14.72
CA PRO F 275 18.74 42.64 13.34
C PRO F 275 20.18 42.16 13.31
N GLN F 276 20.48 41.34 12.31
CA GLN F 276 21.82 40.77 12.17
C GLN F 276 22.82 41.86 11.82
N GLU F 277 24.00 41.80 12.46
CA GLU F 277 25.07 42.74 12.18
C GLU F 277 25.91 42.23 11.01
N ILE F 278 26.92 43.02 10.64
CA ILE F 278 27.89 42.73 9.58
C ILE F 278 27.22 42.27 8.29
N ALA F 279 25.93 42.55 8.15
CA ALA F 279 25.16 42.18 6.98
C ALA F 279 24.64 43.45 6.32
N GLY F 280 25.18 43.77 5.14
CA GLY F 280 24.75 44.95 4.41
C GLY F 280 23.41 44.75 3.74
N TRP F 281 22.35 44.65 4.54
CA TRP F 281 21.03 44.41 3.98
C TRP F 281 20.63 45.55 3.05
N PRO F 282 19.94 45.25 1.94
CA PRO F 282 19.48 43.93 1.50
C PRO F 282 20.52 43.16 0.69
N ARG F 283 21.63 43.78 0.31
CA ARG F 283 22.65 43.13 -0.52
C ARG F 283 23.81 42.71 0.37
N SER F 284 23.66 41.56 1.00
CA SER F 284 24.69 41.06 1.91
C SER F 284 25.93 40.61 1.13
N HIS F 285 27.05 40.57 1.84
CA HIS F 285 28.32 40.16 1.27
C HIS F 285 28.77 38.79 1.76
N LYS F 286 27.87 38.03 2.38
CA LYS F 286 28.19 36.69 2.84
C LYS F 286 26.93 35.83 2.83
N SER F 287 27.13 34.52 2.72
CA SER F 287 26.01 33.60 2.77
C SER F 287 25.46 33.49 4.19
N ILE F 288 24.15 33.29 4.28
CA ILE F 288 23.45 33.18 5.55
C ILE F 288 22.70 31.86 5.58
N SER F 289 22.82 31.14 6.69
CA SER F 289 22.14 29.86 6.84
C SER F 289 20.63 30.06 6.91
N LEU F 290 19.89 29.04 6.50
CA LEU F 290 18.44 29.11 6.51
C LEU F 290 17.90 29.28 7.92
N ASP F 291 18.49 28.58 8.90
CA ASP F 291 18.04 28.71 10.27
C ASP F 291 18.26 30.13 10.80
N LYS F 292 19.42 30.72 10.49
CA LYS F 292 19.67 32.10 10.89
C LYS F 292 18.74 33.06 10.17
N TYR F 293 18.44 32.79 8.89
CA TYR F 293 17.51 33.63 8.15
C TYR F 293 16.13 33.61 8.80
N MET F 294 15.68 32.42 9.19
CA MET F 294 14.37 32.33 9.88
C MET F 294 14.47 33.09 11.21
N GLU F 295 15.52 32.83 11.99
CA GLU F 295 15.65 33.46 13.30
C GLU F 295 15.68 34.98 13.21
N LEU F 296 16.15 35.51 12.08
CA LEU F 296 16.13 36.96 11.87
C LEU F 296 14.71 37.48 11.91
N GLY F 297 13.75 36.73 11.37
CA GLY F 297 12.35 37.10 11.39
C GLY F 297 11.63 36.78 12.67
N ASN F 298 12.31 36.22 13.67
CA ASN F 298 11.66 35.88 14.94
C ASN F 298 11.19 37.10 15.71
N ALA F 299 11.63 38.30 15.35
CA ALA F 299 11.17 39.51 16.03
C ALA F 299 9.69 39.77 15.84
N ASN F 300 9.05 39.12 14.86
CA ASN F 300 7.63 39.29 14.63
C ASN F 300 7.08 38.00 14.03
N GLY F 301 5.91 37.58 14.50
CA GLY F 301 5.32 36.36 14.00
C GLY F 301 4.39 35.67 14.97
N SER F 302 4.64 34.39 15.24
CA SER F 302 3.72 33.58 16.02
C SER F 302 3.55 34.11 17.44
N LYS F 303 4.63 34.58 18.07
CA LYS F 303 4.56 35.05 19.44
C LYS F 303 4.17 36.53 19.55
N LEU F 304 3.96 37.21 18.42
CA LEU F 304 3.56 38.61 18.43
C LEU F 304 2.19 38.86 17.85
N LEU F 305 1.83 38.15 16.77
CA LEU F 305 0.56 38.35 16.10
C LEU F 305 -0.57 37.53 16.71
N LYS F 306 -0.43 37.08 17.96
CA LYS F 306 -1.51 36.32 18.59
C LYS F 306 -2.75 37.17 18.79
N ASP F 307 -2.57 38.41 19.24
CA ASP F 307 -3.71 39.29 19.48
C ASP F 307 -4.32 39.77 18.17
N LYS F 308 -5.61 40.10 18.24
CA LYS F 308 -6.33 40.52 17.04
C LYS F 308 -5.79 41.84 16.48
N GLY F 309 -5.49 42.80 17.36
CA GLY F 309 -5.07 44.11 16.89
C GLY F 309 -3.78 44.07 16.11
N CYS F 310 -2.78 43.35 16.62
CA CYS F 310 -1.50 43.27 15.92
C CYS F 310 -1.66 42.58 14.58
N LEU F 311 -2.44 41.51 14.52
CA LEU F 311 -2.66 40.82 13.25
C LEU F 311 -3.36 41.71 12.24
N ILE F 312 -4.39 42.44 12.68
CA ILE F 312 -5.11 43.33 11.77
C ILE F 312 -4.20 44.44 11.27
N ARG F 313 -3.39 45.02 12.16
CA ARG F 313 -2.47 46.07 11.74
C ARG F 313 -1.44 45.52 10.75
N GLN F 314 -0.93 44.31 11.01
CA GLN F 314 0.07 43.72 10.12
C GLN F 314 -0.51 43.47 8.74
N VAL F 315 -1.72 42.91 8.66
CA VAL F 315 -2.29 42.61 7.35
C VAL F 315 -2.65 43.89 6.62
N GLU F 316 -3.14 44.91 7.33
CA GLU F 316 -3.43 46.18 6.70
C GLU F 316 -2.16 46.82 6.13
N LEU F 317 -1.07 46.79 6.91
CA LEU F 317 0.20 47.35 6.42
C LEU F 317 0.72 46.57 5.22
N LEU F 318 0.58 45.24 5.25
CA LEU F 318 1.01 44.43 4.12
C LEU F 318 0.23 44.78 2.86
N TYR F 319 -1.09 44.92 2.98
CA TYR F 319 -1.90 45.29 1.83
C TYR F 319 -1.54 46.69 1.33
N GLN F 320 -1.30 47.61 2.25
CA GLN F 320 -0.91 48.96 1.85
C GLN F 320 0.40 48.96 1.08
N SER F 321 1.38 48.19 1.56
CA SER F 321 2.66 48.09 0.85
C SER F 321 2.47 47.44 -0.51
N LEU F 322 1.63 46.41 -0.59
CA LEU F 322 1.39 45.76 -1.87
C LEU F 322 0.77 46.72 -2.87
N VAL F 323 -0.21 47.52 -2.43
CA VAL F 323 -0.81 48.50 -3.31
C VAL F 323 0.22 49.55 -3.72
N ASN F 324 1.03 50.02 -2.77
CA ASN F 324 2.03 51.04 -3.06
C ASN F 324 3.12 50.53 -4.01
N ASP F 325 3.31 49.22 -4.09
CA ASP F 325 4.30 48.64 -5.00
C ASP F 325 3.71 48.28 -6.36
N ASN F 326 2.46 48.68 -6.62
CA ASN F 326 1.80 48.39 -7.90
C ASN F 326 1.74 46.88 -8.18
N VAL F 327 1.47 46.10 -7.14
CA VAL F 327 1.31 44.66 -7.26
C VAL F 327 -0.18 44.40 -7.41
N ALA F 328 -0.61 44.05 -8.63
CA ALA F 328 -2.03 43.90 -8.90
C ALA F 328 -2.60 42.65 -8.26
N TYR F 329 -1.88 41.53 -8.36
CA TYR F 329 -2.34 40.26 -7.80
C TYR F 329 -1.26 39.70 -6.89
N ALA F 330 -1.69 39.07 -5.80
CA ALA F 330 -0.76 38.49 -4.84
C ALA F 330 -1.41 37.29 -4.17
N GLU F 331 -0.57 36.39 -3.66
CA GLU F 331 -1.02 35.22 -2.92
C GLU F 331 -0.18 35.12 -1.65
N ILE F 332 -0.80 35.39 -0.51
CA ILE F 332 -0.10 35.45 0.77
C ILE F 332 -0.20 34.10 1.47
N ARG F 333 0.95 33.55 1.85
CA ARG F 333 0.99 32.31 2.61
C ARG F 333 0.97 32.65 4.10
N CYS F 334 -0.07 32.19 4.80
CA CYS F 334 -0.24 32.47 6.21
C CYS F 334 -0.54 31.18 6.96
N SER F 335 -0.03 31.09 8.18
CA SER F 335 -0.22 29.91 9.02
C SER F 335 -1.17 30.26 10.17
N PRO F 336 -2.45 29.90 10.07
CA PRO F 336 -3.39 30.24 11.15
C PRO F 336 -3.04 29.62 12.49
N ASN F 337 -2.48 28.40 12.50
CA ASN F 337 -2.17 27.74 13.75
C ASN F 337 -1.05 28.43 14.53
N ASN F 338 -0.27 29.28 13.85
CA ASN F 338 0.87 29.93 14.53
C ASN F 338 0.39 31.15 15.29
N TYR F 339 -0.77 31.69 14.92
CA TYR F 339 -1.36 32.82 15.64
C TYR F 339 -2.57 32.43 16.48
N ALA F 340 -2.93 31.16 16.50
CA ALA F 340 -4.07 30.72 17.29
C ALA F 340 -3.73 30.71 18.77
N ASP F 341 -4.77 30.84 19.60
CA ASP F 341 -4.59 30.82 21.05
C ASP F 341 -5.90 30.37 21.67
N LYS F 342 -5.93 29.15 22.21
CA LYS F 342 -7.15 28.62 22.81
C LYS F 342 -7.51 29.33 24.10
N ASN F 343 -6.59 30.08 24.70
CA ASN F 343 -6.88 30.77 25.95
C ASN F 343 -7.97 31.81 25.77
N LYS F 344 -7.93 32.56 24.68
CA LYS F 344 -8.91 33.60 24.41
C LYS F 344 -9.96 33.15 23.39
N ASN F 345 -10.18 31.84 23.27
CA ASN F 345 -11.08 31.28 22.26
C ASN F 345 -10.68 31.69 20.85
N ARG F 346 -9.38 31.89 20.63
CA ARG F 346 -8.86 32.31 19.34
C ARG F 346 -8.24 31.09 18.66
N SER F 347 -9.09 30.33 17.98
CA SER F 347 -8.63 29.16 17.24
C SER F 347 -7.96 29.58 15.95
N ALA F 348 -7.39 28.60 15.25
CA ALA F 348 -6.79 28.88 13.95
C ALA F 348 -7.84 29.29 12.93
N TRP F 349 -9.02 28.66 12.97
CA TRP F 349 -10.07 29.00 12.02
C TRP F 349 -10.52 30.44 12.16
N VAL F 350 -10.67 30.93 13.39
CA VAL F 350 -11.11 32.30 13.56
C VAL F 350 -10.02 33.27 13.13
N VAL F 351 -8.75 32.91 13.30
CA VAL F 351 -7.66 33.76 12.83
C VAL F 351 -7.69 33.87 11.31
N LEU F 352 -7.85 32.72 10.63
CA LEU F 352 -7.93 32.75 9.18
C LEU F 352 -9.15 33.52 8.70
N GLN F 353 -10.28 33.36 9.40
CA GLN F 353 -11.48 34.09 9.04
C GLN F 353 -11.29 35.58 9.21
N ASP F 354 -10.62 36.00 10.28
CA ASP F 354 -10.35 37.42 10.48
C ASP F 354 -9.46 37.96 9.37
N ILE F 355 -8.43 37.20 8.99
CA ILE F 355 -7.54 37.64 7.90
C ILE F 355 -8.33 37.77 6.61
N ASN F 356 -9.17 36.78 6.31
CA ASN F 356 -9.97 36.84 5.09
C ASN F 356 -10.93 38.01 5.12
N ASP F 357 -11.57 38.27 6.26
CA ASP F 357 -12.53 39.36 6.36
C ASP F 357 -11.86 40.70 6.19
N THR F 358 -10.69 40.91 6.81
CA THR F 358 -10.04 42.21 6.68
C THR F 358 -9.49 42.39 5.25
N PHE F 359 -9.01 41.32 4.63
CA PHE F 359 -8.57 41.44 3.24
C PHE F 359 -9.74 41.79 2.32
N THR F 360 -10.88 41.13 2.51
CA THR F 360 -12.05 41.43 1.69
C THR F 360 -12.52 42.85 1.90
N ARG F 361 -12.53 43.32 3.16
CA ARG F 361 -12.95 44.69 3.43
C ARG F 361 -12.02 45.68 2.77
N LEU F 362 -10.70 45.47 2.87
CA LEU F 362 -9.75 46.37 2.24
C LEU F 362 -9.92 46.40 0.72
N ILE F 363 -10.06 45.22 0.11
CA ILE F 363 -10.20 45.16 -1.34
C ILE F 363 -11.49 45.84 -1.79
N THR F 364 -12.59 45.61 -1.06
CA THR F 364 -13.85 46.22 -1.44
C THR F 364 -13.79 47.74 -1.28
N GLU F 365 -13.20 48.23 -0.19
CA GLU F 365 -13.13 49.67 0.01
C GLU F 365 -12.18 50.32 -0.98
N ALA F 366 -11.18 49.58 -1.48
CA ALA F 366 -10.31 50.13 -2.52
C ALA F 366 -11.01 50.14 -3.87
N LYS F 367 -11.82 49.12 -4.15
CA LYS F 367 -12.53 49.06 -5.43
C LYS F 367 -13.68 50.06 -5.48
N GLN F 368 -14.24 50.41 -4.32
CA GLN F 368 -15.37 51.33 -4.30
C GLN F 368 -14.98 52.71 -4.82
N LYS F 369 -13.79 53.18 -4.44
CA LYS F 369 -13.33 54.51 -4.86
C LYS F 369 -12.73 54.52 -6.26
N ASN F 370 -12.72 53.38 -6.95
CA ASN F 370 -12.23 53.28 -8.32
C ASN F 370 -10.76 53.73 -8.41
N GLN F 371 -9.91 53.00 -7.69
CA GLN F 371 -8.47 53.25 -7.67
C GLN F 371 -7.75 51.93 -7.84
N PHE F 372 -6.45 52.02 -8.16
CA PHE F 372 -5.63 50.83 -8.27
C PHE F 372 -5.59 50.11 -6.92
N TYR F 373 -5.83 48.81 -7.01
CA TYR F 373 -5.85 47.98 -5.79
C TYR F 373 -5.06 46.69 -6.02
N CYS F 374 -5.14 45.77 -5.07
CA CYS F 374 -4.38 44.52 -5.13
C CYS F 374 -5.31 43.37 -4.73
N HIS F 375 -5.92 42.72 -5.72
CA HIS F 375 -6.68 41.51 -5.46
C HIS F 375 -5.73 40.43 -4.97
N VAL F 376 -5.97 39.91 -3.77
CA VAL F 376 -5.07 38.97 -3.13
C VAL F 376 -5.85 37.75 -2.66
N ASN F 377 -5.28 36.57 -2.90
CA ASN F 377 -5.82 35.31 -2.42
C ASN F 377 -4.96 34.80 -1.27
N LEU F 378 -5.35 33.66 -0.73
CA LEU F 378 -4.69 33.11 0.45
C LEU F 378 -4.24 31.67 0.19
N LEU F 379 -3.11 31.31 0.81
CA LEU F 379 -2.58 29.97 0.78
C LEU F 379 -2.40 29.49 2.22
N VAL F 380 -3.01 28.37 2.57
CA VAL F 380 -2.91 27.80 3.90
C VAL F 380 -1.66 26.93 3.92
N ILE F 381 -0.57 27.48 4.47
CA ILE F 381 0.71 26.78 4.48
C ILE F 381 0.64 25.63 5.49
N ALA F 382 0.77 24.40 5.01
CA ALA F 382 0.74 23.21 5.85
C ALA F 382 2.18 22.78 6.13
N SER F 383 2.83 23.51 7.03
CA SER F 383 4.23 23.24 7.35
C SER F 383 4.36 21.91 8.09
N ARG F 384 5.51 21.27 7.90
CA ARG F 384 5.84 20.03 8.58
C ARG F 384 6.58 20.35 9.88
N LYS F 385 6.13 19.73 10.97
CA LYS F 385 6.74 19.94 12.28
C LYS F 385 7.50 18.71 12.77
N PHE F 386 6.84 17.55 12.82
CA PHE F 386 7.47 16.28 13.17
C PHE F 386 8.15 16.31 14.54
N SER F 387 7.65 17.15 15.43
CA SER F 387 8.02 17.11 16.85
C SER F 387 6.96 16.40 17.66
N GLY F 388 6.37 15.37 17.08
CA GLY F 388 5.14 14.78 17.59
C GLY F 388 3.98 15.26 16.73
N ASP F 389 2.80 15.41 17.32
CA ASP F 389 1.64 16.10 16.77
C ASP F 389 1.49 15.96 15.25
N LEU F 390 1.61 14.74 14.75
CA LEU F 390 1.50 14.50 13.31
C LEU F 390 0.15 14.93 12.75
N SER F 391 -0.89 14.95 13.60
CA SER F 391 -2.21 15.36 13.15
C SER F 391 -2.25 16.81 12.69
N ASP F 392 -1.30 17.65 13.12
CA ASP F 392 -1.35 19.07 12.80
C ASP F 392 -1.50 19.30 11.30
N ILE F 393 -0.64 18.66 10.50
CA ILE F 393 -0.73 18.80 9.05
C ILE F 393 -2.12 18.45 8.57
N SER F 394 -2.63 17.29 9.01
CA SER F 394 -3.99 16.91 8.66
C SER F 394 -4.96 18.02 9.02
N LYS F 395 -4.89 18.51 10.26
CA LYS F 395 -5.75 19.61 10.67
C LYS F 395 -5.66 20.76 9.68
N HIS F 396 -4.43 21.17 9.36
CA HIS F 396 -4.25 22.26 8.41
C HIS F 396 -5.01 21.98 7.12
N LEU F 397 -4.79 20.79 6.54
CA LEU F 397 -5.48 20.45 5.31
C LEU F 397 -6.98 20.58 5.49
N ALA F 398 -7.51 20.00 6.57
CA ALA F 398 -8.94 20.09 6.81
C ALA F 398 -9.38 21.53 6.84
N LEU F 399 -8.68 22.38 7.60
CA LEU F 399 -9.03 23.79 7.65
C LEU F 399 -9.07 24.38 6.25
N ALA F 400 -8.03 24.12 5.47
CA ALA F 400 -7.98 24.66 4.11
C ALA F 400 -9.22 24.26 3.32
N ILE F 401 -9.59 22.98 3.39
CA ILE F 401 -10.79 22.54 2.69
C ILE F 401 -12.00 23.30 3.19
N THR F 402 -12.16 23.38 4.51
CA THR F 402 -13.29 24.09 5.08
C THR F 402 -13.22 25.58 4.77
N ALA F 403 -12.04 26.09 4.41
CA ALA F 403 -11.93 27.50 4.06
C ALA F 403 -12.53 27.81 2.70
N MET F 404 -12.73 26.80 1.84
CA MET F 404 -13.30 27.09 0.53
C MET F 404 -14.80 27.31 0.60
N GLN F 405 -15.50 26.64 1.51
CA GLN F 405 -16.96 26.59 1.47
C GLN F 405 -17.62 27.90 1.86
N GLN F 406 -16.86 28.98 2.08
CA GLN F 406 -17.49 30.27 2.34
C GLN F 406 -18.23 30.81 1.12
N GLY F 407 -17.85 30.39 -0.08
CA GLY F 407 -18.56 30.77 -1.29
C GLY F 407 -18.30 32.18 -1.76
N GLU F 408 -18.77 33.16 -0.98
CA GLU F 408 -18.66 34.56 -1.36
C GLU F 408 -17.25 35.07 -1.04
N GLY F 409 -17.07 36.38 -1.11
CA GLY F 409 -15.80 36.99 -0.78
C GLY F 409 -14.92 37.23 -1.98
N VAL F 410 -14.38 38.45 -2.09
CA VAL F 410 -13.46 38.76 -3.17
C VAL F 410 -12.15 38.00 -2.98
N CYS F 411 -11.68 37.92 -1.74
CA CYS F 411 -10.48 37.18 -1.39
C CYS F 411 -10.88 35.81 -0.86
N ARG F 412 -10.28 34.76 -1.40
CA ARG F 412 -10.59 33.39 -1.01
C ARG F 412 -9.33 32.56 -0.99
N ILE F 413 -9.36 31.48 -0.21
CA ILE F 413 -8.25 30.56 -0.13
C ILE F 413 -8.21 29.71 -1.40
N VAL F 414 -7.07 29.69 -2.07
CA VAL F 414 -6.95 29.04 -3.37
C VAL F 414 -6.10 27.78 -3.34
N GLY F 415 -5.16 27.66 -2.42
CA GLY F 415 -4.29 26.50 -2.43
C GLY F 415 -3.61 26.33 -1.08
N VAL F 416 -2.84 25.24 -0.98
CA VAL F 416 -2.09 24.94 0.23
C VAL F 416 -0.61 24.89 -0.12
N ASP F 417 0.22 25.13 0.89
CA ASP F 417 1.67 25.16 0.73
C ASP F 417 2.29 24.03 1.53
N LEU F 418 3.10 23.21 0.87
CA LEU F 418 3.80 22.11 1.52
C LEU F 418 5.22 22.53 1.90
N ALA F 419 5.30 23.52 2.77
CA ALA F 419 6.58 24.00 3.26
C ALA F 419 7.07 23.09 4.38
N GLY F 420 8.13 23.49 5.06
CA GLY F 420 8.77 22.70 6.09
C GLY F 420 10.09 22.14 5.61
N PHE F 421 10.69 21.32 6.47
CA PHE F 421 11.96 20.69 6.13
C PHE F 421 11.77 19.74 4.95
N GLU F 422 12.65 19.86 3.96
CA GLU F 422 12.57 19.07 2.74
C GLU F 422 13.50 17.87 2.76
N ASN F 423 13.71 17.27 3.93
CA ASN F 423 14.58 16.13 4.08
C ASN F 423 13.90 14.85 3.59
N LYS F 424 14.67 13.78 3.53
CA LYS F 424 14.15 12.49 3.09
C LYS F 424 13.12 11.96 4.09
N GLU F 425 13.35 12.17 5.38
CA GLU F 425 12.45 11.67 6.41
C GLU F 425 11.05 12.27 6.30
N THR F 426 10.92 13.43 5.67
CA THR F 426 9.63 14.10 5.48
C THR F 426 9.40 14.36 4.00
N ARG F 427 9.66 13.35 3.17
CA ARG F 427 9.46 13.46 1.74
C ARG F 427 7.98 13.37 1.39
N ALA F 428 7.68 13.67 0.12
CA ALA F 428 6.30 13.69 -0.37
C ALA F 428 5.77 12.30 -0.72
N SER F 429 6.61 11.26 -0.66
CA SER F 429 6.17 9.93 -1.05
C SER F 429 5.11 9.40 -0.10
N TYR F 430 5.27 9.63 1.20
CA TYR F 430 4.36 9.02 2.18
C TYR F 430 2.95 9.57 2.07
N TYR F 431 2.79 10.84 1.70
CA TYR F 431 1.51 11.52 1.74
C TYR F 431 0.80 11.51 0.38
N GLU F 432 1.01 10.47 -0.43
CA GLU F 432 0.27 10.35 -1.68
C GLU F 432 -1.20 10.07 -1.44
N HIS F 433 -1.57 9.58 -0.27
CA HIS F 433 -2.94 9.22 0.05
C HIS F 433 -3.69 10.28 0.83
N ASP F 434 -3.00 11.06 1.67
CA ASP F 434 -3.66 12.08 2.47
C ASP F 434 -4.24 13.18 1.60
N PHE F 435 -3.70 13.39 0.41
CA PHE F 435 -4.06 14.54 -0.41
C PHE F 435 -5.19 14.25 -1.39
N LYS F 436 -5.64 13.00 -1.49
CA LYS F 436 -6.75 12.68 -2.39
C LYS F 436 -7.95 13.57 -2.10
N ALA F 437 -8.15 13.93 -0.84
CA ALA F 437 -9.24 14.84 -0.50
C ALA F 437 -8.98 16.25 -1.05
N VAL F 438 -7.79 16.80 -0.79
CA VAL F 438 -7.57 18.22 -1.07
C VAL F 438 -7.61 18.49 -2.56
N HIS F 439 -7.11 17.54 -3.36
CA HIS F 439 -7.23 17.67 -4.81
C HIS F 439 -8.68 17.57 -5.25
N ARG F 440 -9.47 16.71 -4.61
CA ARG F 440 -10.85 16.53 -5.01
C ARG F 440 -11.72 17.74 -4.70
N CYS F 441 -11.27 18.63 -3.82
CA CYS F 441 -12.03 19.82 -3.46
C CYS F 441 -11.64 21.05 -4.27
N GLY F 442 -10.77 20.90 -5.26
CA GLY F 442 -10.36 22.01 -6.09
C GLY F 442 -9.21 22.83 -5.56
N LEU F 443 -8.69 22.50 -4.38
CA LEU F 443 -7.57 23.24 -3.83
C LEU F 443 -6.29 22.91 -4.58
N ALA F 444 -5.47 23.93 -4.80
CA ALA F 444 -4.19 23.74 -5.46
C ALA F 444 -3.10 23.40 -4.44
N VAL F 445 -2.00 22.87 -4.95
CA VAL F 445 -0.88 22.42 -4.11
C VAL F 445 0.42 22.97 -4.67
N THR F 446 1.24 23.55 -3.80
CA THR F 446 2.58 23.97 -4.14
C THR F 446 3.57 23.34 -3.15
N ALA F 447 4.82 23.22 -3.59
CA ALA F 447 5.84 22.53 -2.80
C ALA F 447 7.07 23.42 -2.65
N HIS F 448 7.85 23.11 -1.62
CA HIS F 448 9.08 23.82 -1.33
C HIS F 448 10.28 22.94 -1.67
N ALA F 449 11.24 23.50 -2.41
CA ALA F 449 12.44 22.78 -2.81
C ALA F 449 13.66 23.69 -2.62
N GLY F 450 13.75 24.31 -1.45
CA GLY F 450 14.81 25.27 -1.22
C GLY F 450 16.20 24.67 -1.25
N GLU F 451 16.38 23.53 -0.58
CA GLU F 451 17.69 22.91 -0.49
C GLU F 451 17.53 21.42 -0.23
N ASN F 452 18.64 20.70 -0.35
CA ASN F 452 18.73 19.25 -0.19
C ASN F 452 17.58 18.52 -0.89
N ASP F 453 17.17 19.04 -2.06
CA ASP F 453 16.07 18.47 -2.83
C ASP F 453 16.64 17.52 -3.88
N ASP F 454 16.54 16.23 -3.62
CA ASP F 454 16.97 15.24 -4.58
C ASP F 454 15.99 15.21 -5.77
N PRO F 455 16.47 14.87 -6.96
CA PRO F 455 15.57 14.82 -8.12
C PRO F 455 14.40 13.88 -7.93
N GLU F 456 14.59 12.77 -7.20
CA GLU F 456 13.47 11.87 -6.92
C GLU F 456 12.42 12.56 -6.06
N GLY F 457 12.86 13.38 -5.10
CA GLY F 457 11.91 14.13 -4.30
C GLY F 457 11.07 15.08 -5.13
N ILE F 458 11.69 15.78 -6.08
CA ILE F 458 10.95 16.69 -6.94
C ILE F 458 10.02 15.92 -7.86
N TRP F 459 10.47 14.75 -8.34
CA TRP F 459 9.61 13.90 -9.15
C TRP F 459 8.36 13.49 -8.38
N GLN F 460 8.54 13.09 -7.12
CA GLN F 460 7.39 12.73 -6.29
C GLN F 460 6.49 13.94 -6.04
N ALA F 461 7.10 15.10 -5.83
CA ALA F 461 6.31 16.31 -5.57
C ALA F 461 5.45 16.68 -6.77
N VAL F 462 6.00 16.55 -7.98
CA VAL F 462 5.26 16.93 -9.18
C VAL F 462 4.43 15.79 -9.77
N TYR F 463 4.55 14.58 -9.24
CA TYR F 463 3.77 13.47 -9.75
C TYR F 463 2.85 12.83 -8.71
N SER F 464 3.32 12.64 -7.48
CA SER F 464 2.48 12.05 -6.44
C SER F 464 1.63 13.09 -5.73
N LEU F 465 2.18 14.28 -5.47
CA LEU F 465 1.42 15.36 -4.87
C LEU F 465 0.64 16.17 -5.90
N HIS F 466 0.91 15.98 -7.19
CA HIS F 466 0.21 16.72 -8.25
C HIS F 466 0.36 18.22 -8.06
N ALA F 467 1.53 18.64 -7.58
CA ALA F 467 1.77 20.06 -7.33
C ALA F 467 1.78 20.84 -8.63
N ARG F 468 1.07 21.96 -8.65
CA ARG F 468 1.02 22.82 -9.84
C ARG F 468 2.09 23.91 -9.82
N ARG F 469 2.87 24.01 -8.75
CA ARG F 469 3.93 24.99 -8.65
C ARG F 469 5.05 24.41 -7.80
N LEU F 470 6.25 24.98 -7.97
CA LEU F 470 7.42 24.57 -7.22
C LEU F 470 8.04 25.78 -6.55
N GLY F 471 8.63 25.55 -5.37
CA GLY F 471 9.28 26.60 -4.62
C GLY F 471 10.79 26.52 -4.79
N HIS F 472 11.39 27.65 -5.11
CA HIS F 472 12.83 27.75 -5.33
C HIS F 472 13.29 26.75 -6.39
N ALA F 473 13.80 25.60 -5.96
CA ALA F 473 14.32 24.57 -6.85
C ALA F 473 15.35 25.16 -7.81
N LEU F 474 16.43 25.66 -7.23
CA LEU F 474 17.46 26.38 -7.98
C LEU F 474 18.43 25.44 -8.70
N ASN F 475 18.33 24.13 -8.48
CA ASN F 475 19.19 23.15 -9.12
C ASN F 475 18.46 22.33 -10.18
N LEU F 476 17.48 22.95 -10.85
CA LEU F 476 16.70 22.23 -11.84
C LEU F 476 17.55 21.81 -13.03
N LEU F 477 18.48 22.67 -13.44
CA LEU F 477 19.31 22.39 -14.62
C LEU F 477 20.29 21.25 -14.39
N GLU F 478 20.46 20.79 -13.15
CA GLU F 478 21.35 19.66 -12.91
C GLU F 478 20.80 18.38 -13.53
N ALA F 479 19.49 18.17 -13.44
CA ALA F 479 18.87 16.96 -13.97
C ALA F 479 18.10 17.29 -15.23
N PRO F 480 18.59 16.93 -16.41
CA PRO F 480 17.85 17.24 -17.65
C PRO F 480 16.48 16.62 -17.71
N ASP F 481 16.30 15.41 -17.16
CA ASP F 481 14.98 14.78 -17.18
C ASP F 481 13.99 15.59 -16.35
N LEU F 482 14.42 16.06 -15.18
CA LEU F 482 13.55 16.89 -14.35
C LEU F 482 13.17 18.18 -15.07
N MET F 483 14.14 18.81 -15.74
CA MET F 483 13.85 20.02 -16.49
C MET F 483 12.85 19.76 -17.60
N ARG F 484 13.02 18.65 -18.32
CA ARG F 484 12.09 18.31 -19.39
C ARG F 484 10.69 18.07 -18.85
N THR F 485 10.59 17.36 -17.72
CA THR F 485 9.27 17.12 -17.13
C THR F 485 8.61 18.42 -16.69
N VAL F 486 9.39 19.32 -16.08
CA VAL F 486 8.84 20.60 -15.65
C VAL F 486 8.39 21.42 -16.85
N ILE F 487 9.18 21.39 -17.94
CA ILE F 487 8.83 22.12 -19.14
C ILE F 487 7.53 21.60 -19.74
N GLU F 488 7.43 20.27 -19.88
CA GLU F 488 6.30 19.70 -20.60
C GLU F 488 5.01 19.76 -19.78
N ARG F 489 5.11 19.70 -18.45
CA ARG F 489 3.92 19.71 -17.61
C ARG F 489 3.39 21.11 -17.36
N LYS F 490 4.07 22.14 -17.86
CA LYS F 490 3.63 23.53 -17.72
C LYS F 490 3.45 23.92 -16.25
N ILE F 491 4.33 23.43 -15.40
CA ILE F 491 4.34 23.80 -13.98
C ILE F 491 5.38 24.89 -13.78
N GLY F 492 5.07 25.83 -12.89
CA GLY F 492 5.94 26.96 -12.64
C GLY F 492 6.79 26.79 -11.41
N VAL F 493 7.86 27.56 -11.33
CA VAL F 493 8.77 27.56 -10.20
C VAL F 493 8.75 28.95 -9.58
N GLU F 494 8.55 29.02 -8.27
CA GLU F 494 8.55 30.28 -7.55
C GLU F 494 9.97 30.50 -7.01
N MET F 495 10.70 31.42 -7.62
CA MET F 495 12.06 31.73 -7.20
C MET F 495 12.13 33.18 -6.75
N CYS F 496 12.88 33.42 -5.68
CA CYS F 496 13.03 34.75 -5.11
C CYS F 496 14.46 35.23 -5.31
N PRO F 497 14.67 36.37 -5.97
CA PRO F 497 16.06 36.82 -6.20
C PRO F 497 16.82 37.09 -4.92
N TYR F 498 16.29 37.95 -4.05
CA TYR F 498 17.03 38.31 -2.83
C TYR F 498 17.14 37.15 -1.86
N ALA F 499 16.03 36.45 -1.63
CA ALA F 499 16.02 35.37 -0.64
C ALA F 499 17.01 34.27 -1.02
N ASN F 500 16.93 33.79 -2.26
CA ASN F 500 17.85 32.76 -2.70
C ASN F 500 19.24 33.30 -3.04
N TYR F 501 19.39 34.62 -3.14
CA TYR F 501 20.71 35.21 -3.29
C TYR F 501 21.46 35.23 -1.98
N GLN F 502 20.76 35.47 -0.88
CA GLN F 502 21.40 35.47 0.43
C GLN F 502 21.47 34.10 1.07
N ILE F 503 20.49 33.23 0.82
CA ILE F 503 20.50 31.89 1.40
C ILE F 503 21.63 31.05 0.80
N LYS F 504 21.74 31.05 -0.52
CA LYS F 504 22.70 30.21 -1.22
C LYS F 504 23.96 30.97 -1.62
N GLY F 505 23.82 32.13 -2.24
CA GLY F 505 24.97 32.89 -2.71
C GLY F 505 25.25 32.67 -4.17
N PHE F 506 25.09 33.72 -4.97
CA PHE F 506 25.33 33.67 -6.41
C PHE F 506 26.11 34.90 -6.83
N ALA F 507 26.76 34.80 -7.99
CA ALA F 507 27.61 35.88 -8.47
C ALA F 507 26.79 37.17 -8.61
N PRO F 508 27.37 38.34 -8.33
CA PRO F 508 28.78 38.58 -7.98
C PRO F 508 29.08 38.51 -6.48
N MET F 509 28.51 37.54 -5.77
CA MET F 509 28.86 37.38 -4.36
C MET F 509 30.31 36.92 -4.22
N PRO F 510 31.05 37.50 -3.27
CA PRO F 510 32.44 37.06 -3.07
C PRO F 510 32.51 35.61 -2.61
N ASN F 511 33.62 34.96 -2.96
CA ASN F 511 33.88 33.54 -2.69
C ASN F 511 32.85 32.61 -3.32
N PHE F 512 31.98 33.12 -4.19
CA PHE F 512 30.98 32.31 -4.88
C PHE F 512 31.01 32.61 -6.37
N SER F 513 31.02 31.57 -7.18
CA SER F 513 31.01 31.71 -8.63
C SER F 513 29.79 31.08 -9.28
N ALA F 514 28.80 30.64 -8.49
CA ALA F 514 27.59 30.08 -9.05
C ALA F 514 26.75 31.17 -9.71
N LEU F 515 26.24 30.87 -10.89
CA LEU F 515 25.44 31.82 -11.66
C LEU F 515 23.96 31.55 -11.44
N TYR F 516 23.18 32.63 -11.38
CA TYR F 516 21.74 32.49 -11.20
C TYR F 516 21.13 31.82 -12.43
N PRO F 517 20.33 30.76 -12.27
CA PRO F 517 19.81 30.05 -13.44
C PRO F 517 18.52 30.63 -13.98
N LEU F 518 18.19 31.87 -13.59
CA LEU F 518 16.96 32.48 -14.07
C LEU F 518 17.00 32.67 -15.59
N LYS F 519 18.13 33.15 -16.12
CA LYS F 519 18.24 33.34 -17.56
C LYS F 519 18.13 32.02 -18.30
N LYS F 520 18.80 30.99 -17.81
CA LYS F 520 18.73 29.68 -18.46
C LYS F 520 17.32 29.11 -18.39
N TYR F 521 16.65 29.26 -17.25
CA TYR F 521 15.28 28.78 -17.12
C TYR F 521 14.35 29.51 -18.09
N LEU F 522 14.51 30.82 -18.20
CA LEU F 522 13.67 31.59 -19.13
C LEU F 522 13.94 31.19 -20.58
N GLU F 523 15.21 30.98 -20.93
CA GLU F 523 15.53 30.54 -22.28
C GLU F 523 14.93 29.17 -22.57
N ALA F 524 14.99 28.26 -21.61
CA ALA F 524 14.44 26.92 -21.81
C ALA F 524 12.91 26.91 -21.79
N GLY F 525 12.28 27.97 -21.31
CA GLY F 525 10.84 28.06 -21.29
C GLY F 525 10.16 27.75 -19.98
N ILE F 526 10.92 27.62 -18.89
CA ILE F 526 10.32 27.36 -17.59
C ILE F 526 9.43 28.53 -17.19
N LEU F 527 8.23 28.24 -16.70
CA LEU F 527 7.31 29.29 -16.28
C LEU F 527 7.78 29.89 -14.96
N VAL F 528 8.88 30.64 -14.98
CA VAL F 528 9.48 31.18 -13.78
C VAL F 528 8.70 32.39 -13.31
N SER F 529 8.71 32.63 -12.01
CA SER F 529 8.08 33.80 -11.41
C SER F 529 9.05 34.40 -10.39
N VAL F 530 9.00 35.72 -10.24
CA VAL F 530 9.85 36.43 -9.31
C VAL F 530 9.00 36.91 -8.14
N ASN F 531 9.40 36.55 -6.93
CA ASN F 531 8.64 36.89 -5.73
C ASN F 531 9.57 37.44 -4.64
N THR F 532 9.05 37.57 -3.42
CA THR F 532 9.79 38.14 -2.32
C THR F 532 9.94 37.22 -1.12
N ASP F 533 9.10 36.20 -0.97
CA ASP F 533 9.15 35.26 0.14
C ASP F 533 8.92 35.98 1.47
N ASN F 534 9.87 36.83 1.87
CA ASN F 534 9.76 37.58 3.12
C ASN F 534 10.17 39.02 2.83
N ILE F 535 9.20 39.93 2.87
CA ILE F 535 9.49 41.34 2.58
C ILE F 535 10.33 41.95 3.69
N GLY F 536 9.95 41.72 4.95
CA GLY F 536 10.66 42.35 6.04
C GLY F 536 12.07 41.84 6.23
N ILE F 537 12.24 40.51 6.21
CA ILE F 537 13.55 39.93 6.47
C ILE F 537 14.52 40.27 5.35
N SER F 538 14.09 40.09 4.09
CA SER F 538 14.94 40.46 2.98
C SER F 538 15.13 41.97 2.89
N GLY F 539 14.13 42.74 3.33
CA GLY F 539 14.24 44.18 3.31
C GLY F 539 13.99 44.84 1.97
N ALA F 540 13.55 44.09 0.97
CA ALA F 540 13.31 44.63 -0.36
C ALA F 540 11.98 44.11 -0.88
N ASN F 541 11.23 45.00 -1.54
CA ASN F 541 9.94 44.64 -2.12
C ASN F 541 10.17 43.96 -3.47
N LEU F 542 9.08 43.77 -4.23
CA LEU F 542 9.19 43.03 -5.48
C LEU F 542 9.92 43.83 -6.55
N SER F 543 9.81 45.16 -6.53
CA SER F 543 10.49 45.99 -7.52
C SER F 543 11.99 45.81 -7.45
N GLU F 544 12.55 45.83 -6.23
CA GLU F 544 13.98 45.60 -6.09
C GLU F 544 14.35 44.17 -6.46
N ASN F 545 13.47 43.21 -6.20
CA ASN F 545 13.73 41.83 -6.61
C ASN F 545 13.87 41.73 -8.11
N LEU F 546 12.99 42.41 -8.85
CA LEU F 546 13.10 42.42 -10.31
C LEU F 546 14.34 43.19 -10.76
N LEU F 547 14.66 44.29 -10.08
CA LEU F 547 15.81 45.10 -10.46
C LEU F 547 17.12 44.33 -10.31
N ILE F 548 17.24 43.54 -9.24
CA ILE F 548 18.47 42.82 -8.96
C ILE F 548 18.82 41.83 -10.07
N LEU F 549 17.84 41.40 -10.86
CA LEU F 549 18.10 40.48 -11.96
C LEU F 549 19.08 41.06 -12.97
N ALA F 550 19.24 42.39 -13.00
CA ALA F 550 20.24 42.98 -13.88
C ALA F 550 21.64 42.51 -13.51
N ASP F 551 21.95 42.43 -12.22
CA ASP F 551 23.26 41.98 -11.76
C ASP F 551 23.33 40.47 -11.59
N LEU F 552 22.28 39.85 -11.05
CA LEU F 552 22.29 38.41 -10.87
C LEU F 552 22.38 37.66 -12.20
N CYS F 553 21.62 38.11 -13.19
CA CYS F 553 21.59 37.49 -14.51
C CYS F 553 21.94 38.55 -15.55
N PRO F 554 23.22 38.71 -15.88
CA PRO F 554 23.59 39.69 -16.91
C PRO F 554 23.03 39.31 -18.26
N GLY F 555 22.68 40.32 -19.05
CA GLY F 555 22.10 40.11 -20.36
C GLY F 555 20.61 39.90 -20.37
N ILE F 556 19.94 39.93 -19.22
CA ILE F 556 18.49 39.81 -19.18
C ILE F 556 17.86 41.04 -19.82
N SER F 557 16.74 40.84 -20.49
CA SER F 557 16.08 41.91 -21.23
C SER F 557 14.74 42.24 -20.61
N ARG F 558 14.23 43.42 -20.94
CA ARG F 558 12.93 43.85 -20.43
C ARG F 558 11.82 42.92 -20.91
N MET F 559 11.93 42.43 -22.14
CA MET F 559 10.99 41.42 -22.62
C MET F 559 11.00 40.20 -21.72
N ASP F 560 12.15 39.86 -21.14
CA ASP F 560 12.19 38.75 -20.20
C ASP F 560 11.44 39.08 -18.91
N VAL F 561 11.48 40.33 -18.47
CA VAL F 561 10.68 40.72 -17.31
C VAL F 561 9.20 40.61 -17.62
N LEU F 562 8.80 41.03 -18.82
CA LEU F 562 7.41 40.84 -19.23
C LEU F 562 7.05 39.37 -19.28
N THR F 563 7.99 38.53 -19.72
CA THR F 563 7.76 37.09 -19.73
C THR F 563 7.56 36.57 -18.31
N ILE F 564 8.35 37.07 -17.36
CA ILE F 564 8.22 36.67 -15.97
C ILE F 564 6.84 37.04 -15.44
N ILE F 565 6.39 38.26 -15.74
CA ILE F 565 5.06 38.69 -15.29
C ILE F 565 3.98 37.82 -15.90
N ARG F 566 4.09 37.54 -17.20
CA ARG F 566 3.09 36.70 -17.87
C ARG F 566 3.07 35.29 -17.27
N ASN F 567 4.25 34.73 -16.98
CA ASN F 567 4.31 33.41 -16.36
C ASN F 567 3.69 33.43 -14.96
N SER F 568 3.94 34.51 -14.20
CA SER F 568 3.32 34.63 -12.89
C SER F 568 1.80 34.65 -13.00
N ILE F 569 1.28 35.36 -14.00
CA ILE F 569 -0.16 35.38 -14.20
C ILE F 569 -0.67 33.99 -14.58
N GLU F 570 0.05 33.31 -15.48
CA GLU F 570 -0.42 32.02 -15.98
C GLU F 570 -0.42 30.96 -14.88
N THR F 571 0.60 30.94 -14.04
CA THR F 571 0.73 29.89 -13.03
C THR F 571 -0.09 30.16 -11.78
N ALA F 572 -0.74 31.30 -11.68
CA ALA F 572 -1.51 31.62 -10.48
C ALA F 572 -2.73 30.72 -10.36
N PHE F 573 -3.13 30.47 -9.11
CA PHE F 573 -4.29 29.62 -8.82
C PHE F 573 -5.54 30.48 -8.84
N ILE F 574 -6.02 30.75 -10.06
CA ILE F 574 -7.15 31.64 -10.27
C ILE F 574 -8.13 30.98 -11.22
N SER F 575 -9.39 31.43 -11.15
CA SER F 575 -10.41 30.96 -12.06
C SER F 575 -10.17 31.50 -13.46
N HIS F 576 -10.72 30.81 -14.45
CA HIS F 576 -10.46 31.15 -15.85
C HIS F 576 -10.96 32.55 -16.20
N ASP F 577 -12.19 32.88 -15.79
CA ASP F 577 -12.73 34.20 -16.09
C ASP F 577 -11.91 35.29 -15.39
N PHE F 578 -11.56 35.06 -14.13
CA PHE F 578 -10.72 36.01 -13.42
C PHE F 578 -9.36 36.14 -14.07
N ARG F 579 -8.80 35.03 -14.54
CA ARG F 579 -7.50 35.08 -15.20
C ARG F 579 -7.56 35.89 -16.48
N MET F 580 -8.62 35.73 -17.27
CA MET F 580 -8.73 36.51 -18.51
C MET F 580 -8.96 37.99 -18.22
N GLU F 581 -9.77 38.31 -17.21
CA GLU F 581 -9.93 39.72 -16.84
C GLU F 581 -8.60 40.32 -16.41
N LEU F 582 -7.85 39.57 -15.59
CA LEU F 582 -6.53 40.03 -15.17
C LEU F 582 -5.60 40.21 -16.35
N LEU F 583 -5.64 39.30 -17.31
CA LEU F 583 -4.77 39.40 -18.47
C LEU F 583 -5.10 40.62 -19.32
N LYS F 584 -6.39 40.88 -19.54
CA LYS F 584 -6.76 42.07 -20.30
C LYS F 584 -6.31 43.34 -19.59
N PHE F 585 -6.60 43.44 -18.30
CA PHE F 585 -6.13 44.63 -17.57
C PHE F 585 -4.62 44.73 -17.75
N PHE F 586 -3.89 43.67 -17.39
CA PHE F 586 -2.44 43.74 -17.43
C PHE F 586 -1.95 44.19 -18.79
N ASP F 587 -2.57 43.72 -19.86
CA ASP F 587 -2.18 44.16 -21.19
C ASP F 587 -2.37 45.66 -21.34
N ARG F 588 -3.54 46.15 -20.93
CA ARG F 588 -3.80 47.61 -21.04
C ARG F 588 -2.73 48.36 -20.22
N LYS F 589 -2.55 47.97 -18.96
CA LYS F 589 -1.64 48.72 -18.09
C LYS F 589 -0.20 48.66 -18.60
N ILE F 590 0.23 47.52 -19.12
CA ILE F 590 1.57 47.40 -19.67
C ILE F 590 1.73 48.31 -20.87
N TYR F 591 0.74 48.34 -21.76
CA TYR F 591 0.79 49.23 -22.91
C TYR F 591 0.90 50.67 -22.45
N ASP F 592 0.06 51.08 -21.49
CA ASP F 592 0.10 52.46 -21.01
C ASP F 592 1.45 52.81 -20.42
N VAL F 593 1.97 51.94 -19.55
CA VAL F 593 3.24 52.23 -18.88
C VAL F 593 4.38 52.30 -19.87
N CYS F 594 4.44 51.35 -20.80
CA CYS F 594 5.52 51.35 -21.79
C CYS F 594 5.44 52.60 -22.67
N LEU F 595 4.24 52.98 -23.11
CA LEU F 595 4.11 54.18 -23.93
C LEU F 595 4.55 55.42 -23.17
N ILE F 596 4.13 55.54 -21.91
CA ILE F 596 4.51 56.70 -21.11
C ILE F 596 6.01 56.75 -20.93
N SER F 597 6.63 55.61 -20.62
CA SER F 597 8.07 55.58 -20.39
C SER F 597 8.85 55.92 -21.65
N ILE F 598 8.47 55.35 -22.79
CA ILE F 598 9.22 55.59 -24.02
C ILE F 598 9.03 57.02 -24.51
N LYS F 599 7.80 57.55 -24.39
CA LYS F 599 7.56 58.90 -24.89
C LYS F 599 8.19 59.95 -23.98
N ASN F 600 8.13 59.74 -22.67
CA ASN F 600 8.70 60.69 -21.72
C ASN F 600 9.77 60.03 -20.86
N9 ATP J . -12.94 -18.19 39.96
C8 ATP J . -11.63 -17.92 39.60
N7 ATP J . -10.78 -18.08 40.60
C5 ATP J . -11.56 -18.48 41.66
C6 ATP J . -11.26 -18.81 43.00
N6 ATP J . -10.03 -18.78 43.51
N1 ATP J . -12.29 -19.17 43.80
C2 ATP J . -13.52 -19.19 43.28
N3 ATP J . -13.92 -18.91 42.05
C4 ATP J . -12.88 -18.56 41.28
PG ATP K . 16.07 -14.98 29.94
O1G ATP K . 16.02 -15.02 31.45
O2G ATP K . 17.41 -15.40 29.38
O3G ATP K . 15.60 -13.64 29.40
PB ATP K . 14.47 -16.48 27.97
O1B ATP K . 13.48 -17.56 28.11
O2B ATP K . 15.64 -16.66 27.09
O3B ATP K . 15.00 -16.07 29.43
PA ATP K . 12.50 -14.31 28.17
O1A ATP K . 12.15 -13.19 27.27
O2A ATP K . 11.36 -15.42 28.11
O3A ATP K . 13.71 -15.14 27.53
O5' ATP K . 12.81 -14.01 29.59
MG MG L . 8.43 -8.03 30.23
PG ATP M . -33.69 17.88 42.07
O1G ATP M . -32.75 17.34 41.02
O2G ATP M . -35.07 17.29 41.87
O3G ATP M . -33.76 19.38 41.95
PB ATP M . -31.79 16.53 43.80
O1B ATP M . -31.87 15.32 42.90
O2B ATP M . -31.72 16.09 45.24
O3B ATP M . -33.12 17.47 43.56
PA ATP M . -30.43 19.03 43.18
O1A ATP M . -29.07 19.58 43.50
O2A ATP M . -31.46 19.66 44.10
O3A ATP M . -30.44 17.39 43.42
O5' ATP M . -30.82 19.37 41.61
C5' ATP M . -29.82 19.28 40.64
C4' ATP M . -29.65 17.79 40.21
O4' ATP M . -29.39 17.73 38.96
C3' ATP M . -28.43 17.16 40.94
O3' ATP M . -28.83 16.01 41.56
C2' ATP M . -27.43 16.85 39.84
O2' ATP M . -26.69 15.59 40.16
C1' ATP M . -28.17 16.68 38.79
N9 ATP M . -27.43 17.00 37.58
C8 ATP M . -26.17 17.41 37.63
N7 ATP M . -25.74 17.62 36.41
C5 ATP M . -26.73 17.35 35.56
C6 ATP M . -26.82 17.41 34.16
N6 ATP M . -25.67 17.84 33.37
N1 ATP M . -27.94 17.08 33.56
C2 ATP M . -29.00 16.70 34.29
N3 ATP M . -28.97 16.56 35.61
C4 ATP M . -27.83 16.94 36.28
PG ATP N . -34.99 13.23 6.31
O1G ATP N . -35.07 12.98 4.82
O2G ATP N . -35.09 14.72 6.56
O3G ATP N . -36.14 12.53 7.00
PB ATP N . -32.41 13.65 7.55
O1B ATP N . -32.99 14.42 8.69
O2B ATP N . -31.25 12.81 8.06
O3B ATP N . -33.56 12.68 6.89
PA ATP N . -31.99 14.47 4.78
O1A ATP N . -33.25 15.14 4.27
O2A ATP N . -30.80 15.08 4.09
O3A ATP N . -31.86 14.71 6.40
O5' ATP N . -32.06 12.86 4.46
C5' ATP N . -31.03 12.28 3.72
C4' ATP N . -29.75 12.28 4.60
O4' ATP N . -30.02 11.89 5.78
C3' ATP N . -28.70 11.27 4.04
O3' ATP N . -27.44 11.80 4.17
C2' ATP N . -28.85 10.03 4.89
O2' ATP N . -27.50 9.38 5.08
C1' ATP N . -29.30 10.45 6.04
N9 ATP N . -30.27 9.52 6.57
C8 ATP N . -31.44 9.86 7.09
N7 ATP N . -32.08 8.76 7.48
C5 ATP N . -31.30 7.71 7.22
C6 ATP N . -31.41 6.33 7.40
N6 ATP N . -32.61 5.77 8.02
N1 ATP N . -30.43 5.53 7.02
C2 ATP N . -29.33 6.02 6.47
N3 ATP N . -29.18 7.31 6.27
C4 ATP N . -30.14 8.18 6.64
MG MG O . -29.93 6.05 11.76
N9 ATP P . 23.99 -28.53 -32.00
C8 ATP P . 24.17 -27.39 -31.24
N7 ATP P . 25.36 -26.84 -31.41
C5 ATP P . 25.99 -27.64 -32.33
C6 ATP P . 27.26 -27.58 -32.94
N6 ATP P . 28.16 -26.63 -32.69
N1 ATP P . 27.57 -28.55 -33.83
C2 ATP P . 26.67 -29.50 -34.09
N3 ATP P . 25.44 -29.66 -33.58
C4 ATP P . 25.17 -28.68 -32.70
PG ATP Q . 32.30 -0.37 -17.34
O1G ATP Q . 32.46 0.12 -15.91
O2G ATP Q . 33.01 0.52 -18.34
O3G ATP Q . 30.84 -0.61 -17.71
PB ATP Q . 33.22 -2.90 -18.56
O1B ATP Q . 32.92 -2.26 -19.85
O2B ATP Q . 34.52 -3.60 -18.36
O3B ATP Q . 33.07 -1.79 -17.41
PA ATP Q . 30.47 -3.83 -17.93
O1A ATP Q . 30.50 -3.06 -16.53
O2A ATP Q . 29.93 -5.19 -17.73
O3A ATP Q . 32.04 -3.93 -18.23
O5' ATP Q . 29.85 -2.95 -18.96
MG MG R . 29.31 -10.29 -13.14
PG ATP S . 11.80 -57.68 -5.29
O1G ATP S . 11.83 -56.17 -5.10
O2G ATP S . 10.89 -58.02 -6.44
O3G ATP S . 11.29 -58.33 -4.03
PB ATP S . 14.62 -57.21 -5.73
O1B ATP S . 14.28 -56.07 -6.66
O2B ATP S . 15.81 -57.96 -6.27
O3B ATP S . 13.32 -58.21 -5.61
PA ATP S . 14.36 -57.17 -2.84
O1A ATP S . 15.35 -56.96 -1.72
O2A ATP S . 14.08 -58.65 -2.96
O3A ATP S . 15.00 -56.60 -4.24
O5' ATP S . 12.96 -56.37 -2.49
C5' ATP S . 13.05 -55.09 -1.93
C4' ATP S . 13.03 -54.03 -3.08
O4' ATP S . 12.54 -52.94 -2.65
C3' ATP S . 14.49 -53.71 -3.52
O3' ATP S . 14.69 -54.11 -4.81
C2' ATP S . 14.63 -52.20 -3.40
O2' ATP S . 15.33 -51.66 -4.63
C1' ATP S . 13.40 -51.76 -3.35
N9 ATP S . 13.35 -50.57 -2.54
C8 ATP S . 14.22 -50.23 -1.61
N7 ATP S . 13.87 -49.08 -1.07
C5 ATP S . 12.75 -48.67 -1.67
C6 ATP S . 11.92 -47.54 -1.52
N6 ATP S . 12.24 -46.52 -0.54
N1 ATP S . 10.85 -47.43 -2.29
C2 ATP S . 10.54 -48.35 -3.19
N3 ATP S . 11.30 -49.43 -3.35
C4 ATP S . 12.40 -49.61 -2.60
PG ATP T . -16.28 -36.02 -0.58
O1G ATP T . -17.35 -34.97 -0.38
O2G ATP T . -16.23 -36.92 0.62
O3G ATP T . -16.59 -36.83 -1.81
PB ATP T . -13.60 -35.43 0.33
O1B ATP T . -13.05 -36.83 0.30
O2B ATP T . -12.48 -34.47 -0.02
O3B ATP T . -14.81 -35.29 -0.77
PA ATP T . -15.12 -33.78 2.18
O1A ATP T . -16.46 -34.25 2.68
O2A ATP T . -14.45 -32.94 3.24
O3A ATP T . -14.18 -35.09 1.83
O5' ATP T . -15.32 -32.88 0.82
C5' ATP T . -15.25 -31.49 0.91
C4' ATP T . -13.75 -31.08 0.92
O4' ATP T . -13.08 -31.82 0.13
C3' ATP T . -13.58 -29.63 0.38
O3' ATP T . -12.49 -29.06 0.95
C2' ATP T . -13.34 -29.83 -1.11
O2' ATP T . -12.48 -28.71 -1.64
C1' ATP T . -12.71 -30.96 -1.19
N9 ATP T . -13.13 -31.68 -2.36
C8 ATP T . -13.74 -32.85 -2.37
N7 ATP T . -13.97 -33.22 -3.63
C5 ATP T . -13.50 -32.25 -4.43
C6 ATP T . -13.46 -32.07 -5.83
N6 ATP T . -14.02 -33.08 -6.71
N1 ATP T . -12.91 -30.99 -6.32
C2 ATP T . -12.39 -30.05 -5.53
N3 ATP T . -12.42 -30.19 -4.21
C4 ATP T . -12.96 -31.28 -3.64
MG MG U . -8.52 -32.88 -6.77
N9 ATP V . 7.16 25.39 -39.38
C8 ATP V . 6.33 24.29 -39.38
N7 ATP V . 5.82 24.02 -40.57
C5 ATP V . 6.33 25.01 -41.39
C6 ATP V . 6.16 25.28 -42.76
N6 ATP V . 5.40 24.55 -43.58
N1 ATP V . 6.83 26.34 -43.27
C2 ATP V . 7.60 27.07 -42.45
N3 ATP V . 7.83 26.91 -41.15
C4 ATP V . 7.16 25.85 -40.68
PG ATP W . -8.53 2.10 -37.74
O1G ATP W . -8.63 1.28 -39.00
O2G ATP W . -9.17 1.35 -36.60
O3G ATP W . -9.27 3.41 -37.94
PB ATP W . -6.16 1.90 -36.04
O1B ATP W . -4.92 2.74 -35.83
O2B ATP W . -7.06 2.04 -34.84
O3B ATP W . -6.95 2.41 -37.40
PA ATP W . -6.18 -0.60 -37.51
O1A ATP W . -5.96 0.16 -38.79
O2A ATP W . -5.35 -1.87 -37.54
O3A ATP W . -5.72 0.32 -36.23
O5' ATP W . -7.77 -1.00 -37.35
C5' ATP W . -8.08 -2.15 -36.61
C4' ATP W . -7.78 -1.82 -35.12
O4' ATP W . -8.09 -0.63 -34.84
C3' ATP W . -8.67 -2.68 -34.16
O3' ATP W . -7.98 -3.75 -33.69
C2' ATP W . -9.03 -1.74 -33.01
O2' ATP W . -8.61 -2.35 -31.71
C1' ATP W . -8.34 -0.65 -33.23
N9 ATP W . -9.09 0.51 -32.81
C8 ATP W . -9.79 1.31 -33.60
N7 ATP W . -10.34 2.27 -32.87
C5 ATP W . -9.99 2.06 -31.59
C6 ATP W . -10.26 2.73 -30.38
N6 ATP W . -11.09 3.92 -30.36
N1 ATP W . -9.75 2.26 -29.25
C2 ATP W . -8.98 1.17 -29.25
N3 ATP W . -8.70 0.52 -30.37
C4 ATP W . -9.19 0.95 -31.55
MG MG X . -9.91 7.86 -31.69
PG ATP Y . -7.28 54.63 -14.80
O1G ATP Y . -7.17 53.16 -14.47
O2G ATP Y . -5.90 55.23 -14.84
O3G ATP Y . -8.10 55.32 -13.74
PB ATP Y . -8.48 53.54 -17.20
O1B ATP Y . -7.30 52.59 -17.37
O2B ATP Y . -8.94 54.04 -18.55
O3B ATP Y . -8.01 54.80 -16.26
PA ATP Y . -10.62 53.39 -15.25
O1A ATP Y . -12.01 52.81 -15.28
O2A ATP Y . -10.72 54.89 -15.45
O3A ATP Y . -9.72 52.74 -16.45
O5' ATP Y . -9.94 53.09 -13.78
C5' ATP Y . -10.17 51.87 -13.15
C4' ATP Y . -9.17 50.81 -13.72
O4' ATP Y . -8.93 49.91 -12.84
C3' ATP Y . -9.82 50.06 -14.93
O3' ATP Y . -9.06 50.24 -16.04
C2' ATP Y . -9.82 48.60 -14.52
O2' ATP Y . -9.55 47.73 -15.72
C1' ATP Y . -8.83 48.53 -13.68
N9 ATP Y . -8.94 47.38 -12.84
C8 ATP Y . -9.98 46.56 -12.76
N7 ATP Y . -9.71 45.60 -11.89
C5 ATP Y . -8.48 45.80 -11.41
C6 ATP Y . -7.65 45.15 -10.48
N6 ATP Y . -8.10 43.95 -9.80
N1 ATP Y . -6.44 45.65 -10.23
C2 ATP Y . -5.97 46.73 -10.85
N3 ATP Y . -6.75 47.36 -11.70
C4 ATP Y . -7.98 46.93 -12.02
PG ATP Z . 8.82 33.75 11.60
O1G ATP Z . 9.68 32.77 12.37
O2G ATP Z . 7.78 34.33 12.53
O3G ATP Z . 9.70 34.86 11.05
PB ATP Z . 6.53 33.20 9.88
O1B ATP Z . 6.06 34.56 10.37
O2B ATP Z . 6.43 33.15 8.38
O3B ATP Z . 8.09 32.96 10.35
PA ATP Z . 5.79 31.35 12.01
O1A ATP Z . 5.37 32.33 13.09
O2A ATP Z . 4.95 30.11 12.13
O3A ATP Z . 5.55 32.04 10.53
O5' ATP Z . 7.38 30.97 12.21
C5' ATP Z . 7.84 29.75 11.70
C4' ATP Z . 7.38 29.67 10.21
O4' ATP Z . 8.32 30.01 9.42
C3' ATP Z . 7.07 28.19 9.82
O3' ATP Z . 5.72 27.99 9.77
C2' ATP Z . 7.68 28.00 8.44
O2' ATP Z . 6.64 27.44 7.51
C1' ATP Z . 8.04 29.18 8.05
N9 ATP Z . 9.23 29.14 7.25
C8 ATP Z . 10.17 30.08 7.25
N7 ATP Z . 11.14 29.75 6.41
C5 ATP Z . 10.80 28.58 5.84
C6 ATP Z . 11.42 27.75 4.89
N6 ATP Z . 12.69 28.12 4.29
N1 ATP Z . 10.82 26.63 4.52
C2 ATP Z . 9.66 26.27 5.05
N3 ATP Z . 9.05 27.03 5.96
C4 ATP Z . 9.60 28.18 6.37
MG MG AA . 8.98 30.57 1.46
#